data_7QOH
#
_entry.id   7QOH
#
_cell.length_a   1.00
_cell.length_b   1.00
_cell.length_c   1.00
_cell.angle_alpha   90.00
_cell.angle_beta   90.00
_cell.angle_gamma   90.00
#
_symmetry.space_group_name_H-M   'P 1'
#
loop_
_entity.id
_entity.type
_entity.pdbx_description
1 polymer 'Major capsid protein gp32'
2 polymer 'Auxiliary capsid protein gp36'
3 polymer 'Portal vertex capsid protein gp57'
4 polymer 'Head fiber trimer protein gp21'
5 polymer 'Portal protein gp20'
6 non-polymer 'MAGNESIUM ION'
#
loop_
_entity_poly.entity_id
_entity_poly.type
_entity_poly.pdbx_seq_one_letter_code
_entity_poly.pdbx_strand_id
1 'polypeptide(L)'
;MAGKLGKFQMLGFQHWKGLTSDNHLGAIFQQAPQKATNLMVQLLAFYRGKSLDTFLNSFPTREFEDDNEYYWDVIGSSRR
NIPLVEARDENGVVVAANAANVGVGTSPFYLVFPEDWFADGEVIVGNLNQVYPFRILGDARMEGTNAVYKVELMGGNTQG
VPAERLQQGERFSIEFAPVEKELSRKVGDVRFTSPVSMRNEWTTIRIQHKVAGNKLNKKLAMGIPMVRNLESGKQVKDTA
NMWMHYVDWEVELQFDEYKNNAMAWGTSNRNLNGEYMNFGKSGNAIKTGAGIFEQTEVANTMYYNTFSLKLLEDALYELS
ASKLAMDDRLFVIKTGERGAIQFHKEVLKTVSGWTTFVLDNNSTRVVEKVQSRLHSNALSAGFQFVEYKAPNGVRVRLDV
DPFYDDPVRNKILHPMGGVAFSYRYDIWYIGTMDQPNIFKCKIKGDNEYRGYQWGIRNPFTGQKGNPYMSFDEDSAVIHR
MATLGVCVLDPTRTMSLIPAILQG
;
A,B,C,D,E,F
2 'polypeptide(L)'
;MVISINQVRQLYVAKALKANTAALTTAGDIVPKADTAKTTLYFQSMSPAGIVASDKINLKHVLYAKATPSEALAHKLVRY
SVTLDADVSATPVAGQNYILRLAFRQYIGLSEEDQYFKYGEVIARSGMTASDFYKKMAISLAKNLENKTESTPLVNIYLI
SAAAASTDVPVTSATKESDLTATDYNQIIIEETEQPWVLGMMPQAFIPFTPQFLTITVDGEDRLWGVATVVTPTKTVPDG
HLIADLEYFCMGARGDIYRGMGYPNIIKTTYLVDPGAVYDVLDIHYFYTGSNESVQKSEKTITLVAVDDGSHTAMNALIG
AINTASGLTIATL
;
a,b,d,e,f
3 'polypeptide(L)'
;MAGQQGIYCAPDNIVPNRDRVDVGCAPDGAMQLWVMEYEVTGIGKGCAMCKAINPQQAEMLLKSNGIYNGSSYLYKVTRI
EQVIVPPCNGLMAEQVVTYKDVVS
;
g,h
4 'polypeptide(L)'
;MKTLRTLKISPNAPDINSVWLYKGTMKYFNNGEWETIGGESEPYVLPAATTSTIGGVKKATNVGNLATGAELATVVTKVN
AILSALKVADIMVEDAN
;
i,j,k
5 'polypeptide(L)'
;MADFLNFPRQMLPFSKKTKQWRKDCLLWANQKTFFNYSLVRKSVIHKKINYDLLNGRLHMSDLELVLNPDGIKAAYIPDR
LQHYPIMNSKLNVLRGEESKRVFDFKVVVTNPNAISEIEDNKKNELLQRLQEMITDTSISEDEYNIKLEKLNDYYTYEWQ
DIREVRANELLNHYIKEYDIPLIFNNGFMDAMTCGEEIYQCDIVGGEPVIERVNPLKIRIFKSGYSNKVEDADMIILEDY
WSPGRVIDTYYDVLSPKDIKYIETMPDYIGQGAVDQMDNIDERYGFVNQNMIGDEITVRDGTYFFDPANLFTEGIANSLL
PYDLAGNLRVLRLYWKSKRKILKVKSYDPETGEEEWNFYPENYVVNKEAGEEVQSFWVNEAWEGTMIGNEIFVNMRPRLI
QYNRLNNPSRCHFGIVGSIYNLNDSRPFSLVDMMKPYNYLYDAIHDRLNKAIASNWGSILELDLSKVPKGWDVGKWMYYA
RVNHIAVIDSFKEGTIGASTGKLAGALNNAGKGMIETNIGNYIQQQINLLEFIKMEMADVAGISKQREGQISQRETVGGV
ERATLQSSHITEWLFTIHDDVKKRALECFLETAKVALKGRNKKFQYILSDTSTRVMEIDGDEFAEADYGLVVDNSNGTQE
LQQKLDTLAQAALQTQTLSFSTITKLYTSSSLAEKQRLIEKDEKQIRERQAQAQKEQLEAQQQIAAMQQQQKEAELLQKE
EANIRDNQTKIIIAQIQSEGGPDEEDGIMIDDYSPEAKANLAEKIREFDEKLKLDKDKLKLDKKKAETDASIKRQALRKK
SSTTNK
;
l,m
#
loop_
_chem_comp.id
_chem_comp.type
_chem_comp.name
_chem_comp.formula
MG non-polymer 'MAGNESIUM ION' 'Mg 2'
#
# COMPACT_ATOMS: atom_id res chain seq x y z
N SER A 21 -57.09 52.23 -31.39
CA SER A 21 -56.00 51.54 -30.70
C SER A 21 -56.27 50.03 -30.63
N ASP A 22 -55.40 49.31 -29.94
CA ASP A 22 -55.59 47.86 -29.79
C ASP A 22 -56.46 47.52 -28.59
N ASN A 23 -56.55 48.40 -27.60
CA ASN A 23 -57.53 48.24 -26.54
C ASN A 23 -58.95 48.42 -27.06
N HIS A 24 -59.11 49.27 -28.09
CA HIS A 24 -60.42 49.45 -28.69
C HIS A 24 -60.82 48.26 -29.53
N LEU A 25 -59.86 47.64 -30.22
CA LEU A 25 -60.13 46.46 -31.03
C LEU A 25 -60.15 45.18 -30.23
N GLY A 26 -59.76 45.22 -28.95
CA GLY A 26 -59.84 44.06 -28.11
C GLY A 26 -61.13 44.02 -27.32
N ALA A 27 -61.69 45.19 -27.04
CA ALA A 27 -62.94 45.28 -26.30
C ALA A 27 -64.15 45.03 -27.18
N ILE A 28 -64.01 45.13 -28.50
CA ILE A 28 -65.08 44.81 -29.42
C ILE A 28 -64.96 43.38 -29.94
N PHE A 29 -64.19 42.54 -29.24
CA PHE A 29 -63.99 41.11 -29.51
C PHE A 29 -63.35 40.85 -30.87
N GLN A 30 -62.59 41.80 -31.39
CA GLN A 30 -61.87 41.62 -32.65
C GLN A 30 -60.39 41.37 -32.45
N GLN A 31 -59.95 41.16 -31.20
CA GLN A 31 -58.61 40.70 -30.89
C GLN A 31 -58.71 39.41 -30.09
N ALA A 32 -57.94 38.41 -30.46
CA ALA A 32 -58.04 37.10 -29.85
C ALA A 32 -56.67 36.47 -29.81
N PRO A 33 -56.37 35.64 -28.81
CA PRO A 33 -55.11 34.90 -28.82
C PRO A 33 -55.12 33.79 -29.87
N GLN A 34 -54.03 33.71 -30.62
CA GLN A 34 -53.91 32.76 -31.72
C GLN A 34 -53.20 31.51 -31.24
N LYS A 35 -53.86 30.36 -31.38
CA LYS A 35 -53.30 29.11 -30.88
C LYS A 35 -52.22 28.60 -31.83
N ALA A 36 -51.02 28.37 -31.29
CA ALA A 36 -49.93 27.76 -32.04
C ALA A 36 -50.12 26.25 -31.99
N THR A 37 -50.81 25.72 -33.01
CA THR A 37 -51.10 24.30 -33.06
C THR A 37 -49.86 23.46 -33.37
N ASN A 38 -48.79 24.08 -33.87
CA ASN A 38 -47.53 23.36 -34.04
C ASN A 38 -46.90 23.07 -32.68
N LEU A 39 -46.98 24.02 -31.76
CA LEU A 39 -46.37 23.90 -30.45
C LEU A 39 -47.24 23.03 -29.54
N MET A 40 -46.61 22.07 -28.89
CA MET A 40 -47.31 21.22 -27.93
C MET A 40 -46.30 20.73 -26.91
N VAL A 41 -46.71 20.71 -25.65
CA VAL A 41 -45.87 20.24 -24.55
C VAL A 41 -46.44 18.91 -24.06
N GLN A 42 -45.61 17.88 -24.07
CA GLN A 42 -45.90 16.62 -23.39
C GLN A 42 -44.93 16.52 -22.21
N LEU A 43 -45.49 16.27 -21.02
CA LEU A 43 -44.69 16.29 -19.81
C LEU A 43 -43.74 15.11 -19.75
N LEU A 44 -42.61 15.31 -19.10
CA LEU A 44 -41.53 14.33 -19.06
C LEU A 44 -41.69 13.44 -17.83
N ALA A 45 -41.76 12.13 -18.07
CA ALA A 45 -41.77 11.13 -17.01
C ALA A 45 -41.36 9.80 -17.61
N PHE A 46 -40.74 8.95 -16.80
CA PHE A 46 -40.48 7.57 -17.19
C PHE A 46 -41.75 6.81 -16.87
N TYR A 47 -42.57 6.60 -17.88
CA TYR A 47 -43.94 6.11 -17.70
C TYR A 47 -43.88 4.60 -17.43
N ARG A 48 -44.03 4.23 -16.16
CA ARG A 48 -43.90 2.86 -15.73
C ARG A 48 -45.21 2.09 -15.78
N GLY A 49 -46.26 2.68 -16.35
CA GLY A 49 -47.30 1.87 -16.95
C GLY A 49 -46.77 1.11 -18.14
N LYS A 50 -47.49 0.03 -18.51
CA LYS A 50 -47.09 -0.97 -19.51
C LYS A 50 -45.77 -1.67 -19.11
N SER A 51 -45.44 -1.66 -17.82
CA SER A 51 -44.34 -2.47 -17.31
C SER A 51 -44.83 -3.72 -16.60
N LEU A 52 -46.08 -3.71 -16.13
CA LEU A 52 -46.73 -4.93 -15.68
C LEU A 52 -47.03 -5.85 -16.86
N ASP A 53 -47.30 -5.28 -18.03
CA ASP A 53 -47.63 -6.09 -19.19
C ASP A 53 -46.43 -6.83 -19.72
N THR A 54 -45.26 -6.18 -19.78
CA THR A 54 -44.05 -6.88 -20.21
C THR A 54 -43.58 -7.88 -19.18
N PHE A 55 -43.92 -7.66 -17.91
CA PHE A 55 -43.66 -8.66 -16.88
C PHE A 55 -44.55 -9.88 -17.10
N LEU A 56 -45.82 -9.67 -17.43
CA LEU A 56 -46.73 -10.79 -17.67
C LEU A 56 -46.48 -11.44 -19.02
N ASN A 57 -45.95 -10.69 -19.99
CA ASN A 57 -45.59 -11.27 -21.28
C ASN A 57 -44.33 -12.11 -21.22
N SER A 58 -43.61 -12.09 -20.10
CA SER A 58 -42.44 -12.93 -19.89
C SER A 58 -42.78 -14.35 -19.49
N PHE A 59 -44.07 -14.68 -19.35
CA PHE A 59 -44.53 -15.99 -18.94
C PHE A 59 -45.32 -16.64 -20.05
N PRO A 60 -45.20 -17.96 -20.24
CA PRO A 60 -45.96 -18.63 -21.29
C PRO A 60 -47.43 -18.74 -20.92
N THR A 61 -48.24 -19.06 -21.93
CA THR A 61 -49.66 -19.29 -21.75
C THR A 61 -49.99 -20.73 -22.10
N ARG A 62 -50.94 -21.30 -21.38
CA ARG A 62 -51.36 -22.69 -21.58
C ARG A 62 -52.88 -22.74 -21.53
N GLU A 63 -53.48 -23.24 -22.60
CA GLU A 63 -54.94 -23.23 -22.70
C GLU A 63 -55.54 -24.54 -22.22
N PHE A 64 -56.77 -24.45 -21.72
CA PHE A 64 -57.50 -25.58 -21.15
C PHE A 64 -58.87 -25.66 -21.82
N GLU A 65 -59.49 -26.83 -21.75
CA GLU A 65 -60.74 -27.00 -22.47
C GLU A 65 -61.93 -26.47 -21.67
N ASP A 66 -61.96 -26.71 -20.36
CA ASP A 66 -63.08 -26.31 -19.53
C ASP A 66 -62.58 -25.46 -18.36
N ASP A 67 -63.52 -25.02 -17.53
CA ASP A 67 -63.21 -24.24 -16.35
C ASP A 67 -63.10 -25.09 -15.10
N ASN A 68 -63.05 -26.41 -15.25
CA ASN A 68 -62.95 -27.32 -14.11
C ASN A 68 -61.57 -27.20 -13.45
N GLU A 69 -61.51 -27.63 -12.20
CA GLU A 69 -60.25 -27.68 -11.49
C GLU A 69 -59.37 -28.77 -12.07
N TYR A 70 -58.11 -28.47 -12.28
CA TYR A 70 -57.15 -29.48 -12.71
C TYR A 70 -56.25 -29.85 -11.55
N TYR A 71 -55.55 -30.97 -11.68
CA TYR A 71 -54.54 -31.35 -10.72
C TYR A 71 -53.34 -31.90 -11.47
N TRP A 72 -52.32 -32.32 -10.72
CA TRP A 72 -51.13 -32.94 -11.29
C TRP A 72 -50.45 -33.74 -10.20
N ASP A 73 -49.44 -34.50 -10.59
CA ASP A 73 -48.76 -35.43 -9.70
C ASP A 73 -47.44 -34.82 -9.25
N VAL A 74 -47.15 -34.96 -7.95
CA VAL A 74 -45.93 -34.46 -7.35
C VAL A 74 -45.07 -35.66 -6.97
N ILE A 75 -43.87 -35.73 -7.53
CA ILE A 75 -42.98 -36.88 -7.38
C ILE A 75 -41.81 -36.46 -6.50
N GLY A 76 -41.55 -37.22 -5.44
CA GLY A 76 -40.63 -36.77 -4.43
C GLY A 76 -39.40 -37.63 -4.19
N SER A 77 -39.14 -37.96 -2.93
CA SER A 77 -37.89 -38.59 -2.54
C SER A 77 -38.17 -39.81 -1.66
N SER A 78 -37.14 -40.62 -1.45
CA SER A 78 -37.38 -41.94 -0.86
C SER A 78 -36.51 -42.27 0.35
N ARG A 79 -35.25 -41.84 0.38
CA ARG A 79 -34.29 -42.32 1.38
C ARG A 79 -34.57 -41.67 2.73
N ARG A 80 -35.15 -42.41 3.67
CA ARG A 80 -35.58 -41.85 4.93
C ARG A 80 -34.87 -42.51 6.10
N ASN A 81 -34.83 -41.79 7.21
CA ASN A 81 -34.35 -42.29 8.49
C ASN A 81 -35.50 -42.36 9.49
N ILE A 82 -35.45 -43.34 10.37
CA ILE A 82 -36.51 -43.60 11.33
C ILE A 82 -36.09 -43.02 12.68
N PRO A 83 -36.91 -42.18 13.31
CA PRO A 83 -36.55 -41.63 14.62
C PRO A 83 -36.87 -42.60 15.74
N LEU A 84 -35.89 -42.88 16.59
CA LEU A 84 -36.09 -43.80 17.70
C LEU A 84 -37.05 -43.20 18.72
N VAL A 85 -37.93 -44.05 19.26
CA VAL A 85 -38.88 -43.61 20.28
C VAL A 85 -38.29 -43.72 21.66
N GLU A 86 -37.82 -44.91 22.02
CA GLU A 86 -37.15 -45.16 23.30
C GLU A 86 -36.36 -46.45 23.18
N ALA A 87 -35.45 -46.66 24.11
CA ALA A 87 -34.73 -47.92 24.20
C ALA A 87 -35.01 -48.55 25.56
N ARG A 88 -34.95 -49.87 25.60
CA ARG A 88 -35.28 -50.61 26.80
C ARG A 88 -34.09 -51.47 27.23
N ASP A 89 -34.14 -51.89 28.49
CA ASP A 89 -33.12 -52.79 29.03
C ASP A 89 -33.42 -54.22 28.60
N GLU A 90 -32.63 -55.16 29.12
CA GLU A 90 -32.86 -56.56 28.84
C GLU A 90 -34.14 -57.06 29.51
N ASN A 91 -34.48 -56.53 30.67
CA ASN A 91 -35.66 -56.93 31.40
C ASN A 91 -36.83 -55.97 31.22
N GLY A 92 -36.77 -55.12 30.20
CA GLY A 92 -37.89 -54.26 29.87
C GLY A 92 -37.91 -52.91 30.55
N VAL A 93 -36.81 -52.49 31.17
CA VAL A 93 -36.75 -51.19 31.84
C VAL A 93 -36.30 -50.15 30.84
N VAL A 94 -36.99 -49.01 30.80
CA VAL A 94 -36.69 -47.97 29.84
C VAL A 94 -35.34 -47.32 30.16
N VAL A 95 -34.54 -47.09 29.12
CA VAL A 95 -33.23 -46.49 29.28
C VAL A 95 -33.40 -45.00 29.51
N ALA A 96 -32.91 -44.52 30.63
CA ALA A 96 -32.98 -43.10 30.96
C ALA A 96 -31.78 -42.36 30.38
N ALA A 97 -31.81 -41.04 30.50
CA ALA A 97 -30.72 -40.23 29.97
C ALA A 97 -29.45 -40.38 30.79
N ASN A 98 -29.58 -40.61 32.09
CA ASN A 98 -28.45 -40.75 32.99
C ASN A 98 -28.06 -42.20 33.23
N ALA A 99 -28.56 -43.12 32.41
CA ALA A 99 -28.32 -44.55 32.63
C ALA A 99 -26.91 -44.92 32.17
N ALA A 100 -26.55 -46.18 32.40
CA ALA A 100 -25.24 -46.70 32.02
C ALA A 100 -25.31 -47.29 30.61
N ASN A 101 -24.25 -47.98 30.21
CA ASN A 101 -24.23 -48.63 28.91
C ASN A 101 -25.18 -49.82 28.89
N VAL A 102 -25.84 -50.01 27.75
CA VAL A 102 -26.96 -50.95 27.66
C VAL A 102 -26.57 -52.25 26.97
N GLY A 103 -25.48 -52.28 26.23
CA GLY A 103 -25.07 -53.49 25.53
C GLY A 103 -23.75 -54.05 26.01
N VAL A 104 -23.56 -54.07 27.33
CA VAL A 104 -22.32 -54.55 27.91
C VAL A 104 -22.15 -56.05 27.65
N GLY A 105 -20.91 -56.47 27.44
CA GLY A 105 -20.68 -57.80 26.88
C GLY A 105 -21.19 -57.81 25.47
N THR A 106 -22.08 -58.75 25.17
CA THR A 106 -22.97 -58.62 24.01
C THR A 106 -24.34 -59.07 24.51
N SER A 107 -25.08 -58.13 25.06
CA SER A 107 -26.33 -58.39 25.72
C SER A 107 -27.51 -57.85 24.91
N PRO A 108 -28.62 -58.56 24.87
CA PRO A 108 -29.79 -58.06 24.14
C PRO A 108 -30.46 -56.91 24.86
N PHE A 109 -30.95 -55.97 24.05
CA PHE A 109 -31.74 -54.86 24.55
C PHE A 109 -32.67 -54.45 23.42
N TYR A 110 -33.69 -53.65 23.76
CA TYR A 110 -34.83 -53.45 22.88
C TYR A 110 -34.87 -52.01 22.36
N LEU A 111 -35.12 -51.86 21.07
CA LEU A 111 -35.19 -50.57 20.41
C LEU A 111 -36.61 -50.36 19.89
N VAL A 112 -37.24 -49.28 20.31
CA VAL A 112 -38.63 -49.00 19.96
C VAL A 112 -38.67 -47.95 18.86
N PHE A 113 -39.29 -48.30 17.75
CA PHE A 113 -39.44 -47.46 16.57
C PHE A 113 -40.93 -47.27 16.27
N PRO A 114 -41.33 -46.14 15.71
CA PRO A 114 -42.76 -45.91 15.46
C PRO A 114 -43.32 -46.66 14.26
N GLU A 115 -42.51 -47.47 13.59
CA GLU A 115 -42.98 -48.25 12.46
C GLU A 115 -42.06 -49.44 12.30
N ASP A 116 -42.53 -50.43 11.56
CA ASP A 116 -41.72 -51.58 11.17
C ASP A 116 -41.06 -51.24 9.84
N TRP A 117 -39.78 -50.86 9.89
CA TRP A 117 -39.01 -50.51 8.72
C TRP A 117 -37.79 -51.39 8.55
N PHE A 118 -37.36 -52.08 9.60
CA PHE A 118 -36.17 -52.90 9.55
C PHE A 118 -36.57 -54.36 9.62
N ALA A 119 -35.65 -55.23 9.24
CA ALA A 119 -35.93 -56.65 9.10
C ALA A 119 -35.05 -57.46 10.04
N ASP A 120 -35.37 -58.75 10.11
CA ASP A 120 -34.61 -59.69 10.93
C ASP A 120 -33.19 -59.87 10.39
N GLY A 121 -32.22 -59.86 11.31
CA GLY A 121 -30.83 -60.05 10.95
C GLY A 121 -30.12 -58.84 10.40
N GLU A 122 -30.80 -57.70 10.30
CA GLU A 122 -30.22 -56.50 9.70
C GLU A 122 -29.34 -55.76 10.68
N VAL A 123 -28.31 -55.10 10.16
CA VAL A 123 -27.53 -54.16 10.93
C VAL A 123 -28.12 -52.77 10.75
N ILE A 124 -28.46 -52.11 11.86
CA ILE A 124 -28.92 -50.72 11.82
C ILE A 124 -27.99 -49.89 12.68
N VAL A 125 -27.90 -48.60 12.36
CA VAL A 125 -26.95 -47.71 13.02
C VAL A 125 -27.67 -46.46 13.51
N GLY A 126 -27.04 -45.80 14.47
CA GLY A 126 -27.59 -44.63 15.15
C GLY A 126 -27.17 -43.34 14.49
N ASN A 127 -26.81 -42.35 15.32
CA ASN A 127 -26.31 -41.08 14.80
C ASN A 127 -24.80 -41.08 14.58
N LEU A 128 -24.08 -41.92 15.32
CA LEU A 128 -22.64 -42.09 15.20
C LEU A 128 -22.26 -43.31 14.39
N ASN A 129 -22.77 -43.42 13.16
CA ASN A 129 -23.28 -44.62 12.47
C ASN A 129 -22.49 -45.89 12.80
N GLN A 130 -21.25 -46.05 12.32
CA GLN A 130 -20.61 -47.35 12.44
C GLN A 130 -19.87 -47.57 13.74
N VAL A 131 -19.90 -46.60 14.67
CA VAL A 131 -19.27 -46.81 15.97
C VAL A 131 -20.06 -47.84 16.77
N TYR A 132 -21.38 -47.70 16.78
CA TYR A 132 -22.26 -48.68 17.43
C TYR A 132 -23.22 -49.27 16.40
N PRO A 133 -22.88 -50.39 15.77
CA PRO A 133 -23.85 -51.04 14.88
C PRO A 133 -24.76 -52.00 15.63
N PHE A 134 -26.06 -51.89 15.39
CA PHE A 134 -27.07 -52.66 16.11
C PHE A 134 -27.61 -53.75 15.20
N ARG A 135 -27.61 -54.99 15.68
CA ARG A 135 -28.08 -56.13 14.92
C ARG A 135 -29.47 -56.54 15.40
N ILE A 136 -30.38 -56.73 14.46
CA ILE A 136 -31.73 -57.16 14.80
C ILE A 136 -31.72 -58.66 15.08
N LEU A 137 -32.30 -59.06 16.22
CA LEU A 137 -32.24 -60.42 16.72
C LEU A 137 -33.61 -61.10 16.72
N GLY A 138 -34.42 -60.83 15.71
CA GLY A 138 -35.74 -61.43 15.65
C GLY A 138 -36.64 -60.60 14.75
N ASP A 139 -37.94 -60.82 14.91
CA ASP A 139 -38.94 -60.02 14.21
C ASP A 139 -39.45 -58.92 15.12
N ALA A 140 -40.04 -57.91 14.50
CA ALA A 140 -40.51 -56.74 15.24
C ALA A 140 -41.85 -57.07 15.88
N ARG A 141 -41.79 -57.42 17.17
CA ARG A 141 -43.01 -57.59 17.95
C ARG A 141 -43.67 -56.24 18.15
N MET A 142 -44.96 -56.17 17.82
CA MET A 142 -45.65 -54.90 17.64
C MET A 142 -46.28 -54.42 18.95
N GLU A 143 -46.31 -53.11 19.12
CA GLU A 143 -47.02 -52.45 20.22
C GLU A 143 -47.79 -51.29 19.61
N GLY A 144 -49.00 -51.56 19.16
CA GLY A 144 -49.76 -50.54 18.44
C GLY A 144 -49.12 -50.29 17.09
N THR A 145 -48.78 -49.04 16.84
CA THR A 145 -47.96 -48.72 15.68
C THR A 145 -46.47 -48.90 15.95
N ASN A 146 -46.06 -48.87 17.21
CA ASN A 146 -44.66 -49.05 17.56
C ASN A 146 -44.23 -50.50 17.37
N ALA A 147 -43.02 -50.67 16.88
CA ALA A 147 -42.44 -51.98 16.62
C ALA A 147 -41.13 -52.08 17.39
N VAL A 148 -41.12 -52.86 18.47
CA VAL A 148 -39.93 -52.96 19.29
C VAL A 148 -39.04 -54.06 18.71
N TYR A 149 -37.74 -53.83 18.73
CA TYR A 149 -36.76 -54.70 18.09
C TYR A 149 -35.79 -55.20 19.13
N LYS A 150 -35.71 -56.52 19.28
CA LYS A 150 -34.65 -57.09 20.10
C LYS A 150 -33.32 -56.94 19.37
N VAL A 151 -32.34 -56.35 20.06
CA VAL A 151 -31.15 -55.82 19.41
C VAL A 151 -29.93 -56.17 20.24
N GLU A 152 -28.89 -56.66 19.58
CA GLU A 152 -27.56 -56.75 20.15
C GLU A 152 -26.59 -55.98 19.27
N LEU A 153 -25.41 -55.69 19.82
CA LEU A 153 -24.44 -54.83 19.15
C LEU A 153 -23.44 -55.65 18.34
N MET A 154 -23.12 -55.16 17.15
CA MET A 154 -22.10 -55.75 16.30
C MET A 154 -20.75 -55.08 16.59
N GLY A 155 -19.77 -55.37 15.75
CA GLY A 155 -18.41 -54.92 16.02
C GLY A 155 -17.81 -55.70 17.19
N GLY A 156 -16.72 -55.18 17.71
CA GLY A 156 -16.08 -55.79 18.86
C GLY A 156 -16.46 -55.05 20.13
N ASN A 157 -17.74 -54.73 20.23
CA ASN A 157 -18.23 -53.73 21.19
C ASN A 157 -18.48 -54.38 22.55
N THR A 158 -17.42 -54.45 23.35
CA THR A 158 -17.54 -54.95 24.71
C THR A 158 -18.08 -53.91 25.67
N GLN A 159 -17.83 -52.62 25.41
CA GLN A 159 -18.14 -51.58 26.37
C GLN A 159 -19.63 -51.25 26.44
N GLY A 160 -20.32 -51.31 25.32
CA GLY A 160 -21.75 -51.04 25.28
C GLY A 160 -22.06 -49.82 24.43
N VAL A 161 -23.32 -49.40 24.51
CA VAL A 161 -23.80 -48.21 23.82
C VAL A 161 -24.26 -47.21 24.88
N PRO A 162 -23.84 -45.94 24.79
CA PRO A 162 -24.22 -44.96 25.83
C PRO A 162 -25.71 -44.69 25.87
N ALA A 163 -26.16 -44.23 27.03
CA ALA A 163 -27.59 -43.98 27.21
C ALA A 163 -28.04 -42.70 26.55
N GLU A 164 -27.13 -41.81 26.19
CA GLU A 164 -27.48 -40.63 25.42
C GLU A 164 -27.46 -40.89 23.92
N ARG A 165 -27.04 -42.07 23.50
CA ARG A 165 -27.16 -42.50 22.10
C ARG A 165 -28.39 -43.36 21.88
N LEU A 166 -29.32 -43.39 22.83
CA LEU A 166 -30.50 -44.24 22.72
C LEU A 166 -31.76 -43.51 23.16
N GLN A 167 -31.81 -42.20 22.93
CA GLN A 167 -32.92 -41.38 23.37
C GLN A 167 -33.92 -41.14 22.24
N GLN A 168 -35.01 -40.46 22.60
CA GLN A 168 -36.03 -40.05 21.65
C GLN A 168 -35.45 -39.11 20.59
N GLY A 169 -35.63 -39.49 19.32
CA GLY A 169 -35.27 -38.63 18.21
C GLY A 169 -34.06 -39.08 17.43
N GLU A 170 -33.38 -40.13 17.84
CA GLU A 170 -32.18 -40.58 17.13
C GLU A 170 -32.55 -41.20 15.79
N ARG A 171 -31.91 -40.74 14.73
CA ARG A 171 -32.23 -41.12 13.37
C ARG A 171 -31.49 -42.42 13.02
N PHE A 172 -32.23 -43.49 12.83
CA PHE A 172 -31.67 -44.79 12.49
C PHE A 172 -31.81 -45.06 10.99
N SER A 173 -30.84 -45.79 10.44
CA SER A 173 -30.88 -46.19 9.05
C SER A 173 -30.39 -47.63 8.92
N ILE A 174 -30.61 -48.21 7.75
CA ILE A 174 -30.27 -49.60 7.45
C ILE A 174 -28.85 -49.65 6.92
N GLU A 175 -28.12 -50.72 7.24
CA GLU A 175 -26.80 -50.94 6.66
C GLU A 175 -26.80 -52.16 5.74
N PHE A 176 -26.97 -53.36 6.30
CA PHE A 176 -26.91 -54.62 5.57
C PHE A 176 -27.34 -55.72 6.53
N ALA A 177 -27.37 -56.94 6.03
CA ALA A 177 -27.72 -58.12 6.82
C ALA A 177 -26.61 -59.14 6.67
N PRO A 178 -25.66 -59.19 7.60
CA PRO A 178 -24.58 -60.18 7.49
C PRO A 178 -25.03 -61.54 7.98
N VAL A 179 -24.55 -62.58 7.32
CA VAL A 179 -24.94 -63.93 7.64
C VAL A 179 -23.68 -64.78 7.71
N GLU A 180 -23.80 -65.94 8.31
CA GLU A 180 -22.65 -66.81 8.54
C GLU A 180 -22.27 -67.56 7.27
N LYS A 181 -21.09 -68.18 7.30
CA LYS A 181 -20.58 -68.91 6.15
C LYS A 181 -21.17 -70.31 6.02
N GLU A 182 -21.65 -70.90 7.11
CA GLU A 182 -22.17 -72.26 7.09
C GLU A 182 -23.58 -72.28 7.63
N LEU A 183 -24.48 -72.96 6.90
CA LEU A 183 -25.86 -73.23 7.31
C LEU A 183 -26.63 -71.94 7.54
N SER A 184 -26.42 -70.97 6.65
CA SER A 184 -27.04 -69.65 6.75
C SER A 184 -28.56 -69.74 6.61
N ARG A 185 -29.26 -68.79 7.20
CA ARG A 185 -30.72 -68.74 7.13
C ARG A 185 -31.16 -67.33 6.77
N LYS A 186 -32.44 -67.20 6.41
CA LYS A 186 -32.91 -66.03 5.68
C LYS A 186 -33.01 -64.79 6.57
N VAL A 187 -32.60 -63.65 6.01
CA VAL A 187 -32.56 -62.35 6.69
C VAL A 187 -32.94 -61.28 5.67
N GLY A 188 -33.29 -60.10 6.16
CA GLY A 188 -33.49 -58.93 5.31
C GLY A 188 -34.88 -58.82 4.71
N ASP A 189 -35.14 -57.65 4.12
CA ASP A 189 -36.41 -57.32 3.47
C ASP A 189 -36.23 -56.05 2.64
N VAL A 190 -37.27 -55.70 1.88
CA VAL A 190 -37.26 -54.57 0.97
C VAL A 190 -38.41 -53.62 1.33
N ARG A 191 -38.33 -52.39 0.80
CA ARG A 191 -39.25 -51.32 1.18
C ARG A 191 -39.79 -50.61 -0.05
N PHE A 192 -40.98 -50.01 0.10
CA PHE A 192 -41.70 -49.38 -1.01
C PHE A 192 -42.22 -48.01 -0.59
N THR A 193 -42.60 -47.19 -1.58
CA THR A 193 -43.01 -45.80 -1.37
C THR A 193 -44.24 -45.48 -2.21
N SER A 194 -44.68 -44.21 -2.16
CA SER A 194 -45.89 -43.77 -2.85
C SER A 194 -45.83 -42.26 -3.04
N PRO A 195 -46.43 -41.72 -4.15
CA PRO A 195 -46.41 -40.27 -4.39
C PRO A 195 -47.59 -39.48 -3.83
N VAL A 196 -47.66 -38.19 -4.17
CA VAL A 196 -48.69 -37.26 -3.70
C VAL A 196 -49.06 -36.36 -4.88
N SER A 197 -50.09 -35.51 -4.69
CA SER A 197 -50.64 -34.70 -5.79
C SER A 197 -51.04 -33.32 -5.30
N MET A 198 -51.23 -32.39 -6.25
CA MET A 198 -51.61 -31.00 -5.98
C MET A 198 -52.55 -30.50 -7.06
N ARG A 199 -53.40 -29.53 -6.70
CA ARG A 199 -54.47 -29.03 -7.58
C ARG A 199 -54.43 -27.51 -7.70
N ASN A 200 -55.27 -26.98 -8.61
CA ASN A 200 -55.37 -25.55 -8.85
C ASN A 200 -56.78 -25.21 -9.35
N GLU A 201 -57.05 -23.92 -9.51
CA GLU A 201 -58.40 -23.44 -9.80
C GLU A 201 -58.34 -22.19 -10.69
N TRP A 202 -59.48 -21.50 -10.82
CA TRP A 202 -59.67 -20.43 -11.79
C TRP A 202 -60.25 -19.18 -11.13
N THR A 203 -60.37 -18.11 -11.93
CA THR A 203 -60.80 -16.78 -11.50
C THR A 203 -61.67 -16.16 -12.60
N THR A 204 -62.68 -15.38 -12.20
CA THR A 204 -63.59 -14.74 -13.13
C THR A 204 -63.78 -13.27 -12.75
N ILE A 205 -63.67 -12.37 -13.73
CA ILE A 205 -63.83 -10.93 -13.51
C ILE A 205 -64.86 -10.36 -14.48
N ARG A 206 -65.28 -9.13 -14.21
CA ARG A 206 -66.35 -8.47 -14.97
C ARG A 206 -66.12 -6.96 -14.98
N ILE A 207 -66.71 -6.28 -15.97
CA ILE A 207 -66.75 -4.82 -16.02
C ILE A 207 -68.09 -4.39 -16.60
N GLN A 208 -68.43 -3.12 -16.36
CA GLN A 208 -69.60 -2.49 -16.96
C GLN A 208 -69.34 -1.00 -17.13
N HIS A 209 -70.17 -0.36 -17.95
CA HIS A 209 -70.21 1.09 -18.07
C HIS A 209 -71.56 1.51 -18.61
N LYS A 210 -72.15 2.54 -18.01
CA LYS A 210 -73.45 3.06 -18.42
C LYS A 210 -73.27 4.37 -19.18
N VAL A 211 -74.01 4.52 -20.27
CA VAL A 211 -73.93 5.69 -21.13
C VAL A 211 -75.34 6.14 -21.46
N ALA A 212 -75.61 7.44 -21.29
CA ALA A 212 -76.92 7.99 -21.63
C ALA A 212 -77.15 7.94 -23.13
N GLY A 213 -78.43 7.86 -23.51
CA GLY A 213 -78.78 7.62 -24.90
C GLY A 213 -78.51 8.78 -25.83
N ASN A 214 -78.45 10.00 -25.28
CA ASN A 214 -78.19 11.17 -26.11
C ASN A 214 -76.72 11.35 -26.44
N LYS A 215 -75.84 10.45 -25.98
CA LYS A 215 -74.45 10.43 -26.39
C LYS A 215 -74.25 9.76 -27.76
N LEU A 216 -75.33 9.31 -28.40
CA LEU A 216 -75.25 8.81 -29.76
C LEU A 216 -75.03 9.97 -30.71
N ASN A 217 -73.87 9.96 -31.40
CA ASN A 217 -73.40 11.02 -32.29
C ASN A 217 -73.36 12.37 -31.58
N LYS A 218 -72.75 12.38 -30.40
CA LYS A 218 -72.58 13.60 -29.62
C LYS A 218 -71.24 14.22 -29.98
N LYS A 219 -71.27 15.30 -30.75
CA LYS A 219 -70.04 15.96 -31.17
C LYS A 219 -69.52 16.88 -30.07
N LEU A 220 -68.21 16.97 -29.97
CA LEU A 220 -67.53 17.73 -28.93
C LEU A 220 -66.88 18.96 -29.54
N ALA A 221 -67.34 20.14 -29.12
CA ALA A 221 -66.66 21.37 -29.50
C ALA A 221 -65.36 21.49 -28.72
N MET A 222 -64.24 21.45 -29.43
CA MET A 222 -62.93 21.32 -28.78
C MET A 222 -62.42 22.71 -28.34
N GLY A 223 -63.02 23.20 -27.26
CA GLY A 223 -62.48 24.38 -26.61
C GLY A 223 -61.12 24.12 -25.99
N ILE A 224 -60.99 23.00 -25.29
CA ILE A 224 -59.71 22.39 -24.97
C ILE A 224 -59.68 21.06 -25.71
N PRO A 225 -58.50 20.49 -25.95
CA PRO A 225 -58.47 19.17 -26.60
C PRO A 225 -59.04 18.07 -25.73
N MET A 226 -59.62 17.08 -26.38
CA MET A 226 -60.03 15.85 -25.74
C MET A 226 -58.87 14.86 -25.85
N VAL A 227 -58.73 13.99 -24.86
CA VAL A 227 -57.49 13.28 -24.68
C VAL A 227 -57.79 11.80 -24.45
N ARG A 228 -56.78 10.98 -24.71
CA ARG A 228 -56.85 9.54 -24.49
C ARG A 228 -55.79 9.13 -23.48
N ASN A 229 -56.13 8.15 -22.65
CA ASN A 229 -55.22 7.62 -21.65
C ASN A 229 -54.64 6.31 -22.16
N LEU A 230 -53.31 6.23 -22.23
CA LEU A 230 -52.67 4.98 -22.60
C LEU A 230 -52.48 4.11 -21.37
N GLU A 231 -52.14 2.84 -21.61
CA GLU A 231 -51.70 2.00 -20.50
C GLU A 231 -50.24 2.24 -20.16
N SER A 232 -49.52 3.01 -20.98
CA SER A 232 -48.24 3.56 -20.56
C SER A 232 -48.41 4.56 -19.43
N GLY A 233 -49.56 5.25 -19.38
CA GLY A 233 -49.83 6.26 -18.38
C GLY A 233 -49.92 7.66 -18.92
N LYS A 234 -49.32 7.91 -20.09
CA LYS A 234 -49.30 9.25 -20.64
C LYS A 234 -50.62 9.57 -21.34
N GLN A 235 -50.85 10.85 -21.55
CA GLN A 235 -52.03 11.36 -22.23
C GLN A 235 -51.67 11.67 -23.68
N VAL A 236 -52.49 11.19 -24.61
CA VAL A 236 -52.31 11.45 -26.04
C VAL A 236 -53.44 12.31 -26.54
N LYS A 237 -53.10 13.45 -27.13
CA LYS A 237 -54.08 14.34 -27.75
C LYS A 237 -54.71 13.67 -28.96
N ASP A 238 -56.03 13.57 -28.96
CA ASP A 238 -56.76 12.93 -30.04
C ASP A 238 -57.57 13.97 -30.80
N THR A 239 -57.79 13.70 -32.09
CA THR A 239 -58.55 14.59 -32.95
C THR A 239 -59.94 14.04 -33.28
N ALA A 240 -60.38 13.00 -32.57
CA ALA A 240 -61.72 12.47 -32.81
C ALA A 240 -62.76 13.41 -32.22
N ASN A 241 -63.85 13.60 -32.96
CA ASN A 241 -64.89 14.54 -32.57
C ASN A 241 -66.14 13.85 -32.05
N MET A 242 -66.09 12.55 -31.83
CA MET A 242 -67.21 11.81 -31.27
C MET A 242 -66.88 11.40 -29.85
N TRP A 243 -67.86 11.55 -28.95
CA TRP A 243 -67.61 11.25 -27.55
C TRP A 243 -67.50 9.75 -27.31
N MET A 244 -68.23 8.95 -28.08
CA MET A 244 -68.18 7.50 -27.93
C MET A 244 -66.87 6.90 -28.42
N HIS A 245 -66.02 7.68 -29.10
CA HIS A 245 -64.67 7.21 -29.41
C HIS A 245 -63.81 7.13 -28.16
N TYR A 246 -64.10 7.98 -27.17
CA TYR A 246 -63.36 7.98 -25.91
C TYR A 246 -63.98 7.09 -24.86
N VAL A 247 -65.27 6.78 -25.00
CA VAL A 247 -65.92 5.87 -24.07
C VAL A 247 -65.51 4.43 -24.33
N ASP A 248 -65.51 4.00 -25.59
CA ASP A 248 -65.15 2.62 -25.86
C ASP A 248 -63.64 2.40 -25.72
N TRP A 249 -62.84 3.45 -25.84
CA TRP A 249 -61.39 3.30 -25.68
C TRP A 249 -61.04 2.95 -24.23
N GLU A 250 -61.78 3.50 -23.28
CA GLU A 250 -61.49 3.25 -21.87
C GLU A 250 -61.97 1.87 -21.43
N VAL A 251 -63.04 1.35 -22.03
CA VAL A 251 -63.57 0.07 -21.58
C VAL A 251 -62.70 -1.08 -22.07
N GLU A 252 -61.93 -0.91 -23.15
CA GLU A 252 -60.87 -1.89 -23.40
C GLU A 252 -59.69 -1.66 -22.47
N LEU A 253 -59.38 -0.39 -22.16
CA LEU A 253 -58.22 -0.07 -21.36
C LEU A 253 -58.40 -0.49 -19.90
N GLN A 254 -59.58 -0.27 -19.35
CA GLN A 254 -59.83 -0.64 -17.96
C GLN A 254 -59.97 -2.15 -17.80
N PHE A 255 -60.58 -2.82 -18.79
CA PHE A 255 -60.77 -4.26 -18.69
C PHE A 255 -59.47 -5.03 -18.87
N ASP A 256 -58.52 -4.46 -19.62
CA ASP A 256 -57.22 -5.12 -19.79
C ASP A 256 -56.39 -5.03 -18.52
N GLU A 257 -56.45 -3.90 -17.80
CA GLU A 257 -55.74 -3.81 -16.55
C GLU A 257 -56.50 -4.45 -15.40
N TYR A 258 -57.79 -4.73 -15.57
CA TYR A 258 -58.48 -5.66 -14.69
C TYR A 258 -57.86 -7.05 -14.82
N LYS A 259 -57.59 -7.48 -16.04
CA LYS A 259 -57.01 -8.80 -16.28
C LYS A 259 -55.54 -8.85 -15.87
N ASN A 260 -54.83 -7.73 -15.98
CA ASN A 260 -53.41 -7.72 -15.63
C ASN A 260 -53.20 -7.75 -14.12
N ASN A 261 -54.04 -7.05 -13.37
CA ASN A 261 -53.88 -7.05 -11.92
C ASN A 261 -54.47 -8.29 -11.28
N ALA A 262 -55.46 -8.92 -11.90
CA ALA A 262 -55.96 -10.18 -11.38
C ALA A 262 -54.97 -11.31 -11.59
N MET A 263 -54.14 -11.21 -12.63
CA MET A 263 -53.14 -12.25 -12.90
C MET A 263 -51.96 -12.14 -11.96
N ALA A 264 -51.52 -10.92 -11.66
CA ALA A 264 -50.34 -10.71 -10.84
C ALA A 264 -50.67 -10.51 -9.37
N TRP A 265 -51.66 -9.67 -9.07
CA TRP A 265 -51.97 -9.27 -7.69
C TRP A 265 -53.27 -9.90 -7.19
N GLY A 266 -53.66 -11.03 -7.75
CA GLY A 266 -54.85 -11.72 -7.29
C GLY A 266 -54.57 -12.58 -6.08
N THR A 267 -55.58 -12.75 -5.25
CA THR A 267 -55.50 -13.53 -4.02
C THR A 267 -56.50 -14.67 -4.08
N SER A 268 -56.40 -15.57 -3.11
CA SER A 268 -57.31 -16.71 -2.99
C SER A 268 -58.06 -16.61 -1.67
N ASN A 269 -59.39 -16.71 -1.74
CA ASN A 269 -60.24 -16.62 -0.55
C ASN A 269 -60.77 -18.00 -0.14
N ARG A 270 -59.95 -19.03 -0.28
CA ARG A 270 -60.36 -20.40 -0.01
C ARG A 270 -59.74 -20.88 1.29
N ASN A 271 -60.56 -21.53 2.12
CA ASN A 271 -60.10 -22.12 3.37
C ASN A 271 -59.30 -23.39 3.10
N LEU A 272 -58.80 -23.99 4.19
CA LEU A 272 -58.29 -25.34 4.16
C LEU A 272 -59.41 -26.38 4.17
N ASN A 273 -60.61 -25.98 4.55
CA ASN A 273 -61.78 -26.86 4.51
C ASN A 273 -62.37 -26.97 3.11
N GLY A 274 -61.84 -26.23 2.15
CA GLY A 274 -62.40 -26.17 0.82
C GLY A 274 -63.40 -25.05 0.61
N GLU A 275 -63.89 -24.45 1.69
CA GLU A 275 -64.90 -23.42 1.60
C GLU A 275 -64.30 -22.11 1.10
N TYR A 276 -65.18 -21.24 0.61
CA TYR A 276 -64.84 -19.88 0.26
C TYR A 276 -65.42 -18.94 1.31
N MET A 277 -64.83 -17.76 1.42
CA MET A 277 -65.17 -16.82 2.48
C MET A 277 -65.91 -15.59 1.99
N ASN A 278 -65.82 -15.26 0.72
CA ASN A 278 -66.51 -14.12 0.14
C ASN A 278 -67.61 -14.61 -0.78
N PHE A 279 -68.84 -14.14 -0.55
CA PHE A 279 -69.98 -14.53 -1.33
C PHE A 279 -70.45 -13.34 -2.17
N GLY A 280 -70.84 -13.63 -3.41
CA GLY A 280 -71.21 -12.59 -4.35
C GLY A 280 -72.60 -12.05 -4.09
N LYS A 281 -73.01 -11.16 -4.99
CA LYS A 281 -74.34 -10.56 -4.90
C LYS A 281 -75.44 -11.54 -5.26
N SER A 282 -75.13 -12.57 -6.04
CA SER A 282 -76.09 -13.64 -6.31
C SER A 282 -76.31 -14.52 -5.09
N GLY A 283 -75.32 -14.57 -4.19
CA GLY A 283 -75.35 -15.45 -3.05
C GLY A 283 -74.34 -16.58 -3.15
N ASN A 284 -73.96 -16.95 -4.38
CA ASN A 284 -72.95 -17.95 -4.58
C ASN A 284 -71.57 -17.39 -4.24
N ALA A 285 -70.63 -18.29 -3.99
CA ALA A 285 -69.30 -17.91 -3.58
C ALA A 285 -68.53 -17.28 -4.74
N ILE A 286 -67.71 -16.27 -4.42
CA ILE A 286 -66.79 -15.71 -5.41
C ILE A 286 -65.55 -16.59 -5.39
N LYS A 287 -65.47 -17.52 -6.32
CA LYS A 287 -64.32 -18.39 -6.42
C LYS A 287 -63.17 -17.61 -7.05
N THR A 288 -62.18 -17.26 -6.24
CA THR A 288 -61.03 -16.50 -6.69
C THR A 288 -59.77 -17.31 -6.45
N GLY A 289 -58.89 -17.32 -7.43
CA GLY A 289 -57.62 -18.01 -7.33
C GLY A 289 -56.50 -16.99 -7.21
N ALA A 290 -55.41 -17.40 -6.56
CA ALA A 290 -54.34 -16.46 -6.26
C ALA A 290 -53.55 -16.13 -7.52
N GLY A 291 -52.91 -14.97 -7.49
CA GLY A 291 -52.20 -14.46 -8.64
C GLY A 291 -50.82 -15.09 -8.79
N ILE A 292 -50.01 -14.46 -9.63
CA ILE A 292 -48.64 -14.93 -9.80
C ILE A 292 -47.83 -14.62 -8.55
N PHE A 293 -48.04 -13.45 -7.96
CA PHE A 293 -47.26 -13.06 -6.79
C PHE A 293 -47.70 -13.80 -5.54
N GLU A 294 -49.00 -14.00 -5.34
CA GLU A 294 -49.45 -14.65 -4.12
C GLU A 294 -49.23 -16.16 -4.13
N GLN A 295 -49.22 -16.79 -5.31
CA GLN A 295 -48.93 -18.22 -5.37
C GLN A 295 -47.46 -18.51 -5.14
N THR A 296 -46.59 -17.57 -5.47
CA THR A 296 -45.18 -17.90 -5.55
C THR A 296 -44.40 -17.55 -4.28
N GLU A 297 -44.96 -16.74 -3.39
CA GLU A 297 -44.26 -16.34 -2.18
C GLU A 297 -44.71 -17.10 -0.93
N VAL A 298 -45.35 -18.26 -1.11
CA VAL A 298 -45.64 -19.09 0.06
C VAL A 298 -44.41 -19.85 0.52
N ALA A 299 -43.36 -19.92 -0.29
CA ALA A 299 -42.12 -20.59 0.07
C ALA A 299 -40.94 -19.73 -0.33
N ASN A 300 -39.86 -19.84 0.45
CA ASN A 300 -38.56 -19.17 0.30
C ASN A 300 -38.65 -17.66 0.43
N THR A 301 -39.68 -17.12 1.07
CA THR A 301 -39.86 -15.69 1.21
C THR A 301 -39.23 -15.20 2.50
N MET A 302 -38.36 -14.21 2.40
CA MET A 302 -37.70 -13.62 3.56
C MET A 302 -38.06 -12.14 3.65
N TYR A 303 -38.57 -11.75 4.80
CA TYR A 303 -38.88 -10.35 5.09
C TYR A 303 -37.76 -9.79 5.96
N TYR A 304 -37.07 -8.77 5.45
CA TYR A 304 -35.89 -8.23 6.10
C TYR A 304 -36.13 -6.78 6.49
N ASN A 305 -35.50 -6.37 7.58
CA ASN A 305 -35.57 -4.97 8.01
C ASN A 305 -34.39 -4.16 7.50
N THR A 306 -33.18 -4.73 7.51
CA THR A 306 -32.01 -4.11 6.92
C THR A 306 -31.33 -5.12 6.01
N PHE A 307 -30.94 -4.66 4.82
CA PHE A 307 -30.33 -5.55 3.84
C PHE A 307 -28.86 -5.77 4.14
N SER A 308 -28.44 -7.02 4.10
CA SER A 308 -27.04 -7.38 4.21
C SER A 308 -26.75 -8.54 3.28
N LEU A 309 -25.54 -8.57 2.73
CA LEU A 309 -25.09 -9.76 2.02
C LEU A 309 -24.97 -10.96 2.94
N LYS A 310 -24.63 -10.74 4.22
CA LYS A 310 -24.48 -11.83 5.18
C LYS A 310 -25.77 -12.63 5.34
N LEU A 311 -26.92 -11.96 5.23
CA LEU A 311 -28.20 -12.66 5.17
C LEU A 311 -28.44 -13.25 3.79
N LEU A 312 -28.00 -12.57 2.72
CA LEU A 312 -28.35 -12.99 1.36
C LEU A 312 -27.42 -14.08 0.85
N GLU A 313 -26.11 -13.95 1.11
CA GLU A 313 -25.14 -14.96 0.70
C GLU A 313 -25.39 -16.29 1.39
N ASP A 314 -25.74 -16.27 2.67
CA ASP A 314 -26.02 -17.50 3.38
C ASP A 314 -27.33 -18.12 2.91
N ALA A 315 -28.36 -17.31 2.67
CA ALA A 315 -29.65 -17.87 2.26
C ALA A 315 -29.60 -18.41 0.84
N LEU A 316 -28.79 -17.81 -0.04
CA LEU A 316 -28.60 -18.37 -1.36
C LEU A 316 -27.65 -19.57 -1.34
N TYR A 317 -26.83 -19.70 -0.30
CA TYR A 317 -25.95 -20.86 -0.24
C TYR A 317 -26.64 -22.08 0.35
N GLU A 318 -27.55 -21.88 1.30
CA GLU A 318 -28.17 -23.02 1.99
C GLU A 318 -29.04 -23.84 1.06
N LEU A 319 -29.77 -23.19 0.15
CA LEU A 319 -30.56 -23.99 -0.77
C LEU A 319 -29.71 -24.52 -1.92
N SER A 320 -28.70 -23.77 -2.35
CA SER A 320 -27.85 -24.27 -3.42
C SER A 320 -26.92 -25.39 -2.95
N ALA A 321 -26.64 -25.47 -1.65
CA ALA A 321 -25.96 -26.66 -1.14
C ALA A 321 -26.91 -27.85 -1.06
N SER A 322 -28.20 -27.61 -0.91
CA SER A 322 -29.17 -28.69 -0.73
C SER A 322 -29.96 -29.03 -1.97
N LYS A 323 -30.05 -28.13 -2.96
CA LYS A 323 -30.85 -28.38 -4.14
C LYS A 323 -30.04 -28.45 -5.43
N LEU A 324 -29.13 -27.53 -5.66
CA LEU A 324 -28.50 -27.34 -6.95
C LEU A 324 -27.09 -27.92 -6.96
N ALA A 325 -26.66 -28.36 -8.15
CA ALA A 325 -25.27 -28.74 -8.33
C ALA A 325 -24.40 -27.48 -8.38
N MET A 326 -23.09 -27.68 -8.26
CA MET A 326 -22.17 -26.54 -8.23
C MET A 326 -22.05 -25.82 -9.56
N ASP A 327 -22.47 -26.43 -10.65
CA ASP A 327 -22.59 -25.76 -11.94
C ASP A 327 -24.01 -25.31 -12.22
N ASP A 328 -24.76 -24.94 -11.18
CA ASP A 328 -26.15 -24.55 -11.34
C ASP A 328 -26.55 -23.38 -10.43
N ARG A 329 -25.58 -22.64 -9.90
CA ARG A 329 -25.83 -21.66 -8.85
C ARG A 329 -25.64 -20.22 -9.33
N LEU A 330 -26.12 -19.90 -10.51
CA LEU A 330 -26.23 -18.53 -10.98
C LEU A 330 -27.63 -18.02 -10.72
N PHE A 331 -27.74 -16.91 -10.00
CA PHE A 331 -29.02 -16.32 -9.64
C PHE A 331 -29.09 -14.91 -10.20
N VAL A 332 -30.18 -14.59 -10.90
CA VAL A 332 -30.42 -13.24 -11.40
C VAL A 332 -31.56 -12.64 -10.58
N ILE A 333 -31.21 -11.82 -9.59
CA ILE A 333 -32.21 -11.19 -8.75
C ILE A 333 -32.89 -10.06 -9.50
N LYS A 334 -34.22 -10.00 -9.39
CA LYS A 334 -35.01 -9.00 -10.10
C LYS A 334 -35.37 -7.88 -9.14
N THR A 335 -34.81 -6.69 -9.37
CA THR A 335 -34.97 -5.56 -8.46
C THR A 335 -35.35 -4.32 -9.24
N GLY A 336 -35.58 -3.24 -8.50
CA GLY A 336 -35.72 -1.93 -9.10
C GLY A 336 -34.37 -1.25 -9.25
N GLU A 337 -34.41 0.06 -9.45
CA GLU A 337 -33.17 0.81 -9.54
C GLU A 337 -32.61 1.11 -8.16
N ARG A 338 -33.48 1.37 -7.18
CA ARG A 338 -33.02 1.62 -5.82
C ARG A 338 -32.52 0.35 -5.16
N GLY A 339 -33.05 -0.80 -5.55
CA GLY A 339 -32.51 -2.06 -5.09
C GLY A 339 -31.14 -2.36 -5.68
N ALA A 340 -30.85 -1.79 -6.85
CA ALA A 340 -29.51 -1.91 -7.42
C ALA A 340 -28.51 -1.01 -6.70
N ILE A 341 -28.98 0.11 -6.14
CA ILE A 341 -28.10 0.95 -5.32
C ILE A 341 -27.84 0.28 -3.99
N GLN A 342 -28.89 -0.29 -3.36
CA GLN A 342 -28.73 -0.97 -2.09
C GLN A 342 -27.88 -2.22 -2.22
N PHE A 343 -27.93 -2.88 -3.38
CA PHE A 343 -26.97 -3.94 -3.65
C PHE A 343 -25.56 -3.38 -3.76
N HIS A 344 -25.40 -2.27 -4.49
CA HIS A 344 -24.07 -1.71 -4.73
C HIS A 344 -23.45 -1.16 -3.46
N LYS A 345 -24.25 -0.59 -2.56
CA LYS A 345 -23.71 -0.02 -1.33
C LYS A 345 -23.29 -1.10 -0.34
N GLU A 346 -23.90 -2.28 -0.38
CA GLU A 346 -23.60 -3.30 0.62
C GLU A 346 -22.37 -4.11 0.26
N VAL A 347 -22.13 -4.38 -1.02
CA VAL A 347 -20.93 -5.10 -1.40
C VAL A 347 -19.72 -4.15 -1.43
N LEU A 348 -19.95 -2.85 -1.64
CA LEU A 348 -18.88 -1.88 -1.40
C LEU A 348 -18.53 -1.83 0.08
N LYS A 349 -19.53 -1.97 0.96
CA LYS A 349 -19.27 -2.14 2.38
C LYS A 349 -18.58 -3.47 2.67
N THR A 350 -18.80 -4.49 1.83
CA THR A 350 -18.14 -5.77 2.02
C THR A 350 -16.68 -5.73 1.60
N VAL A 351 -16.38 -5.14 0.44
CA VAL A 351 -15.00 -5.05 -0.03
C VAL A 351 -14.22 -3.93 0.64
N SER A 352 -14.87 -3.08 1.42
CA SER A 352 -14.14 -2.14 2.26
C SER A 352 -13.67 -2.78 3.55
N GLY A 353 -14.17 -3.98 3.88
CA GLY A 353 -13.71 -4.76 4.99
C GLY A 353 -12.68 -5.80 4.63
N TRP A 354 -12.35 -5.93 3.35
CA TRP A 354 -11.27 -6.81 2.91
C TRP A 354 -9.97 -6.05 3.07
N THR A 355 -9.50 -6.02 4.33
CA THR A 355 -8.21 -5.40 4.66
C THR A 355 -7.05 -6.20 4.08
N THR A 356 -7.29 -7.48 3.76
CA THR A 356 -6.28 -8.35 3.15
C THR A 356 -5.79 -7.82 1.82
N PHE A 357 -6.71 -7.44 0.94
CA PHE A 357 -6.39 -7.02 -0.41
C PHE A 357 -6.58 -5.52 -0.55
N VAL A 358 -5.65 -4.87 -1.19
CA VAL A 358 -5.83 -3.46 -1.54
C VAL A 358 -6.39 -3.41 -2.95
N LEU A 359 -7.24 -2.42 -3.19
CA LEU A 359 -7.95 -2.30 -4.47
C LEU A 359 -7.34 -1.13 -5.23
N ASP A 360 -6.53 -1.43 -6.24
CA ASP A 360 -5.83 -0.39 -6.96
C ASP A 360 -6.74 0.19 -8.05
N ASN A 361 -6.18 1.08 -8.86
CA ASN A 361 -6.89 1.63 -10.00
C ASN A 361 -6.49 0.96 -11.31
N ASN A 362 -5.51 0.08 -11.30
CA ASN A 362 -5.14 -0.65 -12.51
C ASN A 362 -6.07 -1.80 -12.80
N SER A 363 -7.01 -2.09 -11.90
CA SER A 363 -7.93 -3.20 -12.06
C SER A 363 -9.38 -2.74 -12.10
N THR A 364 -9.77 -1.87 -11.17
CA THR A 364 -11.15 -1.45 -11.06
C THR A 364 -11.46 -0.31 -12.01
N ARG A 365 -10.47 0.55 -12.28
CA ARG A 365 -10.58 1.73 -13.15
C ARG A 365 -11.69 2.67 -12.67
N VAL A 366 -11.73 2.92 -11.37
CA VAL A 366 -12.78 3.79 -10.83
C VAL A 366 -12.55 5.24 -11.19
N VAL A 367 -11.31 5.62 -11.52
CA VAL A 367 -11.03 6.87 -12.21
C VAL A 367 -10.36 6.53 -13.54
N GLU A 368 -10.92 7.04 -14.62
CA GLU A 368 -10.60 6.60 -15.97
C GLU A 368 -10.30 7.80 -16.84
N LYS A 369 -9.29 7.69 -17.69
CA LYS A 369 -8.84 8.82 -18.49
C LYS A 369 -9.71 8.98 -19.73
N VAL A 370 -10.27 10.16 -19.90
CA VAL A 370 -11.11 10.48 -21.05
C VAL A 370 -10.39 11.52 -21.89
N GLN A 371 -10.97 11.88 -23.04
CA GLN A 371 -10.39 12.87 -23.93
C GLN A 371 -11.23 14.14 -23.83
N SER A 372 -10.60 15.23 -23.40
CA SER A 372 -11.27 16.50 -23.26
C SER A 372 -10.41 17.62 -23.85
N ARG A 373 -11.09 18.73 -24.17
CA ARG A 373 -10.41 19.93 -24.62
C ARG A 373 -9.70 20.64 -23.47
N LEU A 374 -10.21 20.46 -22.25
CA LEU A 374 -9.72 21.21 -21.10
C LEU A 374 -8.33 20.78 -20.65
N HIS A 375 -7.95 19.53 -20.91
CA HIS A 375 -6.68 19.00 -20.44
C HIS A 375 -6.32 17.77 -21.26
N SER A 376 -5.03 17.45 -21.30
CA SER A 376 -4.60 16.21 -21.93
C SER A 376 -4.90 15.01 -21.04
N ASN A 377 -4.38 15.02 -19.82
CA ASN A 377 -4.75 14.01 -18.81
C ASN A 377 -6.03 14.46 -18.13
N ALA A 378 -7.14 14.27 -18.84
CA ALA A 378 -8.46 14.54 -18.29
C ALA A 378 -9.08 13.23 -17.83
N LEU A 379 -9.73 13.25 -16.68
CA LEU A 379 -10.10 12.04 -15.98
C LEU A 379 -11.61 12.01 -15.70
N SER A 380 -12.16 10.81 -15.76
CA SER A 380 -13.51 10.53 -15.31
C SER A 380 -13.44 9.90 -13.93
N ALA A 381 -14.61 9.73 -13.30
CA ALA A 381 -14.66 9.10 -11.99
C ALA A 381 -16.02 8.46 -11.77
N GLY A 382 -16.04 7.17 -11.50
CA GLY A 382 -17.27 6.50 -11.15
C GLY A 382 -17.15 5.00 -11.30
N PHE A 383 -17.98 4.29 -10.56
CA PHE A 383 -18.04 2.84 -10.60
C PHE A 383 -19.37 2.38 -10.01
N GLN A 384 -19.63 1.09 -10.16
CA GLN A 384 -20.78 0.46 -9.53
C GLN A 384 -20.53 -1.03 -9.48
N PHE A 385 -21.05 -1.66 -8.43
CA PHE A 385 -20.95 -3.10 -8.25
C PHE A 385 -22.28 -3.72 -8.63
N VAL A 386 -22.26 -4.64 -9.60
CA VAL A 386 -23.48 -5.25 -10.11
C VAL A 386 -23.49 -6.77 -9.94
N GLU A 387 -22.51 -7.33 -9.24
CA GLU A 387 -22.43 -8.78 -9.09
C GLU A 387 -21.61 -9.10 -7.84
N TYR A 388 -21.99 -10.17 -7.16
CA TYR A 388 -21.23 -10.73 -6.05
C TYR A 388 -21.03 -12.22 -6.28
N LYS A 389 -19.84 -12.71 -6.03
CA LYS A 389 -19.50 -14.12 -6.20
C LYS A 389 -19.22 -14.73 -4.83
N ALA A 390 -20.18 -15.46 -4.30
CA ALA A 390 -20.03 -16.13 -3.01
C ALA A 390 -19.21 -17.41 -3.19
N PRO A 391 -18.68 -17.98 -2.10
CA PRO A 391 -17.94 -19.23 -2.23
C PRO A 391 -18.82 -20.40 -2.65
N ASN A 392 -18.13 -21.41 -3.21
CA ASN A 392 -18.71 -22.68 -3.68
C ASN A 392 -19.75 -22.48 -4.77
N GLY A 393 -19.34 -21.79 -5.83
CA GLY A 393 -20.10 -21.75 -7.06
C GLY A 393 -21.28 -20.81 -7.08
N VAL A 394 -21.58 -20.12 -5.99
CA VAL A 394 -22.72 -19.22 -5.95
C VAL A 394 -22.33 -17.90 -6.62
N ARG A 395 -23.13 -17.46 -7.58
CA ARG A 395 -22.99 -16.16 -8.21
C ARG A 395 -24.36 -15.48 -8.20
N VAL A 396 -24.39 -14.20 -7.88
CA VAL A 396 -25.62 -13.43 -7.91
C VAL A 396 -25.43 -12.20 -8.80
N ARG A 397 -26.26 -12.11 -9.84
CA ARG A 397 -26.23 -11.03 -10.82
C ARG A 397 -27.53 -10.24 -10.74
N LEU A 398 -27.51 -9.03 -11.26
CA LEU A 398 -28.66 -8.14 -11.15
C LEU A 398 -29.54 -8.17 -12.40
N ASP A 399 -30.82 -7.91 -12.19
CA ASP A 399 -31.79 -7.71 -13.26
C ASP A 399 -32.65 -6.54 -12.79
N VAL A 400 -32.44 -5.37 -13.37
CA VAL A 400 -33.12 -4.15 -12.93
C VAL A 400 -34.34 -3.97 -13.83
N ASP A 401 -35.49 -4.33 -13.31
CA ASP A 401 -36.76 -4.23 -14.00
C ASP A 401 -37.40 -2.87 -13.73
N PRO A 402 -37.94 -2.19 -14.75
CA PRO A 402 -38.66 -0.94 -14.51
C PRO A 402 -40.08 -1.11 -14.00
N PHE A 403 -40.47 -2.33 -13.64
CA PHE A 403 -41.77 -2.64 -13.07
C PHE A 403 -41.76 -2.57 -11.55
N TYR A 404 -40.59 -2.77 -10.93
CA TYR A 404 -40.50 -2.79 -9.48
C TYR A 404 -40.57 -1.39 -8.88
N ASP A 405 -40.20 -0.36 -9.63
CA ASP A 405 -40.17 1.01 -9.12
C ASP A 405 -41.35 1.85 -9.62
N ASP A 406 -42.48 1.22 -9.92
CA ASP A 406 -43.67 1.95 -10.35
C ASP A 406 -44.28 2.72 -9.19
N PRO A 407 -44.44 4.03 -9.30
CA PRO A 407 -44.84 4.83 -8.12
C PRO A 407 -46.32 4.81 -7.79
N VAL A 408 -47.20 4.60 -8.77
CA VAL A 408 -48.63 4.72 -8.48
C VAL A 408 -49.17 3.48 -7.79
N ARG A 409 -48.59 2.30 -8.03
CA ARG A 409 -49.03 1.10 -7.32
C ARG A 409 -48.30 0.95 -6.00
N ASN A 410 -47.02 1.28 -5.97
CA ASN A 410 -46.19 1.13 -4.78
C ASN A 410 -46.20 2.45 -4.02
N LYS A 411 -46.90 2.49 -2.90
CA LYS A 411 -47.15 3.74 -2.19
C LYS A 411 -46.21 3.98 -1.02
N ILE A 412 -45.61 2.94 -0.48
CA ILE A 412 -44.73 3.09 0.67
C ILE A 412 -43.34 3.49 0.18
N LEU A 413 -42.87 4.64 0.64
CA LEU A 413 -41.55 5.14 0.27
C LEU A 413 -40.51 4.67 1.29
N HIS A 414 -39.29 4.61 0.85
CA HIS A 414 -38.16 4.19 1.65
C HIS A 414 -37.46 5.41 2.25
N PRO A 415 -36.74 5.24 3.37
CA PRO A 415 -35.90 6.33 3.85
C PRO A 415 -34.75 6.68 2.93
N MET A 416 -34.28 5.71 2.13
CA MET A 416 -33.19 5.94 1.20
C MET A 416 -33.66 6.42 -0.16
N GLY A 417 -34.91 6.82 -0.28
CA GLY A 417 -35.41 7.35 -1.54
C GLY A 417 -36.15 6.31 -2.35
N GLY A 418 -37.07 6.78 -3.18
CA GLY A 418 -37.84 5.90 -4.04
C GLY A 418 -38.91 5.16 -3.27
N VAL A 419 -39.54 4.22 -3.98
CA VAL A 419 -40.56 3.37 -3.38
C VAL A 419 -39.88 2.16 -2.74
N ALA A 420 -40.62 1.47 -1.87
CA ALA A 420 -40.05 0.35 -1.12
C ALA A 420 -40.05 -0.94 -1.92
N PHE A 421 -40.88 -1.04 -2.97
CA PHE A 421 -40.91 -2.20 -3.85
C PHE A 421 -39.66 -2.30 -4.71
N SER A 422 -38.88 -1.23 -4.82
CA SER A 422 -37.63 -1.29 -5.56
C SER A 422 -36.59 -2.15 -4.87
N TYR A 423 -36.72 -2.33 -3.55
CA TYR A 423 -35.76 -3.06 -2.73
C TYR A 423 -36.17 -4.52 -2.58
N ARG A 424 -36.97 -5.03 -3.50
CA ARG A 424 -37.41 -6.41 -3.49
C ARG A 424 -36.47 -7.24 -4.36
N TYR A 425 -35.81 -8.22 -3.75
CA TYR A 425 -34.87 -9.07 -4.46
C TYR A 425 -35.55 -10.40 -4.72
N ASP A 426 -35.98 -10.61 -5.95
CA ASP A 426 -36.73 -11.80 -6.34
C ASP A 426 -35.90 -12.66 -7.29
N ILE A 427 -35.74 -13.92 -6.95
CA ILE A 427 -35.18 -14.92 -7.85
C ILE A 427 -36.35 -15.73 -8.36
N TRP A 428 -36.70 -15.56 -9.65
CA TRP A 428 -37.91 -16.16 -10.16
C TRP A 428 -37.72 -17.60 -10.64
N TYR A 429 -36.48 -18.06 -10.76
CA TYR A 429 -36.19 -19.41 -11.27
C TYR A 429 -34.96 -19.94 -10.55
N ILE A 430 -35.15 -20.90 -9.67
CA ILE A 430 -34.05 -21.69 -9.09
C ILE A 430 -33.98 -22.99 -9.88
N GLY A 431 -32.89 -23.20 -10.59
CA GLY A 431 -32.71 -24.42 -11.35
C GLY A 431 -33.42 -24.36 -12.70
N THR A 432 -33.15 -25.37 -13.50
CA THR A 432 -33.71 -25.46 -14.85
C THR A 432 -34.82 -26.53 -14.88
N MET A 433 -36.05 -26.08 -14.80
CA MET A 433 -37.19 -26.98 -14.95
C MET A 433 -37.37 -27.32 -16.43
N ASP A 434 -37.86 -28.53 -16.69
CA ASP A 434 -38.11 -28.96 -18.06
C ASP A 434 -39.33 -28.28 -18.65
N GLN A 435 -40.28 -27.89 -17.80
CA GLN A 435 -41.49 -27.21 -18.24
C GLN A 435 -41.52 -25.82 -17.60
N PRO A 436 -42.39 -24.91 -18.05
CA PRO A 436 -42.56 -23.64 -17.33
C PRO A 436 -43.19 -23.87 -15.95
N ASN A 437 -42.55 -23.30 -14.92
CA ASN A 437 -43.08 -23.39 -13.57
C ASN A 437 -44.22 -22.41 -13.36
N ILE A 438 -44.10 -21.21 -13.92
CA ILE A 438 -45.11 -20.18 -13.83
C ILE A 438 -45.65 -19.94 -15.24
N PHE A 439 -46.95 -20.15 -15.44
CA PHE A 439 -47.57 -19.81 -16.70
C PHE A 439 -48.94 -19.19 -16.44
N LYS A 440 -49.50 -18.62 -17.49
CA LYS A 440 -50.84 -18.07 -17.50
C LYS A 440 -51.79 -19.07 -18.15
N CYS A 441 -53.07 -18.97 -17.80
CA CYS A 441 -54.06 -19.96 -18.23
C CYS A 441 -55.19 -19.30 -19.00
N LYS A 442 -55.60 -19.93 -20.08
CA LYS A 442 -56.76 -19.54 -20.86
C LYS A 442 -57.67 -20.73 -21.03
N ILE A 443 -58.92 -20.46 -21.37
CA ILE A 443 -59.88 -21.50 -21.73
C ILE A 443 -60.00 -21.53 -23.24
N LYS A 444 -60.00 -22.74 -23.81
CA LYS A 444 -60.10 -22.88 -25.26
C LYS A 444 -61.46 -22.41 -25.78
N GLY A 445 -62.53 -22.73 -25.07
CA GLY A 445 -63.79 -22.07 -25.32
C GLY A 445 -63.72 -20.60 -24.95
N ASP A 446 -64.54 -19.79 -25.61
CA ASP A 446 -64.42 -18.34 -25.55
C ASP A 446 -64.64 -17.79 -24.14
N ASN A 447 -63.67 -17.01 -23.68
CA ASN A 447 -63.63 -16.46 -22.34
C ASN A 447 -63.74 -14.94 -22.39
N GLU A 448 -64.58 -14.45 -23.29
CA GLU A 448 -64.79 -13.02 -23.45
C GLU A 448 -66.22 -12.81 -23.93
N TYR A 449 -67.04 -12.24 -23.07
CA TYR A 449 -68.45 -12.03 -23.37
C TYR A 449 -68.73 -10.53 -23.40
N ARG A 450 -69.81 -10.17 -24.08
CA ARG A 450 -70.19 -8.76 -24.20
C ARG A 450 -71.68 -8.69 -24.52
N GLY A 451 -72.39 -7.83 -23.81
CA GLY A 451 -73.81 -7.68 -24.04
C GLY A 451 -74.24 -6.26 -23.77
N TYR A 452 -75.18 -5.77 -24.56
CA TYR A 452 -75.67 -4.40 -24.47
C TYR A 452 -77.09 -4.42 -23.92
N GLN A 453 -77.28 -3.76 -22.79
CA GLN A 453 -78.59 -3.62 -22.16
C GLN A 453 -79.01 -2.16 -22.31
N TRP A 454 -79.99 -1.92 -23.19
CA TRP A 454 -80.23 -0.55 -23.62
C TRP A 454 -81.72 -0.31 -23.87
N GLY A 455 -82.07 0.96 -23.95
CA GLY A 455 -83.43 1.39 -24.19
C GLY A 455 -83.73 1.62 -25.65
N ILE A 456 -84.11 2.85 -26.01
CA ILE A 456 -84.56 3.11 -27.37
C ILE A 456 -83.39 3.23 -28.36
N ARG A 457 -82.20 3.61 -27.89
CA ARG A 457 -81.08 3.80 -28.80
C ARG A 457 -79.77 3.40 -28.11
N ASN A 458 -78.86 2.83 -28.89
CA ASN A 458 -77.57 2.39 -28.37
C ASN A 458 -76.47 3.30 -28.91
N PRO A 459 -75.84 4.11 -28.06
CA PRO A 459 -74.67 4.86 -28.52
C PRO A 459 -73.44 3.99 -28.77
N PHE A 460 -73.42 2.76 -28.26
CA PHE A 460 -72.23 1.93 -28.37
C PHE A 460 -72.08 1.36 -29.77
N THR A 461 -73.15 0.78 -30.31
CA THR A 461 -73.12 0.20 -31.65
C THR A 461 -73.75 1.11 -32.70
N GLY A 462 -74.24 2.27 -32.31
CA GLY A 462 -74.79 3.22 -33.26
C GLY A 462 -76.14 2.83 -33.84
N GLN A 463 -77.06 2.39 -32.99
CA GLN A 463 -78.39 1.99 -33.43
C GLN A 463 -79.43 2.89 -32.77
N LYS A 464 -80.43 3.29 -33.55
CA LYS A 464 -81.55 4.07 -33.05
C LYS A 464 -82.84 3.34 -33.39
N GLY A 465 -83.61 3.00 -32.36
CA GLY A 465 -84.78 2.15 -32.54
C GLY A 465 -84.47 0.72 -32.15
N ASN A 466 -85.15 0.22 -31.13
CA ASN A 466 -84.88 -1.10 -30.59
C ASN A 466 -86.11 -1.99 -30.74
N PRO A 467 -86.03 -3.09 -31.48
CA PRO A 467 -87.18 -4.02 -31.54
C PRO A 467 -87.26 -4.95 -30.34
N TYR A 468 -86.22 -5.02 -29.51
CA TYR A 468 -86.21 -5.81 -28.29
C TYR A 468 -85.63 -4.92 -27.20
N MET A 469 -86.49 -4.14 -26.54
CA MET A 469 -86.02 -3.26 -25.48
C MET A 469 -85.86 -4.05 -24.19
N SER A 470 -84.84 -3.71 -23.43
CA SER A 470 -84.59 -4.34 -22.13
C SER A 470 -85.17 -3.54 -20.98
N PHE A 471 -85.12 -2.22 -21.08
CA PHE A 471 -85.91 -1.33 -20.24
C PHE A 471 -86.42 -0.20 -21.13
N ASP A 472 -87.06 0.80 -20.52
CA ASP A 472 -87.54 1.95 -21.27
C ASP A 472 -86.68 3.19 -21.02
N GLU A 473 -85.81 3.14 -20.02
CA GLU A 473 -84.90 4.24 -19.74
C GLU A 473 -83.93 4.47 -20.89
N ASP A 474 -83.79 5.73 -21.28
CA ASP A 474 -82.93 6.12 -22.40
C ASP A 474 -81.49 6.08 -21.92
N SER A 475 -80.90 4.89 -21.99
CA SER A 475 -79.53 4.64 -21.56
C SER A 475 -79.03 3.37 -22.24
N ALA A 476 -77.76 3.04 -21.99
CA ALA A 476 -77.14 1.84 -22.54
C ALA A 476 -76.00 1.41 -21.64
N VAL A 477 -75.94 0.11 -21.36
CA VAL A 477 -74.90 -0.48 -20.51
C VAL A 477 -74.23 -1.59 -21.30
N ILE A 478 -72.90 -1.71 -21.21
CA ILE A 478 -72.15 -2.78 -21.84
C ILE A 478 -71.62 -3.71 -20.75
N HIS A 479 -72.02 -4.99 -20.80
CA HIS A 479 -71.62 -5.96 -19.79
C HIS A 479 -70.52 -6.88 -20.32
N ARG A 480 -69.30 -6.37 -20.35
CA ARG A 480 -68.15 -7.21 -20.67
C ARG A 480 -67.83 -8.14 -19.50
N MET A 481 -67.32 -9.33 -19.82
CA MET A 481 -67.04 -10.34 -18.80
C MET A 481 -66.00 -11.31 -19.34
N ALA A 482 -65.11 -11.77 -18.46
CA ALA A 482 -64.04 -12.65 -18.87
C ALA A 482 -63.67 -13.61 -17.75
N THR A 483 -62.76 -14.52 -18.05
CA THR A 483 -62.30 -15.56 -17.14
C THR A 483 -60.80 -15.74 -17.36
N LEU A 484 -60.05 -15.89 -16.26
CA LEU A 484 -58.60 -15.92 -16.35
C LEU A 484 -58.06 -16.91 -15.32
N GLY A 485 -56.75 -17.14 -15.39
CA GLY A 485 -56.10 -18.02 -14.45
C GLY A 485 -54.59 -18.02 -14.59
N VAL A 486 -53.89 -18.26 -13.48
CA VAL A 486 -52.44 -18.41 -13.47
C VAL A 486 -52.10 -19.61 -12.60
N CYS A 487 -50.99 -20.27 -12.91
CA CYS A 487 -50.60 -21.47 -12.19
C CYS A 487 -49.11 -21.43 -11.87
N VAL A 488 -48.78 -21.77 -10.63
CA VAL A 488 -47.40 -21.99 -10.21
C VAL A 488 -47.34 -23.41 -9.67
N LEU A 489 -46.61 -24.28 -10.37
CA LEU A 489 -46.53 -25.68 -9.97
C LEU A 489 -45.74 -25.84 -8.68
N ASP A 490 -44.52 -25.33 -8.66
CA ASP A 490 -43.62 -25.48 -7.52
C ASP A 490 -43.24 -24.11 -6.99
N PRO A 491 -43.79 -23.65 -5.87
CA PRO A 491 -43.41 -22.35 -5.33
C PRO A 491 -42.07 -22.34 -4.62
N THR A 492 -41.48 -23.51 -4.37
CA THR A 492 -40.16 -23.60 -3.75
C THR A 492 -39.03 -23.30 -4.72
N ARG A 493 -39.32 -23.17 -6.02
CA ARG A 493 -38.32 -22.82 -7.01
C ARG A 493 -38.29 -21.31 -7.28
N THR A 494 -38.83 -20.50 -6.38
CA THR A 494 -38.83 -19.05 -6.52
C THR A 494 -38.55 -18.43 -5.17
N MET A 495 -37.43 -17.70 -5.07
CA MET A 495 -36.97 -17.10 -3.83
C MET A 495 -37.23 -15.61 -3.84
N SER A 496 -37.38 -15.03 -2.66
CA SER A 496 -37.75 -13.63 -2.51
C SER A 496 -36.96 -12.99 -1.38
N LEU A 497 -36.96 -11.66 -1.38
CA LEU A 497 -36.33 -10.89 -0.30
C LEU A 497 -37.05 -9.54 -0.27
N ILE A 498 -38.05 -9.44 0.58
CA ILE A 498 -38.96 -8.29 0.60
C ILE A 498 -38.64 -7.46 1.83
N PRO A 499 -38.67 -6.13 1.76
CA PRO A 499 -38.56 -5.32 2.98
C PRO A 499 -39.72 -5.59 3.93
N ALA A 500 -39.41 -5.53 5.23
CA ALA A 500 -40.37 -5.89 6.26
C ALA A 500 -41.47 -4.86 6.46
N ILE A 501 -41.39 -3.72 5.76
CA ILE A 501 -42.48 -2.75 5.79
C ILE A 501 -43.67 -3.28 5.01
N LEU A 502 -43.42 -4.14 4.02
CA LEU A 502 -44.46 -4.62 3.12
C LEU A 502 -45.16 -5.87 3.64
N GLN A 503 -44.74 -6.41 4.79
CA GLN A 503 -45.46 -7.52 5.41
C GLN A 503 -46.55 -7.04 6.35
N GLY A 504 -46.23 -6.12 7.25
CA GLY A 504 -47.09 -5.79 8.37
C GLY A 504 -48.38 -5.07 8.05
N ALA B 2 -88.03 -47.33 -3.16
CA ALA B 2 -86.91 -47.43 -2.23
C ALA B 2 -86.40 -48.85 -2.15
N GLY B 3 -85.26 -49.03 -1.49
CA GLY B 3 -84.71 -50.35 -1.25
C GLY B 3 -83.41 -50.58 -2.00
N LYS B 4 -82.85 -51.76 -1.78
CA LYS B 4 -81.63 -52.19 -2.44
C LYS B 4 -81.87 -53.50 -3.19
N LEU B 5 -81.31 -53.61 -4.39
CA LEU B 5 -81.46 -54.82 -5.17
C LEU B 5 -80.51 -55.92 -4.70
N GLY B 6 -79.35 -55.54 -4.17
CA GLY B 6 -78.39 -56.49 -3.65
C GLY B 6 -77.90 -56.07 -2.27
N LYS B 7 -76.91 -56.82 -1.78
CA LYS B 7 -76.31 -56.49 -0.50
C LYS B 7 -75.50 -55.19 -0.58
N PHE B 8 -74.73 -55.03 -1.65
CA PHE B 8 -73.86 -53.88 -1.81
C PHE B 8 -74.36 -53.05 -2.98
N GLN B 9 -75.31 -52.17 -2.69
CA GLN B 9 -75.80 -51.17 -3.62
C GLN B 9 -75.68 -49.82 -2.93
N MET B 10 -74.84 -48.94 -3.47
CA MET B 10 -74.54 -47.68 -2.81
C MET B 10 -75.46 -46.55 -3.24
N LEU B 11 -75.96 -46.58 -4.47
CA LEU B 11 -76.63 -45.44 -5.06
C LEU B 11 -78.12 -45.68 -5.11
N GLY B 12 -78.87 -44.99 -4.25
CA GLY B 12 -80.27 -44.84 -4.47
C GLY B 12 -80.55 -43.87 -5.59
N PHE B 13 -81.79 -43.90 -6.08
CA PHE B 13 -82.15 -43.02 -7.18
C PHE B 13 -82.33 -41.59 -6.68
N GLN B 14 -81.76 -40.64 -7.40
CA GLN B 14 -81.74 -39.25 -6.99
C GLN B 14 -82.54 -38.41 -7.98
N HIS B 15 -83.15 -37.35 -7.47
CA HIS B 15 -84.08 -36.55 -8.25
C HIS B 15 -84.16 -35.16 -7.65
N TRP B 16 -84.43 -34.17 -8.51
CA TRP B 16 -84.65 -32.81 -8.04
C TRP B 16 -85.52 -32.06 -9.04
N LYS B 17 -85.86 -30.84 -8.68
CA LYS B 17 -86.68 -29.96 -9.50
C LYS B 17 -86.10 -28.56 -9.42
N GLY B 18 -85.94 -27.91 -10.57
CA GLY B 18 -85.74 -26.48 -10.55
C GLY B 18 -84.44 -26.11 -11.20
N LEU B 19 -83.93 -24.95 -10.77
CA LEU B 19 -82.61 -24.49 -11.19
C LEU B 19 -81.55 -25.48 -10.73
N THR B 20 -80.67 -25.86 -11.65
CA THR B 20 -79.61 -26.81 -11.38
C THR B 20 -78.27 -26.11 -11.49
N SER B 21 -77.38 -26.41 -10.54
CA SER B 21 -76.06 -25.79 -10.46
C SER B 21 -74.98 -26.85 -10.58
N ASP B 22 -73.73 -26.42 -10.45
CA ASP B 22 -72.63 -27.37 -10.37
C ASP B 22 -72.54 -28.06 -9.03
N ASN B 23 -73.26 -27.56 -8.02
CA ASN B 23 -73.47 -28.35 -6.81
C ASN B 23 -74.42 -29.51 -7.07
N HIS B 24 -75.45 -29.28 -7.90
CA HIS B 24 -76.36 -30.36 -8.26
C HIS B 24 -75.67 -31.37 -9.16
N LEU B 25 -74.82 -30.91 -10.07
CA LEU B 25 -74.08 -31.78 -10.97
C LEU B 25 -72.90 -32.45 -10.30
N GLY B 26 -72.53 -32.03 -9.10
CA GLY B 26 -71.50 -32.71 -8.34
C GLY B 26 -72.12 -33.63 -7.31
N ALA B 27 -73.41 -33.47 -7.05
CA ALA B 27 -74.14 -34.35 -6.16
C ALA B 27 -74.75 -35.54 -6.89
N ILE B 28 -74.75 -35.55 -8.21
CA ILE B 28 -75.13 -36.71 -9.00
C ILE B 28 -73.94 -37.27 -9.77
N PHE B 29 -72.73 -36.93 -9.30
CA PHE B 29 -71.47 -37.54 -9.73
C PHE B 29 -71.18 -37.31 -11.21
N GLN B 30 -71.51 -36.11 -11.69
CA GLN B 30 -71.26 -35.72 -13.07
C GLN B 30 -70.26 -34.58 -13.19
N GLN B 31 -69.51 -34.29 -12.12
CA GLN B 31 -68.43 -33.33 -12.16
C GLN B 31 -67.19 -33.98 -11.58
N ALA B 32 -66.08 -33.90 -12.30
CA ALA B 32 -64.82 -34.50 -11.89
C ALA B 32 -63.69 -33.57 -12.32
N PRO B 33 -62.62 -33.49 -11.53
CA PRO B 33 -61.49 -32.67 -11.93
C PRO B 33 -60.72 -33.27 -13.09
N GLN B 34 -60.12 -32.39 -13.91
CA GLN B 34 -59.34 -32.86 -15.03
C GLN B 34 -58.00 -33.39 -14.56
N LYS B 35 -57.31 -34.11 -15.45
CA LYS B 35 -56.10 -34.81 -15.06
C LYS B 35 -54.85 -33.97 -15.27
N ALA B 36 -54.78 -33.23 -16.38
CA ALA B 36 -53.67 -32.35 -16.75
C ALA B 36 -52.31 -33.06 -16.68
N THR B 37 -52.19 -34.08 -17.53
CA THR B 37 -51.10 -35.03 -17.42
C THR B 37 -49.75 -34.48 -17.90
N ASN B 38 -49.75 -33.35 -18.61
CA ASN B 38 -48.47 -32.76 -19.00
C ASN B 38 -47.82 -31.98 -17.87
N LEU B 39 -48.57 -31.61 -16.85
CA LEU B 39 -48.02 -30.96 -15.68
C LEU B 39 -47.50 -32.02 -14.72
N MET B 40 -46.25 -31.88 -14.30
CA MET B 40 -45.66 -32.80 -13.34
C MET B 40 -44.65 -32.04 -12.51
N VAL B 41 -44.63 -32.32 -11.21
CA VAL B 41 -43.67 -31.72 -10.30
C VAL B 41 -42.75 -32.82 -9.80
N GLN B 42 -41.47 -32.71 -10.12
CA GLN B 42 -40.43 -33.45 -9.43
C GLN B 42 -39.85 -32.52 -8.37
N LEU B 43 -39.80 -33.01 -7.14
CA LEU B 43 -39.29 -32.19 -6.05
C LEU B 43 -37.79 -31.99 -6.21
N LEU B 44 -37.37 -30.73 -6.18
CA LEU B 44 -35.96 -30.39 -6.37
C LEU B 44 -35.16 -30.77 -5.13
N ALA B 45 -34.00 -31.37 -5.36
CA ALA B 45 -33.01 -31.69 -4.34
C ALA B 45 -31.72 -32.02 -5.07
N PHE B 46 -30.60 -31.81 -4.39
CA PHE B 46 -29.32 -32.29 -4.89
C PHE B 46 -29.17 -33.71 -4.37
N TYR B 47 -29.58 -34.67 -5.19
CA TYR B 47 -29.75 -36.04 -4.75
C TYR B 47 -28.39 -36.72 -4.67
N ARG B 48 -28.03 -37.15 -3.46
CA ARG B 48 -26.72 -37.72 -3.18
C ARG B 48 -26.80 -39.21 -2.87
N GLY B 49 -27.87 -39.89 -3.29
CA GLY B 49 -27.97 -41.32 -3.05
C GLY B 49 -27.05 -42.13 -3.93
N LYS B 50 -26.77 -41.64 -5.14
CA LYS B 50 -25.87 -42.30 -6.05
C LYS B 50 -24.40 -41.96 -5.78
N SER B 51 -24.13 -41.13 -4.78
CA SER B 51 -22.75 -40.74 -4.53
C SER B 51 -21.95 -41.78 -3.77
N LEU B 52 -22.59 -42.83 -3.26
CA LEU B 52 -21.84 -43.85 -2.54
C LEU B 52 -21.08 -44.77 -3.49
N ASP B 53 -21.70 -45.22 -4.59
CA ASP B 53 -20.97 -46.12 -5.48
C ASP B 53 -19.91 -45.36 -6.29
N THR B 54 -20.16 -44.08 -6.58
CA THR B 54 -19.15 -43.27 -7.24
C THR B 54 -17.93 -43.05 -6.35
N PHE B 55 -18.11 -43.13 -5.03
CA PHE B 55 -16.96 -43.22 -4.14
C PHE B 55 -16.30 -44.59 -4.26
N LEU B 56 -17.10 -45.65 -4.26
CA LEU B 56 -16.57 -47.01 -4.28
C LEU B 56 -16.02 -47.41 -5.64
N ASN B 57 -16.33 -46.67 -6.70
CA ASN B 57 -15.82 -46.99 -8.03
C ASN B 57 -14.49 -46.32 -8.33
N SER B 58 -13.97 -45.54 -7.40
CA SER B 58 -12.60 -45.03 -7.50
C SER B 58 -11.57 -46.03 -6.99
N PHE B 59 -12.01 -47.12 -6.39
CA PHE B 59 -11.14 -48.18 -5.92
C PHE B 59 -11.25 -49.37 -6.85
N PRO B 60 -10.13 -49.94 -7.28
CA PRO B 60 -10.20 -51.08 -8.21
C PRO B 60 -10.65 -52.36 -7.50
N THR B 61 -10.84 -53.39 -8.30
CA THR B 61 -11.20 -54.70 -7.80
C THR B 61 -10.04 -55.66 -8.03
N ARG B 62 -9.69 -56.42 -6.99
CA ARG B 62 -8.70 -57.47 -7.09
C ARG B 62 -9.40 -58.79 -6.81
N GLU B 63 -9.09 -59.80 -7.61
CA GLU B 63 -9.94 -60.98 -7.74
C GLU B 63 -9.24 -62.18 -7.12
N PHE B 64 -9.96 -62.90 -6.25
CA PHE B 64 -9.43 -64.02 -5.49
C PHE B 64 -10.07 -65.34 -5.93
N GLU B 65 -9.46 -66.44 -5.51
CA GLU B 65 -9.96 -67.75 -5.89
C GLU B 65 -10.94 -68.34 -4.89
N ASP B 66 -10.77 -68.09 -3.59
CA ASP B 66 -11.63 -68.68 -2.58
C ASP B 66 -11.86 -67.68 -1.46
N ASP B 67 -12.81 -68.02 -0.58
CA ASP B 67 -13.10 -67.21 0.60
C ASP B 67 -12.29 -67.71 1.81
N ASN B 68 -10.97 -67.69 1.62
CA ASN B 68 -10.03 -68.01 2.67
C ASN B 68 -9.39 -66.72 3.15
N GLU B 69 -8.90 -66.74 4.39
CA GLU B 69 -8.12 -65.61 4.88
C GLU B 69 -6.84 -65.52 4.09
N TYR B 70 -6.41 -64.30 3.80
CA TYR B 70 -5.20 -64.11 3.02
C TYR B 70 -4.25 -63.21 3.79
N TYR B 71 -2.96 -63.36 3.51
CA TYR B 71 -1.94 -62.63 4.24
C TYR B 71 -0.90 -62.14 3.25
N TRP B 72 -0.13 -61.14 3.69
CA TRP B 72 0.91 -60.55 2.87
C TRP B 72 2.06 -60.13 3.78
N ASP B 73 3.12 -59.64 3.17
CA ASP B 73 4.33 -59.28 3.89
C ASP B 73 4.41 -57.77 4.07
N VAL B 74 4.61 -57.33 5.31
CA VAL B 74 4.89 -55.94 5.62
C VAL B 74 6.38 -55.82 5.93
N ILE B 75 7.08 -54.98 5.17
CA ILE B 75 8.53 -54.84 5.26
C ILE B 75 8.83 -53.46 5.82
N GLY B 76 9.86 -53.37 6.66
CA GLY B 76 10.09 -52.15 7.42
C GLY B 76 11.45 -51.50 7.28
N SER B 77 12.10 -51.18 8.40
CA SER B 77 13.34 -50.42 8.39
C SER B 77 14.33 -51.05 9.36
N SER B 78 15.55 -50.50 9.38
CA SER B 78 16.63 -51.15 10.10
C SER B 78 17.54 -50.27 10.96
N ARG B 79 17.52 -48.95 10.82
CA ARG B 79 18.53 -48.12 11.46
C ARG B 79 18.11 -47.73 12.87
N ARG B 80 18.65 -48.41 13.87
CA ARG B 80 18.21 -48.29 15.24
C ARG B 80 19.21 -47.55 16.11
N ASN B 81 18.78 -47.24 17.33
CA ASN B 81 19.67 -46.96 18.44
C ASN B 81 19.03 -47.53 19.70
N ILE B 82 19.81 -47.63 20.77
CA ILE B 82 19.44 -48.36 21.97
C ILE B 82 19.37 -47.37 23.13
N PRO B 83 18.31 -47.38 23.92
CA PRO B 83 18.26 -46.50 25.10
C PRO B 83 19.17 -47.02 26.20
N LEU B 84 19.44 -46.15 27.17
CA LEU B 84 20.22 -46.52 28.33
C LEU B 84 19.29 -46.93 29.48
N VAL B 85 19.76 -47.88 30.28
CA VAL B 85 19.02 -48.31 31.47
C VAL B 85 19.57 -47.55 32.67
N GLU B 86 20.86 -47.75 32.95
CA GLU B 86 21.54 -47.08 34.05
C GLU B 86 23.03 -47.13 33.77
N ALA B 87 23.76 -46.23 34.42
CA ALA B 87 25.21 -46.18 34.29
C ALA B 87 25.85 -46.38 35.66
N ARG B 88 26.94 -47.13 35.69
CA ARG B 88 27.67 -47.40 36.92
C ARG B 88 29.14 -47.04 36.75
N ASP B 89 29.75 -46.53 37.81
CA ASP B 89 31.19 -46.29 37.81
C ASP B 89 31.94 -47.60 38.05
N GLU B 90 33.27 -47.52 38.24
CA GLU B 90 34.10 -48.71 38.18
C GLU B 90 33.97 -49.60 39.41
N ASN B 91 33.52 -49.06 40.55
CA ASN B 91 33.22 -49.88 41.70
C ASN B 91 31.75 -50.28 41.79
N GLY B 92 30.97 -49.99 40.76
CA GLY B 92 29.63 -50.54 40.62
C GLY B 92 28.48 -49.68 41.12
N VAL B 93 28.75 -48.46 41.58
CA VAL B 93 27.70 -47.61 42.13
C VAL B 93 26.95 -46.96 40.98
N VAL B 94 25.61 -47.01 41.04
CA VAL B 94 24.78 -46.45 39.96
C VAL B 94 24.92 -44.93 39.95
N VAL B 95 25.13 -44.38 38.75
CA VAL B 95 25.42 -42.96 38.60
C VAL B 95 24.11 -42.19 38.68
N ALA B 96 23.89 -41.48 39.78
CA ALA B 96 22.74 -40.62 39.93
C ALA B 96 22.91 -39.35 39.12
N ALA B 97 21.83 -38.59 38.99
CA ALA B 97 21.86 -37.36 38.19
C ALA B 97 22.68 -36.27 38.86
N ASN B 98 22.73 -36.26 40.18
CA ASN B 98 23.50 -35.25 40.91
C ASN B 98 24.94 -35.65 41.16
N ALA B 99 25.42 -36.71 40.50
CA ALA B 99 26.76 -37.22 40.75
C ALA B 99 27.80 -36.36 40.05
N ALA B 100 29.06 -36.66 40.33
CA ALA B 100 30.18 -35.99 39.69
C ALA B 100 30.47 -36.64 38.33
N ASN B 101 31.59 -36.26 37.73
CA ASN B 101 31.96 -36.81 36.44
C ASN B 101 32.43 -38.26 36.57
N VAL B 102 32.20 -39.04 35.52
CA VAL B 102 32.28 -40.49 35.62
C VAL B 102 33.53 -41.06 34.95
N GLY B 103 34.06 -40.42 33.91
CA GLY B 103 35.17 -41.01 33.18
C GLY B 103 36.46 -40.24 33.25
N VAL B 104 36.80 -39.75 34.45
CA VAL B 104 37.95 -38.87 34.62
C VAL B 104 39.25 -39.64 34.40
N GLY B 105 40.10 -39.11 33.53
CA GLY B 105 41.37 -39.75 33.21
C GLY B 105 41.25 -41.05 32.46
N THR B 106 40.24 -41.17 31.58
CA THR B 106 39.87 -42.41 30.87
C THR B 106 39.68 -43.58 31.83
N SER B 107 39.03 -43.30 32.95
CA SER B 107 38.68 -44.36 33.89
C SER B 107 37.55 -45.20 33.33
N PRO B 108 37.55 -46.51 33.58
CA PRO B 108 36.44 -47.35 33.11
C PRO B 108 35.19 -47.11 33.93
N PHE B 109 34.05 -47.35 33.29
CA PHE B 109 32.75 -47.29 33.92
C PHE B 109 31.80 -48.11 33.05
N TYR B 110 30.56 -48.23 33.49
CA TYR B 110 29.65 -49.22 32.94
C TYR B 110 28.38 -48.57 32.40
N LEU B 111 27.86 -49.13 31.32
CA LEU B 111 26.58 -48.75 30.75
C LEU B 111 25.73 -50.00 30.59
N VAL B 112 24.55 -49.98 31.21
CA VAL B 112 23.59 -51.09 31.09
C VAL B 112 22.57 -50.74 30.02
N PHE B 113 22.31 -51.69 29.13
CA PHE B 113 21.42 -51.55 28.00
C PHE B 113 20.38 -52.66 28.05
N PRO B 114 19.20 -52.45 27.48
CA PRO B 114 18.17 -53.50 27.54
C PRO B 114 18.45 -54.70 26.64
N GLU B 115 19.47 -54.65 25.79
CA GLU B 115 19.77 -55.76 24.90
C GLU B 115 21.23 -55.70 24.49
N ASP B 116 21.73 -56.84 24.02
CA ASP B 116 23.11 -56.97 23.58
C ASP B 116 23.17 -56.62 22.09
N TRP B 117 23.28 -55.32 21.80
CA TRP B 117 23.36 -54.83 20.44
C TRP B 117 24.77 -54.40 20.07
N PHE B 118 25.62 -54.17 21.04
CA PHE B 118 26.95 -53.60 20.82
C PHE B 118 28.01 -54.68 20.94
N ALA B 119 29.23 -54.31 20.55
CA ALA B 119 30.29 -55.27 20.34
C ALA B 119 31.49 -54.88 21.20
N ASP B 120 32.64 -55.50 20.92
CA ASP B 120 33.80 -55.45 21.79
C ASP B 120 34.48 -54.09 21.81
N GLY B 121 34.97 -53.63 20.67
CA GLY B 121 35.77 -52.42 20.60
C GLY B 121 35.10 -51.19 20.05
N GLU B 122 33.78 -51.19 19.90
CA GLU B 122 33.10 -50.13 19.18
C GLU B 122 33.03 -48.84 19.99
N VAL B 123 33.13 -47.71 19.29
CA VAL B 123 32.85 -46.40 19.85
C VAL B 123 31.37 -46.13 19.71
N ILE B 124 30.70 -45.87 20.83
CA ILE B 124 29.29 -45.53 20.83
C ILE B 124 29.13 -44.14 21.43
N VAL B 125 28.10 -43.43 21.00
CA VAL B 125 27.88 -42.05 21.39
C VAL B 125 26.45 -41.88 21.89
N GLY B 126 26.28 -41.00 22.85
CA GLY B 126 24.99 -40.74 23.46
C GLY B 126 24.15 -39.76 22.68
N ASN B 127 23.38 -38.96 23.41
CA ASN B 127 22.61 -37.88 22.79
C ASN B 127 23.54 -36.86 22.15
N LEU B 128 24.54 -36.40 22.90
CA LEU B 128 25.58 -35.54 22.35
C LEU B 128 26.54 -36.44 21.60
N ASN B 129 26.36 -36.54 20.28
CA ASN B 129 27.27 -37.33 19.47
C ASN B 129 28.61 -36.61 19.37
N GLN B 130 29.69 -37.39 19.47
CA GLN B 130 31.10 -37.08 19.23
C GLN B 130 31.67 -36.11 20.26
N VAL B 131 30.85 -35.62 21.18
CA VAL B 131 31.36 -34.79 22.27
C VAL B 131 31.91 -35.67 23.38
N TYR B 132 31.16 -36.71 23.76
CA TYR B 132 31.64 -37.75 24.66
C TYR B 132 31.54 -39.08 23.93
N PRO B 133 32.62 -39.53 23.26
CA PRO B 133 32.58 -40.85 22.63
C PRO B 133 33.05 -41.96 23.58
N PHE B 134 32.24 -43.02 23.71
CA PHE B 134 32.51 -44.11 24.63
C PHE B 134 32.98 -45.33 23.85
N ARG B 135 34.21 -45.76 24.09
CA ARG B 135 34.75 -46.97 23.46
C ARG B 135 34.60 -48.13 24.42
N ILE B 136 33.91 -49.18 23.97
CA ILE B 136 33.64 -50.35 24.80
C ILE B 136 34.93 -51.16 25.00
N LEU B 137 35.06 -51.75 26.18
CA LEU B 137 36.23 -52.53 26.59
C LEU B 137 35.73 -53.91 27.00
N GLY B 138 35.80 -54.87 26.09
CA GLY B 138 35.40 -56.22 26.42
C GLY B 138 33.94 -56.48 26.06
N ASP B 139 33.60 -57.77 26.00
CA ASP B 139 32.24 -58.18 25.69
C ASP B 139 31.30 -57.87 26.85
N ALA B 140 30.01 -58.04 26.59
CA ALA B 140 29.00 -57.76 27.60
C ALA B 140 28.94 -58.85 28.65
N ARG B 141 28.73 -58.46 29.89
CA ARG B 141 28.36 -59.39 30.94
C ARG B 141 26.84 -59.35 31.08
N MET B 142 26.19 -60.45 30.74
CA MET B 142 24.73 -60.48 30.59
C MET B 142 24.10 -60.62 31.97
N GLU B 143 23.52 -59.52 32.47
CA GLU B 143 22.78 -59.54 33.73
C GLU B 143 21.32 -59.83 33.41
N GLY B 144 21.05 -61.08 33.02
CA GLY B 144 19.74 -61.39 32.50
C GLY B 144 19.60 -60.88 31.08
N THR B 145 18.50 -60.19 30.81
CA THR B 145 18.31 -59.49 29.54
C THR B 145 18.81 -58.05 29.66
N ASN B 146 20.09 -57.92 30.02
CA ASN B 146 20.68 -56.61 30.29
C ASN B 146 22.19 -56.72 30.06
N ALA B 147 22.66 -56.12 28.98
CA ALA B 147 24.08 -56.16 28.63
C ALA B 147 24.79 -54.97 29.24
N VAL B 148 25.70 -55.23 30.18
CA VAL B 148 26.49 -54.18 30.84
C VAL B 148 27.86 -54.14 30.18
N TYR B 149 28.18 -53.02 29.54
CA TYR B 149 29.43 -52.85 28.82
C TYR B 149 30.36 -51.95 29.64
N LYS B 150 31.60 -52.42 29.85
CA LYS B 150 32.63 -51.58 30.43
C LYS B 150 33.19 -50.67 29.33
N VAL B 151 33.03 -49.35 29.51
CA VAL B 151 33.38 -48.42 28.44
C VAL B 151 34.47 -47.46 28.90
N GLU B 152 34.84 -46.54 28.02
CA GLU B 152 35.92 -45.58 28.26
C GLU B 152 35.44 -44.22 27.73
N LEU B 153 36.36 -43.28 27.55
CA LEU B 153 36.02 -42.00 26.95
C LEU B 153 37.16 -41.58 26.02
N MET B 154 36.90 -41.60 24.73
CA MET B 154 37.89 -41.24 23.73
C MET B 154 37.81 -39.73 23.45
N GLY B 155 38.48 -39.30 22.39
CA GLY B 155 38.46 -37.91 21.99
C GLY B 155 39.43 -37.01 22.72
N GLY B 156 40.27 -37.57 23.58
CA GLY B 156 41.16 -36.77 24.41
C GLY B 156 40.53 -36.30 25.69
N ASN B 157 39.40 -36.87 26.08
CA ASN B 157 38.64 -36.38 27.22
C ASN B 157 39.36 -36.71 28.52
N THR B 158 39.60 -35.70 29.33
CA THR B 158 40.35 -35.79 30.56
C THR B 158 39.48 -35.72 31.79
N GLN B 159 38.49 -34.83 31.81
CA GLN B 159 37.69 -34.57 32.99
C GLN B 159 36.35 -35.29 33.00
N GLY B 160 36.15 -36.24 32.10
CA GLY B 160 35.03 -37.15 32.23
C GLY B 160 33.80 -36.71 31.47
N VAL B 161 32.71 -37.44 31.74
CA VAL B 161 31.39 -37.17 31.18
C VAL B 161 30.51 -36.75 32.34
N PRO B 162 29.65 -35.73 32.17
CA PRO B 162 28.73 -35.36 33.25
C PRO B 162 27.71 -36.45 33.54
N ALA B 163 27.18 -36.41 34.75
CA ALA B 163 26.30 -37.47 35.23
C ALA B 163 24.90 -37.39 34.64
N GLU B 164 24.46 -36.20 34.20
CA GLU B 164 23.15 -36.07 33.58
C GLU B 164 23.14 -36.50 32.12
N ARG B 165 24.30 -36.81 31.55
CA ARG B 165 24.40 -37.40 30.23
C ARG B 165 24.36 -38.92 30.25
N LEU B 166 24.11 -39.52 31.40
CA LEU B 166 24.14 -40.96 31.59
C LEU B 166 22.91 -41.44 32.34
N GLN B 167 21.74 -40.97 31.92
CA GLN B 167 20.50 -41.28 32.61
C GLN B 167 19.64 -42.23 31.78
N GLN B 168 18.55 -42.66 32.39
CA GLN B 168 17.65 -43.60 31.72
C GLN B 168 16.89 -42.91 30.61
N GLY B 169 16.92 -43.51 29.42
CA GLY B 169 16.33 -42.94 28.24
C GLY B 169 17.32 -42.31 27.28
N GLU B 170 18.56 -42.12 27.71
CA GLU B 170 19.63 -41.68 26.84
C GLU B 170 19.88 -42.72 25.74
N ARG B 171 19.87 -42.28 24.50
CA ARG B 171 19.97 -43.19 23.36
C ARG B 171 21.40 -43.28 22.88
N PHE B 172 21.82 -44.49 22.54
CA PHE B 172 23.19 -44.76 22.12
C PHE B 172 23.19 -45.45 20.77
N SER B 173 24.05 -44.97 19.86
CA SER B 173 24.20 -45.54 18.54
C SER B 173 25.68 -45.80 18.27
N ILE B 174 25.95 -46.60 17.24
CA ILE B 174 27.29 -47.10 16.96
C ILE B 174 27.98 -46.15 15.99
N GLU B 175 29.19 -45.70 16.35
CA GLU B 175 30.00 -44.92 15.40
C GLU B 175 30.88 -45.84 14.56
N PHE B 176 31.87 -46.47 15.19
CA PHE B 176 32.87 -47.30 14.52
C PHE B 176 33.69 -47.99 15.60
N ALA B 177 34.67 -48.78 15.17
CA ALA B 177 35.50 -49.56 16.09
C ALA B 177 36.97 -49.33 15.78
N PRO B 178 37.60 -48.36 16.44
CA PRO B 178 38.99 -48.05 16.14
C PRO B 178 39.95 -48.97 16.87
N VAL B 179 41.02 -49.37 16.17
CA VAL B 179 42.00 -50.27 16.74
C VAL B 179 43.38 -49.64 16.68
N GLU B 180 44.26 -50.20 17.50
CA GLU B 180 45.68 -49.90 17.50
C GLU B 180 46.32 -50.37 16.20
N LYS B 181 47.51 -49.85 15.95
CA LYS B 181 48.21 -50.17 14.70
C LYS B 181 49.03 -51.45 14.84
N GLU B 182 49.56 -51.71 16.03
CA GLU B 182 50.43 -52.86 16.25
C GLU B 182 49.74 -53.85 17.19
N LEU B 183 49.63 -55.10 16.72
CA LEU B 183 49.06 -56.24 17.46
C LEU B 183 47.62 -55.98 17.91
N SER B 184 46.80 -55.53 16.97
CA SER B 184 45.39 -55.33 17.27
C SER B 184 44.65 -56.67 17.28
N ARG B 185 43.62 -56.76 18.12
CA ARG B 185 42.81 -57.96 18.23
C ARG B 185 41.37 -57.62 17.85
N LYS B 186 40.63 -58.66 17.45
CA LYS B 186 39.38 -58.49 16.71
C LYS B 186 38.29 -57.81 17.53
N VAL B 187 37.58 -56.88 16.88
CA VAL B 187 36.54 -56.05 17.49
C VAL B 187 35.38 -55.95 16.50
N GLY B 188 34.27 -55.39 16.98
CA GLY B 188 33.13 -55.12 16.11
C GLY B 188 32.30 -56.35 15.77
N ASP B 189 31.06 -56.15 15.35
CA ASP B 189 30.19 -57.29 15.05
C ASP B 189 29.13 -56.85 14.06
N VAL B 190 28.25 -57.78 13.70
CA VAL B 190 27.37 -57.68 12.54
C VAL B 190 25.96 -58.09 12.94
N ARG B 191 24.96 -57.32 12.48
CA ARG B 191 23.60 -57.34 13.02
C ARG B 191 22.60 -57.64 11.92
N PHE B 192 21.47 -58.25 12.30
CA PHE B 192 20.46 -58.71 11.35
C PHE B 192 19.07 -58.27 11.82
N THR B 193 18.13 -58.23 10.87
CA THR B 193 16.74 -57.87 11.13
C THR B 193 15.82 -58.81 10.37
N SER B 194 14.50 -58.67 10.60
CA SER B 194 13.51 -59.58 10.06
C SER B 194 12.17 -58.87 9.97
N PRO B 195 11.33 -59.20 8.95
CA PRO B 195 10.04 -58.50 8.77
C PRO B 195 8.85 -59.10 9.50
N VAL B 196 7.66 -58.54 9.21
CA VAL B 196 6.38 -58.94 9.79
C VAL B 196 5.36 -59.27 8.70
N SER B 197 4.12 -59.51 9.10
CA SER B 197 3.04 -59.87 8.18
C SER B 197 1.72 -59.34 8.70
N MET B 198 0.74 -59.22 7.81
CA MET B 198 -0.62 -58.80 8.15
C MET B 198 -1.62 -59.65 7.38
N ARG B 199 -2.92 -59.43 7.64
CA ARG B 199 -3.92 -60.46 7.36
C ARG B 199 -5.27 -59.80 7.09
N ASN B 200 -6.15 -60.53 6.38
CA ASN B 200 -7.49 -60.03 6.08
C ASN B 200 -8.46 -61.20 5.87
N GLU B 201 -9.76 -60.88 5.85
CA GLU B 201 -10.83 -61.88 5.79
C GLU B 201 -11.95 -61.33 4.90
N TRP B 202 -13.12 -62.00 4.94
CA TRP B 202 -14.25 -61.73 4.04
C TRP B 202 -15.53 -61.48 4.83
N THR B 203 -16.61 -61.23 4.10
CA THR B 203 -17.93 -60.93 4.63
C THR B 203 -19.01 -61.49 3.71
N THR B 204 -20.04 -62.11 4.29
CA THR B 204 -21.16 -62.68 3.55
C THR B 204 -22.46 -61.98 3.95
N ILE B 205 -23.29 -61.63 2.97
CA ILE B 205 -24.60 -61.06 3.23
C ILE B 205 -25.68 -61.94 2.62
N ARG B 206 -26.95 -61.56 2.82
CA ARG B 206 -28.11 -62.35 2.41
C ARG B 206 -29.34 -61.46 2.47
N ILE B 207 -30.28 -61.68 1.55
CA ILE B 207 -31.55 -60.97 1.54
C ILE B 207 -32.67 -61.95 1.23
N GLN B 208 -33.90 -61.57 1.56
CA GLN B 208 -35.09 -62.32 1.19
C GLN B 208 -36.25 -61.37 0.97
N HIS B 209 -37.28 -61.85 0.28
CA HIS B 209 -38.57 -61.18 0.22
C HIS B 209 -39.64 -62.22 -0.04
N LYS B 210 -40.72 -62.18 0.74
CA LYS B 210 -41.82 -63.11 0.63
C LYS B 210 -43.00 -62.44 -0.05
N VAL B 211 -43.58 -63.11 -1.03
CA VAL B 211 -44.67 -62.58 -1.84
C VAL B 211 -45.79 -63.61 -1.87
N ALA B 212 -47.02 -63.16 -1.59
CA ALA B 212 -48.19 -64.03 -1.64
C ALA B 212 -48.44 -64.50 -3.07
N GLY B 213 -49.11 -65.66 -3.18
CA GLY B 213 -49.20 -66.33 -4.46
C GLY B 213 -50.12 -65.68 -5.47
N ASN B 214 -51.05 -64.85 -5.03
CA ASN B 214 -52.02 -64.26 -5.94
C ASN B 214 -51.50 -62.99 -6.61
N LYS B 215 -50.22 -62.67 -6.47
CA LYS B 215 -49.58 -61.59 -7.22
C LYS B 215 -48.93 -62.08 -8.51
N LEU B 216 -49.43 -63.17 -9.09
CA LEU B 216 -48.81 -63.76 -10.28
C LEU B 216 -48.93 -62.83 -11.48
N ASN B 217 -50.15 -62.36 -11.77
CA ASN B 217 -50.37 -61.27 -12.71
C ASN B 217 -51.29 -60.27 -12.00
N LYS B 218 -50.68 -59.38 -11.21
CA LYS B 218 -51.42 -58.45 -10.37
C LYS B 218 -51.41 -57.08 -11.06
N LYS B 219 -52.46 -56.79 -11.83
CA LYS B 219 -52.56 -55.52 -12.51
C LYS B 219 -52.91 -54.43 -11.52
N LEU B 220 -52.20 -53.31 -11.60
CA LEU B 220 -52.39 -52.19 -10.69
C LEU B 220 -53.27 -51.14 -11.36
N ALA B 221 -54.40 -50.82 -10.73
CA ALA B 221 -55.25 -49.73 -11.20
C ALA B 221 -54.66 -48.43 -10.70
N MET B 222 -54.14 -47.62 -11.61
CA MET B 222 -53.41 -46.42 -11.23
C MET B 222 -54.34 -45.30 -10.78
N GLY B 223 -54.74 -45.32 -9.51
CA GLY B 223 -55.42 -44.16 -8.95
C GLY B 223 -54.44 -43.02 -8.72
N ILE B 224 -53.34 -43.31 -8.06
CA ILE B 224 -52.16 -42.44 -8.04
C ILE B 224 -51.08 -43.18 -8.82
N PRO B 225 -50.15 -42.47 -9.47
CA PRO B 225 -49.17 -43.16 -10.30
C PRO B 225 -48.16 -43.94 -9.47
N MET B 226 -47.69 -45.04 -10.04
CA MET B 226 -46.74 -45.90 -9.38
C MET B 226 -45.33 -45.41 -9.68
N VAL B 227 -44.42 -45.63 -8.74
CA VAL B 227 -43.07 -45.13 -8.85
C VAL B 227 -42.05 -46.24 -8.62
N ARG B 228 -40.79 -45.89 -8.83
CA ARG B 228 -39.65 -46.71 -8.50
C ARG B 228 -38.63 -45.83 -7.80
N ASN B 229 -38.21 -46.24 -6.60
CA ASN B 229 -37.09 -45.57 -5.94
C ASN B 229 -35.82 -45.83 -6.74
N LEU B 230 -35.15 -44.77 -7.17
CA LEU B 230 -33.90 -44.93 -7.87
C LEU B 230 -32.77 -45.10 -6.86
N GLU B 231 -31.54 -45.25 -7.35
CA GLU B 231 -30.41 -45.23 -6.44
C GLU B 231 -30.15 -43.82 -5.94
N SER B 232 -30.50 -42.81 -6.73
CA SER B 232 -30.28 -41.41 -6.38
C SER B 232 -31.15 -40.96 -5.22
N GLY B 233 -32.21 -41.69 -4.90
CA GLY B 233 -33.20 -41.24 -3.96
C GLY B 233 -34.40 -40.60 -4.58
N LYS B 234 -34.52 -40.64 -5.91
CA LYS B 234 -35.64 -40.08 -6.62
C LYS B 234 -36.67 -41.16 -6.85
N GLN B 235 -37.92 -40.88 -6.53
CA GLN B 235 -39.00 -41.61 -7.18
C GLN B 235 -39.06 -41.17 -8.63
N VAL B 236 -39.29 -42.12 -9.52
CA VAL B 236 -39.48 -41.84 -10.93
C VAL B 236 -40.80 -42.50 -11.35
N LYS B 237 -41.63 -41.75 -12.06
CA LYS B 237 -42.97 -42.24 -12.37
C LYS B 237 -42.89 -43.35 -13.41
N ASP B 238 -43.55 -44.47 -13.12
CA ASP B 238 -43.42 -45.66 -13.94
C ASP B 238 -44.81 -46.10 -14.39
N THR B 239 -44.87 -46.64 -15.61
CA THR B 239 -46.14 -46.95 -16.26
C THR B 239 -46.46 -48.44 -16.27
N ALA B 240 -45.55 -49.30 -15.80
CA ALA B 240 -45.83 -50.73 -15.77
C ALA B 240 -46.89 -51.05 -14.74
N ASN B 241 -47.92 -51.76 -15.17
CA ASN B 241 -49.08 -52.00 -14.32
C ASN B 241 -49.00 -53.32 -13.54
N MET B 242 -47.95 -54.11 -13.74
CA MET B 242 -47.77 -55.34 -12.97
C MET B 242 -47.02 -55.03 -11.69
N TRP B 243 -47.45 -55.67 -10.60
CA TRP B 243 -46.82 -55.39 -9.30
C TRP B 243 -45.45 -56.05 -9.20
N MET B 244 -45.21 -57.13 -9.94
CA MET B 244 -43.93 -57.82 -9.89
C MET B 244 -42.82 -57.06 -10.60
N HIS B 245 -43.15 -56.01 -11.35
CA HIS B 245 -42.11 -55.15 -11.91
C HIS B 245 -41.45 -54.33 -10.81
N TYR B 246 -42.22 -53.91 -9.80
CA TYR B 246 -41.72 -53.08 -8.72
C TYR B 246 -41.12 -53.89 -7.59
N VAL B 247 -41.55 -55.13 -7.42
CA VAL B 247 -40.93 -56.00 -6.43
C VAL B 247 -39.55 -56.44 -6.91
N ASP B 248 -39.43 -56.77 -8.19
CA ASP B 248 -38.13 -57.20 -8.72
C ASP B 248 -37.13 -56.05 -8.80
N TRP B 249 -37.63 -54.81 -8.89
CA TRP B 249 -36.74 -53.66 -8.86
C TRP B 249 -36.21 -53.42 -7.45
N GLU B 250 -37.03 -53.68 -6.44
CA GLU B 250 -36.62 -53.38 -5.07
C GLU B 250 -35.65 -54.42 -4.52
N VAL B 251 -35.84 -55.69 -4.89
CA VAL B 251 -34.97 -56.73 -4.36
C VAL B 251 -33.57 -56.66 -4.96
N GLU B 252 -33.42 -56.06 -6.14
CA GLU B 252 -32.08 -55.84 -6.67
C GLU B 252 -31.51 -54.52 -6.16
N LEU B 253 -32.38 -53.56 -5.83
CA LEU B 253 -31.91 -52.28 -5.32
C LEU B 253 -31.48 -52.38 -3.86
N GLN B 254 -32.29 -53.03 -3.03
CA GLN B 254 -31.93 -53.18 -1.61
C GLN B 254 -30.73 -54.09 -1.42
N PHE B 255 -30.59 -55.11 -2.27
CA PHE B 255 -29.39 -55.94 -2.25
C PHE B 255 -28.18 -55.20 -2.79
N ASP B 256 -28.39 -54.17 -3.61
CA ASP B 256 -27.26 -53.37 -4.07
C ASP B 256 -26.76 -52.45 -2.98
N GLU B 257 -27.66 -51.90 -2.16
CA GLU B 257 -27.23 -51.04 -1.06
C GLU B 257 -26.60 -51.87 0.06
N TYR B 258 -26.96 -53.15 0.19
CA TYR B 258 -26.32 -54.00 1.18
C TYR B 258 -24.85 -54.23 0.83
N LYS B 259 -24.54 -54.36 -0.46
CA LYS B 259 -23.17 -54.62 -0.88
C LYS B 259 -22.30 -53.37 -0.70
N ASN B 260 -22.88 -52.19 -0.93
CA ASN B 260 -22.08 -50.97 -0.83
C ASN B 260 -21.94 -50.48 0.59
N ASN B 261 -22.95 -50.69 1.43
CA ASN B 261 -22.84 -50.31 2.84
C ASN B 261 -21.92 -51.23 3.61
N ALA B 262 -21.69 -52.44 3.12
CA ALA B 262 -20.76 -53.36 3.77
C ALA B 262 -19.32 -53.12 3.35
N MET B 263 -19.12 -52.60 2.14
CA MET B 263 -17.78 -52.35 1.64
C MET B 263 -17.16 -51.10 2.22
N ALA B 264 -17.96 -50.17 2.73
CA ALA B 264 -17.46 -48.96 3.34
C ALA B 264 -17.69 -48.94 4.84
N TRP B 265 -18.92 -49.12 5.27
CA TRP B 265 -19.29 -49.04 6.68
C TRP B 265 -19.39 -50.44 7.30
N GLY B 266 -18.32 -51.20 7.17
CA GLY B 266 -18.25 -52.54 7.74
C GLY B 266 -17.36 -52.53 8.96
N THR B 267 -17.74 -53.33 9.96
CA THR B 267 -17.06 -53.34 11.25
C THR B 267 -16.77 -54.78 11.67
N SER B 268 -15.52 -55.06 12.01
CA SER B 268 -15.11 -56.41 12.38
C SER B 268 -15.55 -56.74 13.79
N ASN B 269 -15.94 -57.99 14.01
CA ASN B 269 -16.45 -58.44 15.30
C ASN B 269 -15.61 -59.57 15.88
N ARG B 270 -14.32 -59.58 15.60
CA ARG B 270 -13.45 -60.64 16.10
C ARG B 270 -12.60 -60.11 17.25
N ASN B 271 -12.34 -60.98 18.22
CA ASN B 271 -11.51 -60.66 19.37
C ASN B 271 -10.04 -60.62 18.98
N LEU B 272 -9.20 -60.22 19.94
CA LEU B 272 -7.76 -60.36 19.79
C LEU B 272 -7.28 -61.77 20.11
N ASN B 273 -8.16 -62.62 20.65
CA ASN B 273 -7.89 -64.04 20.78
C ASN B 273 -8.20 -64.80 19.51
N GLY B 274 -8.92 -64.18 18.57
CA GLY B 274 -9.33 -64.84 17.36
C GLY B 274 -10.79 -65.22 17.32
N GLU B 275 -11.50 -65.10 18.44
CA GLU B 275 -12.90 -65.51 18.50
C GLU B 275 -13.80 -64.43 17.94
N TYR B 276 -14.82 -64.84 17.20
CA TYR B 276 -15.86 -63.91 16.80
C TYR B 276 -16.90 -63.80 17.91
N MET B 277 -17.60 -62.68 17.92
CA MET B 277 -18.44 -62.33 19.05
C MET B 277 -19.93 -62.34 18.74
N ASN B 278 -20.31 -62.46 17.47
CA ASN B 278 -21.71 -62.55 17.08
C ASN B 278 -21.96 -63.87 16.39
N PHE B 279 -22.98 -64.58 16.83
CA PHE B 279 -23.33 -65.90 16.30
C PHE B 279 -24.63 -65.81 15.52
N GLY B 280 -24.73 -66.64 14.48
CA GLY B 280 -25.86 -66.61 13.59
C GLY B 280 -27.06 -67.35 14.14
N LYS B 281 -28.01 -67.62 13.24
CA LYS B 281 -29.20 -68.37 13.61
C LYS B 281 -28.92 -69.86 13.71
N SER B 282 -27.94 -70.34 12.95
CA SER B 282 -27.52 -71.73 13.04
C SER B 282 -26.42 -71.94 14.06
N GLY B 283 -26.07 -70.90 14.82
CA GLY B 283 -25.06 -70.99 15.84
C GLY B 283 -23.64 -70.71 15.37
N ASN B 284 -23.39 -70.81 14.07
CA ASN B 284 -22.07 -70.47 13.56
C ASN B 284 -21.86 -68.98 13.64
N ALA B 285 -20.61 -68.58 13.85
CA ALA B 285 -20.27 -67.18 14.03
C ALA B 285 -20.46 -66.40 12.74
N ILE B 286 -20.83 -65.13 12.89
CA ILE B 286 -20.92 -64.21 11.76
C ILE B 286 -19.54 -63.58 11.60
N LYS B 287 -18.84 -63.96 10.54
CA LYS B 287 -17.48 -63.49 10.31
C LYS B 287 -17.51 -62.25 9.45
N THR B 288 -17.71 -61.11 10.11
CA THR B 288 -17.74 -59.83 9.44
C THR B 288 -16.34 -59.22 9.40
N GLY B 289 -15.93 -58.75 8.23
CA GLY B 289 -14.70 -58.02 8.10
C GLY B 289 -15.00 -56.55 7.91
N ALA B 290 -14.02 -55.69 8.18
CA ALA B 290 -14.27 -54.26 8.19
C ALA B 290 -14.33 -53.72 6.75
N GLY B 291 -14.65 -52.44 6.62
CA GLY B 291 -14.84 -51.80 5.35
C GLY B 291 -13.71 -50.85 5.02
N ILE B 292 -14.02 -49.91 4.13
CA ILE B 292 -13.03 -48.90 3.75
C ILE B 292 -12.73 -47.97 4.91
N PHE B 293 -13.78 -47.45 5.55
CA PHE B 293 -13.59 -46.40 6.55
C PHE B 293 -13.11 -46.94 7.88
N GLU B 294 -13.36 -48.20 8.19
CA GLU B 294 -12.88 -48.75 9.45
C GLU B 294 -11.44 -49.23 9.35
N GLN B 295 -11.05 -49.83 8.21
CA GLN B 295 -9.69 -50.31 8.06
C GLN B 295 -8.69 -49.18 7.88
N THR B 296 -9.13 -48.00 7.46
CA THR B 296 -8.20 -46.92 7.16
C THR B 296 -8.08 -45.91 8.29
N GLU B 297 -8.99 -45.92 9.24
CA GLU B 297 -9.00 -44.97 10.35
C GLU B 297 -8.26 -45.48 11.57
N VAL B 298 -7.57 -46.62 11.45
CA VAL B 298 -6.83 -47.17 12.57
C VAL B 298 -5.44 -46.56 12.70
N ALA B 299 -5.09 -45.61 11.83
CA ALA B 299 -3.84 -44.88 11.93
C ALA B 299 -4.02 -43.52 11.26
N ASN B 300 -3.18 -42.57 11.66
CA ASN B 300 -3.08 -41.23 11.08
C ASN B 300 -4.38 -40.44 11.17
N THR B 301 -5.14 -40.63 12.25
CA THR B 301 -6.44 -40.01 12.39
C THR B 301 -6.39 -38.92 13.45
N MET B 302 -6.94 -37.75 13.12
CA MET B 302 -7.00 -36.60 14.00
C MET B 302 -8.46 -36.28 14.29
N TYR B 303 -8.79 -36.10 15.57
CA TYR B 303 -10.13 -35.68 15.98
C TYR B 303 -10.01 -34.27 16.53
N TYR B 304 -10.39 -33.29 15.73
CA TYR B 304 -10.26 -31.88 16.08
C TYR B 304 -11.59 -31.31 16.52
N ASN B 305 -11.53 -30.31 17.39
CA ASN B 305 -12.73 -29.60 17.80
C ASN B 305 -12.96 -28.36 16.94
N THR B 306 -11.92 -27.58 16.70
CA THR B 306 -11.95 -26.48 15.74
C THR B 306 -10.76 -26.61 14.81
N PHE B 307 -10.99 -26.30 13.53
CA PHE B 307 -9.98 -26.46 12.50
C PHE B 307 -9.14 -25.20 12.38
N SER B 308 -7.84 -25.37 12.22
CA SER B 308 -6.92 -24.27 12.01
C SER B 308 -5.87 -24.68 11.01
N LEU B 309 -5.35 -23.69 10.28
CA LEU B 309 -4.27 -23.97 9.35
C LEU B 309 -2.97 -24.30 10.07
N LYS B 310 -2.78 -23.78 11.27
CA LYS B 310 -1.62 -24.13 12.09
C LYS B 310 -1.65 -25.61 12.48
N LEU B 311 -2.84 -26.19 12.58
CA LEU B 311 -2.97 -27.63 12.82
C LEU B 311 -2.64 -28.43 11.57
N LEU B 312 -3.33 -28.14 10.47
CA LEU B 312 -3.23 -28.99 9.28
C LEU B 312 -1.90 -28.82 8.55
N GLU B 313 -1.32 -27.63 8.56
CA GLU B 313 0.00 -27.46 7.96
C GLU B 313 1.07 -28.17 8.77
N ASP B 314 0.93 -28.20 10.09
CA ASP B 314 1.88 -28.93 10.91
C ASP B 314 1.60 -30.43 10.88
N ALA B 315 0.34 -30.83 10.72
CA ALA B 315 0.03 -32.26 10.60
C ALA B 315 0.56 -32.83 9.29
N LEU B 316 0.62 -32.02 8.24
CA LEU B 316 1.05 -32.45 6.93
C LEU B 316 2.51 -32.14 6.63
N TYR B 317 3.21 -31.41 7.49
CA TYR B 317 4.63 -31.18 7.32
C TYR B 317 5.48 -32.10 8.17
N GLU B 318 5.05 -32.42 9.39
CA GLU B 318 5.75 -33.44 10.16
C GLU B 318 5.57 -34.81 9.56
N LEU B 319 4.43 -35.06 8.90
CA LEU B 319 4.25 -36.27 8.13
C LEU B 319 5.18 -36.31 6.93
N SER B 320 5.26 -35.20 6.18
CA SER B 320 5.96 -35.22 4.91
C SER B 320 7.47 -35.09 5.08
N ALA B 321 7.93 -34.41 6.13
CA ALA B 321 9.37 -34.33 6.36
C ALA B 321 9.94 -35.67 6.82
N SER B 322 9.11 -36.51 7.42
CA SER B 322 9.55 -37.80 7.91
C SER B 322 9.49 -38.88 6.84
N LYS B 323 8.52 -38.80 5.94
CA LYS B 323 8.16 -39.92 5.08
C LYS B 323 8.30 -39.66 3.59
N LEU B 324 8.16 -38.42 3.14
CA LEU B 324 8.12 -38.13 1.72
C LEU B 324 9.34 -37.30 1.29
N ALA B 325 9.64 -37.36 0.00
CA ALA B 325 10.71 -36.55 -0.58
C ALA B 325 10.23 -35.11 -0.74
N MET B 326 11.03 -34.30 -1.44
CA MET B 326 10.64 -32.90 -1.65
C MET B 326 9.55 -32.80 -2.71
N ASP B 327 9.77 -33.42 -3.86
CA ASP B 327 8.83 -33.35 -4.98
C ASP B 327 7.61 -34.25 -4.82
N ASP B 328 7.46 -34.93 -3.68
CA ASP B 328 6.37 -35.87 -3.45
C ASP B 328 5.31 -35.34 -2.49
N ARG B 329 5.42 -34.09 -2.04
CA ARG B 329 4.51 -33.57 -1.02
C ARG B 329 3.32 -32.82 -1.63
N LEU B 330 2.57 -33.52 -2.47
CA LEU B 330 1.29 -33.03 -2.94
C LEU B 330 0.19 -33.78 -2.21
N PHE B 331 -0.69 -33.03 -1.55
CA PHE B 331 -1.77 -33.61 -0.77
C PHE B 331 -3.10 -33.14 -1.34
N VAL B 332 -3.88 -34.07 -1.87
CA VAL B 332 -5.21 -33.80 -2.40
C VAL B 332 -6.20 -34.19 -1.31
N ILE B 333 -6.82 -33.19 -0.70
CA ILE B 333 -7.69 -33.41 0.44
C ILE B 333 -9.10 -33.61 -0.06
N LYS B 334 -9.68 -34.77 0.23
CA LYS B 334 -11.07 -35.05 -0.10
C LYS B 334 -11.95 -34.62 1.06
N THR B 335 -12.95 -33.80 0.76
CA THR B 335 -13.77 -33.18 1.78
C THR B 335 -15.15 -32.90 1.19
N GLY B 336 -15.95 -32.14 1.93
CA GLY B 336 -17.27 -31.76 1.47
C GLY B 336 -17.34 -30.29 1.07
N GLU B 337 -18.58 -29.81 0.91
CA GLU B 337 -18.76 -28.41 0.52
C GLU B 337 -18.54 -27.48 1.70
N ARG B 338 -18.92 -27.90 2.90
CA ARG B 338 -18.72 -27.10 4.09
C ARG B 338 -17.28 -27.13 4.57
N GLY B 339 -16.57 -28.23 4.32
CA GLY B 339 -15.16 -28.29 4.63
C GLY B 339 -14.31 -27.43 3.70
N ALA B 340 -14.81 -27.11 2.51
CA ALA B 340 -14.10 -26.19 1.63
C ALA B 340 -14.21 -24.76 2.11
N ILE B 341 -15.38 -24.37 2.64
CA ILE B 341 -15.53 -23.04 3.20
C ILE B 341 -14.74 -22.91 4.49
N GLN B 342 -14.70 -23.98 5.29
CA GLN B 342 -13.86 -23.97 6.48
C GLN B 342 -12.39 -23.93 6.11
N PHE B 343 -12.02 -24.58 5.00
CA PHE B 343 -10.66 -24.43 4.50
C PHE B 343 -10.41 -23.01 4.03
N HIS B 344 -11.36 -22.44 3.29
CA HIS B 344 -11.24 -21.10 2.72
C HIS B 344 -11.04 -20.01 3.77
N LYS B 345 -11.70 -20.14 4.92
CA LYS B 345 -11.61 -19.10 5.93
C LYS B 345 -10.26 -19.12 6.64
N GLU B 346 -9.62 -20.29 6.74
CA GLU B 346 -8.34 -20.36 7.42
C GLU B 346 -7.20 -19.84 6.56
N VAL B 347 -7.18 -20.18 5.27
CA VAL B 347 -6.15 -19.62 4.41
C VAL B 347 -6.47 -18.20 4.00
N LEU B 348 -7.68 -17.71 4.26
CA LEU B 348 -7.90 -16.27 4.24
C LEU B 348 -7.30 -15.61 5.46
N LYS B 349 -7.44 -16.26 6.63
CA LYS B 349 -6.94 -15.68 7.88
C LYS B 349 -5.42 -15.72 7.95
N THR B 350 -4.80 -16.70 7.30
CA THR B 350 -3.34 -16.77 7.27
C THR B 350 -2.76 -15.73 6.32
N VAL B 351 -3.38 -15.56 5.15
CA VAL B 351 -2.91 -14.58 4.18
C VAL B 351 -3.19 -13.16 4.65
N SER B 352 -4.28 -12.96 5.41
CA SER B 352 -4.55 -11.63 5.96
C SER B 352 -3.54 -11.21 7.00
N GLY B 353 -2.86 -12.16 7.65
CA GLY B 353 -1.76 -11.82 8.53
C GLY B 353 -0.48 -11.46 7.82
N TRP B 354 -0.36 -11.82 6.54
CA TRP B 354 0.82 -11.47 5.74
C TRP B 354 0.70 -10.01 5.32
N THR B 355 0.96 -9.13 6.28
CA THR B 355 0.97 -7.69 6.01
C THR B 355 2.35 -7.18 5.64
N THR B 356 3.33 -8.08 5.52
CA THR B 356 4.61 -7.71 4.93
C THR B 356 4.56 -7.66 3.40
N PHE B 357 3.49 -8.14 2.80
CA PHE B 357 3.24 -7.98 1.37
C PHE B 357 1.93 -7.24 1.16
N VAL B 358 1.94 -6.30 0.23
CA VAL B 358 0.72 -5.62 -0.21
C VAL B 358 0.09 -6.46 -1.32
N LEU B 359 -1.15 -6.86 -1.12
CA LEU B 359 -1.83 -7.79 -2.02
C LEU B 359 -2.74 -7.00 -2.94
N ASP B 360 -2.21 -6.57 -4.07
CA ASP B 360 -2.97 -5.70 -4.96
C ASP B 360 -4.02 -6.50 -5.73
N ASN B 361 -5.00 -5.77 -6.25
CA ASN B 361 -6.06 -6.36 -7.05
C ASN B 361 -5.62 -6.69 -8.46
N ASN B 362 -4.43 -6.24 -8.89
CA ASN B 362 -3.96 -6.53 -10.23
C ASN B 362 -3.55 -7.98 -10.38
N SER B 363 -3.08 -8.61 -9.30
CA SER B 363 -2.66 -10.00 -9.34
C SER B 363 -3.75 -10.95 -8.88
N THR B 364 -4.53 -10.56 -7.87
CA THR B 364 -5.55 -11.45 -7.33
C THR B 364 -6.82 -11.41 -8.15
N ARG B 365 -7.19 -10.24 -8.66
CA ARG B 365 -8.45 -10.00 -9.40
C ARG B 365 -9.67 -10.41 -8.60
N VAL B 366 -9.71 -10.01 -7.33
CA VAL B 366 -10.88 -10.29 -6.50
C VAL B 366 -12.05 -9.41 -6.90
N VAL B 367 -11.78 -8.27 -7.51
CA VAL B 367 -12.80 -7.36 -8.01
C VAL B 367 -12.60 -7.28 -9.52
N GLU B 368 -13.53 -7.86 -10.28
CA GLU B 368 -13.44 -7.96 -11.73
C GLU B 368 -14.30 -6.86 -12.36
N LYS B 369 -13.93 -6.48 -13.58
CA LYS B 369 -14.69 -5.53 -14.37
C LYS B 369 -15.62 -6.31 -15.29
N VAL B 370 -16.91 -6.22 -15.05
CA VAL B 370 -17.91 -6.93 -15.84
C VAL B 370 -18.68 -5.93 -16.69
N GLN B 371 -19.55 -6.45 -17.55
CA GLN B 371 -20.36 -5.65 -18.45
C GLN B 371 -21.79 -5.61 -17.93
N SER B 372 -22.35 -4.41 -17.83
CA SER B 372 -23.69 -4.26 -17.28
C SER B 372 -24.42 -3.13 -18.00
N ARG B 373 -25.75 -3.22 -17.95
CA ARG B 373 -26.61 -2.16 -18.45
C ARG B 373 -26.64 -0.96 -17.51
N LEU B 374 -26.25 -1.16 -16.24
CA LEU B 374 -26.45 -0.14 -15.23
C LEU B 374 -25.37 0.92 -15.26
N HIS B 375 -24.14 0.56 -15.60
CA HIS B 375 -23.03 1.49 -15.49
C HIS B 375 -21.99 1.18 -16.54
N SER B 376 -21.18 2.18 -16.87
CA SER B 376 -20.12 2.00 -17.86
C SER B 376 -18.92 1.28 -17.26
N ASN B 377 -18.49 1.70 -16.06
CA ASN B 377 -17.48 0.98 -15.30
C ASN B 377 -18.19 0.19 -14.21
N ALA B 378 -18.70 -0.97 -14.60
CA ALA B 378 -19.39 -1.86 -13.69
C ALA B 378 -18.41 -2.90 -13.14
N LEU B 379 -18.69 -3.38 -11.94
CA LEU B 379 -17.76 -4.23 -11.23
C LEU B 379 -18.49 -5.43 -10.62
N SER B 380 -17.71 -6.46 -10.32
CA SER B 380 -18.15 -7.60 -9.54
C SER B 380 -17.19 -7.77 -8.36
N ALA B 381 -17.49 -8.71 -7.48
CA ALA B 381 -16.67 -8.89 -6.28
C ALA B 381 -16.82 -10.32 -5.78
N GLY B 382 -15.69 -10.98 -5.57
CA GLY B 382 -15.72 -12.32 -5.02
C GLY B 382 -14.48 -13.13 -5.33
N PHE B 383 -14.15 -14.04 -4.43
CA PHE B 383 -12.95 -14.87 -4.54
C PHE B 383 -13.11 -16.06 -3.61
N GLN B 384 -12.18 -17.01 -3.75
CA GLN B 384 -12.08 -18.13 -2.83
C GLN B 384 -10.66 -18.65 -2.88
N PHE B 385 -10.16 -19.08 -1.73
CA PHE B 385 -8.85 -19.70 -1.61
C PHE B 385 -9.03 -21.21 -1.60
N VAL B 386 -8.47 -21.89 -2.60
CA VAL B 386 -8.63 -23.33 -2.76
C VAL B 386 -7.31 -24.08 -2.65
N GLU B 387 -6.20 -23.39 -2.43
CA GLU B 387 -4.91 -24.05 -2.32
C GLU B 387 -4.05 -23.34 -1.29
N TYR B 388 -3.05 -24.05 -0.78
CA TYR B 388 -2.06 -23.45 0.09
C TYR B 388 -0.75 -24.21 -0.10
N LYS B 389 0.34 -23.46 -0.23
CA LYS B 389 1.66 -24.03 -0.48
C LYS B 389 2.54 -23.75 0.73
N ALA B 390 2.68 -24.75 1.59
CA ALA B 390 3.54 -24.66 2.77
C ALA B 390 5.00 -24.76 2.34
N PRO B 391 5.95 -24.38 3.19
CA PRO B 391 7.36 -24.48 2.82
C PRO B 391 7.85 -25.91 2.66
N ASN B 392 9.04 -26.01 2.04
CA ASN B 392 9.75 -27.26 1.76
C ASN B 392 8.95 -28.23 0.89
N GLY B 393 8.10 -27.71 0.01
CA GLY B 393 7.49 -28.52 -1.01
C GLY B 393 6.08 -28.98 -0.74
N VAL B 394 5.49 -28.61 0.40
CA VAL B 394 4.17 -29.09 0.76
C VAL B 394 3.10 -28.24 0.07
N ARG B 395 2.28 -28.87 -0.77
CA ARG B 395 1.15 -28.24 -1.40
C ARG B 395 -0.13 -28.89 -0.90
N VAL B 396 -1.22 -28.10 -0.90
CA VAL B 396 -2.54 -28.58 -0.50
C VAL B 396 -3.51 -28.25 -1.61
N ARG B 397 -4.25 -29.25 -2.08
CA ARG B 397 -5.31 -29.06 -3.07
C ARG B 397 -6.60 -29.65 -2.54
N LEU B 398 -7.70 -28.93 -2.70
CA LEU B 398 -9.00 -29.42 -2.27
C LEU B 398 -9.66 -30.22 -3.39
N ASP B 399 -10.38 -31.27 -2.98
CA ASP B 399 -11.17 -32.09 -3.91
C ASP B 399 -12.48 -32.39 -3.19
N VAL B 400 -13.47 -31.53 -3.36
CA VAL B 400 -14.73 -31.71 -2.65
C VAL B 400 -15.51 -32.83 -3.28
N ASP B 401 -16.26 -33.56 -2.46
CA ASP B 401 -16.95 -34.73 -2.92
C ASP B 401 -18.41 -34.64 -2.48
N PRO B 402 -19.37 -34.89 -3.36
CA PRO B 402 -20.79 -34.80 -2.95
C PRO B 402 -21.21 -35.91 -2.02
N PHE B 403 -20.45 -36.99 -1.90
CA PHE B 403 -20.77 -38.06 -0.97
C PHE B 403 -20.55 -37.63 0.46
N TYR B 404 -19.66 -36.66 0.70
CA TYR B 404 -19.40 -36.14 2.02
C TYR B 404 -20.50 -35.23 2.54
N ASP B 405 -21.42 -34.78 1.69
CA ASP B 405 -22.50 -33.90 2.10
C ASP B 405 -23.84 -34.62 2.17
N ASP B 406 -23.84 -35.95 2.16
CA ASP B 406 -25.08 -36.74 2.14
C ASP B 406 -25.80 -36.63 3.49
N PRO B 407 -27.00 -36.05 3.53
CA PRO B 407 -27.63 -35.75 4.83
C PRO B 407 -28.40 -36.90 5.44
N VAL B 408 -28.70 -37.93 4.64
CA VAL B 408 -29.42 -39.09 5.15
C VAL B 408 -28.50 -39.97 5.97
N ARG B 409 -27.27 -40.16 5.50
CA ARG B 409 -26.35 -41.12 6.11
C ARG B 409 -25.68 -40.55 7.36
N ASN B 410 -25.32 -39.27 7.35
CA ASN B 410 -24.39 -38.76 8.35
C ASN B 410 -25.06 -38.39 9.67
N LYS B 411 -26.20 -37.68 9.59
CA LYS B 411 -27.18 -37.48 10.66
C LYS B 411 -26.75 -36.60 11.83
N ILE B 412 -25.48 -36.19 11.89
CA ILE B 412 -24.99 -35.33 12.95
C ILE B 412 -24.61 -34.00 12.32
N LEU B 413 -25.25 -32.94 12.79
CA LEU B 413 -25.14 -31.62 12.18
C LEU B 413 -24.06 -30.81 12.87
N HIS B 414 -23.46 -29.96 12.14
CA HIS B 414 -22.47 -29.05 12.70
C HIS B 414 -23.17 -27.82 13.26
N PRO B 415 -22.57 -27.15 14.26
CA PRO B 415 -23.08 -25.85 14.68
C PRO B 415 -22.87 -24.76 13.65
N MET B 416 -21.84 -24.87 12.82
CA MET B 416 -21.55 -23.89 11.77
C MET B 416 -22.35 -24.13 10.49
N GLY B 417 -23.45 -24.87 10.55
CA GLY B 417 -24.21 -25.13 9.35
C GLY B 417 -23.75 -26.37 8.62
N GLY B 418 -24.69 -27.03 7.96
CA GLY B 418 -24.37 -28.21 7.20
C GLY B 418 -24.32 -29.45 8.06
N VAL B 419 -23.77 -30.51 7.48
CA VAL B 419 -23.63 -31.78 8.18
C VAL B 419 -22.16 -31.95 8.51
N ALA B 420 -21.89 -32.68 9.60
CA ALA B 420 -20.55 -32.69 10.17
C ALA B 420 -19.58 -33.61 9.45
N PHE B 421 -20.05 -34.51 8.60
CA PHE B 421 -19.15 -35.30 7.77
C PHE B 421 -18.55 -34.47 6.65
N SER B 422 -19.19 -33.35 6.30
CA SER B 422 -18.65 -32.46 5.28
C SER B 422 -17.40 -31.73 5.75
N TYR B 423 -17.17 -31.67 7.05
CA TYR B 423 -15.99 -31.03 7.63
C TYR B 423 -14.85 -32.03 7.85
N ARG B 424 -14.93 -33.20 7.25
CA ARG B 424 -13.96 -34.26 7.46
C ARG B 424 -12.94 -34.22 6.33
N TYR B 425 -11.66 -34.02 6.67
CA TYR B 425 -10.61 -33.83 5.70
C TYR B 425 -9.83 -35.14 5.56
N ASP B 426 -9.96 -35.79 4.40
CA ASP B 426 -9.36 -37.09 4.16
C ASP B 426 -8.39 -37.01 3.00
N ILE B 427 -7.11 -37.25 3.29
CA ILE B 427 -6.10 -37.47 2.26
C ILE B 427 -5.99 -38.98 2.11
N TRP B 428 -6.45 -39.52 0.97
CA TRP B 428 -6.54 -40.96 0.80
C TRP B 428 -5.27 -41.57 0.23
N TYR B 429 -4.33 -40.76 -0.23
CA TYR B 429 -3.09 -41.26 -0.82
C TYR B 429 -1.98 -40.31 -0.41
N ILE B 430 -1.13 -40.74 0.51
CA ILE B 430 -0.06 -39.87 1.02
C ILE B 430 1.03 -39.70 -0.02
N GLY B 431 1.60 -40.82 -0.48
CA GLY B 431 2.59 -40.79 -1.55
C GLY B 431 2.21 -41.75 -2.66
N THR B 432 3.07 -41.78 -3.68
CA THR B 432 2.87 -42.72 -4.77
C THR B 432 3.20 -44.14 -4.31
N MET B 433 2.30 -45.07 -4.61
CA MET B 433 2.52 -46.49 -4.38
C MET B 433 2.46 -47.21 -5.72
N ASP B 434 3.26 -48.28 -5.84
CA ASP B 434 3.28 -49.08 -7.06
C ASP B 434 1.96 -49.80 -7.31
N GLN B 435 1.25 -50.18 -6.25
CA GLN B 435 0.04 -50.97 -6.32
C GLN B 435 -1.10 -50.23 -5.61
N PRO B 436 -2.35 -50.61 -5.84
CA PRO B 436 -3.45 -50.01 -5.07
C PRO B 436 -3.38 -50.36 -3.59
N ASN B 437 -3.34 -49.31 -2.76
CA ASN B 437 -3.40 -49.51 -1.30
C ASN B 437 -4.79 -49.93 -0.88
N ILE B 438 -5.82 -49.33 -1.46
CA ILE B 438 -7.21 -49.63 -1.14
C ILE B 438 -7.87 -50.21 -2.38
N PHE B 439 -8.53 -51.35 -2.22
CA PHE B 439 -9.24 -51.97 -3.33
C PHE B 439 -10.36 -52.83 -2.79
N LYS B 440 -11.27 -53.20 -3.69
CA LYS B 440 -12.35 -54.12 -3.35
C LYS B 440 -11.92 -55.55 -3.69
N CYS B 441 -12.49 -56.50 -2.97
CA CYS B 441 -12.12 -57.91 -3.11
C CYS B 441 -13.29 -58.68 -3.68
N LYS B 442 -13.00 -59.53 -4.66
CA LYS B 442 -14.01 -60.31 -5.34
C LYS B 442 -13.48 -61.72 -5.55
N ILE B 443 -14.38 -62.70 -5.59
CA ILE B 443 -14.01 -64.09 -5.83
C ILE B 443 -14.26 -64.41 -7.29
N LYS B 444 -13.28 -65.08 -7.94
CA LYS B 444 -13.33 -65.34 -9.38
C LYS B 444 -14.54 -66.19 -9.77
N GLY B 445 -14.85 -67.21 -8.98
CA GLY B 445 -16.07 -67.96 -9.23
C GLY B 445 -17.30 -67.10 -8.96
N ASP B 446 -18.38 -67.39 -9.70
CA ASP B 446 -19.63 -66.71 -9.46
C ASP B 446 -20.16 -67.05 -8.07
N ASN B 447 -20.26 -66.03 -7.22
CA ASN B 447 -20.62 -66.23 -5.81
C ASN B 447 -21.82 -65.41 -5.36
N GLU B 448 -22.59 -64.85 -6.28
CA GLU B 448 -23.90 -64.32 -5.94
C GLU B 448 -24.94 -65.35 -6.34
N TYR B 449 -25.86 -65.66 -5.43
CA TYR B 449 -26.79 -66.75 -5.60
C TYR B 449 -28.21 -66.23 -5.61
N ARG B 450 -29.11 -67.00 -6.22
CA ARG B 450 -30.53 -66.68 -6.26
C ARG B 450 -31.32 -67.97 -6.13
N GLY B 451 -32.46 -67.89 -5.46
CA GLY B 451 -33.26 -69.07 -5.20
C GLY B 451 -34.70 -68.70 -4.95
N TYR B 452 -35.60 -69.63 -5.25
CA TYR B 452 -37.04 -69.39 -5.15
C TYR B 452 -37.69 -70.50 -4.35
N GLN B 453 -38.36 -70.13 -3.26
CA GLN B 453 -39.11 -71.04 -2.42
C GLN B 453 -40.58 -70.68 -2.56
N TRP B 454 -41.39 -71.63 -3.04
CA TRP B 454 -42.74 -71.26 -3.44
C TRP B 454 -43.68 -72.46 -3.38
N GLY B 455 -44.98 -72.16 -3.47
CA GLY B 455 -46.04 -73.13 -3.45
C GLY B 455 -46.53 -73.50 -4.83
N ILE B 456 -47.81 -73.26 -5.13
CA ILE B 456 -48.35 -73.67 -6.42
C ILE B 456 -47.82 -72.77 -7.54
N ARG B 457 -47.92 -71.45 -7.37
CA ARG B 457 -47.51 -70.52 -8.42
C ARG B 457 -46.33 -69.67 -7.95
N ASN B 458 -45.60 -69.14 -8.93
CA ASN B 458 -44.40 -68.34 -8.69
C ASN B 458 -44.55 -66.99 -9.37
N PRO B 459 -44.94 -65.94 -8.64
CA PRO B 459 -45.02 -64.61 -9.25
C PRO B 459 -43.66 -64.03 -9.63
N PHE B 460 -42.56 -64.54 -9.07
CA PHE B 460 -41.25 -64.02 -9.41
C PHE B 460 -40.83 -64.43 -10.82
N THR B 461 -41.26 -65.60 -11.27
CA THR B 461 -40.98 -66.09 -12.61
C THR B 461 -42.19 -66.06 -13.53
N GLY B 462 -43.38 -66.29 -12.99
CA GLY B 462 -44.55 -66.45 -13.82
C GLY B 462 -44.92 -67.89 -14.11
N GLN B 463 -44.53 -68.82 -13.24
CA GLN B 463 -44.76 -70.24 -13.46
C GLN B 463 -46.00 -70.67 -12.68
N LYS B 464 -47.10 -70.87 -13.40
CA LYS B 464 -48.35 -71.31 -12.81
C LYS B 464 -48.35 -72.84 -12.76
N GLY B 465 -48.32 -73.40 -11.55
CA GLY B 465 -48.16 -74.83 -11.37
C GLY B 465 -46.77 -75.18 -10.92
N ASN B 466 -46.63 -76.24 -10.12
CA ASN B 466 -45.35 -76.56 -9.49
C ASN B 466 -45.05 -78.05 -9.60
N PRO B 467 -43.94 -78.45 -10.23
CA PRO B 467 -43.56 -79.86 -10.23
C PRO B 467 -42.95 -80.28 -8.90
N TYR B 468 -42.21 -79.39 -8.26
CA TYR B 468 -41.52 -79.67 -7.01
C TYR B 468 -41.92 -78.60 -5.99
N MET B 469 -42.91 -78.92 -5.16
CA MET B 469 -43.45 -77.95 -4.21
C MET B 469 -42.61 -77.89 -2.94
N SER B 470 -42.38 -76.67 -2.47
CA SER B 470 -41.65 -76.45 -1.22
C SER B 470 -42.55 -76.53 -0.01
N PHE B 471 -43.76 -76.00 -0.14
CA PHE B 471 -44.78 -76.04 0.90
C PHE B 471 -46.14 -75.90 0.21
N ASP B 472 -47.19 -75.77 1.01
CA ASP B 472 -48.54 -75.70 0.47
C ASP B 472 -49.21 -74.35 0.72
N GLU B 473 -48.45 -73.33 1.11
CA GLU B 473 -49.03 -72.09 1.58
C GLU B 473 -49.58 -71.23 0.44
N ASP B 474 -49.16 -71.49 -0.81
CA ASP B 474 -49.40 -70.63 -1.98
C ASP B 474 -48.84 -69.22 -1.74
N SER B 475 -47.51 -69.20 -1.62
CA SER B 475 -46.75 -67.97 -1.49
C SER B 475 -45.48 -68.14 -2.31
N ALA B 476 -44.65 -67.08 -2.37
CA ALA B 476 -43.37 -67.16 -3.04
C ALA B 476 -42.34 -66.38 -2.25
N VAL B 477 -41.18 -67.00 -2.02
CA VAL B 477 -40.07 -66.37 -1.32
C VAL B 477 -38.85 -66.42 -2.23
N ILE B 478 -38.14 -65.29 -2.35
CA ILE B 478 -36.88 -65.20 -3.07
C ILE B 478 -35.76 -65.20 -2.05
N HIS B 479 -34.65 -65.86 -2.36
CA HIS B 479 -33.48 -65.88 -1.50
C HIS B 479 -32.26 -65.49 -2.31
N ARG B 480 -31.48 -64.55 -1.81
CA ARG B 480 -30.24 -64.13 -2.45
C ARG B 480 -29.11 -64.16 -1.43
N MET B 481 -27.89 -64.36 -1.92
CA MET B 481 -26.70 -64.39 -1.09
C MET B 481 -25.54 -63.78 -1.88
N ALA B 482 -24.58 -63.23 -1.16
CA ALA B 482 -23.36 -62.72 -1.78
C ALA B 482 -22.25 -62.68 -0.75
N THR B 483 -21.02 -62.82 -1.23
CA THR B 483 -19.84 -62.62 -0.41
C THR B 483 -18.99 -61.53 -1.02
N LEU B 484 -18.31 -60.76 -0.16
CA LEU B 484 -17.61 -59.57 -0.59
C LEU B 484 -16.48 -59.29 0.40
N GLY B 485 -15.65 -58.33 0.04
CA GLY B 485 -14.55 -57.96 0.90
C GLY B 485 -13.86 -56.72 0.38
N VAL B 486 -13.14 -56.06 1.29
CA VAL B 486 -12.32 -54.89 0.99
C VAL B 486 -10.99 -55.08 1.70
N CYS B 487 -9.89 -54.77 1.02
CA CYS B 487 -8.58 -54.81 1.64
C CYS B 487 -7.93 -53.45 1.55
N VAL B 488 -7.47 -52.94 2.70
CA VAL B 488 -6.62 -51.76 2.78
C VAL B 488 -5.26 -52.25 3.24
N LEU B 489 -4.26 -52.13 2.37
CA LEU B 489 -2.94 -52.69 2.66
C LEU B 489 -2.24 -51.93 3.77
N ASP B 490 -2.05 -50.64 3.59
CA ASP B 490 -1.38 -49.78 4.57
C ASP B 490 -2.34 -48.70 5.03
N PRO B 491 -2.75 -48.70 6.29
CA PRO B 491 -3.59 -47.61 6.81
C PRO B 491 -2.82 -46.41 7.33
N THR B 492 -1.49 -46.47 7.32
CA THR B 492 -0.67 -45.30 7.64
C THR B 492 -0.47 -44.40 6.44
N ARG B 493 -0.94 -44.80 5.27
CA ARG B 493 -0.82 -44.00 4.05
C ARG B 493 -2.10 -43.30 3.69
N THR B 494 -3.05 -43.19 4.62
CA THR B 494 -4.21 -42.32 4.47
C THR B 494 -4.30 -41.45 5.72
N MET B 495 -4.36 -40.14 5.52
CA MET B 495 -4.42 -39.18 6.61
C MET B 495 -5.85 -38.64 6.71
N SER B 496 -6.36 -38.55 7.93
CA SER B 496 -7.73 -38.10 8.15
C SER B 496 -7.79 -37.06 9.26
N LEU B 497 -8.64 -36.06 9.07
CA LEU B 497 -9.05 -35.14 10.11
C LEU B 497 -10.55 -35.21 10.21
N ILE B 498 -11.06 -35.55 11.38
CA ILE B 498 -12.48 -35.80 11.62
C ILE B 498 -12.90 -34.83 12.71
N PRO B 499 -14.10 -34.26 12.68
CA PRO B 499 -14.57 -33.49 13.83
C PRO B 499 -14.77 -34.37 15.04
N ALA B 500 -14.60 -33.78 16.22
CA ALA B 500 -14.63 -34.53 17.47
C ALA B 500 -16.04 -35.00 17.85
N ILE B 501 -17.09 -34.44 17.23
CA ILE B 501 -18.44 -34.91 17.48
C ILE B 501 -18.76 -36.21 16.77
N LEU B 502 -17.90 -36.68 15.88
CA LEU B 502 -18.12 -37.90 15.13
C LEU B 502 -17.40 -39.11 15.72
N GLN B 503 -16.66 -38.94 16.82
CA GLN B 503 -15.90 -40.07 17.37
C GLN B 503 -16.79 -40.98 18.20
N GLY B 504 -17.33 -40.46 19.30
CA GLY B 504 -18.16 -41.23 20.20
C GLY B 504 -17.43 -42.26 21.05
N ALA C 2 -3.81 -96.25 16.92
CA ALA C 2 -3.53 -96.27 18.35
C ALA C 2 -2.10 -96.68 18.60
N GLY C 3 -1.26 -95.73 18.97
CA GLY C 3 0.14 -95.97 19.23
C GLY C 3 1.03 -95.21 18.28
N LYS C 4 2.31 -95.54 18.31
CA LYS C 4 3.29 -94.87 17.47
C LYS C 4 4.24 -95.88 16.85
N LEU C 5 4.78 -95.53 15.68
CA LEU C 5 5.72 -96.36 14.95
C LEU C 5 7.17 -95.95 15.20
N GLY C 6 7.38 -94.81 15.85
CA GLY C 6 8.70 -94.36 16.24
C GLY C 6 8.60 -93.57 17.53
N LYS C 7 9.73 -93.00 17.92
CA LYS C 7 9.74 -92.12 19.09
C LYS C 7 9.02 -90.81 18.78
N PHE C 8 9.16 -90.31 17.56
CA PHE C 8 8.61 -89.01 17.18
C PHE C 8 7.58 -89.20 16.06
N GLN C 9 6.34 -89.43 16.46
CA GLN C 9 5.19 -89.36 15.58
C GLN C 9 4.29 -88.26 16.11
N MET C 10 3.99 -87.29 15.25
CA MET C 10 3.22 -86.12 15.65
C MET C 10 1.75 -86.47 15.79
N LEU C 11 1.19 -87.02 14.72
CA LEU C 11 -0.24 -87.21 14.62
C LEU C 11 -0.66 -88.60 15.05
N GLY C 12 -1.85 -88.67 15.60
CA GLY C 12 -2.60 -89.90 15.64
C GLY C 12 -3.63 -89.80 14.55
N PHE C 13 -4.17 -90.94 14.15
CA PHE C 13 -5.20 -90.94 13.12
C PHE C 13 -6.47 -90.31 13.66
N GLN C 14 -7.16 -89.57 12.80
CA GLN C 14 -8.37 -88.87 13.19
C GLN C 14 -9.54 -89.39 12.37
N HIS C 15 -10.74 -89.27 12.93
CA HIS C 15 -11.94 -89.79 12.30
C HIS C 15 -13.14 -89.03 12.84
N TRP C 16 -14.19 -88.97 12.04
CA TRP C 16 -15.45 -88.37 12.45
C TRP C 16 -16.57 -88.94 11.59
N LYS C 17 -17.80 -88.60 11.95
CA LYS C 17 -18.98 -89.09 11.25
C LYS C 17 -19.92 -87.92 10.96
N GLY C 18 -20.40 -87.83 9.73
CA GLY C 18 -21.51 -86.94 9.44
C GLY C 18 -21.13 -85.57 8.96
N LEU C 19 -21.76 -84.55 9.57
CA LEU C 19 -21.65 -83.17 9.12
C LEU C 19 -20.24 -82.63 9.29
N THR C 20 -19.61 -82.30 8.17
CA THR C 20 -18.28 -81.71 8.13
C THR C 20 -18.42 -80.19 8.08
N SER C 21 -17.71 -79.50 8.97
CA SER C 21 -17.68 -78.05 9.02
C SER C 21 -16.29 -77.57 8.63
N ASP C 22 -16.08 -76.25 8.68
CA ASP C 22 -14.80 -75.68 8.30
C ASP C 22 -13.70 -75.95 9.31
N ASN C 23 -14.06 -76.30 10.55
CA ASN C 23 -13.05 -76.75 11.49
C ASN C 23 -12.88 -78.27 11.49
N HIS C 24 -13.83 -79.01 10.91
CA HIS C 24 -13.58 -80.42 10.63
C HIS C 24 -12.49 -80.57 9.58
N LEU C 25 -12.43 -79.65 8.63
CA LEU C 25 -11.34 -79.61 7.66
C LEU C 25 -10.11 -78.92 8.23
N GLY C 26 -10.30 -77.98 9.15
CA GLY C 26 -9.18 -77.29 9.76
C GLY C 26 -8.47 -78.04 10.85
N ALA C 27 -9.10 -79.07 11.42
CA ALA C 27 -8.45 -79.94 12.39
C ALA C 27 -7.81 -81.16 11.75
N ILE C 28 -8.02 -81.36 10.46
CA ILE C 28 -7.30 -82.35 9.68
C ILE C 28 -6.34 -81.68 8.71
N PHE C 29 -6.05 -80.40 8.95
CA PHE C 29 -5.00 -79.61 8.30
C PHE C 29 -5.24 -79.42 6.81
N GLN C 30 -6.50 -79.39 6.39
CA GLN C 30 -6.86 -79.18 4.99
C GLN C 30 -7.47 -77.80 4.76
N GLN C 31 -7.18 -76.84 5.61
CA GLN C 31 -7.65 -75.46 5.46
C GLN C 31 -6.52 -74.54 5.91
N ALA C 32 -5.95 -73.80 4.96
CA ALA C 32 -4.81 -72.94 5.21
C ALA C 32 -5.05 -71.58 4.57
N PRO C 33 -4.51 -70.52 5.14
CA PRO C 33 -4.60 -69.21 4.47
C PRO C 33 -3.71 -69.16 3.23
N GLN C 34 -4.11 -68.29 2.30
CA GLN C 34 -3.41 -68.16 1.03
C GLN C 34 -2.46 -66.97 1.10
N LYS C 35 -1.23 -67.17 0.64
CA LYS C 35 -0.27 -66.08 0.57
C LYS C 35 -0.54 -65.26 -0.68
N ALA C 36 -0.91 -64.00 -0.49
CA ALA C 36 -1.10 -63.08 -1.61
C ALA C 36 0.25 -62.46 -1.92
N THR C 37 0.94 -63.04 -2.91
CA THR C 37 2.34 -62.71 -3.15
C THR C 37 2.51 -61.34 -3.81
N ASN C 38 1.60 -60.95 -4.70
CA ASN C 38 1.72 -59.64 -5.34
C ASN C 38 1.36 -58.52 -4.38
N LEU C 39 0.49 -58.76 -3.41
CA LEU C 39 0.27 -57.78 -2.35
C LEU C 39 1.47 -57.77 -1.42
N MET C 40 2.11 -56.62 -1.29
CA MET C 40 3.23 -56.47 -0.39
C MET C 40 3.26 -55.02 0.09
N VAL C 41 3.48 -54.83 1.38
CA VAL C 41 3.52 -53.51 1.98
C VAL C 41 4.96 -53.17 2.32
N GLN C 42 5.42 -52.03 1.80
CA GLN C 42 6.66 -51.40 2.21
C GLN C 42 6.28 -50.20 3.05
N LEU C 43 6.80 -50.14 4.28
CA LEU C 43 6.47 -49.05 5.18
C LEU C 43 7.06 -47.74 4.69
N LEU C 44 6.27 -46.68 4.75
CA LEU C 44 6.67 -45.40 4.20
C LEU C 44 7.57 -44.67 5.18
N ALA C 45 8.74 -44.26 4.70
CA ALA C 45 9.64 -43.38 5.43
C ALA C 45 10.55 -42.72 4.42
N PHE C 46 11.17 -41.62 4.81
CA PHE C 46 12.23 -40.99 4.03
C PHE C 46 13.56 -41.42 4.64
N TYR C 47 14.30 -42.23 3.91
CA TYR C 47 15.45 -42.95 4.45
C TYR C 47 16.69 -42.11 4.26
N ARG C 48 17.28 -41.67 5.37
CA ARG C 48 18.40 -40.74 5.33
C ARG C 48 19.73 -41.40 5.66
N GLY C 49 19.78 -42.73 5.70
CA GLY C 49 21.02 -43.41 5.40
C GLY C 49 21.35 -43.29 3.93
N LYS C 50 22.63 -43.48 3.61
CA LYS C 50 23.29 -43.27 2.31
C LYS C 50 23.41 -41.77 1.97
N SER C 51 22.83 -40.89 2.79
CA SER C 51 23.02 -39.45 2.64
C SER C 51 24.30 -38.98 3.29
N LEU C 52 24.81 -39.72 4.28
CA LEU C 52 26.14 -39.45 4.78
C LEU C 52 27.20 -39.86 3.76
N ASP C 53 26.96 -40.95 3.03
CA ASP C 53 27.90 -41.36 1.99
C ASP C 53 27.76 -40.52 0.74
N THR C 54 26.57 -39.98 0.47
CA THR C 54 26.41 -39.06 -0.65
C THR C 54 27.15 -37.76 -0.39
N PHE C 55 27.26 -37.35 0.87
CA PHE C 55 28.01 -36.15 1.21
C PHE C 55 29.51 -36.38 1.09
N LEU C 56 29.99 -37.55 1.49
CA LEU C 56 31.41 -37.86 1.45
C LEU C 56 31.89 -38.32 0.08
N ASN C 57 31.00 -38.47 -0.89
CA ASN C 57 31.42 -38.82 -2.24
C ASN C 57 31.68 -37.61 -3.10
N SER C 58 31.38 -36.41 -2.61
CA SER C 58 31.66 -35.17 -3.31
C SER C 58 33.04 -34.63 -2.99
N PHE C 59 33.87 -35.41 -2.29
CA PHE C 59 35.22 -35.01 -1.95
C PHE C 59 36.21 -35.92 -2.65
N PRO C 60 37.24 -35.38 -3.29
CA PRO C 60 38.24 -36.23 -3.97
C PRO C 60 39.13 -36.99 -3.01
N THR C 61 40.09 -37.75 -3.55
CA THR C 61 40.94 -38.61 -2.75
C THR C 61 42.40 -38.40 -3.14
N ARG C 62 43.22 -37.96 -2.19
CA ARG C 62 44.66 -37.86 -2.38
C ARG C 62 45.33 -39.02 -1.68
N GLU C 63 46.12 -39.78 -2.43
CA GLU C 63 46.77 -40.96 -1.90
C GLU C 63 48.13 -40.61 -1.30
N PHE C 64 48.45 -41.26 -0.19
CA PHE C 64 49.64 -40.96 0.59
C PHE C 64 50.59 -42.15 0.56
N GLU C 65 51.83 -41.89 0.95
CA GLU C 65 52.84 -42.95 0.91
C GLU C 65 52.94 -43.72 2.23
N ASP C 66 52.82 -43.05 3.36
CA ASP C 66 52.96 -43.70 4.66
C ASP C 66 51.74 -43.40 5.51
N ASP C 67 51.68 -44.03 6.69
CA ASP C 67 50.58 -43.89 7.61
C ASP C 67 50.93 -43.00 8.80
N ASN C 68 51.99 -42.21 8.69
CA ASN C 68 52.35 -41.24 9.71
C ASN C 68 51.54 -39.97 9.50
N GLU C 69 51.73 -39.00 10.40
CA GLU C 69 51.03 -37.73 10.27
C GLU C 69 51.58 -36.93 9.09
N TYR C 70 50.72 -36.10 8.51
CA TYR C 70 51.08 -35.32 7.34
C TYR C 70 50.91 -33.83 7.62
N TYR C 71 51.68 -33.03 6.89
CA TYR C 71 51.77 -31.60 7.13
C TYR C 71 51.42 -30.83 5.87
N TRP C 72 51.03 -29.57 6.06
CA TRP C 72 50.87 -28.64 4.95
C TRP C 72 51.18 -27.24 5.45
N ASP C 73 51.94 -26.50 4.65
CA ASP C 73 52.53 -25.23 5.06
C ASP C 73 51.63 -24.08 4.67
N VAL C 74 51.19 -23.30 5.66
CA VAL C 74 50.33 -22.15 5.43
C VAL C 74 51.16 -20.87 5.56
N ILE C 75 50.79 -19.85 4.78
CA ILE C 75 51.63 -18.68 4.58
C ILE C 75 50.78 -17.42 4.73
N GLY C 76 51.42 -16.32 5.14
CA GLY C 76 50.82 -15.00 5.15
C GLY C 76 51.65 -14.02 4.35
N SER C 77 51.36 -12.73 4.44
CA SER C 77 52.01 -11.77 3.58
C SER C 77 53.36 -11.33 4.15
N SER C 78 54.15 -10.65 3.31
CA SER C 78 55.46 -10.14 3.70
C SER C 78 55.44 -8.65 4.00
N ARG C 79 54.28 -8.01 3.86
CA ARG C 79 54.14 -6.56 3.99
C ARG C 79 53.49 -6.28 5.33
N ARG C 80 54.18 -5.56 6.20
CA ARG C 80 53.75 -5.46 7.59
C ARG C 80 53.98 -4.05 8.11
N ASN C 81 53.15 -3.64 9.06
CA ASN C 81 53.36 -2.42 9.82
C ASN C 81 53.74 -2.76 11.25
N ILE C 82 54.63 -1.94 11.82
CA ILE C 82 55.26 -2.20 13.11
C ILE C 82 54.76 -1.15 14.10
N PRO C 83 54.34 -1.52 15.31
CA PRO C 83 53.92 -0.51 16.28
C PRO C 83 55.09 0.32 16.77
N LEU C 84 54.78 1.51 17.25
CA LEU C 84 55.77 2.32 17.94
C LEU C 84 55.86 1.89 19.40
N VAL C 85 57.06 1.97 19.96
CA VAL C 85 57.27 1.76 21.38
C VAL C 85 57.31 3.09 22.13
N GLU C 86 58.09 4.03 21.62
CA GLU C 86 58.29 5.35 22.20
C GLU C 86 59.04 6.18 21.18
N ALA C 87 58.98 7.49 21.35
CA ALA C 87 59.75 8.40 20.51
C ALA C 87 60.48 9.39 21.38
N ARG C 88 61.78 9.56 21.10
CA ARG C 88 62.63 10.48 21.83
C ARG C 88 63.06 11.61 20.89
N ASP C 89 63.25 12.80 21.44
CA ASP C 89 63.78 13.90 20.66
C ASP C 89 65.31 13.81 20.64
N GLU C 90 65.96 14.89 20.20
CA GLU C 90 67.38 14.85 19.87
C GLU C 90 68.27 14.65 21.10
N ASN C 91 67.79 15.01 22.28
CA ASN C 91 68.55 14.86 23.50
C ASN C 91 68.27 13.54 24.22
N GLY C 92 67.33 12.73 23.72
CA GLY C 92 67.11 11.41 24.25
C GLY C 92 65.95 11.26 25.22
N VAL C 93 65.29 12.35 25.59
CA VAL C 93 64.15 12.28 26.50
C VAL C 93 62.89 12.01 25.68
N VAL C 94 62.02 11.13 26.21
CA VAL C 94 60.89 10.61 25.44
C VAL C 94 59.84 11.70 25.21
N VAL C 95 59.17 11.61 24.07
CA VAL C 95 58.11 12.55 23.73
C VAL C 95 56.82 12.06 24.38
N ALA C 96 56.39 12.76 25.43
CA ALA C 96 55.12 12.48 26.08
C ALA C 96 53.98 13.02 25.23
N ALA C 97 52.74 12.70 25.64
CA ALA C 97 51.58 13.20 24.93
C ALA C 97 51.38 14.70 25.17
N ASN C 98 51.74 15.18 26.35
CA ASN C 98 51.61 16.59 26.69
C ASN C 98 52.91 17.35 26.41
N ALA C 99 53.39 17.22 25.17
CA ALA C 99 54.65 17.80 24.76
C ALA C 99 54.46 18.64 23.52
N ALA C 100 55.50 19.39 23.17
CA ALA C 100 55.48 20.23 21.99
C ALA C 100 55.81 19.41 20.75
N ASN C 101 55.82 20.07 19.59
CA ASN C 101 56.19 19.39 18.36
C ASN C 101 57.68 19.06 18.35
N VAL C 102 58.04 18.06 17.57
CA VAL C 102 59.32 17.37 17.72
C VAL C 102 60.31 17.72 16.63
N GLY C 103 59.86 17.87 15.39
CA GLY C 103 60.76 18.05 14.28
C GLY C 103 60.75 19.46 13.72
N VAL C 104 60.77 20.45 14.62
CA VAL C 104 60.38 21.82 14.33
C VAL C 104 61.27 22.52 13.30
N GLY C 105 62.48 22.03 13.06
CA GLY C 105 63.32 22.71 12.10
C GLY C 105 64.05 21.79 11.14
N THR C 106 63.38 20.69 10.76
CA THR C 106 63.99 19.50 10.16
C THR C 106 65.18 19.08 11.04
N SER C 107 64.87 18.79 12.25
CA SER C 107 65.72 18.38 13.35
C SER C 107 65.60 16.89 13.57
N PRO C 108 66.68 16.22 13.94
CA PRO C 108 66.61 14.77 14.17
C PRO C 108 65.84 14.45 15.44
N PHE C 109 65.21 13.29 15.43
CA PHE C 109 64.63 12.71 16.62
C PHE C 109 64.62 11.20 16.42
N TYR C 110 64.12 10.47 17.40
CA TYR C 110 64.28 9.04 17.42
C TYR C 110 62.93 8.33 17.49
N LEU C 111 62.83 7.21 16.80
CA LEU C 111 61.65 6.35 16.82
C LEU C 111 62.09 4.96 17.23
N VAL C 112 61.61 4.49 18.37
CA VAL C 112 61.97 3.17 18.88
C VAL C 112 60.87 2.19 18.50
N PHE C 113 61.28 1.08 17.87
CA PHE C 113 60.40 0.03 17.40
C PHE C 113 60.80 -1.29 18.06
N PRO C 114 59.87 -2.24 18.24
CA PRO C 114 60.24 -3.50 18.88
C PRO C 114 60.99 -4.47 17.98
N GLU C 115 61.29 -4.09 16.75
CA GLU C 115 61.95 -4.98 15.82
C GLU C 115 62.69 -4.14 14.79
N ASP C 116 63.88 -4.60 14.39
CA ASP C 116 64.64 -3.99 13.31
C ASP C 116 63.96 -4.40 12.01
N TRP C 117 62.95 -3.62 11.62
CA TRP C 117 62.19 -3.86 10.40
C TRP C 117 62.47 -2.83 9.32
N PHE C 118 62.95 -1.66 9.69
CA PHE C 118 63.17 -0.56 8.78
C PHE C 118 64.65 -0.43 8.46
N ALA C 119 64.95 0.36 7.42
CA ALA C 119 66.27 0.30 6.81
C ALA C 119 66.95 1.66 6.77
N ASP C 120 68.03 1.75 5.99
CA ASP C 120 68.99 2.85 6.12
C ASP C 120 68.45 4.20 5.66
N GLY C 121 67.66 4.24 4.60
CA GLY C 121 67.27 5.53 4.06
C GLY C 121 65.82 5.65 3.68
N GLU C 122 64.98 4.79 4.25
CA GLU C 122 63.59 4.71 3.82
C GLU C 122 62.74 5.80 4.44
N VAL C 123 61.69 6.17 3.72
CA VAL C 123 60.67 7.09 4.22
C VAL C 123 59.53 6.23 4.74
N ILE C 124 59.35 6.21 6.05
CA ILE C 124 58.22 5.54 6.67
C ILE C 124 57.22 6.59 7.13
N VAL C 125 55.98 6.17 7.32
CA VAL C 125 54.91 7.06 7.73
C VAL C 125 54.16 6.46 8.91
N GLY C 126 53.56 7.32 9.72
CA GLY C 126 52.82 6.92 10.91
C GLY C 126 51.40 6.54 10.58
N ASN C 127 50.51 6.66 11.58
CA ASN C 127 49.10 6.37 11.36
C ASN C 127 48.48 7.32 10.35
N LEU C 128 48.92 8.57 10.34
CA LEU C 128 48.57 9.50 9.27
C LEU C 128 49.64 9.37 8.19
N ASN C 129 49.29 8.66 7.13
CA ASN C 129 50.24 8.43 6.04
C ASN C 129 50.36 9.69 5.20
N GLN C 130 51.59 10.01 4.79
CA GLN C 130 51.98 11.06 3.84
C GLN C 130 51.81 12.46 4.41
N VAL C 131 51.24 12.58 5.61
CA VAL C 131 51.15 13.87 6.28
C VAL C 131 52.46 14.19 6.98
N TYR C 132 53.06 13.19 7.62
CA TYR C 132 54.34 13.33 8.31
C TYR C 132 55.26 12.22 7.82
N PRO C 133 56.01 12.45 6.74
CA PRO C 133 56.99 11.45 6.29
C PRO C 133 58.23 11.50 7.16
N PHE C 134 58.74 10.31 7.49
CA PHE C 134 59.86 10.15 8.40
C PHE C 134 61.00 9.49 7.63
N ARG C 135 62.07 10.25 7.34
CA ARG C 135 63.22 9.67 6.66
C ARG C 135 64.20 9.15 7.70
N ILE C 136 64.54 7.88 7.61
CA ILE C 136 65.42 7.24 8.57
C ILE C 136 66.86 7.65 8.26
N LEU C 137 67.58 8.09 9.29
CA LEU C 137 68.96 8.53 9.17
C LEU C 137 69.83 7.47 9.83
N GLY C 138 70.51 6.66 9.01
CA GLY C 138 71.42 5.66 9.53
C GLY C 138 70.74 4.36 9.90
N ASP C 139 71.57 3.36 10.20
CA ASP C 139 71.09 2.04 10.56
C ASP C 139 70.49 2.05 11.97
N ALA C 140 69.93 0.91 12.35
CA ALA C 140 69.29 0.78 13.65
C ALA C 140 70.32 0.61 14.75
N ARG C 141 70.18 1.41 15.79
CA ARG C 141 70.90 1.20 17.04
C ARG C 141 70.06 0.26 17.88
N MET C 142 70.58 -0.91 18.21
CA MET C 142 69.75 -1.91 18.89
C MET C 142 69.89 -1.76 20.40
N GLU C 143 68.83 -1.25 21.03
CA GLU C 143 68.74 -1.15 22.49
C GLU C 143 68.17 -2.46 23.01
N GLY C 144 69.04 -3.47 23.10
CA GLY C 144 68.55 -4.80 23.40
C GLY C 144 67.84 -5.38 22.21
N THR C 145 66.58 -5.79 22.42
CA THR C 145 65.76 -6.25 21.29
C THR C 145 65.17 -5.09 20.51
N ASN C 146 64.99 -3.93 21.15
CA ASN C 146 64.41 -2.78 20.50
C ASN C 146 65.40 -2.16 19.52
N ALA C 147 64.87 -1.51 18.49
CA ALA C 147 65.69 -0.86 17.47
C ALA C 147 65.26 0.58 17.35
N VAL C 148 66.19 1.50 17.61
CA VAL C 148 65.92 2.93 17.56
C VAL C 148 66.61 3.52 16.33
N TYR C 149 65.85 4.31 15.57
CA TYR C 149 66.32 4.94 14.35
C TYR C 149 66.32 6.44 14.54
N LYS C 150 67.40 7.11 14.12
CA LYS C 150 67.40 8.57 14.08
C LYS C 150 66.61 9.01 12.87
N VAL C 151 65.68 9.94 13.09
CA VAL C 151 64.61 10.23 12.14
C VAL C 151 64.43 11.74 12.01
N GLU C 152 64.37 12.21 10.77
CA GLU C 152 64.03 13.58 10.44
C GLU C 152 62.76 13.61 9.60
N LEU C 153 62.12 14.76 9.54
CA LEU C 153 60.86 14.93 8.82
C LEU C 153 61.13 15.35 7.39
N MET C 154 60.36 14.80 6.46
CA MET C 154 60.73 14.78 5.05
C MET C 154 59.84 15.62 4.14
N GLY C 155 58.54 15.70 4.41
CA GLY C 155 57.63 16.23 3.41
C GLY C 155 57.53 17.74 3.31
N GLY C 156 58.65 18.44 3.45
CA GLY C 156 58.63 19.88 3.52
C GLY C 156 58.21 20.43 4.86
N ASN C 157 58.21 19.58 5.88
CA ASN C 157 57.60 19.91 7.16
C ASN C 157 58.50 20.84 7.95
N THR C 158 58.02 22.05 8.22
CA THR C 158 58.78 23.06 8.95
C THR C 158 58.19 23.40 10.31
N GLN C 159 57.11 22.73 10.72
CA GLN C 159 56.51 22.94 12.02
C GLN C 159 56.59 21.74 12.93
N GLY C 160 57.08 20.60 12.44
CA GLY C 160 57.23 19.42 13.26
C GLY C 160 56.00 18.55 13.29
N VAL C 161 56.20 17.32 13.77
CA VAL C 161 55.13 16.37 13.96
C VAL C 161 54.54 16.64 15.34
N PRO C 162 53.23 16.52 15.54
CA PRO C 162 52.67 16.66 16.89
C PRO C 162 53.16 15.58 17.83
N ALA C 163 53.10 15.89 19.13
CA ALA C 163 53.46 14.90 20.15
C ALA C 163 52.43 13.79 20.25
N GLU C 164 51.19 14.04 19.81
CA GLU C 164 50.16 13.01 19.79
C GLU C 164 50.46 11.93 18.78
N ARG C 165 51.20 12.26 17.72
CA ARG C 165 51.50 11.36 16.62
C ARG C 165 52.75 10.52 16.85
N LEU C 166 53.29 10.51 18.06
CA LEU C 166 54.53 9.79 18.36
C LEU C 166 54.38 8.98 19.64
N GLN C 167 53.25 8.28 19.78
CA GLN C 167 52.95 7.54 20.99
C GLN C 167 53.08 6.05 20.76
N GLN C 168 52.98 5.30 21.84
CA GLN C 168 53.09 3.85 21.77
C GLN C 168 51.85 3.25 21.14
N GLY C 169 52.06 2.33 20.19
CA GLY C 169 50.98 1.62 19.54
C GLY C 169 50.70 2.09 18.13
N GLU C 170 51.21 3.24 17.72
CA GLU C 170 50.98 3.71 16.36
C GLU C 170 51.81 2.90 15.39
N ARG C 171 51.15 2.37 14.37
CA ARG C 171 51.80 1.49 13.42
C ARG C 171 52.51 2.32 12.35
N PHE C 172 53.64 1.81 11.85
CA PHE C 172 54.47 2.51 10.89
C PHE C 172 54.71 1.62 9.68
N SER C 173 54.77 2.22 8.49
CA SER C 173 54.82 1.43 7.27
C SER C 173 55.80 2.03 6.28
N ILE C 174 56.55 1.16 5.60
CA ILE C 174 57.58 1.57 4.65
C ILE C 174 56.91 2.07 3.37
N GLU C 175 57.33 3.24 2.89
CA GLU C 175 56.90 3.70 1.57
C GLU C 175 57.96 3.47 0.50
N PHE C 176 59.12 4.12 0.61
CA PHE C 176 60.16 4.06 -0.41
C PHE C 176 61.44 4.65 0.17
N ALA C 177 62.51 4.60 -0.62
CA ALA C 177 63.82 5.07 -0.20
C ALA C 177 64.39 6.04 -1.24
N PRO C 178 64.32 7.34 -0.99
CA PRO C 178 64.81 8.33 -1.96
C PRO C 178 66.25 8.74 -1.74
N VAL C 179 66.90 9.13 -2.83
CA VAL C 179 68.29 9.54 -2.85
C VAL C 179 68.43 10.80 -3.67
N GLU C 180 69.67 11.25 -3.83
CA GLU C 180 69.99 12.43 -4.63
C GLU C 180 69.94 12.08 -6.12
N LYS C 181 70.16 13.11 -6.94
CA LYS C 181 70.53 12.92 -8.33
C LYS C 181 72.02 12.78 -8.51
N GLU C 182 72.80 13.20 -7.53
CA GLU C 182 74.25 13.34 -7.64
C GLU C 182 74.90 12.52 -6.54
N LEU C 183 75.81 11.61 -6.92
CA LEU C 183 76.72 10.91 -6.02
C LEU C 183 75.99 10.04 -5.00
N SER C 184 74.95 9.33 -5.45
CA SER C 184 74.04 8.62 -4.56
C SER C 184 74.74 7.42 -3.91
N ARG C 185 74.22 7.00 -2.76
CA ARG C 185 74.71 5.82 -2.06
C ARG C 185 73.55 4.94 -1.63
N LYS C 186 73.87 3.73 -1.18
CA LYS C 186 72.87 2.68 -1.04
C LYS C 186 71.95 2.91 0.16
N VAL C 187 70.66 2.60 -0.04
CA VAL C 187 69.61 2.78 0.95
C VAL C 187 68.62 1.63 0.80
N GLY C 188 67.81 1.42 1.83
CA GLY C 188 66.70 0.49 1.74
C GLY C 188 67.10 -0.96 2.01
N ASP C 189 66.09 -1.82 2.07
CA ASP C 189 66.29 -3.25 2.30
C ASP C 189 65.01 -3.99 1.88
N VAL C 190 65.09 -5.32 1.94
CA VAL C 190 64.05 -6.22 1.44
C VAL C 190 63.60 -7.13 2.57
N ARG C 191 62.29 -7.35 2.67
CA ARG C 191 61.67 -8.10 3.76
C ARG C 191 61.05 -9.39 3.22
N PHE C 192 61.01 -10.41 4.08
CA PHE C 192 60.62 -11.76 3.67
C PHE C 192 59.54 -12.29 4.61
N THR C 193 59.06 -13.50 4.35
CA THR C 193 58.07 -14.12 5.23
C THR C 193 58.26 -15.63 5.27
N SER C 194 57.82 -16.24 6.38
CA SER C 194 58.05 -17.65 6.62
C SER C 194 56.73 -18.38 6.89
N PRO C 195 56.60 -19.63 6.44
CA PRO C 195 55.37 -20.38 6.69
C PRO C 195 55.41 -21.25 7.93
N VAL C 196 54.24 -21.40 8.54
CA VAL C 196 54.03 -22.38 9.60
C VAL C 196 53.21 -23.54 9.03
N SER C 197 53.12 -24.63 9.79
CA SER C 197 52.51 -25.87 9.30
C SER C 197 51.31 -26.25 10.14
N MET C 198 50.36 -26.92 9.50
CA MET C 198 49.27 -27.61 10.19
C MET C 198 49.44 -29.12 10.05
N ARG C 199 48.63 -29.87 10.79
CA ARG C 199 48.89 -31.29 10.99
C ARG C 199 47.58 -32.06 11.05
N ASN C 200 47.61 -33.31 10.56
CA ASN C 200 46.55 -34.26 10.79
C ASN C 200 47.14 -35.67 10.74
N GLU C 201 46.34 -36.65 11.16
CA GLU C 201 46.78 -38.04 11.27
C GLU C 201 45.65 -38.98 10.86
N TRP C 202 45.90 -40.27 10.99
CA TRP C 202 45.07 -41.32 10.42
C TRP C 202 44.18 -41.99 11.47
N THR C 203 43.33 -42.88 11.00
CA THR C 203 42.41 -43.65 11.84
C THR C 203 42.29 -45.06 11.28
N THR C 204 42.49 -46.06 12.13
CA THR C 204 42.47 -47.46 11.71
C THR C 204 41.30 -48.15 12.39
N ILE C 205 40.44 -48.79 11.60
CA ILE C 205 39.21 -49.40 12.08
C ILE C 205 39.24 -50.89 11.76
N ARG C 206 38.32 -51.64 12.37
CA ARG C 206 38.28 -53.08 12.22
C ARG C 206 36.87 -53.60 12.47
N ILE C 207 36.53 -54.71 11.82
CA ILE C 207 35.26 -55.39 12.01
C ILE C 207 35.54 -56.89 12.04
N GLN C 208 34.57 -57.65 12.53
CA GLN C 208 34.70 -59.08 12.75
C GLN C 208 33.31 -59.70 12.80
N HIS C 209 33.16 -60.84 12.15
CA HIS C 209 31.96 -61.66 12.30
C HIS C 209 32.36 -63.12 12.29
N LYS C 210 31.67 -63.92 13.09
CA LYS C 210 31.95 -65.34 13.25
C LYS C 210 30.71 -66.15 12.94
N VAL C 211 30.86 -67.18 12.12
CA VAL C 211 29.79 -68.12 11.85
C VAL C 211 30.28 -69.53 12.17
N ALA C 212 29.33 -70.41 12.42
CA ALA C 212 29.66 -71.82 12.58
C ALA C 212 29.90 -72.46 11.22
N GLY C 213 30.57 -73.60 11.23
CA GLY C 213 30.80 -74.32 9.98
C GLY C 213 29.60 -75.04 9.44
N ASN C 214 28.49 -75.06 10.20
CA ASN C 214 27.22 -75.63 9.75
C ASN C 214 26.52 -74.77 8.72
N LYS C 215 26.98 -73.54 8.52
CA LYS C 215 26.33 -72.57 7.66
C LYS C 215 26.97 -72.48 6.29
N LEU C 216 27.64 -73.53 5.83
CA LEU C 216 28.35 -73.47 4.55
C LEU C 216 27.38 -73.47 3.39
N ASN C 217 26.43 -74.40 3.37
CA ASN C 217 25.30 -74.39 2.45
C ASN C 217 24.07 -74.61 3.32
N LYS C 218 23.57 -73.53 3.89
CA LYS C 218 22.39 -73.54 4.74
C LYS C 218 21.27 -72.85 3.99
N LYS C 219 20.25 -73.61 3.61
CA LYS C 219 19.16 -73.04 2.85
C LYS C 219 18.07 -72.54 3.79
N LEU C 220 17.40 -71.47 3.41
CA LEU C 220 16.45 -70.78 4.26
C LEU C 220 15.04 -71.10 3.80
N ALA C 221 14.34 -71.93 4.56
CA ALA C 221 12.93 -72.22 4.30
C ALA C 221 12.12 -71.06 4.83
N MET C 222 11.83 -70.11 3.95
CA MET C 222 11.30 -68.80 4.34
C MET C 222 9.82 -68.91 4.70
N GLY C 223 9.55 -69.08 5.99
CA GLY C 223 8.19 -68.91 6.47
C GLY C 223 7.75 -67.47 6.42
N ILE C 224 8.65 -66.55 6.73
CA ILE C 224 8.52 -65.14 6.38
C ILE C 224 9.68 -64.83 5.45
N PRO C 225 9.54 -63.82 4.56
CA PRO C 225 10.63 -63.53 3.62
C PRO C 225 11.87 -63.02 4.33
N MET C 226 13.02 -63.39 3.78
CA MET C 226 14.29 -62.93 4.33
C MET C 226 14.64 -61.61 3.66
N VAL C 227 14.99 -60.63 4.49
CA VAL C 227 15.23 -59.28 4.01
C VAL C 227 16.71 -58.97 4.12
N ARG C 228 17.14 -57.98 3.33
CA ARG C 228 18.45 -57.38 3.45
C ARG C 228 18.31 -55.97 3.99
N ASN C 229 19.24 -55.58 4.84
CA ASN C 229 19.33 -54.20 5.27
C ASN C 229 20.08 -53.41 4.22
N LEU C 230 19.46 -52.37 3.68
CA LEU C 230 20.16 -51.58 2.67
C LEU C 230 21.04 -50.53 3.33
N GLU C 231 21.88 -49.88 2.52
CA GLU C 231 22.66 -48.75 3.00
C GLU C 231 21.76 -47.55 3.28
N SER C 232 20.66 -47.46 2.56
CA SER C 232 19.69 -46.38 2.76
C SER C 232 18.97 -46.52 4.09
N GLY C 233 18.88 -47.74 4.62
CA GLY C 233 18.12 -48.03 5.82
C GLY C 233 16.88 -48.87 5.56
N LYS C 234 16.54 -49.09 4.29
CA LYS C 234 15.33 -49.81 3.92
C LYS C 234 15.57 -51.32 4.02
N GLN C 235 14.61 -52.03 4.59
CA GLN C 235 14.58 -53.47 4.46
C GLN C 235 14.03 -53.80 3.09
N VAL C 236 14.84 -54.39 2.23
CA VAL C 236 14.39 -54.82 0.91
C VAL C 236 14.20 -56.33 0.95
N LYS C 237 13.16 -56.81 0.28
CA LYS C 237 12.91 -58.24 0.23
C LYS C 237 13.88 -58.90 -0.74
N ASP C 238 14.41 -60.05 -0.34
CA ASP C 238 15.40 -60.76 -1.14
C ASP C 238 14.91 -62.19 -1.36
N THR C 239 15.47 -62.83 -2.40
CA THR C 239 15.01 -64.14 -2.82
C THR C 239 16.08 -65.22 -2.80
N ALA C 240 17.33 -64.88 -2.53
CA ALA C 240 18.37 -65.89 -2.40
C ALA C 240 18.16 -66.71 -1.14
N ASN C 241 18.33 -68.02 -1.24
CA ASN C 241 17.98 -68.91 -0.15
C ASN C 241 19.17 -69.30 0.71
N MET C 242 20.38 -68.84 0.39
CA MET C 242 21.55 -69.21 1.17
C MET C 242 21.82 -68.16 2.23
N TRP C 243 22.15 -68.62 3.44
CA TRP C 243 22.30 -67.72 4.57
C TRP C 243 23.56 -66.87 4.48
N MET C 244 24.63 -67.40 3.89
CA MET C 244 25.87 -66.66 3.78
C MET C 244 25.83 -65.58 2.70
N HIS C 245 24.77 -65.54 1.89
CA HIS C 245 24.53 -64.40 1.02
C HIS C 245 24.10 -63.18 1.82
N TYR C 246 23.42 -63.40 2.95
CA TYR C 246 22.95 -62.32 3.81
C TYR C 246 23.98 -61.91 4.84
N VAL C 247 24.87 -62.83 5.24
CA VAL C 247 25.95 -62.48 6.16
C VAL C 247 26.99 -61.62 5.45
N ASP C 248 27.37 -61.99 4.23
CA ASP C 248 28.32 -61.21 3.44
C ASP C 248 27.76 -59.85 3.04
N TRP C 249 26.44 -59.69 3.02
CA TRP C 249 25.87 -58.37 2.78
C TRP C 249 26.07 -57.47 3.99
N GLU C 250 25.90 -57.99 5.21
CA GLU C 250 25.96 -57.14 6.39
C GLU C 250 27.38 -56.91 6.89
N VAL C 251 28.32 -57.79 6.58
CA VAL C 251 29.72 -57.54 6.92
C VAL C 251 30.26 -56.38 6.10
N GLU C 252 29.91 -56.34 4.82
CA GLU C 252 30.34 -55.23 3.98
C GLU C 252 29.55 -53.96 4.28
N LEU C 253 28.32 -54.10 4.75
CA LEU C 253 27.50 -52.93 5.03
C LEU C 253 27.93 -52.24 6.32
N GLN C 254 28.23 -53.02 7.35
CA GLN C 254 28.61 -52.44 8.64
C GLN C 254 30.05 -51.94 8.62
N PHE C 255 30.91 -52.54 7.80
CA PHE C 255 32.26 -52.03 7.65
C PHE C 255 32.28 -50.72 6.86
N ASP C 256 31.39 -50.57 5.88
CA ASP C 256 31.31 -49.32 5.16
C ASP C 256 30.67 -48.23 6.02
N GLU C 257 29.79 -48.62 6.95
CA GLU C 257 29.27 -47.65 7.90
C GLU C 257 30.33 -47.25 8.92
N TYR C 258 31.25 -48.16 9.25
CA TYR C 258 32.38 -47.80 10.09
C TYR C 258 33.32 -46.83 9.38
N LYS C 259 33.45 -46.95 8.05
CA LYS C 259 34.33 -46.08 7.29
C LYS C 259 33.74 -44.69 7.14
N ASN C 260 32.42 -44.59 7.00
CA ASN C 260 31.80 -43.28 6.79
C ASN C 260 31.67 -42.52 8.11
N ASN C 261 31.37 -43.22 9.20
CA ASN C 261 31.20 -42.56 10.48
C ASN C 261 32.54 -42.13 11.06
N ALA C 262 33.62 -42.81 10.69
CA ALA C 262 34.95 -42.39 11.15
C ALA C 262 35.44 -41.18 10.37
N MET C 263 35.19 -41.16 9.06
CA MET C 263 35.65 -40.06 8.22
C MET C 263 34.87 -38.78 8.51
N ALA C 264 33.55 -38.89 8.64
CA ALA C 264 32.74 -37.71 8.94
C ALA C 264 32.87 -37.31 10.40
N TRP C 265 32.66 -38.26 11.31
CA TRP C 265 32.55 -37.96 12.73
C TRP C 265 33.74 -38.58 13.46
N GLY C 266 34.84 -37.87 13.48
CA GLY C 266 36.03 -38.32 14.18
C GLY C 266 36.53 -37.24 15.11
N THR C 267 37.08 -37.69 16.24
CA THR C 267 37.68 -36.81 17.23
C THR C 267 39.09 -37.30 17.53
N SER C 268 40.04 -36.37 17.55
CA SER C 268 41.42 -36.72 17.85
C SER C 268 41.57 -37.03 19.33
N ASN C 269 42.07 -38.23 19.63
CA ASN C 269 42.23 -38.65 21.01
C ASN C 269 43.62 -38.35 21.54
N ARG C 270 44.34 -37.44 20.90
CA ARG C 270 45.62 -36.98 21.40
C ARG C 270 45.37 -35.92 22.47
N ASN C 271 46.10 -36.01 23.58
CA ASN C 271 45.91 -35.14 24.71
C ASN C 271 46.54 -33.77 24.46
N LEU C 272 46.44 -32.88 25.43
CA LEU C 272 47.13 -31.59 25.34
C LEU C 272 48.64 -31.76 25.45
N ASN C 273 49.08 -32.81 26.12
CA ASN C 273 50.49 -33.11 26.30
C ASN C 273 51.06 -33.92 25.15
N GLY C 274 50.29 -34.14 24.09
CA GLY C 274 50.75 -34.93 22.97
C GLY C 274 50.85 -36.41 23.26
N GLU C 275 49.93 -36.94 24.06
CA GLU C 275 49.91 -38.35 24.41
C GLU C 275 48.56 -38.94 24.09
N TYR C 276 48.53 -40.25 23.87
CA TYR C 276 47.30 -40.99 23.63
C TYR C 276 47.02 -41.83 24.87
N MET C 277 45.78 -41.74 25.36
CA MET C 277 45.42 -42.39 26.62
C MET C 277 44.52 -43.60 26.45
N ASN C 278 44.02 -43.86 25.26
CA ASN C 278 43.15 -45.01 25.01
C ASN C 278 44.01 -46.15 24.50
N PHE C 279 44.13 -47.20 25.30
CA PHE C 279 45.02 -48.33 25.03
C PHE C 279 44.20 -49.53 24.59
N GLY C 280 44.64 -50.19 23.52
CA GLY C 280 43.93 -51.31 22.96
C GLY C 280 44.08 -52.57 23.78
N LYS C 281 43.60 -53.67 23.20
CA LYS C 281 43.60 -54.94 23.92
C LYS C 281 44.99 -55.55 24.06
N SER C 282 45.95 -55.14 23.23
CA SER C 282 47.33 -55.53 23.46
C SER C 282 48.03 -54.64 24.47
N GLY C 283 47.55 -53.42 24.68
CA GLY C 283 48.21 -52.46 25.52
C GLY C 283 48.86 -51.31 24.79
N ASN C 284 48.90 -51.35 23.46
CA ASN C 284 49.37 -50.22 22.69
C ASN C 284 48.26 -49.19 22.51
N ALA C 285 48.66 -47.96 22.20
CA ALA C 285 47.72 -46.85 22.16
C ALA C 285 46.88 -46.88 20.90
N ILE C 286 45.59 -46.57 21.05
CA ILE C 286 44.69 -46.40 19.92
C ILE C 286 44.77 -44.95 19.49
N LYS C 287 45.30 -44.72 18.30
CA LYS C 287 45.53 -43.38 17.77
C LYS C 287 44.50 -43.09 16.70
N THR C 288 43.69 -42.06 16.91
CA THR C 288 42.69 -41.63 15.96
C THR C 288 42.92 -40.18 15.60
N GLY C 289 42.37 -39.78 14.44
CA GLY C 289 42.49 -38.42 13.96
C GLY C 289 41.11 -37.77 13.86
N ALA C 290 41.13 -36.48 13.57
CA ALA C 290 39.89 -35.73 13.49
C ALA C 290 39.11 -36.09 12.24
N GLY C 291 37.80 -35.91 12.31
CA GLY C 291 36.91 -36.20 11.21
C GLY C 291 36.77 -35.02 10.28
N ILE C 292 35.77 -35.10 9.41
CA ILE C 292 35.40 -33.94 8.59
C ILE C 292 34.90 -32.82 9.49
N PHE C 293 34.03 -33.16 10.44
CA PHE C 293 33.32 -32.17 11.23
C PHE C 293 34.11 -31.70 12.45
N GLU C 294 35.32 -32.18 12.66
CA GLU C 294 36.19 -31.61 13.69
C GLU C 294 37.26 -30.72 13.09
N GLN C 295 37.78 -31.07 11.91
CA GLN C 295 38.75 -30.24 11.22
C GLN C 295 38.15 -28.95 10.69
N THR C 296 36.84 -28.90 10.54
CA THR C 296 36.18 -27.80 9.86
C THR C 296 35.68 -26.73 10.82
N GLU C 297 35.76 -26.97 12.13
CA GLU C 297 35.21 -26.07 13.13
C GLU C 297 36.29 -25.34 13.91
N VAL C 298 37.55 -25.47 13.49
CA VAL C 298 38.62 -24.87 14.27
C VAL C 298 38.77 -23.38 13.97
N ALA C 299 38.36 -22.92 12.80
CA ALA C 299 38.57 -21.52 12.43
C ALA C 299 37.34 -20.66 12.59
N ASN C 300 36.26 -20.98 11.89
CA ASN C 300 35.06 -20.15 11.89
C ASN C 300 33.98 -20.73 12.80
N THR C 301 34.37 -20.89 14.07
CA THR C 301 33.47 -21.25 15.16
C THR C 301 32.30 -20.26 15.25
N MET C 302 31.08 -20.79 15.42
CA MET C 302 29.91 -19.97 15.71
C MET C 302 28.82 -20.83 16.30
N TYR C 303 28.17 -20.32 17.36
CA TYR C 303 27.05 -20.97 18.00
C TYR C 303 25.98 -19.93 18.25
N TYR C 304 24.73 -20.38 18.42
CA TYR C 304 23.62 -19.45 18.57
C TYR C 304 22.46 -20.14 19.26
N ASN C 305 21.51 -19.32 19.72
CA ASN C 305 20.13 -19.75 19.99
C ASN C 305 19.16 -19.12 19.02
N THR C 306 19.21 -17.81 18.85
CA THR C 306 18.36 -17.09 17.91
C THR C 306 19.17 -16.80 16.65
N PHE C 307 18.68 -17.30 15.53
CA PHE C 307 19.36 -17.07 14.26
C PHE C 307 19.24 -15.62 13.84
N SER C 308 20.37 -15.01 13.49
CA SER C 308 20.42 -13.65 13.00
C SER C 308 21.02 -13.67 11.60
N LEU C 309 20.29 -13.11 10.64
CA LEU C 309 20.83 -13.02 9.27
C LEU C 309 21.88 -11.94 9.19
N LYS C 310 21.76 -10.88 9.99
CA LYS C 310 22.75 -9.81 9.99
C LYS C 310 24.10 -10.28 10.49
N LEU C 311 24.11 -11.21 11.44
CA LEU C 311 25.37 -11.75 11.93
C LEU C 311 25.96 -12.75 10.95
N LEU C 312 25.11 -13.42 10.16
CA LEU C 312 25.61 -14.34 9.15
C LEU C 312 26.23 -13.58 7.98
N GLU C 313 25.60 -12.48 7.55
CA GLU C 313 26.13 -11.71 6.44
C GLU C 313 27.35 -10.89 6.85
N ASP C 314 27.41 -10.42 8.10
CA ASP C 314 28.55 -9.66 8.57
C ASP C 314 29.65 -10.54 9.14
N ALA C 315 29.56 -11.85 8.93
CA ALA C 315 30.67 -12.74 9.16
C ALA C 315 31.15 -13.39 7.87
N LEU C 316 30.34 -13.35 6.81
CA LEU C 316 30.77 -13.75 5.48
C LEU C 316 31.28 -12.57 4.66
N TYR C 317 31.12 -11.35 5.15
CA TYR C 317 31.64 -10.17 4.48
C TYR C 317 32.93 -9.68 5.09
N GLU C 318 33.23 -10.03 6.33
CA GLU C 318 34.46 -9.59 6.96
C GLU C 318 35.64 -10.48 6.63
N LEU C 319 35.41 -11.69 6.16
CA LEU C 319 36.48 -12.54 5.67
C LEU C 319 36.56 -12.56 4.15
N SER C 320 35.51 -12.11 3.47
CA SER C 320 35.51 -12.02 2.02
C SER C 320 35.42 -10.57 1.55
N ALA C 321 35.95 -9.62 2.32
CA ALA C 321 35.82 -8.22 1.96
C ALA C 321 36.66 -7.88 0.74
N SER C 322 37.98 -7.93 0.88
CA SER C 322 38.84 -7.63 -0.25
C SER C 322 39.74 -8.80 -0.60
N LYS C 323 39.36 -10.00 -0.19
CA LYS C 323 40.10 -11.22 -0.49
C LYS C 323 39.50 -11.99 -1.64
N LEU C 324 38.17 -12.07 -1.69
CA LEU C 324 37.46 -12.71 -2.80
C LEU C 324 36.95 -11.67 -3.78
N ALA C 325 36.95 -12.06 -5.06
CA ALA C 325 36.47 -11.19 -6.12
C ALA C 325 34.96 -11.01 -6.03
N MET C 326 34.46 -9.99 -6.74
CA MET C 326 33.04 -9.65 -6.67
C MET C 326 32.16 -10.75 -7.26
N ASP C 327 32.68 -11.52 -8.21
CA ASP C 327 31.98 -12.66 -8.78
C ASP C 327 32.31 -13.96 -8.07
N ASP C 328 33.08 -13.90 -6.98
CA ASP C 328 33.52 -15.08 -6.24
C ASP C 328 32.92 -15.13 -4.84
N ARG C 329 31.76 -14.52 -4.64
CA ARG C 329 31.18 -14.39 -3.31
C ARG C 329 29.82 -15.06 -3.20
N LEU C 330 29.57 -16.10 -3.98
CA LEU C 330 28.40 -16.92 -3.77
C LEU C 330 28.69 -17.92 -2.67
N PHE C 331 27.88 -17.91 -1.61
CA PHE C 331 28.07 -18.77 -0.46
C PHE C 331 26.84 -19.68 -0.34
N VAL C 332 27.01 -20.93 -0.73
CA VAL C 332 25.93 -21.91 -0.67
C VAL C 332 25.90 -22.53 0.72
N ILE C 333 24.77 -22.42 1.40
CA ILE C 333 24.59 -22.96 2.74
C ILE C 333 24.03 -24.37 2.63
N LYS C 334 24.74 -25.34 3.16
CA LYS C 334 24.22 -26.69 3.31
C LYS C 334 23.62 -26.83 4.71
N THR C 335 22.35 -27.22 4.77
CA THR C 335 21.62 -27.30 6.02
C THR C 335 20.50 -28.31 5.87
N GLY C 336 19.66 -28.41 6.91
CA GLY C 336 18.52 -29.29 6.90
C GLY C 336 17.26 -28.61 6.41
N GLU C 337 16.13 -29.31 6.55
CA GLU C 337 14.86 -28.74 6.15
C GLU C 337 14.37 -27.70 7.14
N ARG C 338 14.60 -27.92 8.43
CA ARG C 338 14.20 -26.95 9.43
C ARG C 338 15.17 -25.79 9.55
N GLY C 339 16.38 -25.93 9.03
CA GLY C 339 17.23 -24.78 8.84
C GLY C 339 16.82 -23.90 7.68
N ALA C 340 16.09 -24.46 6.71
CA ALA C 340 15.57 -23.66 5.61
C ALA C 340 14.36 -22.84 6.01
N ILE C 341 13.57 -23.32 6.98
CA ILE C 341 12.42 -22.56 7.45
C ILE C 341 12.88 -21.47 8.41
N GLN C 342 13.89 -21.75 9.23
CA GLN C 342 14.49 -20.74 10.09
C GLN C 342 15.18 -19.66 9.26
N PHE C 343 15.75 -20.03 8.11
CA PHE C 343 16.30 -19.04 7.20
C PHE C 343 15.20 -18.25 6.52
N HIS C 344 14.09 -18.90 6.19
CA HIS C 344 12.99 -18.24 5.49
C HIS C 344 12.33 -17.16 6.34
N LYS C 345 12.11 -17.46 7.62
CA LYS C 345 11.49 -16.49 8.52
C LYS C 345 12.42 -15.32 8.80
N GLU C 346 13.73 -15.56 8.79
CA GLU C 346 14.67 -14.48 9.10
C GLU C 346 14.84 -13.52 7.92
N VAL C 347 14.80 -14.03 6.69
CA VAL C 347 14.74 -13.15 5.52
C VAL C 347 13.40 -12.45 5.46
N LEU C 348 12.32 -13.11 5.90
CA LEU C 348 11.00 -12.49 5.93
C LEU C 348 10.93 -11.35 6.94
N LYS C 349 11.66 -11.47 8.05
CA LYS C 349 11.78 -10.35 8.98
C LYS C 349 12.61 -9.23 8.39
N THR C 350 13.59 -9.57 7.56
CA THR C 350 14.44 -8.55 6.93
C THR C 350 13.68 -7.75 5.89
N VAL C 351 12.90 -8.41 5.05
CA VAL C 351 12.14 -7.70 4.01
C VAL C 351 10.89 -7.04 4.55
N SER C 352 10.51 -7.30 5.80
CA SER C 352 9.41 -6.57 6.42
C SER C 352 9.90 -5.35 7.17
N GLY C 353 11.21 -5.15 7.26
CA GLY C 353 11.77 -3.95 7.83
C GLY C 353 12.10 -2.95 6.74
N TRP C 354 12.08 -3.42 5.50
CA TRP C 354 12.28 -2.56 4.33
C TRP C 354 10.95 -1.85 4.04
N THR C 355 10.65 -0.85 4.86
CA THR C 355 9.44 -0.06 4.70
C THR C 355 9.61 1.08 3.70
N THR C 356 10.81 1.27 3.17
CA THR C 356 10.99 2.16 2.02
C THR C 356 10.28 1.60 0.80
N PHE C 357 10.39 0.29 0.59
CA PHE C 357 9.81 -0.38 -0.56
C PHE C 357 8.49 -1.04 -0.19
N VAL C 358 7.63 -1.21 -1.18
CA VAL C 358 6.36 -1.90 -1.03
C VAL C 358 6.45 -3.21 -1.80
N LEU C 359 6.33 -4.32 -1.10
CA LEU C 359 6.42 -5.64 -1.72
C LEU C 359 5.03 -6.00 -2.22
N ASP C 360 4.77 -5.77 -3.50
CA ASP C 360 3.45 -6.00 -4.04
C ASP C 360 3.33 -7.42 -4.57
N ASN C 361 2.11 -7.94 -4.55
CA ASN C 361 1.83 -9.29 -5.02
C ASN C 361 2.01 -9.43 -6.53
N ASN C 362 2.03 -8.32 -7.28
CA ASN C 362 2.18 -8.36 -8.72
C ASN C 362 3.55 -8.83 -9.17
N SER C 363 4.54 -8.86 -8.29
CA SER C 363 5.88 -9.32 -8.60
C SER C 363 6.34 -10.50 -7.76
N THR C 364 5.98 -10.52 -6.47
CA THR C 364 6.35 -11.64 -5.61
C THR C 364 5.47 -12.86 -5.83
N ARG C 365 4.21 -12.64 -6.25
CA ARG C 365 3.25 -13.70 -6.60
C ARG C 365 2.99 -14.64 -5.44
N VAL C 366 2.76 -14.07 -4.25
CA VAL C 366 2.50 -14.89 -3.08
C VAL C 366 1.10 -15.46 -3.11
N VAL C 367 0.18 -14.79 -3.79
CA VAL C 367 -1.19 -15.26 -3.98
C VAL C 367 -1.43 -15.41 -5.47
N GLU C 368 -1.55 -16.64 -5.94
CA GLU C 368 -1.66 -16.95 -7.35
C GLU C 368 -3.08 -17.34 -7.72
N LYS C 369 -3.39 -17.22 -9.00
CA LYS C 369 -4.70 -17.62 -9.52
C LYS C 369 -4.62 -19.05 -10.03
N VAL C 370 -5.57 -19.87 -9.63
CA VAL C 370 -5.65 -21.26 -10.07
C VAL C 370 -7.06 -21.54 -10.54
N GLN C 371 -7.19 -22.57 -11.36
CA GLN C 371 -8.49 -22.97 -11.89
C GLN C 371 -9.09 -24.04 -11.00
N SER C 372 -10.35 -23.86 -10.64
CA SER C 372 -11.02 -24.79 -9.75
C SER C 372 -12.52 -24.75 -10.02
N ARG C 373 -13.19 -25.85 -9.69
CA ARG C 373 -14.63 -25.93 -9.88
C ARG C 373 -15.39 -25.19 -8.78
N LEU C 374 -14.73 -24.85 -7.68
CA LEU C 374 -15.40 -24.23 -6.54
C LEU C 374 -15.80 -22.80 -6.85
N HIS C 375 -14.96 -22.06 -7.56
CA HIS C 375 -15.19 -20.63 -7.75
C HIS C 375 -14.76 -20.23 -9.15
N SER C 376 -15.29 -19.09 -9.59
CA SER C 376 -14.85 -18.50 -10.86
C SER C 376 -13.50 -17.81 -10.72
N ASN C 377 -13.19 -17.30 -9.53
CA ASN C 377 -11.90 -16.68 -9.22
C ASN C 377 -11.34 -17.39 -8.01
N ALA C 378 -10.66 -18.51 -8.22
CA ALA C 378 -10.09 -19.29 -7.15
C ALA C 378 -8.61 -19.00 -7.01
N LEU C 379 -8.14 -18.98 -5.77
CA LEU C 379 -6.81 -18.49 -5.47
C LEU C 379 -5.96 -19.55 -4.79
N SER C 380 -4.65 -19.35 -4.84
CA SER C 380 -3.67 -20.19 -4.19
C SER C 380 -2.78 -19.30 -3.33
N ALA C 381 -2.03 -19.90 -2.43
CA ALA C 381 -1.19 -19.11 -1.53
C ALA C 381 0.06 -19.89 -1.18
N GLY C 382 1.19 -19.18 -1.04
CA GLY C 382 2.41 -19.82 -0.61
C GLY C 382 3.68 -19.23 -1.16
N PHE C 383 4.72 -19.16 -0.33
CA PHE C 383 6.01 -18.59 -0.72
C PHE C 383 7.07 -19.07 0.25
N GLN C 384 8.33 -18.95 -0.17
CA GLN C 384 9.47 -19.27 0.69
C GLN C 384 10.66 -18.44 0.24
N PHE C 385 11.29 -17.74 1.18
CA PHE C 385 12.51 -16.98 0.93
C PHE C 385 13.70 -17.93 1.03
N VAL C 386 14.38 -18.17 -0.09
CA VAL C 386 15.49 -19.11 -0.14
C VAL C 386 16.81 -18.45 -0.44
N GLU C 387 16.84 -17.12 -0.59
CA GLU C 387 18.07 -16.45 -0.97
C GLU C 387 18.05 -15.03 -0.43
N TYR C 388 19.19 -14.59 0.09
CA TYR C 388 19.41 -13.20 0.43
C TYR C 388 20.66 -12.72 -0.30
N LYS C 389 20.57 -11.56 -0.92
CA LYS C 389 21.69 -10.96 -1.64
C LYS C 389 22.22 -9.79 -0.83
N ALA C 390 23.36 -9.99 -0.19
CA ALA C 390 23.98 -8.95 0.62
C ALA C 390 24.65 -7.95 -0.30
N PRO C 391 24.91 -6.72 0.19
CA PRO C 391 25.62 -5.74 -0.64
C PRO C 391 27.04 -6.15 -0.98
N ASN C 392 27.53 -5.57 -2.09
CA ASN C 392 28.90 -5.69 -2.58
C ASN C 392 29.25 -7.11 -2.98
N GLY C 393 28.32 -7.81 -3.61
CA GLY C 393 28.60 -9.05 -4.30
C GLY C 393 28.33 -10.32 -3.53
N VAL C 394 28.00 -10.22 -2.24
CA VAL C 394 27.83 -11.39 -1.39
C VAL C 394 26.42 -11.94 -1.59
N ARG C 395 26.32 -13.17 -2.07
CA ARG C 395 25.04 -13.85 -2.23
C ARG C 395 25.01 -15.09 -1.33
N VAL C 396 23.86 -15.32 -0.72
CA VAL C 396 23.67 -16.41 0.24
C VAL C 396 22.54 -17.29 -0.26
N ARG C 397 22.83 -18.58 -0.46
CA ARG C 397 21.85 -19.51 -1.00
C ARG C 397 21.81 -20.78 -0.17
N LEU C 398 20.64 -21.38 -0.06
CA LEU C 398 20.45 -22.61 0.70
C LEU C 398 20.62 -23.84 -0.18
N ASP C 399 21.06 -24.93 0.44
CA ASP C 399 21.11 -26.25 -0.20
C ASP C 399 20.73 -27.28 0.85
N VAL C 400 19.44 -27.64 0.88
CA VAL C 400 18.92 -28.55 1.88
C VAL C 400 19.43 -29.96 1.61
N ASP C 401 20.10 -30.54 2.58
CA ASP C 401 20.68 -31.86 2.51
C ASP C 401 19.88 -32.81 3.41
N PRO C 402 19.51 -34.01 2.92
CA PRO C 402 18.91 -35.01 3.82
C PRO C 402 19.90 -35.63 4.79
N PHE C 403 21.19 -35.34 4.64
CA PHE C 403 22.20 -35.78 5.60
C PHE C 403 21.99 -35.13 6.96
N TYR C 404 21.47 -33.90 6.99
CA TYR C 404 21.32 -33.16 8.24
C TYR C 404 20.12 -33.61 9.05
N ASP C 405 19.04 -34.02 8.39
CA ASP C 405 17.79 -34.32 9.06
C ASP C 405 17.71 -35.77 9.54
N ASP C 406 18.82 -36.48 9.61
CA ASP C 406 18.82 -37.90 9.90
C ASP C 406 18.45 -38.17 11.36
N PRO C 407 17.29 -38.75 11.66
CA PRO C 407 16.83 -38.83 13.04
C PRO C 407 17.46 -39.97 13.83
N VAL C 408 18.28 -40.81 13.19
CA VAL C 408 18.90 -41.91 13.89
C VAL C 408 20.12 -41.44 14.66
N ARG C 409 21.07 -40.79 13.97
CA ARG C 409 22.26 -40.31 14.65
C ARG C 409 21.97 -39.07 15.49
N ASN C 410 21.05 -38.23 15.04
CA ASN C 410 20.77 -36.93 15.66
C ASN C 410 19.65 -37.13 16.67
N LYS C 411 20.01 -37.10 17.95
CA LYS C 411 19.10 -37.45 19.04
C LYS C 411 18.61 -36.24 19.83
N ILE C 412 19.41 -35.17 19.89
CA ILE C 412 18.96 -33.94 20.52
C ILE C 412 17.97 -33.26 19.58
N LEU C 413 16.73 -33.13 20.02
CA LEU C 413 15.72 -32.47 19.23
C LEU C 413 15.74 -30.97 19.48
N HIS C 414 15.18 -30.28 18.62
CA HIS C 414 15.04 -28.84 18.75
C HIS C 414 13.64 -28.52 19.24
N PRO C 415 13.49 -27.46 20.06
CA PRO C 415 12.15 -27.08 20.53
C PRO C 415 11.20 -26.62 19.44
N MET C 416 11.70 -26.23 18.27
CA MET C 416 10.87 -25.82 17.16
C MET C 416 10.62 -26.93 16.15
N GLY C 417 10.74 -28.19 16.58
CA GLY C 417 10.43 -29.29 15.70
C GLY C 417 11.62 -29.85 14.95
N GLY C 418 11.71 -31.17 14.87
CA GLY C 418 12.81 -31.80 14.19
C GLY C 418 14.02 -31.91 15.09
N VAL C 419 15.10 -32.44 14.52
CA VAL C 419 16.35 -32.58 15.25
C VAL C 419 17.02 -31.22 15.33
N ALA C 420 18.01 -31.10 16.21
CA ALA C 420 18.75 -29.85 16.29
C ALA C 420 19.81 -29.76 15.19
N PHE C 421 20.19 -30.88 14.59
CA PHE C 421 21.19 -30.84 13.54
C PHE C 421 20.65 -30.25 12.24
N SER C 422 19.33 -30.18 12.09
CA SER C 422 18.74 -29.55 10.91
C SER C 422 18.98 -28.04 10.89
N TYR C 423 19.11 -27.43 12.07
CA TYR C 423 19.28 -25.99 12.21
C TYR C 423 20.74 -25.56 12.15
N ARG C 424 21.62 -26.39 11.60
CA ARG C 424 23.04 -26.08 11.52
C ARG C 424 23.39 -25.70 10.10
N TYR C 425 24.07 -24.56 9.94
CA TYR C 425 24.47 -24.04 8.64
C TYR C 425 25.98 -24.17 8.47
N ASP C 426 26.40 -24.78 7.37
CA ASP C 426 27.81 -24.94 7.05
C ASP C 426 28.07 -24.52 5.62
N ILE C 427 28.93 -23.52 5.43
CA ILE C 427 29.35 -23.08 4.10
C ILE C 427 30.71 -23.73 3.89
N TRP C 428 30.73 -24.86 3.18
CA TRP C 428 31.96 -25.63 3.05
C TRP C 428 32.95 -24.96 2.11
N TYR C 429 32.49 -24.36 1.04
CA TYR C 429 33.39 -23.77 0.05
C TYR C 429 33.17 -22.28 -0.01
N ILE C 430 34.19 -21.52 0.36
CA ILE C 430 34.22 -20.07 0.27
C ILE C 430 35.27 -19.71 -0.77
N GLY C 431 34.83 -19.24 -1.93
CA GLY C 431 35.76 -18.87 -2.99
C GLY C 431 36.40 -20.07 -3.65
N THR C 432 37.41 -19.79 -4.47
CA THR C 432 38.22 -20.82 -5.12
C THR C 432 39.63 -20.77 -4.54
N MET C 433 40.22 -21.95 -4.33
CA MET C 433 41.42 -22.06 -3.50
C MET C 433 42.70 -22.25 -4.29
N ASP C 434 42.59 -22.64 -5.58
CA ASP C 434 43.59 -23.16 -6.55
C ASP C 434 43.88 -24.64 -6.31
N GLN C 435 43.24 -25.29 -5.35
CA GLN C 435 43.46 -26.69 -5.05
C GLN C 435 42.25 -27.21 -4.28
N PRO C 436 42.05 -28.52 -4.21
CA PRO C 436 40.98 -29.07 -3.36
C PRO C 436 41.22 -28.80 -1.88
N ASN C 437 40.23 -28.17 -1.24
CA ASN C 437 40.34 -27.85 0.18
C ASN C 437 40.05 -29.05 1.05
N ILE C 438 38.92 -29.72 0.79
CA ILE C 438 38.51 -30.89 1.56
C ILE C 438 38.64 -32.11 0.67
N PHE C 439 39.34 -33.13 1.15
CA PHE C 439 39.46 -34.38 0.44
C PHE C 439 39.58 -35.51 1.45
N LYS C 440 39.66 -36.73 0.94
CA LYS C 440 39.72 -37.93 1.77
C LYS C 440 41.09 -38.58 1.59
N CYS C 441 41.72 -38.93 2.70
CA CYS C 441 43.08 -39.44 2.67
C CYS C 441 43.08 -40.95 2.58
N LYS C 442 43.99 -41.48 1.76
CA LYS C 442 44.21 -42.91 1.63
C LYS C 442 45.70 -43.14 1.47
N ILE C 443 46.14 -44.35 1.72
CA ILE C 443 47.53 -44.72 1.49
C ILE C 443 47.62 -45.39 0.12
N LYS C 444 48.73 -45.17 -0.58
CA LYS C 444 48.88 -45.67 -1.94
C LYS C 444 49.29 -47.13 -1.88
N GLY C 445 48.60 -47.97 -2.65
CA GLY C 445 48.85 -49.40 -2.63
C GLY C 445 48.27 -50.12 -1.43
N ASP C 446 47.53 -49.42 -0.58
CA ASP C 446 46.97 -50.00 0.63
C ASP C 446 45.59 -50.54 0.29
N ASN C 447 45.52 -51.83 0.01
CA ASN C 447 44.26 -52.51 -0.17
C ASN C 447 43.74 -52.87 1.22
N GLU C 448 42.45 -52.63 1.45
CA GLU C 448 41.85 -52.93 2.74
C GLU C 448 41.86 -54.42 3.02
N TYR C 449 42.20 -54.77 4.26
CA TYR C 449 42.54 -56.15 4.61
C TYR C 449 41.30 -57.03 4.63
N ARG C 450 41.49 -58.29 4.25
CA ARG C 450 40.44 -59.30 4.33
C ARG C 450 41.10 -60.64 4.60
N GLY C 451 40.77 -61.25 5.73
CA GLY C 451 41.37 -62.52 6.10
C GLY C 451 40.35 -63.41 6.76
N TYR C 452 40.56 -64.71 6.62
CA TYR C 452 39.67 -65.71 7.17
C TYR C 452 40.44 -66.60 8.15
N GLN C 453 39.81 -66.90 9.27
CA GLN C 453 40.37 -67.76 10.30
C GLN C 453 39.37 -68.90 10.50
N TRP C 454 39.66 -70.06 9.91
CA TRP C 454 38.65 -71.11 9.80
C TRP C 454 39.24 -72.46 10.15
N GLY C 455 38.36 -73.39 10.49
CA GLY C 455 38.75 -74.72 10.89
C GLY C 455 38.67 -75.72 9.75
N ILE C 456 37.69 -76.62 9.79
CA ILE C 456 37.60 -77.69 8.81
C ILE C 456 36.86 -77.28 7.54
N ARG C 457 36.10 -76.18 7.56
CA ARG C 457 35.37 -75.73 6.40
C ARG C 457 35.10 -74.23 6.54
N ASN C 458 35.04 -73.55 5.40
CA ASN C 458 34.84 -72.11 5.34
C ASN C 458 33.47 -71.81 4.76
N PRO C 459 32.50 -71.39 5.57
CA PRO C 459 31.20 -70.98 5.01
C PRO C 459 31.28 -69.74 4.15
N PHE C 460 32.25 -68.85 4.39
CA PHE C 460 32.32 -67.60 3.65
C PHE C 460 32.74 -67.83 2.20
N THR C 461 33.85 -68.54 1.99
CA THR C 461 34.33 -68.83 0.65
C THR C 461 33.85 -70.18 0.12
N GLY C 462 32.98 -70.86 0.86
CA GLY C 462 32.39 -72.10 0.38
C GLY C 462 33.36 -73.25 0.21
N GLN C 463 34.40 -73.29 1.03
CA GLN C 463 35.49 -74.24 0.86
C GLN C 463 35.35 -75.37 1.87
N LYS C 464 35.30 -76.59 1.39
CA LYS C 464 35.20 -77.79 2.22
C LYS C 464 36.55 -78.48 2.21
N GLY C 465 37.15 -78.67 3.38
CA GLY C 465 38.49 -79.22 3.45
C GLY C 465 39.54 -78.14 3.63
N ASN C 466 40.48 -78.37 4.55
CA ASN C 466 41.49 -77.36 4.88
C ASN C 466 42.87 -78.00 4.95
N PRO C 467 43.81 -77.59 4.10
CA PRO C 467 45.18 -78.12 4.26
C PRO C 467 45.89 -77.51 5.45
N TYR C 468 45.74 -76.21 5.67
CA TYR C 468 46.39 -75.49 6.77
C TYR C 468 45.28 -74.98 7.68
N MET C 469 45.12 -75.62 8.83
CA MET C 469 44.02 -75.30 9.75
C MET C 469 44.42 -74.18 10.70
N SER C 470 43.44 -73.34 11.07
CA SER C 470 43.67 -72.32 12.08
C SER C 470 43.48 -72.88 13.48
N PHE C 471 42.32 -73.48 13.74
CA PHE C 471 42.04 -74.15 15.00
C PHE C 471 41.32 -75.45 14.69
N ASP C 472 40.96 -76.17 15.75
CA ASP C 472 40.21 -77.41 15.60
C ASP C 472 38.70 -77.20 15.63
N GLU C 473 38.23 -76.01 15.96
CA GLU C 473 36.79 -75.76 16.04
C GLU C 473 36.20 -75.61 14.65
N ASP C 474 34.92 -75.95 14.54
CA ASP C 474 34.16 -75.81 13.29
C ASP C 474 33.66 -74.38 13.21
N SER C 475 34.43 -73.52 12.53
CA SER C 475 34.12 -72.10 12.50
C SER C 475 34.77 -71.46 11.28
N ALA C 476 34.44 -70.19 11.08
CA ALA C 476 35.18 -69.29 10.22
C ALA C 476 34.93 -67.88 10.70
N VAL C 477 36.00 -67.13 10.92
CA VAL C 477 35.93 -65.75 11.38
C VAL C 477 36.54 -64.87 10.29
N ILE C 478 35.80 -63.85 9.87
CA ILE C 478 36.29 -62.91 8.87
C ILE C 478 36.78 -61.66 9.60
N HIS C 479 37.97 -61.20 9.23
CA HIS C 479 38.51 -59.96 9.77
C HIS C 479 38.73 -59.00 8.62
N ARG C 480 38.19 -57.79 8.75
CA ARG C 480 38.33 -56.74 7.75
C ARG C 480 38.92 -55.52 8.42
N MET C 481 39.76 -54.79 7.69
CA MET C 481 40.52 -53.72 8.30
C MET C 481 40.79 -52.63 7.27
N ALA C 482 40.76 -51.38 7.71
CA ALA C 482 40.98 -50.25 6.82
C ALA C 482 41.60 -49.10 7.58
N THR C 483 42.58 -48.45 6.96
CA THR C 483 43.23 -47.27 7.52
C THR C 483 42.84 -46.08 6.65
N LEU C 484 42.29 -45.04 7.28
CA LEU C 484 41.64 -43.99 6.52
C LEU C 484 41.66 -42.69 7.31
N GLY C 485 41.61 -41.58 6.59
CA GLY C 485 41.58 -40.27 7.19
C GLY C 485 41.00 -39.26 6.21
N VAL C 486 40.84 -38.03 6.70
CA VAL C 486 40.37 -36.92 5.88
C VAL C 486 41.27 -35.71 6.15
N CYS C 487 41.17 -34.73 5.26
CA CYS C 487 42.00 -33.53 5.35
C CYS C 487 41.22 -32.30 4.93
N VAL C 488 41.31 -31.25 5.73
CA VAL C 488 40.82 -29.93 5.37
C VAL C 488 42.01 -28.99 5.45
N LEU C 489 42.48 -28.52 4.29
CA LEU C 489 43.70 -27.72 4.24
C LEU C 489 43.50 -26.34 4.85
N ASP C 490 42.49 -25.61 4.37
CA ASP C 490 42.20 -24.26 4.84
C ASP C 490 40.85 -24.28 5.55
N PRO C 491 40.82 -24.34 6.89
CA PRO C 491 39.54 -24.25 7.60
C PRO C 491 38.99 -22.83 7.70
N THR C 492 39.75 -21.82 7.28
CA THR C 492 39.23 -20.46 7.16
C THR C 492 38.50 -20.24 5.84
N ARG C 493 38.53 -21.22 4.93
CA ARG C 493 37.67 -21.25 3.76
C ARG C 493 36.34 -21.91 4.05
N THR C 494 35.99 -22.09 5.33
CA THR C 494 34.77 -22.81 5.69
C THR C 494 34.18 -22.21 6.95
N MET C 495 32.91 -21.85 6.90
CA MET C 495 32.20 -21.28 8.03
C MET C 495 31.14 -22.25 8.54
N SER C 496 31.01 -22.30 9.86
CA SER C 496 30.01 -23.12 10.51
C SER C 496 29.10 -22.24 11.36
N LEU C 497 27.92 -22.75 11.65
CA LEU C 497 26.95 -22.03 12.47
C LEU C 497 26.05 -23.08 13.11
N ILE C 498 26.30 -23.39 14.38
CA ILE C 498 25.78 -24.58 15.03
C ILE C 498 24.76 -24.18 16.09
N PRO C 499 23.66 -24.92 16.27
CA PRO C 499 22.81 -24.67 17.45
C PRO C 499 23.54 -25.05 18.71
N ALA C 500 23.46 -24.17 19.72
CA ALA C 500 24.25 -24.34 20.92
C ALA C 500 23.70 -25.40 21.86
N ILE C 501 22.50 -25.93 21.59
CA ILE C 501 21.99 -27.05 22.36
C ILE C 501 22.66 -28.37 21.98
N LEU C 502 23.44 -28.38 20.91
CA LEU C 502 24.37 -29.47 20.61
C LEU C 502 25.62 -29.41 21.49
N GLN C 503 25.80 -28.33 22.25
CA GLN C 503 26.83 -28.14 23.28
C GLN C 503 28.24 -28.23 22.72
N GLY C 504 28.44 -27.72 21.51
CA GLY C 504 29.77 -27.63 20.94
C GLY C 504 30.38 -28.94 20.49
N ALA D 2 29.36 -4.93 15.62
CA ALA D 2 30.33 -3.87 15.37
C ALA D 2 31.60 -4.12 16.18
N GLY D 3 32.21 -5.28 15.98
CA GLY D 3 33.41 -5.63 16.71
C GLY D 3 34.19 -6.70 15.99
N LYS D 4 35.51 -6.68 16.18
CA LYS D 4 36.40 -7.62 15.52
C LYS D 4 36.67 -8.81 16.42
N LEU D 5 37.38 -9.78 15.87
CA LEU D 5 37.99 -10.86 16.63
C LEU D 5 39.30 -11.19 15.95
N GLY D 6 40.34 -11.45 16.75
CA GLY D 6 41.65 -11.70 16.19
C GLY D 6 41.73 -13.08 15.57
N LYS D 7 42.09 -13.14 14.29
CA LYS D 7 42.19 -14.40 13.56
C LYS D 7 43.61 -14.72 13.13
N PHE D 8 44.55 -13.81 13.36
CA PHE D 8 45.94 -14.02 12.98
C PHE D 8 46.80 -13.08 13.80
N GLN D 9 48.09 -13.36 13.82
CA GLN D 9 49.05 -12.44 14.41
C GLN D 9 50.38 -12.61 13.68
N MET D 10 50.98 -11.50 13.29
CA MET D 10 52.22 -11.51 12.52
C MET D 10 53.39 -11.21 13.44
N LEU D 11 54.30 -12.16 13.56
CA LEU D 11 55.43 -12.08 14.46
C LEU D 11 56.72 -12.22 13.66
N GLY D 12 57.76 -11.52 14.08
CA GLY D 12 59.07 -11.73 13.51
C GLY D 12 59.65 -13.07 13.93
N PHE D 13 60.65 -13.52 13.18
CA PHE D 13 61.27 -14.80 13.53
C PHE D 13 62.15 -14.69 14.77
N GLN D 14 62.66 -13.48 15.07
CA GLN D 14 63.51 -13.30 16.24
C GLN D 14 62.71 -13.37 17.53
N HIS D 15 61.39 -13.26 17.46
CA HIS D 15 60.50 -13.50 18.58
C HIS D 15 60.04 -14.95 18.65
N TRP D 16 60.82 -15.87 18.08
CA TRP D 16 60.57 -17.30 18.22
C TRP D 16 61.84 -18.00 18.70
N ALA D 32 61.67 -35.69 7.76
CA ALA D 32 60.45 -34.92 7.58
C ALA D 32 59.29 -35.83 7.16
N PRO D 33 58.09 -35.54 7.68
CA PRO D 33 56.93 -36.38 7.34
C PRO D 33 56.40 -36.12 5.94
N GLN D 34 55.33 -36.80 5.57
CA GLN D 34 54.73 -36.61 4.27
C GLN D 34 53.96 -35.30 4.23
N LYS D 35 53.70 -34.83 3.01
CA LYS D 35 52.98 -33.59 2.80
C LYS D 35 51.60 -33.89 2.25
N ALA D 36 50.59 -33.19 2.77
CA ALA D 36 49.25 -33.31 2.22
C ALA D 36 49.16 -32.62 0.87
N THR D 37 49.69 -31.41 0.78
CA THR D 37 49.78 -30.69 -0.48
C THR D 37 51.21 -30.18 -0.66
N ASN D 38 51.62 -30.06 -1.93
CA ASN D 38 52.97 -29.58 -2.20
C ASN D 38 53.02 -28.07 -2.20
N LEU D 39 52.08 -27.41 -2.86
CA LEU D 39 52.07 -25.94 -2.89
C LEU D 39 51.46 -25.39 -1.61
N MET D 40 51.97 -24.24 -1.18
CA MET D 40 51.58 -23.65 0.09
C MET D 40 50.15 -23.12 0.05
N VAL D 41 49.64 -22.81 1.23
CA VAL D 41 48.24 -22.44 1.43
C VAL D 41 48.17 -21.02 1.96
N GLN D 42 47.43 -20.17 1.26
CA GLN D 42 47.12 -18.84 1.79
C GLN D 42 45.77 -18.89 2.50
N LEU D 43 45.78 -18.70 3.81
CA LEU D 43 44.54 -18.74 4.56
C LEU D 43 43.73 -17.47 4.35
N LEU D 44 42.41 -17.58 4.48
CA LEU D 44 41.58 -16.38 4.48
C LEU D 44 41.66 -15.62 5.79
N ALA D 45 42.20 -16.22 6.84
CA ALA D 45 42.51 -15.48 8.06
C ALA D 45 43.94 -14.93 8.00
N PHE D 46 44.25 -14.26 6.91
CA PHE D 46 45.50 -13.53 6.72
C PHE D 46 45.22 -12.42 5.74
N TYR D 47 45.63 -11.21 6.06
CA TYR D 47 45.61 -10.16 5.05
C TYR D 47 46.70 -10.46 4.04
N ARG D 48 46.51 -9.97 2.83
CA ARG D 48 47.51 -10.10 1.78
C ARG D 48 47.80 -8.72 1.19
N GLY D 49 49.04 -8.54 0.76
CA GLY D 49 49.49 -7.23 0.32
C GLY D 49 48.87 -6.84 -1.00
N LYS D 50 48.61 -5.55 -1.17
CA LYS D 50 47.91 -5.03 -2.33
C LYS D 50 48.86 -4.30 -3.26
N SER D 51 48.73 -4.57 -4.56
CA SER D 51 49.42 -3.80 -5.57
C SER D 51 48.80 -2.43 -5.72
N LEU D 52 49.65 -1.43 -5.94
CA LEU D 52 49.22 -0.14 -6.45
C LEU D 52 49.35 -0.08 -7.96
N ASP D 53 49.47 -1.24 -8.60
CA ASP D 53 49.84 -1.29 -10.00
C ASP D 53 48.62 -1.04 -10.89
N THR D 54 47.49 -1.67 -10.58
CA THR D 54 46.27 -1.46 -11.34
C THR D 54 45.77 -0.02 -11.23
N PHE D 55 45.98 0.62 -10.08
CA PHE D 55 45.67 2.03 -9.97
C PHE D 55 46.63 2.88 -10.80
N LEU D 56 47.93 2.55 -10.76
CA LEU D 56 48.92 3.33 -11.51
C LEU D 56 48.83 3.07 -13.02
N ASN D 57 48.55 1.83 -13.42
CA ASN D 57 48.40 1.55 -14.84
C ASN D 57 47.05 2.01 -15.39
N SER D 58 46.15 2.51 -14.55
CA SER D 58 44.93 3.13 -15.01
C SER D 58 45.16 4.48 -15.68
N PHE D 59 46.34 5.07 -15.51
CA PHE D 59 46.84 6.32 -16.07
C PHE D 59 47.83 6.05 -17.19
N PRO D 60 47.84 6.89 -18.23
CA PRO D 60 48.81 6.71 -19.30
C PRO D 60 50.21 7.14 -18.88
N THR D 61 51.16 6.96 -19.79
CA THR D 61 52.54 7.36 -19.54
C THR D 61 53.02 8.24 -20.68
N ARG D 62 54.00 9.10 -20.37
CA ARG D 62 54.56 10.02 -21.35
C ARG D 62 56.06 10.13 -21.10
N GLU D 63 56.85 9.88 -22.14
CA GLU D 63 58.29 9.78 -22.00
C GLU D 63 58.96 11.10 -22.32
N PHE D 64 60.06 11.37 -21.61
CA PHE D 64 60.80 12.62 -21.70
C PHE D 64 62.23 12.34 -22.14
N GLU D 65 62.94 13.40 -22.53
CA GLU D 65 64.29 13.24 -23.02
C GLU D 65 65.28 13.01 -21.89
N ASP D 66 65.12 13.73 -20.78
CA ASP D 66 66.08 13.70 -19.70
C ASP D 66 65.34 13.95 -18.38
N ASP D 67 66.10 14.05 -17.29
CA ASP D 67 65.53 14.26 -15.96
C ASP D 67 65.48 15.73 -15.57
N ASN D 68 65.63 16.64 -16.54
CA ASN D 68 65.46 18.06 -16.27
C ASN D 68 64.01 18.36 -15.94
N GLU D 69 63.81 19.42 -15.16
CA GLU D 69 62.45 19.88 -14.86
C GLU D 69 61.81 20.41 -16.11
N TYR D 70 60.50 20.24 -16.23
CA TYR D 70 59.80 20.60 -17.44
C TYR D 70 58.67 21.57 -17.14
N TYR D 71 58.21 22.24 -18.18
CA TYR D 71 57.13 23.20 -18.05
C TYR D 71 56.22 23.12 -19.26
N TRP D 72 55.02 23.69 -19.11
CA TRP D 72 54.01 23.66 -20.15
C TRP D 72 53.16 24.91 -20.02
N ASP D 73 52.21 25.04 -20.94
CA ASP D 73 51.41 26.25 -21.10
C ASP D 73 50.09 26.10 -20.36
N VAL D 74 49.69 27.15 -19.64
CA VAL D 74 48.38 27.20 -19.01
C VAL D 74 47.66 28.42 -19.57
N ILE D 75 46.52 28.18 -20.23
CA ILE D 75 45.76 29.22 -20.91
C ILE D 75 44.47 29.46 -20.14
N GLY D 76 44.13 30.72 -19.93
CA GLY D 76 43.04 31.04 -19.03
C GLY D 76 41.81 31.64 -19.65
N SER D 77 41.35 32.76 -19.09
CA SER D 77 40.11 33.40 -19.48
C SER D 77 40.32 34.90 -19.56
N SER D 78 39.34 35.60 -20.13
CA SER D 78 39.54 36.99 -20.52
C SER D 78 38.59 37.98 -19.86
N ARG D 79 37.35 37.59 -19.54
CA ARG D 79 36.31 38.56 -19.21
C ARG D 79 36.46 39.03 -17.77
N ARG D 80 36.96 40.25 -17.58
CA ARG D 80 37.18 40.80 -16.26
C ARG D 80 36.14 41.86 -15.95
N ASN D 81 35.74 41.93 -14.69
CA ASN D 81 35.18 43.15 -14.13
C ASN D 81 36.07 43.58 -12.96
N ILE D 82 36.15 44.88 -12.73
CA ILE D 82 37.20 45.48 -11.90
C ILE D 82 36.59 45.86 -10.56
N PRO D 83 37.17 45.42 -9.44
CA PRO D 83 36.68 45.86 -8.14
C PRO D 83 36.95 47.34 -7.92
N LEU D 84 36.13 47.92 -7.05
CA LEU D 84 36.28 49.33 -6.69
C LEU D 84 37.22 49.44 -5.49
N VAL D 85 38.08 50.45 -5.51
CA VAL D 85 38.83 50.79 -4.31
C VAL D 85 38.00 51.67 -3.40
N GLU D 86 37.51 52.79 -3.93
CA GLU D 86 36.72 53.76 -3.19
C GLU D 86 36.04 54.67 -4.19
N ALA D 87 35.04 55.40 -3.72
CA ALA D 87 34.42 56.46 -4.50
C ALA D 87 34.55 57.76 -3.73
N ARG D 88 34.60 58.87 -4.47
CA ARG D 88 34.73 60.19 -3.90
C ARG D 88 33.66 61.08 -4.52
N ASP D 89 33.23 62.11 -3.79
CA ASP D 89 32.32 63.08 -4.38
C ASP D 89 33.14 64.13 -5.14
N GLU D 90 32.49 65.18 -5.61
CA GLU D 90 33.13 66.14 -6.51
C GLU D 90 34.18 67.00 -5.82
N ASN D 91 34.16 67.08 -4.49
CA ASN D 91 35.16 67.86 -3.75
C ASN D 91 36.34 67.01 -3.27
N GLY D 92 36.32 65.70 -3.50
CA GLY D 92 37.41 64.83 -3.14
C GLY D 92 37.20 64.01 -1.89
N VAL D 93 36.18 64.32 -1.08
CA VAL D 93 35.89 63.57 0.13
C VAL D 93 35.35 62.20 -0.26
N VAL D 94 35.83 61.15 0.41
CA VAL D 94 35.44 59.80 0.04
C VAL D 94 34.01 59.53 0.49
N VAL D 95 33.43 58.49 -0.09
CA VAL D 95 32.06 58.09 0.20
C VAL D 95 32.10 57.00 1.27
N ALA D 96 31.20 57.14 2.25
CA ALA D 96 31.09 56.19 3.35
C ALA D 96 29.82 55.39 3.20
N ALA D 97 29.75 54.26 3.91
CA ALA D 97 28.60 53.35 3.81
C ALA D 97 27.31 54.00 4.30
N ASN D 98 27.41 54.88 5.29
CA ASN D 98 26.24 55.52 5.86
C ASN D 98 25.92 56.87 5.22
N ALA D 99 26.59 57.21 4.12
CA ALA D 99 26.44 58.52 3.53
C ALA D 99 25.16 58.61 2.71
N ALA D 100 24.92 59.78 2.13
CA ALA D 100 23.75 60.01 1.30
C ALA D 100 24.04 59.51 -0.12
N ASN D 101 23.15 59.85 -1.05
CA ASN D 101 23.34 59.44 -2.43
C ASN D 101 24.39 60.31 -3.11
N VAL D 102 25.09 59.72 -4.07
CA VAL D 102 26.21 60.34 -4.75
C VAL D 102 25.82 60.60 -6.19
N GLY D 103 26.08 61.80 -6.68
CA GLY D 103 25.72 62.12 -8.04
C GLY D 103 24.27 62.53 -8.23
N VAL D 104 23.71 63.27 -7.27
CA VAL D 104 22.33 63.72 -7.36
C VAL D 104 22.23 64.81 -8.40
N GLY D 105 21.42 64.58 -9.43
CA GLY D 105 21.23 65.58 -10.47
C GLY D 105 22.30 65.60 -11.52
N THR D 106 22.92 64.45 -11.80
CA THR D 106 24.07 64.27 -12.70
C THR D 106 25.23 65.22 -12.36
N SER D 107 25.40 65.49 -11.07
CA SER D 107 26.62 66.10 -10.61
C SER D 107 27.73 65.07 -10.64
N PRO D 108 28.94 65.44 -11.07
CA PRO D 108 29.99 64.43 -11.26
C PRO D 108 30.59 64.01 -9.93
N PHE D 109 31.25 62.86 -9.97
CA PHE D 109 31.93 62.33 -8.80
C PHE D 109 33.07 61.45 -9.27
N TYR D 110 33.86 60.98 -8.32
CA TYR D 110 35.09 60.26 -8.65
C TYR D 110 34.98 58.80 -8.25
N LEU D 111 35.69 57.95 -8.98
CA LEU D 111 35.53 56.50 -8.90
C LEU D 111 36.91 55.89 -9.02
N VAL D 112 37.49 55.46 -7.91
CA VAL D 112 38.89 55.07 -7.84
C VAL D 112 39.00 53.57 -8.05
N PHE D 113 39.77 53.17 -9.06
CA PHE D 113 40.01 51.78 -9.43
C PHE D 113 41.49 51.46 -9.28
N PRO D 114 41.83 50.22 -8.91
CA PRO D 114 43.26 49.89 -8.73
C PRO D 114 44.04 49.74 -10.03
N GLU D 115 43.37 49.81 -11.17
CA GLU D 115 43.99 49.65 -12.48
C GLU D 115 43.37 50.67 -13.43
N ASP D 116 44.04 50.89 -14.55
CA ASP D 116 43.48 51.66 -15.66
C ASP D 116 42.95 50.64 -16.66
N TRP D 117 41.64 50.39 -16.61
CA TRP D 117 41.01 49.41 -17.47
C TRP D 117 39.94 49.98 -18.36
N PHE D 118 39.33 51.09 -17.99
CA PHE D 118 38.29 51.71 -18.78
C PHE D 118 38.86 52.93 -19.50
N ALA D 119 38.12 53.39 -20.49
CA ALA D 119 38.57 54.47 -21.34
C ALA D 119 37.64 55.66 -21.22
N ASP D 120 37.96 56.70 -21.98
CA ASP D 120 37.20 57.94 -21.95
C ASP D 120 35.86 57.74 -22.64
N GLY D 121 34.81 58.31 -22.05
CA GLY D 121 33.50 58.28 -22.67
C GLY D 121 32.82 56.93 -22.72
N GLU D 122 33.20 56.01 -21.83
CA GLU D 122 32.59 54.69 -21.77
C GLU D 122 31.56 54.62 -20.65
N VAL D 123 30.48 53.90 -20.91
CA VAL D 123 29.49 53.60 -19.87
C VAL D 123 29.93 52.35 -19.12
N ILE D 124 30.07 52.48 -17.80
CA ILE D 124 30.37 51.33 -16.95
C ILE D 124 29.23 51.18 -15.95
N VAL D 125 29.01 49.94 -15.51
CA VAL D 125 27.94 49.62 -14.58
C VAL D 125 28.52 48.89 -13.38
N GLY D 126 27.93 49.11 -12.22
CA GLY D 126 28.41 48.50 -11.00
C GLY D 126 27.77 47.15 -10.73
N ASN D 127 27.51 46.84 -9.46
CA ASN D 127 26.92 45.55 -9.10
C ASN D 127 25.49 45.44 -9.60
N LEU D 128 24.66 46.45 -9.33
CA LEU D 128 23.35 46.55 -9.95
C LEU D 128 23.57 47.04 -11.37
N ASN D 129 23.56 46.11 -12.31
CA ASN D 129 23.77 46.45 -13.72
C ASN D 129 22.60 47.26 -14.24
N GLN D 130 22.92 48.32 -14.99
CA GLN D 130 22.04 49.16 -15.82
C GLN D 130 21.02 49.97 -15.03
N VAL D 131 20.96 49.78 -13.71
CA VAL D 131 20.15 50.67 -12.88
C VAL D 131 20.90 51.98 -12.67
N TYR D 132 22.20 51.90 -12.44
CA TYR D 132 23.07 53.07 -12.34
C TYR D 132 24.23 52.86 -13.30
N PRO D 133 24.12 53.35 -14.54
CA PRO D 133 25.27 53.35 -15.44
C PRO D 133 26.08 54.63 -15.29
N PHE D 134 27.40 54.49 -15.34
CA PHE D 134 28.31 55.60 -15.09
C PHE D 134 29.08 55.91 -16.37
N ARG D 135 29.03 57.16 -16.82
CA ARG D 135 29.72 57.59 -18.02
C ARG D 135 31.00 58.31 -17.64
N ILE D 136 32.13 57.83 -18.15
CA ILE D 136 33.45 58.29 -17.74
C ILE D 136 33.78 59.59 -18.46
N LEU D 137 33.97 60.66 -17.69
CA LEU D 137 34.15 62.01 -18.24
C LEU D 137 35.63 62.38 -18.30
N GLY D 138 36.42 61.63 -19.06
CA GLY D 138 37.81 61.96 -19.26
C GLY D 138 38.72 60.81 -18.88
N ASP D 139 40.01 61.02 -19.14
CA ASP D 139 41.01 60.00 -18.88
C ASP D 139 41.23 59.83 -17.38
N ALA D 140 41.93 58.76 -17.03
CA ALA D 140 42.18 58.41 -15.65
C ALA D 140 43.38 59.18 -15.13
N ARG D 141 43.15 60.00 -14.12
CA ARG D 141 44.24 60.67 -13.43
C ARG D 141 44.94 59.67 -12.51
N MET D 142 46.23 59.49 -12.72
CA MET D 142 46.98 58.50 -11.95
C MET D 142 47.13 58.94 -10.50
N GLU D 143 47.04 57.97 -9.60
CA GLU D 143 47.37 58.15 -8.19
C GLU D 143 48.11 56.88 -7.81
N GLY D 144 49.43 56.90 -7.95
CA GLY D 144 50.20 55.68 -7.74
C GLY D 144 49.93 54.68 -8.84
N THR D 145 49.49 53.50 -8.46
CA THR D 145 48.96 52.53 -9.40
C THR D 145 47.46 52.64 -9.61
N ASN D 146 46.78 53.45 -8.80
CA ASN D 146 45.33 53.61 -8.94
C ASN D 146 45.01 54.52 -10.13
N ALA D 147 43.74 54.49 -10.52
CA ALA D 147 43.27 55.26 -11.67
C ALA D 147 41.91 55.85 -11.33
N VAL D 148 41.85 57.18 -11.26
CA VAL D 148 40.67 57.89 -10.78
C VAL D 148 39.92 58.47 -11.96
N TYR D 149 38.69 58.04 -12.14
CA TYR D 149 37.82 58.53 -13.21
C TYR D 149 36.80 59.49 -12.62
N LYS D 150 36.53 60.57 -13.35
CA LYS D 150 35.36 61.39 -13.06
C LYS D 150 34.18 60.84 -13.85
N VAL D 151 33.13 60.44 -13.16
CA VAL D 151 31.99 59.79 -13.79
C VAL D 151 30.71 60.53 -13.42
N GLU D 152 29.63 60.16 -14.11
CA GLU D 152 28.30 60.71 -13.87
C GLU D 152 27.29 59.71 -14.42
N LEU D 153 26.04 59.88 -14.03
CA LEU D 153 25.04 58.87 -14.32
C LEU D 153 24.42 59.07 -15.71
N MET D 154 24.00 57.95 -16.31
CA MET D 154 23.72 57.82 -17.74
C MET D 154 22.39 57.08 -17.96
N GLY D 155 21.38 57.40 -17.17
CA GLY D 155 20.11 56.72 -17.36
C GLY D 155 18.91 57.59 -17.09
N GLY D 156 19.10 58.91 -17.10
CA GLY D 156 18.06 59.78 -16.58
C GLY D 156 17.93 59.69 -15.07
N ASN D 157 19.00 59.30 -14.38
CA ASN D 157 18.95 59.02 -12.96
C ASN D 157 19.07 60.34 -12.21
N THR D 158 17.96 60.80 -11.64
CA THR D 158 17.94 62.11 -10.98
C THR D 158 18.45 62.03 -9.55
N GLN D 159 18.13 60.96 -8.82
CA GLN D 159 18.35 60.91 -7.39
C GLN D 159 19.73 60.38 -6.99
N GLY D 160 20.58 60.03 -7.95
CA GLY D 160 21.92 59.59 -7.62
C GLY D 160 22.01 58.10 -7.41
N VAL D 161 23.24 57.64 -7.17
CA VAL D 161 23.47 56.24 -6.84
C VAL D 161 23.62 56.15 -5.33
N PRO D 162 23.05 55.13 -4.68
CA PRO D 162 23.19 55.01 -3.22
C PRO D 162 24.62 54.74 -2.78
N ALA D 163 24.89 55.07 -1.52
CA ALA D 163 26.24 54.91 -0.98
C ALA D 163 26.60 53.46 -0.70
N GLU D 164 25.63 52.56 -0.67
CA GLU D 164 25.94 51.14 -0.56
C GLU D 164 26.48 50.60 -1.87
N ARG D 165 26.00 51.15 -3.00
CA ARG D 165 26.42 50.75 -4.33
C ARG D 165 27.69 51.44 -4.79
N LEU D 166 28.50 51.99 -3.89
CA LEU D 166 29.76 52.63 -4.25
C LEU D 166 30.85 52.30 -3.23
N GLN D 167 30.94 51.04 -2.82
CA GLN D 167 31.91 50.66 -1.80
C GLN D 167 32.95 49.72 -2.38
N GLN D 168 33.95 49.41 -1.56
CA GLN D 168 35.11 48.63 -1.99
C GLN D 168 34.72 47.20 -2.32
N GLY D 169 35.28 46.69 -3.41
CA GLY D 169 35.00 45.33 -3.83
C GLY D 169 33.84 45.19 -4.78
N GLU D 170 33.17 46.29 -5.11
CA GLU D 170 32.07 46.24 -6.06
C GLU D 170 32.63 46.12 -7.48
N ARG D 171 32.10 45.17 -8.24
CA ARG D 171 32.64 44.86 -9.55
C ARG D 171 32.03 45.78 -10.60
N PHE D 172 32.86 46.19 -11.56
CA PHE D 172 32.45 47.12 -12.61
C PHE D 172 32.81 46.54 -13.97
N SER D 173 31.79 46.39 -14.82
CA SER D 173 31.97 45.93 -16.20
C SER D 173 31.81 47.09 -17.15
N ILE D 174 32.27 46.89 -18.37
CA ILE D 174 32.11 47.86 -19.45
C ILE D 174 30.79 47.56 -20.14
N GLU D 175 30.13 48.60 -20.66
CA GLU D 175 28.95 48.39 -21.50
C GLU D 175 29.20 48.84 -22.93
N PHE D 176 29.42 50.13 -23.17
CA PHE D 176 29.60 50.68 -24.51
C PHE D 176 30.20 52.07 -24.36
N ALA D 177 30.21 52.83 -25.45
CA ALA D 177 30.70 54.21 -25.45
C ALA D 177 29.83 55.03 -26.37
N PRO D 178 28.78 55.64 -25.84
CA PRO D 178 27.84 56.38 -26.69
C PRO D 178 28.30 57.82 -26.94
N VAL D 179 28.01 58.28 -28.16
CA VAL D 179 28.41 59.62 -28.58
C VAL D 179 27.17 60.39 -29.02
N GLU D 180 27.41 61.64 -29.38
CA GLU D 180 26.40 62.46 -30.03
C GLU D 180 26.48 62.26 -31.54
N LYS D 181 25.34 62.41 -32.20
CA LYS D 181 25.28 62.14 -33.64
C LYS D 181 26.00 63.21 -34.45
N GLU D 182 26.10 64.43 -33.92
CA GLU D 182 26.69 65.55 -34.64
C GLU D 182 27.97 65.99 -33.94
N LEU D 183 29.08 66.00 -34.70
CA LEU D 183 30.37 66.57 -34.29
C LEU D 183 30.99 65.83 -33.11
N SER D 184 30.90 64.50 -33.11
CA SER D 184 31.45 63.72 -32.02
C SER D 184 32.97 63.61 -32.11
N ARG D 185 33.59 63.22 -31.01
CA ARG D 185 35.04 63.03 -30.91
C ARG D 185 35.32 61.64 -30.34
N LYS D 186 36.60 61.28 -30.28
CA LYS D 186 36.97 59.88 -30.07
C LYS D 186 36.78 59.44 -28.62
N VAL D 187 36.32 58.19 -28.47
CA VAL D 187 36.08 57.56 -27.17
C VAL D 187 36.45 56.08 -27.28
N GLY D 188 36.79 55.47 -26.15
CA GLY D 188 36.93 54.03 -26.06
C GLY D 188 38.36 53.56 -26.32
N ASP D 189 38.57 52.27 -26.07
CA ASP D 189 39.86 51.59 -26.25
C ASP D 189 39.62 50.09 -26.25
N VAL D 190 40.69 49.33 -26.47
CA VAL D 190 40.67 47.87 -26.46
C VAL D 190 41.74 47.35 -25.51
N ARG D 191 41.58 46.09 -25.09
CA ARG D 191 42.28 45.52 -23.94
C ARG D 191 42.90 44.17 -24.27
N PHE D 192 44.04 43.86 -23.65
CA PHE D 192 44.86 42.71 -24.00
C PHE D 192 45.24 41.91 -22.76
N THR D 193 45.46 40.61 -22.94
CA THR D 193 45.80 39.69 -21.85
C THR D 193 46.93 38.75 -22.29
N SER D 194 47.43 37.95 -21.35
CA SER D 194 48.55 37.04 -21.58
C SER D 194 48.37 35.76 -20.78
N PRO D 195 49.04 34.65 -21.19
CA PRO D 195 48.94 33.39 -20.42
C PRO D 195 50.00 33.20 -19.33
N VAL D 196 49.95 32.05 -18.65
CA VAL D 196 50.88 31.66 -17.59
C VAL D 196 51.45 30.28 -17.91
N SER D 197 52.26 29.77 -16.98
CA SER D 197 52.92 28.48 -17.16
C SER D 197 53.28 27.89 -15.80
N MET D 198 53.44 26.56 -15.76
CA MET D 198 53.67 25.85 -14.51
C MET D 198 54.70 24.75 -14.75
N ARG D 199 55.29 24.23 -13.66
CA ARG D 199 56.43 23.30 -13.68
C ARG D 199 56.08 21.97 -13.02
N ASN D 200 57.04 21.04 -13.11
CA ASN D 200 56.99 19.77 -12.40
C ASN D 200 58.42 19.24 -12.33
N GLU D 201 58.65 18.24 -11.47
CA GLU D 201 59.98 17.71 -11.19
C GLU D 201 60.00 16.19 -11.32
N TRP D 202 61.13 15.60 -10.97
CA TRP D 202 61.36 14.17 -10.93
C TRP D 202 61.82 13.76 -9.54
N THR D 203 62.00 12.46 -9.34
CA THR D 203 62.52 11.93 -8.08
C THR D 203 63.29 10.65 -8.36
N THR D 204 64.21 10.30 -7.45
CA THR D 204 65.13 9.18 -7.64
C THR D 204 64.96 8.20 -6.49
N ILE D 205 64.86 6.91 -6.82
CA ILE D 205 64.63 5.83 -5.87
C ILE D 205 65.82 4.89 -5.92
N ARG D 206 66.17 4.31 -4.77
CA ARG D 206 67.25 3.34 -4.70
C ARG D 206 66.92 2.27 -3.66
N ILE D 207 67.32 1.03 -3.95
CA ILE D 207 67.17 -0.08 -3.02
C ILE D 207 68.50 -0.85 -2.99
N GLN D 208 68.69 -1.62 -1.91
CA GLN D 208 69.79 -2.55 -1.82
C GLN D 208 69.36 -3.76 -0.99
N HIS D 209 70.11 -4.85 -1.12
CA HIS D 209 69.95 -6.01 -0.27
C HIS D 209 71.24 -6.80 -0.26
N LYS D 210 71.73 -7.13 0.94
CA LYS D 210 72.97 -7.90 1.08
C LYS D 210 72.63 -9.37 0.99
N VAL D 211 72.88 -9.98 -0.16
CA VAL D 211 72.55 -11.37 -0.38
C VAL D 211 73.62 -12.28 0.22
N GLY D 213 72.06 -16.72 -5.70
CA GLY D 213 71.71 -17.20 -4.37
C GLY D 213 70.23 -17.06 -4.07
N ASN D 214 69.66 -18.08 -3.42
CA ASN D 214 68.24 -18.11 -3.07
C ASN D 214 68.08 -18.54 -1.60
N LYS D 215 68.09 -17.57 -0.68
CA LYS D 215 67.79 -17.82 0.72
C LYS D 215 67.50 -16.48 1.41
N LEU D 216 66.67 -16.52 2.45
CA LEU D 216 66.23 -15.36 3.21
C LEU D 216 67.39 -14.72 3.97
N ASN D 217 67.11 -13.54 4.52
CA ASN D 217 68.05 -12.82 5.36
C ASN D 217 67.28 -12.25 6.56
N LYS D 218 67.91 -11.31 7.26
CA LYS D 218 67.58 -10.98 8.65
C LYS D 218 66.19 -10.38 8.86
N LYS D 219 65.53 -9.86 7.82
CA LYS D 219 64.21 -9.27 7.98
C LYS D 219 63.15 -10.30 7.60
N LEU D 220 62.81 -11.14 8.56
CA LEU D 220 61.85 -12.22 8.38
C LEU D 220 60.69 -12.03 9.36
N ALA D 221 59.52 -12.49 8.96
CA ALA D 221 58.33 -12.39 9.79
C ALA D 221 57.41 -13.56 9.52
N MET D 222 56.87 -14.15 10.56
CA MET D 222 56.04 -15.34 10.45
C MET D 222 54.58 -14.99 10.72
N GLY D 223 53.68 -15.73 10.09
CA GLY D 223 52.27 -15.49 10.27
C GLY D 223 51.59 -16.66 10.96
N ILE D 224 51.11 -16.41 12.18
CA ILE D 224 50.51 -17.45 13.01
C ILE D 224 49.00 -17.23 13.02
N PRO D 225 48.20 -18.18 12.53
CA PRO D 225 46.75 -18.03 12.62
C PRO D 225 46.21 -18.49 13.96
N MET D 226 45.04 -17.98 14.31
CA MET D 226 44.33 -18.43 15.49
C MET D 226 43.28 -19.45 15.08
N VAL D 227 43.68 -20.72 15.12
CA VAL D 227 42.79 -21.84 15.03
C VAL D 227 42.60 -22.38 16.45
N ARG D 228 41.68 -23.34 16.60
CA ARG D 228 41.13 -23.67 17.91
C ARG D 228 42.17 -24.34 18.81
N ASN D 229 42.82 -25.40 18.33
CA ASN D 229 43.83 -26.09 19.13
C ASN D 229 45.21 -25.59 18.73
N LEU D 230 45.53 -24.39 19.22
CA LEU D 230 46.81 -23.76 18.94
C LEU D 230 47.74 -23.87 20.14
N TRP D 243 59.89 -22.79 2.41
CA TRP D 243 60.67 -23.18 1.24
C TRP D 243 62.00 -22.43 1.20
N MET D 244 62.49 -22.14 -0.01
CA MET D 244 63.68 -21.34 -0.22
C MET D 244 63.28 -20.06 -0.92
N HIS D 245 63.71 -18.93 -0.38
CA HIS D 245 63.28 -17.63 -0.88
C HIS D 245 63.98 -17.28 -2.17
N TYR D 246 63.21 -16.97 -3.21
CA TYR D 246 63.78 -16.47 -4.45
C TYR D 246 64.04 -15.00 -4.24
N VAL D 247 65.31 -14.63 -4.05
CA VAL D 247 65.66 -13.26 -3.69
C VAL D 247 65.54 -12.32 -4.89
N ASP D 248 65.62 -12.84 -6.10
CA ASP D 248 65.46 -12.00 -7.28
C ASP D 248 64.01 -11.66 -7.58
N TRP D 249 63.05 -12.35 -6.96
CA TRP D 249 61.64 -11.99 -7.10
C TRP D 249 61.17 -11.07 -5.99
N GLU D 250 61.93 -10.95 -4.90
CA GLU D 250 61.57 -10.03 -3.84
C GLU D 250 62.23 -8.68 -4.00
N VAL D 251 63.42 -8.61 -4.59
CA VAL D 251 64.03 -7.33 -4.89
C VAL D 251 63.42 -6.68 -6.12
N GLU D 252 62.67 -7.44 -6.94
CA GLU D 252 62.00 -6.80 -8.06
C GLU D 252 60.59 -6.38 -7.67
N LEU D 253 59.94 -7.12 -6.77
CA LEU D 253 58.59 -6.80 -6.34
C LEU D 253 58.59 -5.64 -5.36
N GLN D 254 59.49 -5.66 -4.38
CA GLN D 254 59.55 -4.62 -3.38
C GLN D 254 60.34 -3.40 -3.81
N PHE D 255 60.88 -3.39 -5.03
CA PHE D 255 61.36 -2.17 -5.66
C PHE D 255 60.39 -1.64 -6.69
N ASP D 256 59.58 -2.51 -7.29
CA ASP D 256 58.40 -2.06 -8.02
C ASP D 256 57.42 -1.36 -7.10
N GLU D 257 57.37 -1.75 -5.83
CA GLU D 257 56.48 -1.09 -4.88
C GLU D 257 57.11 0.17 -4.30
N TYR D 258 58.44 0.30 -4.31
CA TYR D 258 59.04 1.60 -3.99
C TYR D 258 58.71 2.64 -5.05
N LYS D 259 58.67 2.22 -6.31
CA LYS D 259 58.26 3.12 -7.38
C LYS D 259 56.77 3.38 -7.38
N ASN D 260 55.97 2.41 -6.92
CA ASN D 260 54.53 2.62 -6.81
C ASN D 260 54.20 3.58 -5.68
N ASN D 261 54.93 3.49 -4.57
CA ASN D 261 54.69 4.42 -3.46
C ASN D 261 55.25 5.80 -3.75
N ALA D 262 56.30 5.89 -4.56
CA ALA D 262 56.82 7.20 -4.93
C ALA D 262 55.90 7.89 -5.92
N MET D 263 55.28 7.10 -6.81
CA MET D 263 54.40 7.66 -7.81
C MET D 263 53.10 8.17 -7.18
N ALA D 264 52.44 7.34 -6.38
CA ALA D 264 51.13 7.70 -5.90
C ALA D 264 51.15 8.43 -4.56
N TRP D 265 52.12 8.13 -3.70
CA TRP D 265 52.09 8.58 -2.31
C TRP D 265 53.38 9.33 -1.96
N GLY D 266 53.79 10.25 -2.83
CA GLY D 266 55.04 10.96 -2.62
C GLY D 266 54.86 12.41 -2.24
N THR D 267 55.88 13.01 -1.63
CA THR D 267 55.77 14.37 -1.11
C THR D 267 57.01 15.17 -1.47
N SER D 268 56.80 16.46 -1.77
CA SER D 268 57.87 17.37 -2.17
C SER D 268 58.48 18.06 -0.96
N ASN D 269 59.77 18.37 -1.04
CA ASN D 269 60.51 18.93 0.08
C ASN D 269 61.15 20.27 -0.27
N ARG D 270 60.47 21.09 -1.06
CA ARG D 270 61.02 22.38 -1.45
C ARG D 270 60.36 23.53 -0.71
N ASN D 271 61.12 24.62 -0.60
CA ASN D 271 60.61 25.88 -0.08
C ASN D 271 59.94 26.63 -1.21
N LEU D 272 59.47 27.84 -0.92
CA LEU D 272 59.07 28.77 -1.98
C LEU D 272 60.26 29.56 -2.49
N ASN D 273 61.44 29.35 -1.92
CA ASN D 273 62.68 29.90 -2.41
C ASN D 273 63.39 28.97 -3.38
N GLY D 274 62.76 27.85 -3.74
CA GLY D 274 63.36 26.85 -4.58
C GLY D 274 64.32 25.92 -3.88
N GLU D 275 64.49 26.05 -2.57
CA GLU D 275 65.49 25.29 -1.83
C GLU D 275 64.91 23.96 -1.38
N TYR D 276 65.61 22.88 -1.68
CA TYR D 276 65.28 21.58 -1.14
C TYR D 276 65.70 21.52 0.32
N MET D 277 64.98 20.74 1.12
CA MET D 277 65.14 20.77 2.56
C MET D 277 65.89 19.58 3.13
N ASN D 278 66.07 18.50 2.38
CA ASN D 278 66.69 17.29 2.88
C ASN D 278 67.92 16.97 2.05
N PHE D 279 69.03 16.69 2.72
CA PHE D 279 70.30 16.39 2.07
C PHE D 279 70.67 14.94 2.33
N GLY D 280 71.22 14.29 1.30
CA GLY D 280 71.54 12.89 1.37
C GLY D 280 72.89 12.61 1.97
N LYS D 281 73.37 11.39 1.76
CA LYS D 281 74.64 10.96 2.32
C LYS D 281 75.83 11.64 1.69
N SER D 282 75.68 12.20 0.49
CA SER D 282 76.76 12.84 -0.23
C SER D 282 76.80 14.35 -0.03
N GLY D 283 75.89 14.90 0.78
CA GLY D 283 75.78 16.33 0.96
C GLY D 283 74.96 17.03 -0.08
N ASN D 284 74.66 16.37 -1.19
CA ASN D 284 73.74 16.91 -2.17
C ASN D 284 72.31 16.73 -1.68
N ALA D 285 71.44 17.66 -2.09
CA ALA D 285 70.08 17.64 -1.62
C ALA D 285 69.30 16.49 -2.23
N ILE D 286 68.46 15.85 -1.41
CA ILE D 286 67.55 14.84 -1.90
C ILE D 286 66.41 15.56 -2.60
N LYS D 287 66.33 15.40 -3.91
CA LYS D 287 65.30 16.04 -4.71
C LYS D 287 64.12 15.10 -4.83
N THR D 288 62.96 15.52 -4.34
CA THR D 288 61.73 14.74 -4.39
C THR D 288 60.62 15.58 -4.99
N GLY D 289 59.77 14.95 -5.78
CA GLY D 289 58.62 15.61 -6.37
C GLY D 289 57.35 15.00 -5.82
N ALA D 290 56.27 15.78 -5.85
CA ALA D 290 54.98 15.35 -5.35
C ALA D 290 54.42 14.22 -6.20
N GLY D 291 53.50 13.46 -5.60
CA GLY D 291 52.93 12.29 -6.22
C GLY D 291 51.54 12.53 -6.78
N ILE D 292 50.81 11.43 -6.98
CA ILE D 292 49.43 11.53 -7.44
C ILE D 292 48.57 12.18 -6.37
N PHE D 293 48.64 11.66 -5.16
CA PHE D 293 47.67 12.03 -4.13
C PHE D 293 48.00 13.36 -3.48
N GLU D 294 49.19 13.92 -3.68
CA GLU D 294 49.40 15.28 -3.19
C GLU D 294 49.06 16.33 -4.23
N GLN D 295 49.30 16.05 -5.51
CA GLN D 295 49.04 17.04 -6.54
C GLN D 295 47.55 17.23 -6.79
N THR D 296 46.76 16.16 -6.68
CA THR D 296 45.32 16.28 -6.83
C THR D 296 44.62 16.74 -5.56
N GLU D 297 45.34 16.88 -4.45
CA GLU D 297 44.79 17.41 -3.22
C GLU D 297 45.14 18.87 -3.01
N VAL D 298 45.33 19.63 -4.09
CA VAL D 298 45.51 21.07 -3.99
C VAL D 298 44.28 21.82 -4.44
N ALA D 299 43.27 21.13 -4.97
CA ALA D 299 42.02 21.74 -5.37
C ALA D 299 40.91 20.72 -5.20
N ASN D 300 39.71 21.22 -4.88
CA ASN D 300 38.44 20.49 -4.78
C ASN D 300 38.41 19.47 -3.64
N THR D 301 39.32 19.56 -2.67
CA THR D 301 39.47 18.54 -1.64
C THR D 301 38.65 18.91 -0.39
N MET D 302 37.89 17.95 0.12
CA MET D 302 37.00 18.15 1.25
C MET D 302 37.22 17.08 2.31
N TYR D 303 37.20 17.49 3.57
CA TYR D 303 37.39 16.60 4.70
C TYR D 303 36.12 16.60 5.53
N TYR D 304 35.38 15.49 5.49
CA TYR D 304 34.08 15.40 6.13
C TYR D 304 34.16 14.59 7.41
N ASN D 305 33.29 14.93 8.36
CA ASN D 305 33.12 14.15 9.58
C ASN D 305 31.92 13.21 9.51
N THR D 306 30.93 13.52 8.69
CA THR D 306 29.83 12.61 8.39
C THR D 306 29.52 12.69 6.92
N PHE D 307 29.26 11.54 6.30
CA PHE D 307 29.00 11.52 4.87
C PHE D 307 27.53 11.83 4.59
N SER D 308 27.30 12.66 3.58
CA SER D 308 25.96 13.02 3.17
C SER D 308 25.90 13.15 1.66
N LEU D 309 24.70 12.94 1.11
CA LEU D 309 24.42 13.39 -0.25
C LEU D 309 24.13 14.88 -0.30
N LYS D 310 23.86 15.51 0.84
CA LYS D 310 23.64 16.95 0.84
C LYS D 310 24.94 17.70 0.62
N LEU D 311 26.04 17.19 1.17
CA LEU D 311 27.36 17.76 0.91
C LEU D 311 27.88 17.34 -0.46
N LEU D 312 27.57 16.11 -0.87
CA LEU D 312 28.13 15.59 -2.13
C LEU D 312 27.44 16.20 -3.33
N GLU D 313 26.11 16.27 -3.34
CA GLU D 313 25.41 16.83 -4.49
C GLU D 313 25.55 18.34 -4.57
N ASP D 314 25.91 19.01 -3.48
CA ASP D 314 26.16 20.44 -3.57
C ASP D 314 27.59 20.73 -4.00
N ALA D 315 28.53 19.86 -3.67
CA ALA D 315 29.91 20.07 -4.11
C ALA D 315 30.03 19.80 -5.59
N LEU D 316 29.32 18.79 -6.08
CA LEU D 316 29.44 18.38 -7.47
C LEU D 316 28.59 19.23 -8.39
N TYR D 317 27.56 19.91 -7.88
CA TYR D 317 26.75 20.75 -8.75
C TYR D 317 27.41 22.10 -9.02
N GLU D 318 27.95 22.74 -7.97
CA GLU D 318 28.57 24.05 -8.13
C GLU D 318 29.83 23.98 -8.98
N LEU D 319 30.55 22.86 -8.95
CA LEU D 319 31.66 22.67 -9.87
C LEU D 319 31.15 22.41 -11.28
N SER D 320 30.03 21.71 -11.42
CA SER D 320 29.53 21.42 -12.76
C SER D 320 28.76 22.59 -13.34
N ALA D 321 28.12 23.41 -12.51
CA ALA D 321 27.42 24.58 -13.01
C ALA D 321 28.39 25.63 -13.56
N SER D 322 29.63 25.65 -13.07
CA SER D 322 30.59 26.67 -13.46
C SER D 322 31.65 26.17 -14.43
N LYS D 323 31.70 24.87 -14.70
CA LYS D 323 32.75 24.30 -15.53
C LYS D 323 32.28 23.35 -16.60
N LEU D 324 31.09 22.75 -16.47
CA LEU D 324 30.70 21.64 -17.31
C LEU D 324 29.38 21.93 -18.01
N ALA D 325 29.29 21.49 -19.27
CA ALA D 325 28.01 21.47 -19.96
C ALA D 325 27.10 20.40 -19.35
N MET D 326 25.81 20.49 -19.68
CA MET D 326 24.83 19.64 -19.01
C MET D 326 24.95 18.18 -19.41
N ASP D 327 25.29 17.91 -20.67
CA ASP D 327 25.51 16.54 -21.09
C ASP D 327 26.80 15.97 -20.52
N ASP D 328 27.78 16.82 -20.27
CA ASP D 328 29.09 16.38 -19.78
C ASP D 328 29.15 16.55 -18.26
N ARG D 329 28.35 15.76 -17.57
CA ARG D 329 28.29 15.84 -16.10
C ARG D 329 28.20 14.46 -15.48
N LEU D 330 28.96 13.50 -15.99
CA LEU D 330 29.02 12.16 -15.42
C LEU D 330 30.21 12.07 -14.47
N PHE D 331 29.95 11.64 -13.24
CA PHE D 331 30.93 11.66 -12.15
C PHE D 331 31.10 10.24 -11.62
N VAL D 332 32.23 9.61 -11.95
CA VAL D 332 32.49 8.24 -11.53
C VAL D 332 33.27 8.32 -10.22
N ILE D 333 32.59 8.06 -9.11
CA ILE D 333 33.22 8.01 -7.80
C ILE D 333 34.08 6.76 -7.73
N LYS D 334 35.37 6.93 -7.55
CA LYS D 334 36.25 5.81 -7.22
C LYS D 334 36.47 5.82 -5.72
N THR D 335 36.21 4.69 -5.09
CA THR D 335 36.25 4.57 -3.64
C THR D 335 36.58 3.13 -3.30
N GLY D 336 36.57 2.81 -2.01
CA GLY D 336 36.83 1.47 -1.55
C GLY D 336 35.57 0.62 -1.53
N GLU D 337 35.69 -0.53 -0.88
CA GLU D 337 34.57 -1.45 -0.81
C GLU D 337 33.56 -1.01 0.25
N ARG D 338 34.06 -0.51 1.38
CA ARG D 338 33.18 0.01 2.43
C ARG D 338 32.69 1.40 2.11
N GLY D 339 33.35 2.12 1.21
CA GLY D 339 32.76 3.33 0.67
C GLY D 339 31.56 3.08 -0.21
N ALA D 340 31.47 1.87 -0.78
CA ALA D 340 30.31 1.51 -1.58
C ALA D 340 29.10 1.19 -0.73
N ILE D 341 29.31 0.58 0.45
CA ILE D 341 28.19 0.30 1.34
C ILE D 341 27.79 1.53 2.14
N GLN D 342 28.66 2.52 2.26
CA GLN D 342 28.27 3.78 2.90
C GLN D 342 27.53 4.67 1.93
N PHE D 343 27.91 4.66 0.65
CA PHE D 343 27.16 5.39 -0.37
C PHE D 343 25.80 4.75 -0.59
N HIS D 344 25.69 3.43 -0.42
CA HIS D 344 24.43 2.74 -0.59
C HIS D 344 23.42 3.16 0.48
N LYS D 345 23.86 3.25 1.73
CA LYS D 345 22.96 3.60 2.83
C LYS D 345 22.64 5.09 2.88
N GLU D 346 23.43 5.94 2.21
CA GLU D 346 23.11 7.36 2.17
C GLU D 346 22.16 7.70 1.05
N VAL D 347 22.20 6.97 -0.06
CA VAL D 347 21.15 7.10 -1.07
C VAL D 347 19.85 6.50 -0.55
N LEU D 348 19.93 5.38 0.16
CA LEU D 348 18.74 4.73 0.71
C LEU D 348 18.07 5.58 1.77
N LYS D 349 18.84 6.35 2.55
CA LYS D 349 18.24 7.28 3.49
C LYS D 349 17.60 8.45 2.76
N THR D 350 18.19 8.86 1.63
CA THR D 350 17.62 9.93 0.82
C THR D 350 16.36 9.47 0.11
N VAL D 351 16.36 8.23 -0.39
CA VAL D 351 15.20 7.66 -1.05
C VAL D 351 14.07 7.43 -0.04
N SER D 352 14.39 7.11 1.20
CA SER D 352 13.38 6.91 2.23
C SER D 352 12.75 8.22 2.71
N GLY D 353 13.23 9.37 2.25
CA GLY D 353 12.63 10.63 2.58
C GLY D 353 11.88 11.18 1.38
N TRP D 354 11.85 10.40 0.31
CA TRP D 354 11.03 10.72 -0.86
C TRP D 354 9.65 10.11 -0.66
N THR D 355 8.92 10.69 0.30
CA THR D 355 7.61 10.21 0.68
C THR D 355 6.53 10.53 -0.34
N THR D 356 6.86 11.30 -1.37
CA THR D 356 5.94 11.55 -2.48
C THR D 356 5.68 10.27 -3.26
N PHE D 357 6.74 9.53 -3.57
CA PHE D 357 6.66 8.37 -4.46
C PHE D 357 6.66 7.07 -3.66
N VAL D 358 5.76 6.16 -4.03
CA VAL D 358 5.66 4.85 -3.40
C VAL D 358 6.52 3.89 -4.20
N LEU D 359 7.61 3.43 -3.60
CA LEU D 359 8.51 2.51 -4.28
C LEU D 359 7.97 1.09 -4.15
N ASP D 360 7.79 0.42 -5.28
CA ASP D 360 7.24 -0.91 -5.30
C ASP D 360 8.28 -1.92 -5.77
N ASN D 361 7.97 -3.20 -5.52
CA ASN D 361 8.80 -4.30 -6.00
C ASN D 361 8.58 -4.59 -7.48
N ASN D 362 7.56 -3.99 -8.10
CA ASN D 362 7.29 -4.25 -9.51
C ASN D 362 8.37 -3.65 -10.40
N SER D 363 8.83 -2.44 -10.08
CA SER D 363 9.85 -1.77 -10.87
C SER D 363 11.25 -2.03 -10.35
N THR D 364 11.45 -1.87 -9.03
CA THR D 364 12.77 -1.98 -8.45
C THR D 364 13.25 -3.42 -8.40
N ARG D 365 12.33 -4.35 -8.11
CA ARG D 365 12.58 -5.78 -7.95
C ARG D 365 13.66 -6.07 -6.91
N VAL D 366 13.41 -5.57 -5.70
CA VAL D 366 14.27 -5.93 -4.58
C VAL D 366 13.95 -7.34 -4.11
N VAL D 367 12.74 -7.83 -4.36
CA VAL D 367 12.36 -9.20 -4.09
C VAL D 367 11.95 -9.81 -5.43
N GLU D 368 12.79 -10.69 -5.96
CA GLU D 368 12.53 -11.35 -7.24
C GLU D 368 12.29 -12.83 -7.01
N LYS D 369 11.96 -13.54 -8.09
CA LYS D 369 11.56 -14.93 -8.02
C LYS D 369 12.70 -15.79 -8.59
N VAL D 370 13.32 -16.57 -7.72
CA VAL D 370 14.38 -17.47 -8.12
C VAL D 370 13.82 -18.88 -8.17
N GLN D 371 14.49 -19.75 -8.93
CA GLN D 371 14.06 -21.14 -9.06
C GLN D 371 14.71 -21.97 -7.96
N SER D 372 13.88 -22.66 -7.19
CA SER D 372 14.40 -23.49 -6.11
C SER D 372 13.61 -24.79 -6.02
N ARG D 373 14.30 -25.83 -5.57
CA ARG D 373 13.69 -27.13 -5.33
C ARG D 373 12.72 -27.09 -4.15
N LEU D 374 12.94 -26.18 -3.21
CA LEU D 374 12.20 -26.19 -1.95
C LEU D 374 10.77 -25.68 -2.10
N HIS D 375 10.51 -24.81 -3.07
CA HIS D 375 9.19 -24.24 -3.22
C HIS D 375 8.96 -23.91 -4.69
N SER D 376 7.69 -23.97 -5.10
CA SER D 376 7.33 -23.54 -6.45
C SER D 376 7.50 -22.04 -6.61
N ASN D 377 6.94 -21.26 -5.70
CA ASN D 377 7.11 -19.81 -5.69
C ASN D 377 8.15 -19.49 -4.61
N ALA D 378 9.42 -19.48 -5.02
CA ALA D 378 10.54 -19.23 -4.13
C ALA D 378 11.16 -17.89 -4.45
N LEU D 379 11.44 -17.10 -3.43
CA LEU D 379 11.84 -15.71 -3.59
C LEU D 379 13.32 -15.53 -3.23
N SER D 380 13.84 -14.38 -3.65
CA SER D 380 15.17 -13.90 -3.30
C SER D 380 15.03 -12.46 -2.83
N ALA D 381 16.07 -11.95 -2.16
CA ALA D 381 15.99 -10.60 -1.61
C ALA D 381 17.36 -9.95 -1.60
N GLY D 382 17.38 -8.66 -1.89
CA GLY D 382 18.60 -7.88 -1.82
C GLY D 382 18.70 -6.87 -2.95
N PHE D 383 19.47 -5.81 -2.71
CA PHE D 383 19.63 -4.68 -3.61
C PHE D 383 20.80 -3.85 -3.13
N GLN D 384 21.23 -2.90 -3.96
CA GLN D 384 22.25 -1.94 -3.60
C GLN D 384 22.16 -0.75 -4.53
N PHE D 385 22.17 0.47 -3.96
CA PHE D 385 22.20 1.68 -4.77
C PHE D 385 23.62 1.96 -5.21
N VAL D 386 23.84 2.01 -6.52
CA VAL D 386 25.16 2.27 -7.08
C VAL D 386 25.23 3.59 -7.83
N GLU D 387 24.11 4.23 -8.11
CA GLU D 387 24.09 5.46 -8.88
C GLU D 387 23.14 6.44 -8.20
N TYR D 388 23.47 7.73 -8.30
CA TYR D 388 22.57 8.79 -7.87
C TYR D 388 22.53 9.87 -8.94
N LYS D 389 21.33 10.29 -9.32
CA LYS D 389 21.12 11.28 -10.36
C LYS D 389 20.56 12.54 -9.73
N ALA D 390 21.29 13.63 -9.83
CA ALA D 390 20.93 14.91 -9.26
C ALA D 390 20.28 15.79 -10.31
N PRO D 391 19.54 16.83 -9.91
CA PRO D 391 18.97 17.76 -10.88
C PRO D 391 20.01 18.47 -11.74
N ASN D 392 19.55 18.88 -12.93
CA ASN D 392 20.30 19.56 -14.00
C ASN D 392 21.38 18.70 -14.60
N GLY D 393 21.23 17.38 -14.55
CA GLY D 393 22.09 16.49 -15.30
C GLY D 393 23.31 15.95 -14.59
N VAL D 394 23.43 16.16 -13.29
CA VAL D 394 24.59 15.69 -12.54
C VAL D 394 24.34 14.24 -12.16
N ARG D 395 25.08 13.33 -12.79
CA ARG D 395 24.94 11.91 -12.56
C ARG D 395 26.17 11.41 -11.81
N VAL D 396 25.92 10.69 -10.72
CA VAL D 396 26.98 10.20 -9.83
C VAL D 396 26.96 8.68 -9.89
N ARG D 397 28.01 8.09 -10.44
CA ARG D 397 28.17 6.64 -10.45
C ARG D 397 29.21 6.24 -9.42
N LEU D 398 29.40 4.94 -9.28
CA LEU D 398 30.24 4.40 -8.20
C LEU D 398 30.91 3.12 -8.67
N ASP D 399 32.23 3.07 -8.58
CA ASP D 399 32.96 1.82 -8.76
C ASP D 399 34.01 1.72 -7.66
N VAL D 400 34.49 0.50 -7.45
CA VAL D 400 35.36 0.19 -6.31
C VAL D 400 36.77 -0.09 -6.82
N ASP D 401 37.74 0.68 -6.31
CA ASP D 401 39.13 0.26 -6.47
C ASP D 401 39.54 -0.60 -5.29
N PRO D 402 40.20 -1.73 -5.52
CA PRO D 402 40.60 -2.58 -4.39
C PRO D 402 41.77 -2.04 -3.58
N PHE D 403 42.52 -1.05 -4.07
CA PHE D 403 43.71 -0.61 -3.36
C PHE D 403 43.40 0.32 -2.20
N TYR D 404 42.14 0.74 -2.04
CA TYR D 404 41.77 1.52 -0.87
C TYR D 404 41.76 0.68 0.39
N ASP D 405 41.55 -0.63 0.25
CA ASP D 405 41.41 -1.54 1.38
C ASP D 405 42.75 -2.19 1.75
N ASP D 406 43.80 -1.37 1.83
CA ASP D 406 45.12 -1.90 2.12
C ASP D 406 45.30 -1.95 3.63
N PRO D 407 45.43 -3.13 4.24
CA PRO D 407 45.60 -3.19 5.69
C PRO D 407 46.96 -2.72 6.15
N VAL D 408 47.96 -2.74 5.28
CA VAL D 408 49.31 -2.32 5.66
C VAL D 408 49.40 -0.81 5.71
N ARG D 409 49.06 -0.14 4.60
CA ARG D 409 49.24 1.31 4.51
C ARG D 409 48.19 2.05 5.33
N ASN D 410 46.97 1.55 5.39
CA ASN D 410 45.84 2.24 6.02
C ASN D 410 45.60 1.60 7.37
N LYS D 411 45.89 2.36 8.44
CA LYS D 411 46.02 1.81 9.78
C LYS D 411 45.04 2.39 10.78
N ILE D 412 44.49 3.58 10.52
CA ILE D 412 43.36 4.09 11.29
C ILE D 412 42.10 3.38 10.81
N LEU D 413 41.33 2.83 11.74
CA LEU D 413 40.15 2.05 11.41
C LEU D 413 38.89 2.89 11.56
N HIS D 414 37.88 2.54 10.79
CA HIS D 414 36.57 3.17 10.82
C HIS D 414 35.59 2.32 11.62
N PRO D 415 34.74 2.95 12.43
CA PRO D 415 33.82 2.19 13.29
C PRO D 415 32.76 1.37 12.56
N MET D 416 32.57 1.55 11.26
CA MET D 416 31.61 0.76 10.50
C MET D 416 32.28 -0.38 9.75
N GLY D 417 33.57 -0.61 9.96
CA GLY D 417 34.28 -1.66 9.27
C GLY D 417 35.20 -1.08 8.20
N GLY D 418 36.36 -1.67 8.05
CA GLY D 418 37.33 -1.24 7.07
C GLY D 418 38.52 -0.56 7.69
N VAL D 419 39.20 0.23 6.85
CA VAL D 419 40.45 0.88 7.25
C VAL D 419 40.40 2.39 7.03
N ALA D 420 39.19 2.98 6.95
CA ALA D 420 38.91 4.41 6.92
C ALA D 420 39.44 5.15 5.69
N PHE D 421 40.18 4.45 4.83
CA PHE D 421 40.59 4.98 3.54
C PHE D 421 39.71 4.48 2.42
N SER D 422 38.96 3.39 2.65
CA SER D 422 37.93 2.96 1.71
C SER D 422 36.76 3.94 1.67
N TYR D 423 36.59 4.74 2.71
CA TYR D 423 35.57 5.76 2.78
C TYR D 423 35.99 7.07 2.12
N ARG D 424 37.06 7.03 1.34
CA ARG D 424 37.55 8.18 0.59
C ARG D 424 37.02 8.11 -0.84
N TYR D 425 36.37 9.18 -1.28
CA TYR D 425 35.78 9.24 -2.61
C TYR D 425 36.65 10.14 -3.49
N ASP D 426 36.99 9.65 -4.67
CA ASP D 426 37.88 10.38 -5.58
C ASP D 426 37.26 10.45 -6.96
N ILE D 427 36.84 11.65 -7.37
CA ILE D 427 36.41 11.89 -8.74
C ILE D 427 37.63 12.23 -9.57
N TRP D 428 38.23 11.24 -10.19
CA TRP D 428 39.14 11.53 -11.30
C TRP D 428 38.31 11.82 -12.54
N TYR D 429 38.95 12.45 -13.53
CA TYR D 429 38.40 12.67 -14.87
C TYR D 429 37.11 13.49 -14.84
N ILE D 430 37.23 14.74 -14.43
CA ILE D 430 36.13 15.70 -14.50
C ILE D 430 36.14 16.28 -15.91
N GLY D 431 35.19 15.87 -16.73
CA GLY D 431 35.06 16.40 -18.08
C GLY D 431 35.88 15.65 -19.10
N THR D 432 36.00 16.28 -20.27
CA THR D 432 36.87 15.81 -21.35
C THR D 432 37.89 16.90 -21.65
N MET D 433 39.16 16.51 -21.75
CA MET D 433 40.25 17.48 -21.80
C MET D 433 40.90 17.59 -23.17
N ASP D 434 40.72 16.60 -24.05
CA ASP D 434 41.34 16.32 -25.37
C ASP D 434 42.76 15.80 -25.19
N GLN D 435 43.16 15.51 -23.96
CA GLN D 435 44.48 15.01 -23.62
C GLN D 435 44.41 14.45 -22.20
N PRO D 436 45.37 13.62 -21.78
CA PRO D 436 45.37 13.16 -20.40
C PRO D 436 45.72 14.26 -19.43
N ASN D 437 45.04 14.25 -18.28
CA ASN D 437 45.31 15.19 -17.20
C ASN D 437 46.39 14.67 -16.26
N ILE D 438 46.33 13.39 -15.94
CA ILE D 438 47.26 12.73 -15.04
C ILE D 438 47.97 11.65 -15.83
N PHE D 439 49.31 11.62 -15.74
CA PHE D 439 50.08 10.59 -16.40
C PHE D 439 51.34 10.31 -15.58
N LYS D 440 52.10 9.32 -16.02
CA LYS D 440 53.35 8.93 -15.38
C LYS D 440 54.50 9.37 -16.27
N CYS D 441 55.39 10.18 -15.72
CA CYS D 441 56.55 10.65 -16.48
C CYS D 441 57.63 9.58 -16.51
N LYS D 442 58.41 9.60 -17.59
CA LYS D 442 59.40 8.55 -17.85
C LYS D 442 60.50 9.14 -18.72
N ILE D 443 61.69 8.60 -18.61
CA ILE D 443 62.83 9.01 -19.44
C ILE D 443 62.99 7.98 -20.55
N LYS D 444 63.21 8.48 -21.77
CA LYS D 444 63.30 7.63 -22.94
C LYS D 444 64.55 6.74 -22.88
N GLY D 445 64.38 5.49 -23.30
CA GLY D 445 65.47 4.53 -23.25
C GLY D 445 65.30 3.53 -22.13
N ASP D 446 66.14 3.62 -21.10
CA ASP D 446 66.03 2.73 -19.95
C ASP D 446 66.59 3.49 -18.74
N ASN D 447 65.70 4.00 -17.90
CA ASN D 447 66.07 4.77 -16.73
C ASN D 447 66.15 3.92 -15.45
N GLU D 448 66.06 2.61 -15.58
CA GLU D 448 66.19 1.71 -14.44
C GLU D 448 67.56 1.05 -14.47
N TYR D 449 68.23 1.03 -13.33
CA TYR D 449 69.60 0.57 -13.23
C TYR D 449 69.71 -0.58 -12.25
N ARG D 450 70.74 -1.40 -12.43
CA ARG D 450 70.94 -2.59 -11.62
C ARG D 450 72.43 -2.81 -11.44
N GLY D 451 72.83 -3.25 -10.25
CA GLY D 451 74.24 -3.50 -9.99
C GLY D 451 74.43 -4.48 -8.86
N TYR D 452 75.49 -5.28 -8.97
CA TYR D 452 75.84 -6.29 -7.98
C TYR D 452 77.23 -5.96 -7.45
N GLN D 453 77.34 -5.79 -6.13
CA GLN D 453 78.61 -5.44 -5.50
C GLN D 453 79.14 -6.67 -4.76
N TRP D 454 79.91 -7.49 -5.46
CA TRP D 454 80.52 -8.66 -4.84
C TRP D 454 81.70 -8.22 -3.99
N GLY D 455 81.75 -8.69 -2.75
CA GLY D 455 82.86 -8.39 -1.87
C GLY D 455 84.10 -9.17 -2.23
N SER D 475 80.21 -10.37 1.47
CA SER D 475 79.43 -9.26 0.92
C SER D 475 79.05 -9.50 -0.52
N ALA D 476 77.75 -9.48 -0.81
CA ALA D 476 77.24 -9.50 -2.18
C ALA D 476 75.93 -8.71 -2.17
N VAL D 477 76.03 -7.43 -2.53
CA VAL D 477 74.92 -6.50 -2.42
C VAL D 477 74.37 -6.23 -3.80
N ILE D 478 73.07 -6.43 -3.98
CA ILE D 478 72.37 -6.09 -5.22
C ILE D 478 71.81 -4.68 -5.10
N HIS D 479 72.20 -3.80 -6.01
CA HIS D 479 71.79 -2.41 -6.01
C HIS D 479 70.87 -2.16 -7.20
N ARG D 480 69.75 -1.48 -6.95
CA ARG D 480 68.85 -1.05 -8.00
C ARG D 480 68.55 0.43 -7.81
N MET D 481 68.40 1.15 -8.92
CA MET D 481 68.12 2.58 -8.90
C MET D 481 67.14 2.90 -10.02
N ALA D 482 66.21 3.81 -9.76
CA ALA D 482 65.26 4.21 -10.78
C ALA D 482 64.78 5.63 -10.52
N THR D 483 64.70 6.40 -11.59
CA THR D 483 64.16 7.76 -11.56
C THR D 483 62.78 7.78 -12.21
N LEU D 484 61.89 8.60 -11.68
CA LEU D 484 60.50 8.57 -12.10
C LEU D 484 59.86 9.93 -11.83
N GLY D 485 58.59 10.04 -12.18
CA GLY D 485 57.85 11.26 -11.92
C GLY D 485 56.40 11.09 -12.31
N VAL D 486 55.55 11.90 -11.68
CA VAL D 486 54.13 11.95 -11.97
C VAL D 486 53.74 13.40 -12.21
N CYS D 487 52.90 13.64 -13.21
CA CYS D 487 52.44 14.98 -13.53
C CYS D 487 50.92 15.01 -13.54
N VAL D 488 50.35 15.99 -12.84
CA VAL D 488 48.94 16.33 -12.92
C VAL D 488 48.86 17.72 -13.51
N LEU D 489 48.31 17.83 -14.72
CA LEU D 489 48.30 19.10 -15.43
C LEU D 489 47.31 20.08 -14.79
N ASP D 490 46.06 19.65 -14.63
CA ASP D 490 45.01 20.48 -14.04
C ASP D 490 44.48 19.77 -12.81
N PRO D 491 44.93 20.13 -11.61
CA PRO D 491 44.39 19.49 -10.40
C PRO D 491 43.00 19.95 -10.03
N THR D 492 42.49 21.01 -10.65
CA THR D 492 41.12 21.44 -10.40
C THR D 492 40.08 20.51 -11.02
N ARG D 493 40.50 19.59 -11.89
CA ARG D 493 39.62 18.60 -12.47
C ARG D 493 39.67 17.28 -11.72
N THR D 494 39.91 17.32 -10.42
CA THR D 494 39.93 16.13 -9.57
C THR D 494 39.39 16.51 -8.21
N MET D 495 38.28 15.89 -7.81
CA MET D 495 37.65 16.16 -6.53
C MET D 495 37.82 14.96 -5.60
N SER D 496 38.14 15.25 -4.34
CA SER D 496 38.39 14.22 -3.33
C SER D 496 37.49 14.49 -2.13
N LEU D 497 36.83 13.46 -1.63
CA LEU D 497 36.15 13.50 -0.35
C LEU D 497 36.84 12.53 0.59
N ILE D 498 37.69 13.05 1.47
CA ILE D 498 38.45 12.25 2.41
C ILE D 498 37.74 12.35 3.76
N PRO D 499 37.71 11.30 4.57
CA PRO D 499 37.28 11.46 5.97
C PRO D 499 38.22 12.42 6.71
N ALA D 500 37.65 13.20 7.63
CA ALA D 500 38.44 14.16 8.37
C ALA D 500 39.24 13.54 9.49
N ILE D 501 39.08 12.24 9.75
CA ILE D 501 39.92 11.55 10.72
C ILE D 501 41.27 11.17 10.16
N LEU D 502 41.48 11.35 8.86
CA LEU D 502 42.78 11.14 8.22
C LEU D 502 43.55 12.44 8.04
N GLN D 503 43.21 13.48 8.79
CA GLN D 503 43.77 14.82 8.60
C GLN D 503 44.33 15.33 9.92
N GLY D 504 45.62 15.69 9.91
CA GLY D 504 46.21 16.48 10.98
C GLY D 504 46.51 15.80 12.30
N ALA E 2 90.68 39.83 -19.06
CA ALA E 2 89.96 39.77 -17.81
C ALA E 2 89.19 41.05 -17.58
N GLY E 3 88.94 41.78 -18.66
CA GLY E 3 88.14 42.98 -18.56
C GLY E 3 86.91 42.92 -19.44
N LYS E 4 86.61 44.02 -20.12
CA LYS E 4 85.47 44.08 -21.04
C LYS E 4 85.97 44.58 -22.38
N LEU E 5 85.43 44.00 -23.45
CA LEU E 5 85.79 44.41 -24.80
C LEU E 5 84.81 45.41 -25.38
N GLY E 6 83.52 45.26 -25.07
CA GLY E 6 82.52 46.24 -25.39
C GLY E 6 81.95 46.80 -24.10
N LYS E 7 81.09 47.80 -24.24
CA LYS E 7 80.43 48.36 -23.08
C LYS E 7 79.47 47.35 -22.46
N PHE E 8 78.71 46.67 -23.30
CA PHE E 8 77.69 45.72 -22.85
C PHE E 8 78.17 44.27 -23.00
N GLN E 9 79.28 43.97 -22.33
CA GLN E 9 79.74 42.60 -22.15
C GLN E 9 79.40 42.21 -20.72
N MET E 10 78.31 41.47 -20.54
CA MET E 10 77.88 41.08 -19.21
C MET E 10 78.47 39.76 -18.76
N LEU E 11 79.15 39.03 -19.64
CA LEU E 11 79.74 37.74 -19.29
C LEU E 11 81.25 37.87 -19.19
N GLY E 12 81.82 37.17 -18.22
CA GLY E 12 83.26 37.03 -18.13
C GLY E 12 83.64 35.61 -18.43
N PHE E 13 84.90 35.35 -18.76
CA PHE E 13 85.33 33.99 -19.00
C PHE E 13 85.39 33.24 -17.69
N GLN E 14 84.83 32.04 -17.66
CA GLN E 14 84.70 31.28 -16.42
C GLN E 14 85.41 29.95 -16.55
N HIS E 15 85.86 29.43 -15.42
CA HIS E 15 86.77 28.31 -15.36
C HIS E 15 86.64 27.61 -14.01
N TRP E 16 86.92 26.32 -13.99
CA TRP E 16 86.95 25.56 -12.75
C TRP E 16 87.81 24.31 -12.97
N LYS E 17 87.93 23.52 -11.90
CA LYS E 17 88.83 22.38 -11.88
C LYS E 17 88.10 21.16 -11.33
N GLY E 18 88.27 20.03 -12.00
CA GLY E 18 87.91 18.77 -11.40
C GLY E 18 86.48 18.32 -11.56
N LEU E 19 85.91 17.80 -10.47
CA LEU E 19 84.56 17.24 -10.47
C LEU E 19 83.53 18.31 -10.80
N THR E 20 82.65 17.97 -11.73
CA THR E 20 81.68 18.90 -12.28
C THR E 20 80.27 18.48 -11.87
N SER E 21 79.55 19.41 -11.26
CA SER E 21 78.20 19.15 -10.78
C SER E 21 77.17 19.68 -11.76
N ASP E 22 75.89 19.41 -11.46
CA ASP E 22 74.80 20.06 -12.17
C ASP E 22 74.76 21.55 -11.87
N ASN E 23 75.21 21.93 -10.67
CA ASN E 23 75.37 23.34 -10.34
C ASN E 23 76.49 23.99 -11.16
N HIS E 24 77.54 23.22 -11.47
CA HIS E 24 78.60 23.74 -12.32
C HIS E 24 78.17 23.89 -13.76
N LEU E 25 77.19 23.10 -14.20
CA LEU E 25 76.72 23.13 -15.57
C LEU E 25 75.63 24.16 -15.79
N GLY E 26 74.81 24.43 -14.78
CA GLY E 26 73.81 25.47 -14.92
C GLY E 26 74.36 26.86 -14.73
N ALA E 27 75.48 26.99 -14.00
CA ALA E 27 76.11 28.29 -13.83
C ALA E 27 76.90 28.72 -15.05
N ILE E 28 77.30 27.77 -15.90
CA ILE E 28 77.86 28.09 -17.19
C ILE E 28 76.80 28.02 -18.29
N PHE E 29 75.52 28.06 -17.90
CA PHE E 29 74.36 28.25 -18.77
C PHE E 29 74.18 27.09 -19.75
N GLN E 30 74.42 25.86 -19.26
CA GLN E 30 74.27 24.66 -20.07
C GLN E 30 73.21 23.73 -19.51
N GLN E 31 72.29 24.25 -18.71
CA GLN E 31 71.15 23.48 -18.23
C GLN E 31 69.95 24.41 -18.31
N ALA E 32 68.86 23.92 -18.88
CA ALA E 32 67.66 24.72 -19.02
C ALA E 32 66.47 23.79 -18.95
N PRO E 33 65.34 24.25 -18.40
CA PRO E 33 64.15 23.40 -18.37
C PRO E 33 63.59 23.17 -19.76
N GLN E 34 63.09 21.96 -19.99
CA GLN E 34 62.58 21.58 -21.29
C GLN E 34 61.10 21.91 -21.37
N LYS E 35 60.64 22.31 -22.55
CA LYS E 35 59.24 22.63 -22.74
C LYS E 35 58.54 21.43 -23.34
N ALA E 36 57.51 20.95 -22.63
CA ALA E 36 56.65 19.90 -23.16
C ALA E 36 55.62 20.58 -24.06
N THR E 37 55.92 20.61 -25.37
CA THR E 37 55.10 21.35 -26.32
C THR E 37 53.74 20.69 -26.54
N ASN E 38 53.69 19.35 -26.48
CA ASN E 38 52.43 18.65 -26.58
C ASN E 38 51.54 18.93 -25.37
N LEU E 39 52.14 19.14 -24.20
CA LEU E 39 51.38 19.49 -23.00
C LEU E 39 50.95 20.94 -23.08
N MET E 40 49.65 21.17 -23.15
CA MET E 40 49.08 22.50 -23.04
C MET E 40 47.82 22.37 -22.20
N VAL E 41 47.61 23.32 -21.29
CA VAL E 41 46.49 23.30 -20.37
C VAL E 41 45.57 24.47 -20.70
N GLN E 42 44.32 24.16 -21.01
CA GLN E 42 43.26 25.15 -21.06
C GLN E 42 42.49 25.07 -19.75
N LEU E 43 42.36 26.21 -19.07
CA LEU E 43 41.69 26.24 -17.78
C LEU E 43 40.21 25.93 -17.95
N LEU E 44 39.71 25.01 -17.12
CA LEU E 44 38.35 24.54 -17.25
C LEU E 44 37.37 25.58 -16.73
N ALA E 45 36.41 25.93 -17.58
CA ALA E 45 35.27 26.76 -17.20
C ALA E 45 34.18 26.54 -18.25
N PHE E 46 32.95 26.85 -17.86
CA PHE E 46 31.84 26.86 -18.81
C PHE E 46 31.70 28.30 -19.27
N TYR E 47 32.24 28.59 -20.45
CA TYR E 47 32.33 29.95 -20.94
C TYR E 47 30.99 30.39 -21.52
N ARG E 48 30.52 31.56 -21.13
CA ARG E 48 29.22 32.05 -21.53
C ARG E 48 29.31 33.44 -22.14
N GLY E 49 30.44 33.74 -22.80
CA GLY E 49 30.61 35.06 -23.38
C GLY E 49 29.87 35.24 -24.68
N LYS E 50 29.67 34.16 -25.44
CA LYS E 50 28.92 34.18 -26.68
C LYS E 50 27.43 34.01 -26.45
N SER E 51 26.98 33.96 -25.19
CA SER E 51 25.58 33.73 -24.89
C SER E 51 24.74 34.98 -25.08
N LEU E 52 25.33 36.17 -24.97
CA LEU E 52 24.61 37.39 -25.31
C LEU E 52 24.45 37.53 -26.83
N ASP E 53 25.50 37.18 -27.58
CA ASP E 53 25.43 37.20 -29.04
C ASP E 53 24.44 36.16 -29.55
N THR E 54 24.34 35.02 -28.87
CA THR E 54 23.37 34.00 -29.24
C THR E 54 21.96 34.43 -28.85
N PHE E 55 21.81 35.22 -27.79
CA PHE E 55 20.50 35.70 -27.39
C PHE E 55 19.96 36.76 -28.36
N LEU E 56 20.83 37.68 -28.79
CA LEU E 56 20.42 38.72 -29.73
C LEU E 56 20.25 38.19 -31.15
N ASN E 57 20.66 36.97 -31.43
CA ASN E 57 20.42 36.32 -32.71
C ASN E 57 19.11 35.55 -32.74
N SER E 58 18.30 35.66 -31.69
CA SER E 58 16.95 35.12 -31.67
C SER E 58 15.92 36.15 -32.09
N PHE E 59 16.35 37.37 -32.41
CA PHE E 59 15.48 38.45 -32.83
C PHE E 59 15.82 38.82 -34.27
N PRO E 60 14.84 38.96 -35.15
CA PRO E 60 15.14 39.43 -36.50
C PRO E 60 15.49 40.91 -36.51
N THR E 61 15.95 41.38 -37.65
CA THR E 61 16.34 42.77 -37.82
C THR E 61 15.56 43.40 -38.96
N ARG E 62 15.21 44.67 -38.80
CA ARG E 62 14.47 45.43 -39.81
C ARG E 62 15.28 46.64 -40.23
N GLU E 63 15.32 46.89 -41.53
CA GLU E 63 16.04 48.05 -42.05
C GLU E 63 15.15 49.29 -42.01
N PHE E 64 15.73 50.41 -41.63
CA PHE E 64 15.06 51.69 -41.60
C PHE E 64 15.75 52.65 -42.55
N GLU E 65 15.05 53.72 -42.92
CA GLU E 65 15.57 54.62 -43.95
C GLU E 65 16.64 55.56 -43.41
N ASP E 66 16.37 56.20 -42.27
CA ASP E 66 17.29 57.18 -41.71
C ASP E 66 17.29 57.07 -40.19
N ASP E 67 18.12 57.89 -39.55
CA ASP E 67 18.25 57.92 -38.10
C ASP E 67 17.28 58.93 -37.45
N ASN E 68 16.00 58.77 -37.75
CA ASN E 68 14.96 59.68 -37.28
C ASN E 68 13.97 58.88 -36.43
N GLU E 69 13.28 59.58 -35.54
CA GLU E 69 12.35 58.91 -34.63
C GLU E 69 11.15 58.38 -35.38
N TYR E 70 10.84 57.11 -35.17
CA TYR E 70 9.79 56.42 -35.90
C TYR E 70 8.68 56.04 -34.95
N TYR E 71 7.44 56.13 -35.42
CA TYR E 71 6.29 55.82 -34.59
C TYR E 71 5.36 54.86 -35.32
N TRP E 72 4.46 54.24 -34.54
CA TRP E 72 3.46 53.34 -35.08
C TRP E 72 2.19 53.53 -34.26
N ASP E 73 1.10 52.92 -34.73
CA ASP E 73 -0.21 53.11 -34.13
C ASP E 73 -0.64 51.86 -33.37
N VAL E 74 -1.24 52.08 -32.20
CA VAL E 74 -1.66 51.01 -31.31
C VAL E 74 -3.17 50.87 -31.41
N ILE E 75 -3.65 49.66 -31.68
CA ILE E 75 -5.06 49.38 -31.88
C ILE E 75 -5.53 48.49 -30.74
N GLY E 76 -6.66 48.85 -30.13
CA GLY E 76 -7.13 48.14 -28.96
C GLY E 76 -8.54 47.55 -29.04
N SER E 77 -9.33 47.78 -28.00
CA SER E 77 -10.66 47.20 -27.87
C SER E 77 -11.66 48.29 -27.50
N SER E 78 -12.95 47.94 -27.54
CA SER E 78 -14.00 48.96 -27.49
C SER E 78 -15.21 48.65 -26.63
N ARG E 79 -15.29 47.48 -25.97
CA ARG E 79 -16.47 47.11 -25.21
C ARG E 79 -16.38 47.69 -23.79
N ARG E 80 -17.09 48.78 -23.54
CA ARG E 80 -16.90 49.57 -22.34
C ARG E 80 -18.05 49.43 -21.36
N ASN E 81 -17.72 49.51 -20.07
CA ASN E 81 -18.68 49.78 -19.01
C ASN E 81 -18.37 51.13 -18.40
N ILE E 82 -19.38 51.77 -17.84
CA ILE E 82 -19.25 53.09 -17.23
C ILE E 82 -19.38 52.93 -15.73
N PRO E 83 -18.36 53.31 -14.95
CA PRO E 83 -18.49 53.24 -13.49
C PRO E 83 -19.41 54.33 -12.97
N LEU E 84 -20.28 53.96 -12.03
CA LEU E 84 -21.14 54.92 -11.39
C LEU E 84 -20.33 55.86 -10.49
N VAL E 85 -20.77 57.10 -10.42
CA VAL E 85 -20.18 58.09 -9.51
C VAL E 85 -21.06 58.27 -8.28
N GLU E 86 -22.36 58.49 -8.50
CA GLU E 86 -23.26 58.93 -7.45
C GLU E 86 -24.66 58.52 -7.85
N ALA E 87 -25.50 58.23 -6.87
CA ALA E 87 -26.90 57.91 -7.12
C ALA E 87 -27.74 58.66 -6.12
N ARG E 88 -28.38 59.74 -6.56
CA ARG E 88 -29.33 60.43 -5.71
C ARG E 88 -30.76 59.97 -6.02
N ASP E 89 -31.63 60.07 -5.03
CA ASP E 89 -32.99 59.57 -5.15
C ASP E 89 -33.89 60.59 -5.85
N GLU E 90 -35.21 60.43 -5.65
CA GLU E 90 -36.19 61.34 -6.25
C GLU E 90 -36.02 62.77 -5.73
N ASN E 91 -35.82 62.92 -4.42
CA ASN E 91 -35.65 64.25 -3.84
C ASN E 91 -34.33 64.88 -4.25
N GLY E 92 -33.30 64.07 -4.48
CA GLY E 92 -32.00 64.57 -4.90
C GLY E 92 -30.87 64.35 -3.91
N VAL E 93 -31.10 63.65 -2.80
CA VAL E 93 -30.05 63.40 -1.83
C VAL E 93 -29.39 62.06 -2.13
N VAL E 94 -28.08 62.00 -1.94
CA VAL E 94 -27.29 60.82 -2.29
C VAL E 94 -27.58 59.69 -1.30
N VAL E 95 -27.67 58.47 -1.82
CA VAL E 95 -27.87 57.29 -0.98
C VAL E 95 -26.51 56.85 -0.43
N ALA E 96 -26.50 56.50 0.86
CA ALA E 96 -25.32 55.93 1.48
C ALA E 96 -25.41 54.41 1.43
N ALA E 97 -24.39 53.74 1.98
CA ALA E 97 -24.42 52.28 2.04
C ALA E 97 -25.46 51.78 3.04
N ASN E 98 -25.69 52.53 4.11
CA ASN E 98 -26.69 52.17 5.11
C ASN E 98 -28.00 52.92 4.86
N ALA E 99 -28.62 52.63 3.72
CA ALA E 99 -29.86 53.29 3.34
C ALA E 99 -30.84 52.25 2.83
N ALA E 100 -32.11 52.64 2.76
CA ALA E 100 -33.15 51.75 2.28
C ALA E 100 -33.08 51.62 0.76
N ASN E 101 -33.94 50.75 0.23
CA ASN E 101 -34.03 50.56 -1.21
C ASN E 101 -34.58 51.81 -1.88
N VAL E 102 -34.21 52.02 -3.13
CA VAL E 102 -34.43 53.30 -3.78
C VAL E 102 -35.72 53.31 -4.59
N GLY E 103 -35.89 52.37 -5.51
CA GLY E 103 -37.10 52.34 -6.31
C GLY E 103 -38.18 51.44 -5.73
N VAL E 104 -38.66 51.77 -4.53
CA VAL E 104 -39.52 50.85 -3.78
C VAL E 104 -40.89 50.67 -4.41
N GLY E 105 -41.34 51.60 -5.24
CA GLY E 105 -42.48 51.33 -6.10
C GLY E 105 -41.96 51.13 -7.51
N THR E 106 -42.42 51.95 -8.43
CA THR E 106 -41.70 52.21 -9.68
C THR E 106 -41.48 53.72 -9.69
N SER E 107 -40.42 54.15 -9.02
CA SER E 107 -40.17 55.56 -8.74
C SER E 107 -38.89 56.03 -9.42
N PRO E 108 -38.84 57.28 -9.85
CA PRO E 108 -37.61 57.78 -10.48
C PRO E 108 -36.52 58.08 -9.46
N PHE E 109 -35.29 57.97 -9.93
CA PHE E 109 -34.10 58.36 -9.17
C PHE E 109 -33.01 58.66 -10.18
N TYR E 110 -31.95 59.33 -9.72
CA TYR E 110 -30.97 59.91 -10.61
C TYR E 110 -29.62 59.22 -10.45
N LEU E 111 -29.04 58.79 -11.57
CA LEU E 111 -27.74 58.14 -11.59
C LEU E 111 -26.73 59.08 -12.22
N VAL E 112 -25.64 59.35 -11.50
CA VAL E 112 -24.62 60.30 -11.95
C VAL E 112 -23.46 59.50 -12.55
N PHE E 113 -23.13 59.81 -13.80
CA PHE E 113 -22.08 59.14 -14.54
C PHE E 113 -21.06 60.16 -15.02
N PRO E 114 -19.78 59.78 -15.13
CA PRO E 114 -18.75 60.77 -15.53
C PRO E 114 -18.76 61.14 -17.01
N GLU E 115 -19.67 60.59 -17.81
CA GLU E 115 -19.73 60.91 -19.22
C GLU E 115 -21.15 60.62 -19.72
N ASP E 116 -21.54 61.33 -20.78
CA ASP E 116 -22.84 61.11 -21.41
C ASP E 116 -22.74 59.97 -22.42
N TRP E 117 -22.62 58.76 -21.88
CA TRP E 117 -22.46 57.55 -22.69
C TRP E 117 -23.77 56.81 -22.90
N PHE E 118 -24.78 57.09 -22.11
CA PHE E 118 -26.06 56.39 -22.19
C PHE E 118 -27.09 57.29 -22.87
N ALA E 119 -27.94 56.69 -23.69
CA ALA E 119 -28.89 57.45 -24.46
C ALA E 119 -30.21 57.55 -23.71
N ASP E 120 -31.20 58.16 -24.35
CA ASP E 120 -32.54 58.24 -23.81
C ASP E 120 -33.25 56.91 -24.03
N GLY E 121 -34.03 56.49 -23.02
CA GLY E 121 -34.91 55.35 -23.16
C GLY E 121 -34.26 53.98 -23.08
N GLU E 122 -32.93 53.90 -23.10
CA GLU E 122 -32.25 52.62 -22.99
C GLU E 122 -32.38 52.06 -21.58
N VAL E 123 -32.29 50.74 -21.46
CA VAL E 123 -32.19 50.09 -20.16
C VAL E 123 -30.73 49.73 -19.90
N ILE E 124 -30.27 49.99 -18.69
CA ILE E 124 -28.90 49.70 -18.28
C ILE E 124 -28.94 48.86 -17.02
N VAL E 125 -27.90 48.06 -16.83
CA VAL E 125 -27.83 47.12 -15.71
C VAL E 125 -26.53 47.34 -14.95
N GLY E 126 -26.60 47.19 -13.63
CA GLY E 126 -25.44 47.38 -12.77
C GLY E 126 -24.52 46.18 -12.75
N ASN E 127 -23.92 45.93 -11.59
CA ASN E 127 -23.13 44.72 -11.42
C ASN E 127 -24.02 43.48 -11.46
N LEU E 128 -25.22 43.59 -10.90
CA LEU E 128 -26.23 42.55 -11.02
C LEU E 128 -27.03 42.83 -12.29
N ASN E 129 -26.73 42.10 -13.35
CA ASN E 129 -27.43 42.28 -14.61
C ASN E 129 -28.80 41.64 -14.51
N GLN E 130 -29.79 42.33 -15.10
CA GLN E 130 -31.17 41.90 -15.41
C GLN E 130 -32.04 41.68 -14.18
N VAL E 131 -31.46 41.76 -12.98
CA VAL E 131 -32.28 41.72 -11.77
C VAL E 131 -32.86 43.10 -11.51
N TYR E 132 -32.06 44.14 -11.73
CA TYR E 132 -32.49 45.53 -11.60
C TYR E 132 -32.22 46.23 -12.93
N PRO E 133 -33.15 46.16 -13.89
CA PRO E 133 -32.96 46.87 -15.17
C PRO E 133 -33.37 48.32 -15.05
N PHE E 134 -32.42 49.22 -15.27
CA PHE E 134 -32.61 50.65 -15.05
C PHE E 134 -32.95 51.34 -16.36
N ARG E 135 -34.19 51.82 -16.48
CA ARG E 135 -34.64 52.50 -17.69
C ARG E 135 -34.43 54.00 -17.54
N ILE E 136 -33.83 54.62 -18.56
CA ILE E 136 -33.46 56.03 -18.49
C ILE E 136 -34.64 56.89 -18.93
N LEU E 137 -35.14 57.71 -18.02
CA LEU E 137 -36.35 58.50 -18.23
C LEU E 137 -35.99 59.95 -18.57
N GLY E 138 -35.45 60.15 -19.76
CA GLY E 138 -35.26 61.50 -20.27
C GLY E 138 -33.84 61.75 -20.72
N ASP E 139 -33.67 62.92 -21.34
CA ASP E 139 -32.35 63.39 -21.74
C ASP E 139 -31.49 63.69 -20.52
N ALA E 140 -30.18 63.54 -20.69
CA ALA E 140 -29.26 63.78 -19.60
C ALA E 140 -29.14 65.26 -19.27
N ARG E 141 -28.97 65.54 -17.99
CA ARG E 141 -28.64 66.88 -17.53
C ARG E 141 -27.15 66.91 -17.16
N MET E 142 -26.46 67.94 -17.61
CA MET E 142 -25.01 68.00 -17.45
C MET E 142 -24.66 68.72 -16.16
N GLU E 143 -23.78 68.11 -15.36
CA GLU E 143 -23.20 68.71 -14.17
C GLU E 143 -21.70 68.75 -14.41
N GLY E 144 -21.25 69.77 -15.13
CA GLY E 144 -19.88 69.74 -15.61
C GLY E 144 -19.71 68.63 -16.63
N THR E 145 -18.66 67.83 -16.45
CA THR E 145 -18.51 66.63 -17.27
C THR E 145 -19.44 65.51 -16.82
N ASN E 146 -19.97 65.57 -15.61
CA ASN E 146 -20.83 64.52 -15.11
C ASN E 146 -22.22 64.57 -15.72
N ALA E 147 -22.77 63.40 -16.02
CA ALA E 147 -24.07 63.27 -16.66
C ALA E 147 -25.06 62.61 -15.70
N VAL E 148 -26.11 63.33 -15.36
CA VAL E 148 -27.14 62.84 -14.44
C VAL E 148 -28.32 62.32 -15.26
N TYR E 149 -28.71 61.07 -15.00
CA TYR E 149 -29.76 60.39 -15.75
C TYR E 149 -30.94 60.10 -14.83
N LYS E 150 -32.12 60.60 -15.20
CA LYS E 150 -33.33 60.24 -14.48
C LYS E 150 -33.70 58.81 -14.84
N VAL E 151 -33.82 57.96 -13.83
CA VAL E 151 -33.82 56.51 -14.00
C VAL E 151 -34.92 55.91 -13.14
N GLU E 152 -35.75 55.04 -13.71
CA GLU E 152 -36.66 54.20 -12.96
C GLU E 152 -36.35 52.74 -13.23
N LEU E 153 -36.81 51.87 -12.34
CA LEU E 153 -36.53 50.45 -12.45
C LEU E 153 -37.54 49.78 -13.38
N MET E 154 -37.03 49.02 -14.35
CA MET E 154 -37.87 48.24 -15.22
C MET E 154 -37.86 46.80 -14.69
N GLY E 155 -38.52 45.88 -15.39
CA GLY E 155 -38.68 44.54 -14.87
C GLY E 155 -39.86 44.46 -13.92
N GLY E 156 -39.87 43.38 -13.15
CA GLY E 156 -40.94 43.14 -12.20
C GLY E 156 -40.60 43.60 -10.80
N ASN E 157 -39.88 44.71 -10.68
CA ASN E 157 -39.41 45.17 -9.38
C ASN E 157 -40.50 45.94 -8.66
N THR E 158 -40.88 45.44 -7.48
CA THR E 158 -41.61 46.20 -6.48
C THR E 158 -40.81 46.28 -5.19
N GLN E 159 -39.55 45.84 -5.21
CA GLN E 159 -38.67 45.83 -4.06
C GLN E 159 -37.70 46.99 -4.04
N GLY E 160 -37.29 47.47 -5.20
CA GLY E 160 -36.25 48.46 -5.31
C GLY E 160 -34.92 47.84 -5.67
N VAL E 161 -33.91 48.71 -5.73
CA VAL E 161 -32.53 48.25 -5.84
C VAL E 161 -31.89 48.52 -4.48
N PRO E 162 -31.11 47.60 -3.93
CA PRO E 162 -30.42 47.88 -2.67
C PRO E 162 -29.37 48.96 -2.84
N ALA E 163 -29.15 49.73 -1.77
CA ALA E 163 -28.18 50.82 -1.80
C ALA E 163 -26.74 50.32 -1.82
N GLU E 164 -26.51 49.02 -1.61
CA GLU E 164 -25.23 48.38 -1.88
C GLU E 164 -24.91 48.36 -3.37
N ARG E 165 -25.92 48.45 -4.23
CA ARG E 165 -25.75 48.34 -5.67
C ARG E 165 -25.76 49.69 -6.38
N LEU E 166 -25.59 50.78 -5.63
CA LEU E 166 -25.62 52.12 -6.22
C LEU E 166 -24.48 52.98 -5.71
N GLN E 167 -23.33 52.37 -5.43
CA GLN E 167 -22.18 53.08 -4.91
C GLN E 167 -21.22 53.41 -6.04
N GLN E 168 -20.14 54.11 -5.70
CA GLN E 168 -19.15 54.50 -6.69
C GLN E 168 -18.40 53.28 -7.19
N GLY E 169 -18.35 53.13 -8.51
CA GLY E 169 -17.71 51.98 -9.12
C GLY E 169 -18.65 50.92 -9.64
N GLU E 170 -19.96 51.13 -9.54
CA GLU E 170 -20.92 50.23 -10.17
C GLU E 170 -20.78 50.30 -11.68
N ARG E 171 -20.38 49.18 -12.30
CA ARG E 171 -20.13 49.15 -13.73
C ARG E 171 -21.46 48.98 -14.46
N PHE E 172 -21.90 50.02 -15.17
CA PHE E 172 -23.13 49.99 -15.93
C PHE E 172 -22.84 49.77 -17.40
N SER E 173 -23.79 49.15 -18.10
CA SER E 173 -23.63 48.90 -19.52
C SER E 173 -25.00 48.91 -20.19
N ILE E 174 -25.00 49.20 -21.49
CA ILE E 174 -26.23 49.29 -22.27
C ILE E 174 -26.76 47.89 -22.51
N GLU E 175 -28.09 47.73 -22.46
CA GLU E 175 -28.71 46.46 -22.77
C GLU E 175 -29.50 46.51 -24.07
N PHE E 176 -30.54 47.32 -24.13
CA PHE E 176 -31.39 47.49 -25.31
C PHE E 176 -32.31 48.68 -25.03
N ALA E 177 -33.21 48.95 -25.96
CA ALA E 177 -34.04 50.14 -25.92
C ALA E 177 -35.50 49.77 -26.12
N PRO E 178 -36.19 49.35 -25.07
CA PRO E 178 -37.57 48.90 -25.25
C PRO E 178 -38.53 50.07 -25.40
N VAL E 179 -39.53 49.87 -26.28
CA VAL E 179 -40.52 50.89 -26.57
C VAL E 179 -41.82 50.16 -26.87
N GLU E 180 -42.93 50.90 -26.78
CA GLU E 180 -44.25 50.29 -26.91
C GLU E 180 -44.61 50.09 -28.38
N LYS E 181 -45.81 49.56 -28.62
CA LYS E 181 -46.29 49.30 -29.97
C LYS E 181 -47.42 50.24 -30.37
N GLU E 182 -47.73 51.24 -29.55
CA GLU E 182 -48.73 52.25 -29.89
C GLU E 182 -48.09 53.62 -29.80
N LEU E 183 -47.92 54.27 -30.96
CA LEU E 183 -47.50 55.67 -31.08
C LEU E 183 -46.13 55.92 -30.44
N SER E 184 -45.17 55.06 -30.77
CA SER E 184 -43.85 55.13 -30.17
C SER E 184 -43.03 56.28 -30.75
N ARG E 185 -42.13 56.82 -29.93
CA ARG E 185 -41.24 57.90 -30.32
C ARG E 185 -39.79 57.45 -30.24
N LYS E 186 -38.87 58.32 -30.68
CA LYS E 186 -37.48 57.92 -30.88
C LYS E 186 -36.73 57.79 -29.56
N VAL E 187 -35.79 56.84 -29.54
CA VAL E 187 -35.10 56.35 -28.35
C VAL E 187 -33.78 55.70 -28.80
N GLY E 188 -32.66 55.99 -28.11
CA GLY E 188 -31.40 55.32 -28.36
C GLY E 188 -30.42 56.13 -29.19
N ASP E 189 -29.14 55.69 -29.16
CA ASP E 189 -28.08 56.37 -29.88
C ASP E 189 -26.89 55.42 -30.06
N VAL E 190 -25.90 55.86 -30.85
CA VAL E 190 -24.71 55.06 -31.15
C VAL E 190 -23.45 55.83 -30.72
N ARG E 191 -22.35 55.10 -30.56
CA ARG E 191 -21.14 55.56 -29.87
C ARG E 191 -19.89 55.17 -30.64
N PHE E 192 -18.79 55.91 -30.40
CA PHE E 192 -17.58 55.85 -31.22
C PHE E 192 -16.33 55.68 -30.36
N THR E 193 -15.18 55.43 -31.02
CA THR E 193 -13.90 55.15 -30.36
C THR E 193 -12.76 55.80 -31.16
N SER E 194 -11.51 55.59 -30.68
CA SER E 194 -10.33 56.21 -31.27
C SER E 194 -9.08 55.44 -30.84
N PRO E 195 -8.02 55.41 -31.69
CA PRO E 195 -6.75 54.75 -31.32
C PRO E 195 -5.72 55.63 -30.62
N VAL E 196 -4.53 55.06 -30.40
CA VAL E 196 -3.40 55.71 -29.72
C VAL E 196 -2.12 55.26 -30.43
N SER E 197 -0.97 55.82 -30.04
CA SER E 197 0.28 55.58 -30.75
C SER E 197 1.46 55.51 -29.77
N MET E 198 2.61 55.07 -30.29
CA MET E 198 3.86 54.93 -29.54
C MET E 198 5.04 55.24 -30.45
N ARG E 199 6.20 55.57 -29.85
CA ARG E 199 7.39 56.03 -30.56
C ARG E 199 8.63 55.26 -30.13
N ASN E 200 9.76 55.57 -30.77
CA ASN E 200 11.07 55.01 -30.43
C ASN E 200 12.17 55.89 -31.03
N GLU E 201 13.40 55.71 -30.54
CA GLU E 201 14.57 56.50 -30.97
C GLU E 201 15.77 55.57 -31.15
N TRP E 202 16.95 56.16 -31.37
CA TRP E 202 18.15 55.44 -31.78
C TRP E 202 19.31 55.67 -30.82
N THR E 203 20.42 54.98 -31.06
CA THR E 203 21.63 55.05 -30.24
C THR E 203 22.87 54.90 -31.11
N THR E 204 23.82 55.83 -30.97
CA THR E 204 25.07 55.81 -31.74
C THR E 204 26.27 55.64 -30.82
N ILE E 205 27.25 54.87 -31.26
CA ILE E 205 28.44 54.53 -30.47
C ILE E 205 29.69 54.74 -31.31
N ARG E 206 30.85 54.68 -30.63
CA ARG E 206 32.13 54.92 -31.26
C ARG E 206 33.21 54.13 -30.52
N ILE E 207 34.34 53.91 -31.20
CA ILE E 207 35.53 53.31 -30.60
C ILE E 207 36.75 53.98 -31.22
N GLN E 208 37.88 53.89 -30.52
CA GLN E 208 39.17 54.31 -31.05
C GLN E 208 40.27 53.47 -30.41
N HIS E 209 41.40 53.38 -31.10
CA HIS E 209 42.59 52.74 -30.57
C HIS E 209 43.80 53.26 -31.32
N LYS E 210 44.80 53.76 -30.60
CA LYS E 210 46.02 54.28 -31.21
C LYS E 210 47.16 53.30 -30.99
N VAL E 211 47.86 52.95 -32.07
CA VAL E 211 49.11 52.22 -32.00
C VAL E 211 50.21 53.13 -32.54
N ALA E 212 51.43 52.88 -32.10
CA ALA E 212 52.56 53.64 -32.60
C ALA E 212 52.90 53.21 -34.02
N GLY E 213 53.66 54.06 -34.71
CA GLY E 213 53.99 53.78 -36.10
C GLY E 213 54.95 52.63 -36.27
N ASN E 214 55.81 52.39 -35.28
CA ASN E 214 56.82 51.32 -35.36
C ASN E 214 56.22 49.93 -35.20
N LYS E 215 54.93 49.81 -34.92
CA LYS E 215 54.26 48.53 -34.79
C LYS E 215 53.75 47.98 -36.10
N LEU E 216 54.29 48.46 -37.24
CA LEU E 216 53.79 48.03 -38.54
C LEU E 216 54.12 46.57 -38.82
N ASN E 217 55.39 46.21 -38.72
CA ASN E 217 55.81 44.83 -38.91
C ASN E 217 56.56 44.36 -37.67
N LYS E 218 55.99 44.64 -36.50
CA LYS E 218 56.62 44.28 -35.24
C LYS E 218 56.39 42.80 -34.97
N LYS E 219 57.48 42.04 -34.93
CA LYS E 219 57.40 40.61 -34.67
C LYS E 219 57.36 40.34 -33.17
N LEU E 220 56.68 39.27 -32.80
CA LEU E 220 56.61 38.84 -31.40
C LEU E 220 57.56 37.67 -31.22
N ALA E 221 58.32 37.69 -30.13
CA ALA E 221 59.41 36.76 -29.94
C ALA E 221 58.99 35.47 -29.26
N MET E 222 57.77 35.42 -28.72
CA MET E 222 57.11 34.21 -28.22
C MET E 222 57.90 33.53 -27.10
N GLY E 223 58.18 34.32 -26.05
CA GLY E 223 58.69 33.73 -24.83
C GLY E 223 57.63 32.92 -24.12
N ILE E 224 56.45 33.51 -23.96
CA ILE E 224 55.23 32.78 -23.61
C ILE E 224 54.48 32.60 -24.92
N PRO E 225 53.46 31.74 -25.00
CA PRO E 225 52.57 31.78 -26.15
C PRO E 225 51.82 33.10 -26.22
N MET E 226 51.47 33.48 -27.44
CA MET E 226 50.65 34.67 -27.64
C MET E 226 49.21 34.21 -27.81
N VAL E 227 48.32 34.76 -26.99
CA VAL E 227 46.94 34.32 -26.95
C VAL E 227 46.06 35.38 -27.58
N ARG E 228 44.82 34.98 -27.85
CA ARG E 228 43.83 35.84 -28.49
C ARG E 228 42.52 35.64 -27.77
N ASN E 229 41.97 36.71 -27.21
CA ASN E 229 40.70 36.63 -26.50
C ASN E 229 39.57 36.37 -27.47
N LEU E 230 38.75 35.35 -27.20
CA LEU E 230 37.63 35.04 -28.04
C LEU E 230 36.37 35.71 -27.52
N GLU E 231 35.29 35.61 -28.31
CA GLU E 231 34.00 36.17 -27.91
C GLU E 231 33.41 35.41 -26.73
N SER E 232 33.72 34.11 -26.60
CA SER E 232 33.18 33.29 -25.54
C SER E 232 33.82 33.55 -24.19
N GLY E 233 34.91 34.31 -24.13
CA GLY E 233 35.60 34.53 -22.88
C GLY E 233 36.76 33.59 -22.64
N LYS E 234 37.32 33.01 -23.68
CA LYS E 234 38.41 32.05 -23.57
C LYS E 234 39.58 32.54 -24.38
N GLN E 235 40.75 32.59 -23.75
CA GLN E 235 41.98 32.81 -24.50
C GLN E 235 42.29 31.57 -25.30
N VAL E 236 42.64 31.74 -26.57
CA VAL E 236 43.15 30.65 -27.40
C VAL E 236 44.52 31.08 -27.91
N LYS E 237 45.47 30.14 -27.91
CA LYS E 237 46.82 30.49 -28.30
C LYS E 237 46.91 30.59 -29.81
N ASP E 238 47.76 31.50 -30.28
CA ASP E 238 47.83 31.83 -31.68
C ASP E 238 49.29 31.84 -32.11
N THR E 239 49.53 31.41 -33.34
CA THR E 239 50.88 31.32 -33.88
C THR E 239 51.20 32.46 -34.84
N ALA E 240 50.36 33.50 -34.89
CA ALA E 240 50.63 34.64 -35.74
C ALA E 240 51.75 35.47 -35.16
N ASN E 241 52.73 35.82 -35.98
CA ASN E 241 53.97 36.43 -35.53
C ASN E 241 53.89 37.95 -35.43
N MET E 242 52.81 38.55 -35.90
CA MET E 242 52.73 40.01 -36.00
C MET E 242 51.85 40.56 -34.89
N TRP E 243 52.25 41.69 -34.33
CA TRP E 243 51.46 42.30 -33.27
C TRP E 243 50.17 42.91 -33.80
N MET E 244 50.14 43.31 -35.07
CA MET E 244 48.94 43.89 -35.64
C MET E 244 47.83 42.86 -35.87
N HIS E 245 48.18 41.58 -35.88
CA HIS E 245 47.15 40.54 -35.97
C HIS E 245 46.29 40.51 -34.71
N TYR E 246 46.89 40.84 -33.57
CA TYR E 246 46.19 40.82 -32.29
C TYR E 246 45.50 42.14 -31.98
N VAL E 247 46.00 43.25 -32.54
CA VAL E 247 45.31 44.53 -32.41
C VAL E 247 44.05 44.53 -33.25
N ASP E 248 44.11 43.97 -34.47
CA ASP E 248 42.97 43.96 -35.36
C ASP E 248 41.87 43.02 -34.90
N TRP E 249 42.19 42.02 -34.09
CA TRP E 249 41.15 41.18 -33.51
C TRP E 249 40.41 41.91 -32.40
N GLU E 250 41.12 42.74 -31.63
CA GLU E 250 40.52 43.35 -30.44
C GLU E 250 39.57 44.48 -30.80
N VAL E 251 39.88 45.25 -31.84
CA VAL E 251 38.98 46.32 -32.25
C VAL E 251 37.72 45.74 -32.87
N GLU E 252 37.83 44.60 -33.54
CA GLU E 252 36.66 43.90 -34.05
C GLU E 252 35.83 43.32 -32.92
N LEU E 253 36.49 42.83 -31.87
CA LEU E 253 35.80 42.12 -30.80
C LEU E 253 35.16 43.08 -29.80
N GLN E 254 35.84 44.17 -29.46
CA GLN E 254 35.30 45.11 -28.49
C GLN E 254 34.15 45.91 -29.06
N PHE E 255 34.23 46.27 -30.34
CA PHE E 255 33.17 47.05 -30.96
C PHE E 255 31.88 46.25 -31.13
N ASP E 256 31.99 44.93 -31.30
CA ASP E 256 30.79 44.11 -31.30
C ASP E 256 30.18 44.03 -29.91
N GLU E 257 31.02 43.97 -28.88
CA GLU E 257 30.51 43.96 -27.52
C GLU E 257 29.95 45.32 -27.12
N TYR E 258 30.47 46.40 -27.73
CA TYR E 258 29.83 47.71 -27.63
C TYR E 258 28.43 47.66 -28.22
N LYS E 259 28.28 46.96 -29.35
CA LYS E 259 26.98 46.90 -30.03
C LYS E 259 26.03 45.98 -29.32
N ASN E 260 26.51 44.84 -28.81
CA ASN E 260 25.64 43.89 -28.14
C ASN E 260 25.14 44.40 -26.80
N ASN E 261 25.95 45.16 -26.07
CA ASN E 261 25.53 45.65 -24.77
C ASN E 261 24.63 46.87 -24.85
N ALA E 262 24.48 47.47 -26.02
CA ALA E 262 23.53 48.57 -26.18
C ALA E 262 22.16 48.07 -26.60
N MET E 263 22.10 46.94 -27.32
CA MET E 263 20.82 46.38 -27.72
C MET E 263 20.14 45.68 -26.56
N ALA E 264 20.91 45.05 -25.68
CA ALA E 264 20.34 44.35 -24.54
C ALA E 264 20.23 45.24 -23.31
N TRP E 265 21.32 45.90 -22.95
CA TRP E 265 21.41 46.64 -21.70
C TRP E 265 21.40 48.15 -21.90
N GLY E 266 20.77 48.62 -22.97
CA GLY E 266 20.66 50.06 -23.17
C GLY E 266 19.66 50.68 -22.21
N THR E 267 19.92 51.93 -21.84
CA THR E 267 19.06 52.69 -20.95
C THR E 267 18.93 54.11 -21.50
N SER E 268 17.71 54.64 -21.49
CA SER E 268 17.43 55.96 -22.05
C SER E 268 17.70 57.04 -21.02
N ASN E 269 18.24 58.17 -21.48
CA ASN E 269 18.63 59.28 -20.62
C ASN E 269 17.76 60.51 -20.81
N ARG E 270 16.51 60.32 -21.22
CA ARG E 270 15.66 61.42 -21.63
C ARG E 270 14.66 61.79 -20.54
N ASN E 271 14.36 63.08 -20.44
CA ASN E 271 13.35 63.57 -19.52
C ASN E 271 11.95 63.31 -20.08
N LEU E 272 10.94 63.87 -19.42
CA LEU E 272 9.59 63.89 -19.96
C LEU E 272 9.25 65.22 -20.62
N ASN E 273 10.19 66.17 -20.63
CA ASN E 273 10.16 67.27 -21.58
C ASN E 273 10.88 66.93 -22.87
N GLY E 274 11.29 65.68 -23.04
CA GLY E 274 12.10 65.28 -24.17
C GLY E 274 13.56 65.64 -24.06
N GLU E 275 13.98 66.19 -22.93
CA GLU E 275 15.33 66.71 -22.78
C GLU E 275 16.29 65.57 -22.42
N TYR E 276 17.32 65.40 -23.22
CA TYR E 276 18.38 64.47 -22.88
C TYR E 276 19.27 65.09 -21.82
N MET E 277 19.69 64.27 -20.86
CA MET E 277 20.32 64.75 -19.64
C MET E 277 21.83 64.60 -19.63
N ASN E 278 22.42 64.02 -20.67
CA ASN E 278 23.86 63.83 -20.75
C ASN E 278 24.37 64.50 -22.01
N PHE E 279 25.36 65.38 -21.86
CA PHE E 279 25.91 66.13 -22.95
C PHE E 279 27.29 65.61 -23.30
N GLY E 280 27.58 65.53 -24.60
CA GLY E 280 28.80 64.92 -25.07
C GLY E 280 30.01 65.81 -24.98
N LYS E 281 31.07 65.37 -25.66
CA LYS E 281 32.34 66.11 -25.67
C LYS E 281 32.26 67.41 -26.44
N SER E 282 31.33 67.54 -27.38
CA SER E 282 31.18 68.74 -28.17
C SER E 282 30.05 69.63 -27.68
N GLY E 283 29.36 69.24 -26.61
CA GLY E 283 28.23 69.99 -26.12
C GLY E 283 26.90 69.55 -26.66
N ASN E 284 26.88 68.58 -27.58
CA ASN E 284 25.63 68.05 -28.08
C ASN E 284 25.16 66.92 -27.18
N ALA E 285 23.85 66.78 -27.08
CA ALA E 285 23.27 65.79 -26.18
C ALA E 285 23.49 64.37 -26.67
N ILE E 286 23.88 63.49 -25.76
CA ILE E 286 24.06 62.09 -26.12
C ILE E 286 22.69 61.43 -26.12
N LYS E 287 22.05 61.41 -27.27
CA LYS E 287 20.72 60.83 -27.41
C LYS E 287 20.82 59.31 -27.36
N THR E 288 20.30 58.72 -26.30
CA THR E 288 20.39 57.29 -26.07
C THR E 288 19.00 56.70 -26.04
N GLY E 289 18.86 55.47 -26.54
CA GLY E 289 17.62 54.74 -26.50
C GLY E 289 17.69 53.61 -25.48
N ALA E 290 16.56 52.94 -25.32
CA ALA E 290 16.48 51.84 -24.38
C ALA E 290 16.94 50.55 -25.06
N GLY E 291 16.99 49.48 -24.29
CA GLY E 291 17.40 48.20 -24.81
C GLY E 291 16.28 47.19 -24.77
N ILE E 292 16.59 45.92 -25.01
CA ILE E 292 15.56 44.88 -25.00
C ILE E 292 15.04 44.66 -23.59
N PHE E 293 15.95 44.48 -22.63
CA PHE E 293 15.54 44.24 -21.26
C PHE E 293 14.98 45.49 -20.60
N GLU E 294 15.33 46.67 -21.12
CA GLU E 294 14.77 47.90 -20.58
C GLU E 294 13.34 48.11 -21.07
N GLN E 295 13.05 47.73 -22.32
CA GLN E 295 11.74 48.02 -22.89
C GLN E 295 10.69 46.99 -22.49
N THR E 296 11.06 45.72 -22.43
CA THR E 296 10.08 44.69 -22.06
C THR E 296 9.75 44.70 -20.58
N GLU E 297 10.59 45.29 -19.74
CA GLU E 297 10.35 45.30 -18.30
C GLU E 297 9.56 46.50 -17.83
N VAL E 298 8.95 47.26 -18.75
CA VAL E 298 8.07 48.36 -18.35
C VAL E 298 6.63 47.90 -18.16
N ALA E 299 6.34 46.63 -18.45
CA ALA E 299 4.99 46.12 -18.31
C ALA E 299 5.07 44.62 -18.07
N ASN E 300 4.15 44.14 -17.23
CA ASN E 300 3.92 42.71 -16.97
C ASN E 300 5.15 42.04 -16.35
N THR E 301 5.74 42.70 -15.35
CA THR E 301 6.85 42.14 -14.60
C THR E 301 6.58 42.25 -13.11
N MET E 302 6.94 41.20 -12.37
CA MET E 302 6.74 41.16 -10.92
C MET E 302 8.06 40.83 -10.23
N TYR E 303 8.33 41.54 -9.14
CA TYR E 303 9.56 41.35 -8.36
C TYR E 303 9.20 40.59 -7.10
N TYR E 304 9.58 39.31 -7.04
CA TYR E 304 9.20 38.44 -5.94
C TYR E 304 10.38 38.25 -4.98
N ASN E 305 10.05 37.97 -3.73
CA ASN E 305 11.05 37.57 -2.75
C ASN E 305 11.14 36.07 -2.57
N THR E 306 10.04 35.35 -2.75
CA THR E 306 10.02 33.89 -2.66
C THR E 306 9.16 33.35 -3.80
N PHE E 307 9.69 32.36 -4.51
CA PHE E 307 8.99 31.76 -5.63
C PHE E 307 8.15 30.57 -5.16
N SER E 308 6.97 30.43 -5.72
CA SER E 308 6.09 29.31 -5.45
C SER E 308 5.37 28.95 -6.74
N LEU E 309 4.87 27.72 -6.80
CA LEU E 309 4.14 27.29 -8.01
C LEU E 309 2.78 27.95 -8.08
N LYS E 310 2.16 28.24 -6.93
CA LYS E 310 0.90 28.97 -6.91
C LYS E 310 1.07 30.42 -7.30
N LEU E 311 2.30 30.94 -7.27
CA LEU E 311 2.60 32.24 -7.87
C LEU E 311 2.69 32.15 -9.38
N LEU E 312 3.27 31.08 -9.90
CA LEU E 312 3.46 30.95 -11.34
C LEU E 312 2.21 30.45 -12.05
N GLU E 313 1.41 29.59 -11.41
CA GLU E 313 0.20 29.12 -12.09
C GLU E 313 -0.87 30.20 -12.07
N ASP E 314 -0.88 31.06 -11.06
CA ASP E 314 -1.90 32.10 -11.00
C ASP E 314 -1.60 33.24 -11.96
N ALA E 315 -0.32 33.61 -12.11
CA ALA E 315 0.04 34.65 -13.06
C ALA E 315 -0.19 34.20 -14.49
N LEU E 316 0.02 32.91 -14.76
CA LEU E 316 -0.11 32.37 -16.10
C LEU E 316 -1.53 31.94 -16.42
N TYR E 317 -2.40 31.77 -15.43
CA TYR E 317 -3.78 31.44 -15.77
C TYR E 317 -4.65 32.67 -15.91
N GLU E 318 -4.50 33.65 -15.02
CA GLU E 318 -5.30 34.88 -15.13
C GLU E 318 -4.94 35.66 -16.39
N LEU E 319 -3.69 35.56 -16.84
CA LEU E 319 -3.35 36.11 -18.15
C LEU E 319 -3.98 35.32 -19.27
N SER E 320 -3.91 33.99 -19.19
CA SER E 320 -4.41 33.16 -20.29
C SER E 320 -5.93 33.06 -20.29
N ALA E 321 -6.59 33.25 -19.14
CA ALA E 321 -8.04 33.33 -19.16
C ALA E 321 -8.50 34.64 -19.77
N SER E 322 -7.68 35.67 -19.71
CA SER E 322 -8.02 36.98 -20.24
C SER E 322 -7.58 37.21 -21.68
N LYS E 323 -6.57 36.48 -22.15
CA LYS E 323 -5.94 36.80 -23.42
C LYS E 323 -5.81 35.66 -24.41
N LEU E 324 -5.75 34.41 -23.97
CA LEU E 324 -5.35 33.31 -24.82
C LEU E 324 -6.46 32.27 -24.96
N ALA E 325 -6.61 31.75 -26.17
CA ALA E 325 -7.49 30.62 -26.41
C ALA E 325 -6.91 29.36 -25.75
N MET E 326 -7.78 28.39 -25.48
CA MET E 326 -7.41 27.23 -24.69
C MET E 326 -6.38 26.33 -25.38
N ASP E 327 -6.33 26.33 -26.71
CA ASP E 327 -5.32 25.59 -27.44
C ASP E 327 -4.04 26.40 -27.65
N ASP E 328 -3.89 27.54 -26.97
CA ASP E 328 -2.77 28.43 -27.20
C ASP E 328 -1.96 28.69 -25.93
N ARG E 329 -2.31 28.06 -24.81
CA ARG E 329 -1.71 28.35 -23.52
C ARG E 329 -0.50 27.46 -23.25
N LEU E 330 0.49 27.55 -24.13
CA LEU E 330 1.77 26.88 -23.94
C LEU E 330 2.84 27.95 -23.71
N PHE E 331 3.48 27.89 -22.55
CA PHE E 331 4.45 28.89 -22.14
C PHE E 331 5.82 28.25 -22.03
N VAL E 332 6.74 28.67 -22.89
CA VAL E 332 8.13 28.23 -22.84
C VAL E 332 8.89 29.29 -22.05
N ILE E 333 9.26 28.96 -20.82
CA ILE E 333 9.85 29.92 -19.90
C ILE E 333 11.37 29.84 -20.02
N LYS E 334 11.99 30.98 -20.31
CA LYS E 334 13.44 31.07 -20.43
C LYS E 334 14.02 31.43 -19.07
N THR E 335 14.88 30.56 -18.54
CA THR E 335 15.44 30.73 -17.21
C THR E 335 16.86 30.20 -17.20
N GLY E 336 17.51 30.35 -16.06
CA GLY E 336 18.80 29.72 -15.83
C GLY E 336 18.63 28.35 -15.21
N GLU E 337 19.77 27.68 -15.00
CA GLU E 337 19.69 26.34 -14.46
C GLU E 337 19.43 26.32 -12.96
N ARG E 338 19.59 27.46 -12.27
CA ARG E 338 19.12 27.57 -10.91
C ARG E 338 17.62 27.85 -10.85
N GLY E 339 17.06 28.43 -11.91
CA GLY E 339 15.62 28.59 -11.99
C GLY E 339 14.88 27.30 -12.29
N ALA E 340 15.58 26.30 -12.81
CA ALA E 340 15.01 24.98 -13.06
C ALA E 340 15.10 24.06 -11.86
N ILE E 341 15.95 24.39 -10.88
CA ILE E 341 15.95 23.69 -9.61
C ILE E 341 14.92 24.30 -8.66
N GLN E 342 14.78 25.63 -8.71
CA GLN E 342 13.73 26.29 -7.96
C GLN E 342 12.35 25.94 -8.50
N PHE E 343 12.25 25.68 -9.80
CA PHE E 343 11.00 25.18 -10.35
C PHE E 343 10.79 23.71 -9.98
N HIS E 344 11.88 22.95 -9.86
CA HIS E 344 11.79 21.56 -9.45
C HIS E 344 11.29 21.40 -8.02
N LYS E 345 11.64 22.33 -7.14
CA LYS E 345 11.21 22.21 -5.75
C LYS E 345 9.73 22.54 -5.59
N GLU E 346 9.22 23.50 -6.37
CA GLU E 346 7.83 23.90 -6.20
C GLU E 346 6.86 22.92 -6.84
N VAL E 347 7.26 22.24 -7.92
CA VAL E 347 6.40 21.19 -8.44
C VAL E 347 6.44 19.98 -7.52
N LEU E 348 7.59 19.69 -6.92
CA LEU E 348 7.69 18.57 -5.97
C LEU E 348 6.92 18.83 -4.70
N LYS E 349 6.85 20.10 -4.26
CA LYS E 349 6.01 20.44 -3.12
C LYS E 349 4.53 20.36 -3.47
N THR E 350 4.17 20.70 -4.71
CA THR E 350 2.78 20.64 -5.12
C THR E 350 2.33 19.20 -5.35
N VAL E 351 3.19 18.37 -5.94
CA VAL E 351 2.86 16.98 -6.19
C VAL E 351 2.81 16.19 -4.88
N SER E 352 3.61 16.58 -3.88
CA SER E 352 3.55 15.90 -2.59
C SER E 352 2.27 16.22 -1.82
N GLY E 353 1.58 17.30 -2.19
CA GLY E 353 0.26 17.57 -1.68
C GLY E 353 -0.85 16.91 -2.45
N TRP E 354 -0.52 16.08 -3.43
CA TRP E 354 -1.52 15.29 -4.16
C TRP E 354 -1.59 13.90 -3.56
N THR E 355 -2.03 13.87 -2.30
CA THR E 355 -2.07 12.64 -1.52
C THR E 355 -3.24 11.74 -1.87
N THR E 356 -4.15 12.20 -2.73
CA THR E 356 -5.19 11.34 -3.27
C THR E 356 -4.58 10.23 -4.11
N PHE E 357 -3.57 10.56 -4.90
CA PHE E 357 -2.99 9.64 -5.86
C PHE E 357 -1.70 9.05 -5.30
N VAL E 358 -1.64 7.73 -5.21
CA VAL E 358 -0.38 7.04 -5.00
C VAL E 358 0.46 7.18 -6.26
N LEU E 359 1.71 7.57 -6.08
CA LEU E 359 2.60 7.80 -7.23
C LEU E 359 3.66 6.70 -7.21
N ASP E 360 3.35 5.59 -7.88
CA ASP E 360 4.20 4.42 -7.76
C ASP E 360 5.48 4.58 -8.58
N ASN E 361 6.44 3.71 -8.32
CA ASN E 361 7.72 3.75 -9.01
C ASN E 361 7.67 3.06 -10.36
N ASN E 362 6.56 2.40 -10.69
CA ASN E 362 6.44 1.75 -11.99
C ASN E 362 6.27 2.77 -13.11
N SER E 363 5.46 3.80 -12.88
CA SER E 363 5.15 4.78 -13.90
C SER E 363 6.13 5.96 -13.89
N THR E 364 6.53 6.41 -12.71
CA THR E 364 7.48 7.52 -12.62
C THR E 364 8.90 7.10 -12.95
N ARG E 365 9.27 5.87 -12.57
CA ARG E 365 10.62 5.32 -12.70
C ARG E 365 11.66 6.24 -12.06
N VAL E 366 11.38 6.64 -10.83
CA VAL E 366 12.28 7.50 -10.08
C VAL E 366 13.53 6.71 -9.67
N VAL E 367 13.33 5.54 -9.07
CA VAL E 367 14.41 4.60 -8.78
C VAL E 367 14.42 3.56 -9.88
N GLU E 368 15.56 3.43 -10.56
CA GLU E 368 15.67 2.59 -11.74
C GLU E 368 16.88 1.68 -11.64
N LYS E 369 16.75 0.46 -12.14
CA LYS E 369 17.82 -0.54 -12.04
C LYS E 369 18.97 -0.24 -12.98
N VAL E 370 20.19 -0.49 -12.50
CA VAL E 370 21.43 -0.35 -13.26
C VAL E 370 22.13 -1.71 -13.19
N GLN E 371 23.07 -1.96 -14.11
CA GLN E 371 23.91 -3.15 -14.09
C GLN E 371 25.28 -2.77 -13.56
N SER E 372 25.72 -3.46 -12.52
CA SER E 372 27.02 -3.23 -11.91
C SER E 372 27.70 -4.57 -11.61
N ARG E 373 29.00 -4.49 -11.35
CA ARG E 373 29.75 -5.62 -10.82
C ARG E 373 29.66 -5.72 -9.31
N LEU E 374 29.10 -4.69 -8.66
CA LEU E 374 29.00 -4.71 -7.20
C LEU E 374 27.80 -5.52 -6.73
N HIS E 375 26.75 -5.60 -7.55
CA HIS E 375 25.55 -6.31 -7.16
C HIS E 375 24.88 -6.88 -8.40
N SER E 376 24.16 -7.98 -8.22
CA SER E 376 23.39 -8.53 -9.32
C SER E 376 22.13 -7.72 -9.58
N ASN E 377 21.55 -7.13 -8.54
CA ASN E 377 20.38 -6.27 -8.64
C ASN E 377 20.77 -4.91 -8.07
N ALA E 378 21.33 -4.06 -8.93
CA ALA E 378 21.77 -2.73 -8.53
C ALA E 378 20.73 -1.70 -8.93
N LEU E 379 20.67 -0.62 -8.15
CA LEU E 379 19.61 0.37 -8.25
C LEU E 379 20.22 1.77 -8.41
N SER E 380 19.39 2.71 -8.85
CA SER E 380 19.77 4.11 -8.90
C SER E 380 18.70 4.96 -8.23
N ALA E 381 18.80 6.27 -8.37
CA ALA E 381 17.86 7.19 -7.74
C ALA E 381 17.97 8.55 -8.43
N GLY E 382 16.84 9.17 -8.66
CA GLY E 382 16.83 10.54 -9.15
C GLY E 382 15.70 10.84 -10.09
N PHE E 383 15.23 12.08 -10.03
CA PHE E 383 14.14 12.58 -10.86
C PHE E 383 14.27 14.09 -10.91
N GLN E 384 13.52 14.71 -11.82
CA GLN E 384 13.40 16.15 -11.87
C GLN E 384 12.11 16.51 -12.58
N PHE E 385 11.35 17.44 -11.99
CA PHE E 385 10.14 17.97 -12.61
C PHE E 385 10.52 19.12 -13.54
N VAL E 386 10.18 18.99 -14.81
CA VAL E 386 10.52 19.98 -15.82
C VAL E 386 9.30 20.57 -16.49
N GLU E 387 8.10 20.20 -16.06
CA GLU E 387 6.87 20.65 -16.71
C GLU E 387 5.71 20.49 -15.74
N TYR E 388 4.81 21.46 -15.71
CA TYR E 388 3.59 21.38 -14.93
C TYR E 388 2.43 21.77 -15.83
N LYS E 389 1.45 20.88 -15.95
CA LYS E 389 0.25 21.14 -16.73
C LYS E 389 -0.84 21.64 -15.79
N ALA E 390 -1.13 22.93 -15.85
CA ALA E 390 -2.08 23.55 -14.95
C ALA E 390 -3.50 23.23 -15.41
N PRO E 391 -4.52 23.53 -14.59
CA PRO E 391 -5.90 23.36 -15.07
C PRO E 391 -6.24 24.30 -16.22
N ASN E 392 -7.15 23.79 -17.08
CA ASN E 392 -7.76 24.52 -18.18
C ASN E 392 -6.75 24.98 -19.23
N GLY E 393 -6.06 24.00 -19.81
CA GLY E 393 -5.31 24.20 -21.03
C GLY E 393 -3.88 24.68 -20.87
N VAL E 394 -3.50 25.16 -19.69
CA VAL E 394 -2.20 25.79 -19.50
C VAL E 394 -1.12 24.71 -19.43
N ARG E 395 0.02 24.98 -20.07
CA ARG E 395 1.20 24.13 -19.98
C ARG E 395 2.41 25.01 -19.71
N VAL E 396 3.31 24.52 -18.87
CA VAL E 396 4.51 25.26 -18.49
C VAL E 396 5.71 24.40 -18.86
N ARG E 397 6.42 24.78 -19.91
CA ARG E 397 7.69 24.14 -20.22
C ARG E 397 8.83 25.04 -19.79
N LEU E 398 10.06 24.58 -19.99
CA LEU E 398 11.24 25.31 -19.55
C LEU E 398 12.19 25.49 -20.71
N ASP E 399 13.07 26.49 -20.57
CA ASP E 399 14.13 26.77 -21.56
C ASP E 399 15.34 27.25 -20.76
N VAL E 400 16.20 26.32 -20.37
CA VAL E 400 17.36 26.66 -19.56
C VAL E 400 18.42 27.25 -20.49
N ASP E 401 18.67 28.54 -20.35
CA ASP E 401 19.54 29.31 -21.21
C ASP E 401 20.83 29.67 -20.49
N PRO E 402 21.99 29.56 -21.15
CA PRO E 402 23.25 29.87 -20.46
C PRO E 402 23.51 31.35 -20.28
N PHE E 403 22.78 32.20 -21.00
CA PHE E 403 22.89 33.65 -20.86
C PHE E 403 22.36 34.11 -19.50
N TYR E 404 21.48 33.34 -18.87
CA TYR E 404 20.93 33.69 -17.58
C TYR E 404 21.85 33.30 -16.42
N ASP E 405 22.93 32.57 -16.68
CA ASP E 405 23.87 32.16 -15.64
C ASP E 405 25.24 32.80 -15.81
N ASP E 406 25.32 33.94 -16.46
CA ASP E 406 26.61 34.58 -16.72
C ASP E 406 27.14 35.24 -15.46
N PRO E 407 28.31 34.86 -14.95
CA PRO E 407 28.81 35.46 -13.71
C PRO E 407 29.58 36.76 -13.93
N VAL E 408 30.03 37.01 -15.16
CA VAL E 408 30.77 38.22 -15.45
C VAL E 408 29.84 39.42 -15.48
N ARG E 409 28.70 39.29 -16.17
CA ARG E 409 27.77 40.40 -16.30
C ARG E 409 26.91 40.56 -15.05
N ASN E 410 26.41 39.47 -14.50
CA ASN E 410 25.55 39.52 -13.33
C ASN E 410 26.41 39.47 -12.07
N LYS E 411 26.23 40.45 -11.19
CA LYS E 411 27.05 40.58 -10.00
C LYS E 411 26.30 40.30 -8.70
N ILE E 412 24.98 40.50 -8.68
CA ILE E 412 24.19 40.17 -7.51
C ILE E 412 24.13 38.65 -7.37
N LEU E 413 24.53 38.14 -6.21
CA LEU E 413 24.49 36.73 -5.92
C LEU E 413 23.20 36.41 -5.16
N HIS E 414 22.63 35.26 -5.46
CA HIS E 414 21.45 34.83 -4.75
C HIS E 414 21.84 34.14 -3.45
N PRO E 415 21.00 34.23 -2.42
CA PRO E 415 21.28 33.48 -1.18
C PRO E 415 21.28 31.96 -1.36
N MET E 416 20.58 31.45 -2.36
CA MET E 416 20.45 30.02 -2.58
C MET E 416 21.56 29.46 -3.46
N GLY E 417 22.50 30.31 -3.89
CA GLY E 417 23.63 29.82 -4.65
C GLY E 417 23.62 30.19 -6.11
N GLY E 418 24.63 30.91 -6.56
CA GLY E 418 24.75 31.33 -7.94
C GLY E 418 24.34 32.77 -8.13
N VAL E 419 24.28 33.16 -9.40
CA VAL E 419 23.87 34.51 -9.72
C VAL E 419 22.35 34.64 -9.57
N ALA E 420 21.90 35.87 -9.31
CA ALA E 420 20.47 36.12 -9.15
C ALA E 420 19.73 36.20 -10.46
N PHE E 421 20.44 36.30 -11.59
CA PHE E 421 19.79 36.35 -12.89
C PHE E 421 19.24 34.99 -13.32
N SER E 422 19.73 33.90 -12.71
CA SER E 422 19.26 32.57 -13.08
C SER E 422 17.85 32.30 -12.57
N TYR E 423 17.37 33.09 -11.62
CA TYR E 423 16.06 32.89 -11.02
C TYR E 423 15.01 33.78 -11.66
N ARG E 424 15.22 34.14 -12.93
CA ARG E 424 14.28 34.93 -13.70
C ARG E 424 13.47 34.02 -14.61
N TYR E 425 12.16 34.23 -14.62
CA TYR E 425 11.26 33.44 -15.45
C TYR E 425 10.68 34.39 -16.50
N ASP E 426 11.21 34.32 -17.71
CA ASP E 426 10.81 35.21 -18.80
C ASP E 426 10.06 34.42 -19.86
N ILE E 427 8.82 34.80 -20.11
CA ILE E 427 8.05 34.32 -21.25
C ILE E 427 8.14 35.42 -22.29
N TRP E 428 9.01 35.24 -23.28
CA TRP E 428 9.30 36.31 -24.24
C TRP E 428 8.19 36.50 -25.26
N TYR E 429 7.38 35.47 -25.50
CA TYR E 429 6.28 35.55 -26.45
C TYR E 429 5.05 34.93 -25.80
N ILE E 430 4.07 35.76 -25.48
CA ILE E 430 2.82 35.25 -24.90
C ILE E 430 1.99 34.56 -25.98
N GLY E 431 1.75 35.24 -27.09
CA GLY E 431 0.99 34.67 -28.19
C GLY E 431 1.58 35.06 -29.53
N THR E 432 0.98 34.53 -30.58
CA THR E 432 1.40 34.88 -31.94
C THR E 432 0.92 36.29 -32.28
N MET E 433 1.77 37.02 -33.00
CA MET E 433 1.53 38.43 -33.29
C MET E 433 1.41 38.75 -34.77
N ASP E 434 1.89 37.87 -35.65
CA ASP E 434 2.08 38.04 -37.09
C ASP E 434 3.10 39.12 -37.43
N GLN E 435 3.86 39.59 -36.46
CA GLN E 435 4.94 40.56 -36.60
C GLN E 435 5.96 40.24 -35.52
N PRO E 436 7.24 40.54 -35.76
CA PRO E 436 8.22 40.46 -34.68
C PRO E 436 7.95 41.53 -33.63
N ASN E 437 7.70 41.10 -32.40
CA ASN E 437 7.48 42.06 -31.32
C ASN E 437 8.77 42.74 -30.91
N ILE E 438 9.85 41.97 -30.77
CA ILE E 438 11.17 42.48 -30.45
C ILE E 438 12.06 42.27 -31.67
N PHE E 439 12.67 43.34 -32.15
CA PHE E 439 13.51 43.24 -33.33
C PHE E 439 14.59 44.32 -33.27
N LYS E 440 15.70 44.03 -33.92
CA LYS E 440 16.83 44.95 -33.98
C LYS E 440 16.66 45.91 -35.15
N CYS E 441 17.21 47.10 -35.01
CA CYS E 441 17.05 48.15 -36.02
C CYS E 441 18.39 48.47 -36.66
N LYS E 442 18.36 48.77 -37.95
CA LYS E 442 19.56 49.18 -38.67
C LYS E 442 19.16 50.08 -39.82
N ILE E 443 20.10 50.89 -40.27
CA ILE E 443 19.88 51.84 -41.34
C ILE E 443 20.49 51.27 -42.62
N LYS E 444 20.04 51.76 -43.77
CA LYS E 444 20.43 51.19 -45.05
C LYS E 444 21.88 51.51 -45.40
N GLY E 445 22.30 52.76 -45.21
CA GLY E 445 23.69 53.10 -45.47
C GLY E 445 24.43 53.63 -44.27
N ASP E 446 23.72 54.29 -43.36
CA ASP E 446 24.31 54.91 -42.18
C ASP E 446 24.39 53.90 -41.03
N ASN E 447 25.19 52.85 -41.25
CA ASN E 447 25.29 51.79 -40.26
C ASN E 447 26.68 51.74 -39.61
N GLU E 448 27.77 51.75 -40.38
CA GLU E 448 29.10 51.71 -39.80
C GLU E 448 30.09 52.49 -40.65
N TYR E 449 30.92 53.30 -39.98
CA TYR E 449 31.97 54.10 -40.61
C TYR E 449 33.29 53.77 -39.95
N ARG E 450 34.36 53.71 -40.75
CA ARG E 450 35.69 53.41 -40.24
C ARG E 450 36.71 54.25 -40.99
N GLY E 451 37.38 55.16 -40.29
CA GLY E 451 38.43 55.95 -40.89
C GLY E 451 39.73 55.82 -40.12
N TYR E 452 40.83 56.18 -40.75
CA TYR E 452 42.14 56.12 -40.12
C TYR E 452 42.73 57.51 -39.99
N GLN E 453 43.50 57.70 -38.92
CA GLN E 453 44.23 58.93 -38.66
C GLN E 453 45.64 58.54 -38.27
N TRP E 454 46.64 59.01 -39.02
CA TRP E 454 47.98 58.45 -38.88
C TRP E 454 49.02 59.41 -39.42
N GLY E 455 50.28 59.06 -39.15
CA GLY E 455 51.41 59.89 -39.51
C GLY E 455 52.12 59.45 -40.77
N ILE E 456 53.32 58.89 -40.63
CA ILE E 456 54.17 58.56 -41.78
C ILE E 456 54.02 57.11 -42.23
N ARG E 457 53.41 56.26 -41.42
CA ARG E 457 53.18 54.87 -41.77
C ARG E 457 52.02 54.33 -40.95
N ASN E 458 51.31 53.36 -41.51
CA ASN E 458 50.08 52.83 -40.92
C ASN E 458 50.24 51.36 -40.59
N PRO E 459 50.31 50.98 -39.31
CA PRO E 459 50.30 49.55 -38.97
C PRO E 459 48.99 48.85 -39.31
N PHE E 460 47.87 49.57 -39.36
CA PHE E 460 46.58 48.92 -39.56
C PHE E 460 46.41 48.45 -41.00
N THR E 461 46.82 49.28 -41.96
CA THR E 461 46.68 48.97 -43.37
C THR E 461 47.97 48.39 -43.96
N GLY E 462 49.12 48.76 -43.42
CA GLY E 462 50.38 48.37 -43.99
C GLY E 462 51.02 49.41 -44.90
N GLN E 463 50.46 50.60 -44.98
CA GLN E 463 51.02 51.64 -45.82
C GLN E 463 52.28 52.22 -45.18
N LYS E 464 53.32 52.40 -45.99
CA LYS E 464 54.62 52.83 -45.51
C LYS E 464 54.99 54.22 -46.03
N GLY E 465 54.02 55.01 -46.45
CA GLY E 465 54.27 56.38 -46.84
C GLY E 465 52.97 57.11 -47.06
N ASN E 466 52.81 58.27 -46.45
CA ASN E 466 51.52 58.94 -46.45
C ASN E 466 51.54 60.14 -47.40
N PRO E 467 50.70 60.14 -48.44
CA PRO E 467 50.55 61.37 -49.22
C PRO E 467 49.78 62.44 -48.49
N TYR E 468 48.94 62.07 -47.54
CA TYR E 468 48.09 62.99 -46.79
C TYR E 468 48.34 62.73 -45.30
N MET E 469 49.37 63.37 -44.75
CA MET E 469 49.74 63.16 -43.36
C MET E 469 48.78 63.93 -42.46
N SER E 470 48.06 63.20 -41.60
CA SER E 470 47.11 63.86 -40.71
C SER E 470 47.83 64.60 -39.59
N PHE E 471 48.86 63.99 -39.00
CA PHE E 471 49.73 64.66 -38.06
C PHE E 471 51.15 64.20 -38.31
N ASP E 472 52.10 64.97 -37.77
CA ASP E 472 53.53 64.70 -37.95
C ASP E 472 54.10 63.90 -36.78
N GLU E 473 53.47 62.76 -36.51
CA GLU E 473 53.85 61.92 -35.40
C GLU E 473 53.77 60.48 -35.85
N ASP E 474 54.79 59.68 -35.50
CA ASP E 474 54.86 58.29 -35.93
C ASP E 474 53.84 57.48 -35.12
N SER E 475 52.58 57.56 -35.55
CA SER E 475 51.47 56.91 -34.87
C SER E 475 50.40 56.55 -35.89
N ALA E 476 49.37 55.87 -35.40
CA ALA E 476 48.19 55.56 -36.20
C ALA E 476 47.02 55.29 -35.27
N VAL E 477 45.88 55.91 -35.55
CA VAL E 477 44.65 55.71 -34.78
C VAL E 477 43.58 55.19 -35.74
N ILE E 478 42.84 54.19 -35.31
CA ILE E 478 41.66 53.72 -36.05
C ILE E 478 40.41 54.22 -35.35
N HIS E 479 39.55 54.90 -36.09
CA HIS E 479 38.25 55.31 -35.57
C HIS E 479 37.18 54.45 -36.21
N ARG E 480 36.18 54.09 -35.42
CA ARG E 480 35.05 53.34 -35.92
C ARG E 480 33.80 53.82 -35.21
N MET E 481 32.71 53.95 -35.97
CA MET E 481 31.49 54.58 -35.50
C MET E 481 30.30 53.80 -36.03
N ALA E 482 29.26 53.65 -35.20
CA ALA E 482 28.09 52.88 -35.60
C ALA E 482 26.83 53.54 -35.07
N THR E 483 25.71 53.24 -35.73
CA THR E 483 24.39 53.74 -35.34
C THR E 483 23.44 52.56 -35.28
N LEU E 484 22.94 52.25 -34.10
CA LEU E 484 22.16 51.04 -33.87
C LEU E 484 20.83 51.38 -33.21
N GLY E 485 19.92 50.43 -33.23
CA GLY E 485 18.65 50.59 -32.56
C GLY E 485 18.02 49.25 -32.28
N VAL E 486 17.04 49.26 -31.37
CA VAL E 486 16.25 48.07 -31.08
C VAL E 486 14.86 48.54 -30.66
N CYS E 487 13.86 47.70 -30.92
CA CYS E 487 12.48 48.12 -30.70
C CYS E 487 11.64 46.97 -30.15
N VAL E 488 10.81 47.30 -29.17
CA VAL E 488 9.79 46.41 -28.64
C VAL E 488 8.45 47.10 -28.87
N LEU E 489 7.61 46.51 -29.72
CA LEU E 489 6.33 47.13 -30.06
C LEU E 489 5.38 47.13 -28.87
N ASP E 490 5.13 45.97 -28.31
CA ASP E 490 4.20 45.82 -27.19
C ASP E 490 4.94 45.17 -26.04
N PRO E 491 5.21 45.89 -24.94
CA PRO E 491 5.88 45.26 -23.79
C PRO E 491 4.96 44.38 -22.96
N THR E 492 3.65 44.43 -23.18
CA THR E 492 2.72 43.61 -22.39
C THR E 492 2.65 42.17 -22.86
N ARG E 493 3.32 41.82 -23.96
CA ARG E 493 3.38 40.44 -24.43
C ARG E 493 4.65 39.74 -23.95
N THR E 494 5.32 40.27 -22.93
CA THR E 494 6.43 39.62 -22.26
C THR E 494 6.17 39.62 -20.77
N MET E 495 6.23 38.45 -20.15
CA MET E 495 6.14 38.33 -18.70
C MET E 495 7.50 38.04 -18.12
N SER E 496 7.83 38.70 -17.02
CA SER E 496 9.08 38.47 -16.31
C SER E 496 8.80 38.26 -14.83
N LEU E 497 9.33 37.19 -14.26
CA LEU E 497 9.34 36.99 -12.82
C LEU E 497 10.78 37.18 -12.35
N ILE E 498 11.11 38.40 -11.97
CA ILE E 498 12.47 38.78 -11.60
C ILE E 498 12.54 38.70 -10.08
N PRO E 499 13.64 38.23 -9.48
CA PRO E 499 13.75 38.35 -8.01
C PRO E 499 13.83 39.80 -7.58
N ALA E 500 13.26 40.08 -6.41
CA ALA E 500 13.25 41.44 -5.88
C ALA E 500 14.60 41.88 -5.35
N ILE E 501 15.56 40.94 -5.23
CA ILE E 501 16.93 41.26 -4.88
C ILE E 501 17.61 42.07 -6.00
N LEU E 502 17.11 41.94 -7.23
CA LEU E 502 17.81 42.37 -8.42
C LEU E 502 17.37 43.76 -8.91
N GLN E 503 16.43 44.40 -8.22
CA GLN E 503 15.99 45.73 -8.62
C GLN E 503 16.59 46.79 -7.71
N GLY E 504 16.43 48.05 -8.12
CA GLY E 504 16.86 49.18 -7.33
C GLY E 504 16.02 50.41 -7.59
N ALA F 2 10.20 91.31 -42.39
CA ALA F 2 9.57 92.16 -41.39
C ALA F 2 8.08 92.33 -41.68
N GLY F 3 7.25 91.94 -40.73
CA GLY F 3 5.81 92.09 -40.86
C GLY F 3 5.15 90.88 -41.50
N LYS F 4 3.82 90.90 -41.49
CA LYS F 4 3.01 89.84 -42.06
C LYS F 4 2.15 90.39 -43.18
N LEU F 5 1.71 89.50 -44.06
CA LEU F 5 0.92 89.88 -45.22
C LEU F 5 -0.57 89.57 -45.05
N GLY F 6 -0.91 88.60 -44.20
CA GLY F 6 -2.29 88.24 -43.98
C GLY F 6 -2.64 88.30 -42.50
N LYS F 7 -3.93 88.14 -42.21
CA LYS F 7 -4.40 88.21 -40.83
C LYS F 7 -4.01 86.95 -40.06
N PHE F 8 -3.89 85.82 -40.74
CA PHE F 8 -3.43 84.57 -40.12
C PHE F 8 -2.19 84.12 -40.86
N GLN F 9 -1.05 84.65 -40.44
CA GLN F 9 0.26 84.19 -40.91
C GLN F 9 1.14 83.99 -39.69
N MET F 10 1.70 82.80 -39.54
CA MET F 10 2.61 82.53 -38.45
C MET F 10 4.07 82.68 -38.87
N LEU F 11 4.43 82.18 -40.04
CA LEU F 11 5.82 82.04 -40.41
C LEU F 11 6.40 83.36 -40.90
N GLY F 12 7.67 83.58 -40.56
CA GLY F 12 8.44 84.67 -41.15
C GLY F 12 9.70 84.10 -41.78
N PHE F 13 10.36 84.95 -42.57
CA PHE F 13 11.58 84.53 -43.25
C PHE F 13 12.71 84.39 -42.24
N GLN F 14 13.33 83.22 -42.21
CA GLN F 14 14.31 82.87 -41.20
C GLN F 14 15.67 82.68 -41.85
N HIS F 15 16.70 83.31 -41.28
CA HIS F 15 18.04 83.35 -41.84
C HIS F 15 19.05 82.98 -40.77
N TRP F 16 20.11 82.29 -41.19
CA TRP F 16 21.22 81.98 -40.29
C TRP F 16 22.50 81.93 -41.10
N LYS F 17 23.62 81.71 -40.41
CA LYS F 17 24.94 81.76 -41.01
C LYS F 17 25.79 80.62 -40.49
N GLY F 18 26.63 80.07 -41.35
CA GLY F 18 27.68 79.17 -40.90
C GLY F 18 27.26 77.74 -40.65
N LEU F 19 27.71 77.20 -39.50
CA LEU F 19 27.44 75.81 -39.16
C LEU F 19 25.96 75.58 -38.91
N THR F 20 25.41 74.55 -39.55
CA THR F 20 24.00 74.23 -39.50
C THR F 20 23.81 72.95 -38.69
N SER F 21 22.98 73.02 -37.65
CA SER F 21 22.72 71.90 -36.77
C SER F 21 21.49 71.14 -37.29
N ASP F 22 20.97 70.21 -36.49
CA ASP F 22 19.64 69.67 -36.72
C ASP F 22 18.57 70.39 -35.91
N ASN F 23 18.97 71.31 -35.04
CA ASN F 23 18.03 72.27 -34.49
C ASN F 23 17.70 73.33 -35.53
N HIS F 24 18.66 73.66 -36.40
CA HIS F 24 18.38 74.59 -37.49
C HIS F 24 17.44 73.98 -38.51
N LEU F 25 17.61 72.69 -38.80
CA LEU F 25 16.74 71.99 -39.74
C LEU F 25 15.39 71.61 -39.15
N GLY F 26 15.20 71.76 -37.85
CA GLY F 26 13.92 71.44 -37.25
C GLY F 26 13.14 72.70 -36.96
N ALA F 27 13.86 73.82 -36.81
CA ALA F 27 13.20 75.10 -36.61
C ALA F 27 12.60 75.63 -37.91
N ILE F 28 13.19 75.27 -39.05
CA ILE F 28 12.63 75.62 -40.34
C ILE F 28 11.82 74.46 -40.93
N PHE F 29 11.42 73.51 -40.08
CA PHE F 29 10.42 72.48 -40.36
C PHE F 29 10.84 71.52 -41.47
N GLN F 30 12.12 71.17 -41.52
CA GLN F 30 12.61 70.14 -42.43
C GLN F 30 12.94 68.85 -41.70
N GLN F 31 12.53 68.72 -40.44
CA GLN F 31 12.66 67.48 -39.69
C GLN F 31 11.29 67.06 -39.21
N ALA F 32 11.00 65.78 -39.29
CA ALA F 32 9.68 65.25 -39.00
C ALA F 32 9.81 63.79 -38.64
N PRO F 33 8.97 63.27 -37.76
CA PRO F 33 9.06 61.85 -37.39
C PRO F 33 8.52 60.96 -38.49
N GLN F 34 9.12 59.78 -38.60
CA GLN F 34 8.75 58.82 -39.63
C GLN F 34 7.59 57.96 -39.17
N LYS F 35 6.62 57.76 -40.04
CA LYS F 35 5.49 56.88 -39.75
C LYS F 35 5.82 55.48 -40.25
N ALA F 36 5.91 54.54 -39.32
CA ALA F 36 6.17 53.13 -39.67
C ALA F 36 4.83 52.49 -39.97
N THR F 37 4.52 52.34 -41.26
CA THR F 37 3.25 51.77 -41.67
C THR F 37 3.23 50.25 -41.51
N ASN F 38 4.36 49.59 -41.76
CA ASN F 38 4.40 48.14 -41.61
C ASN F 38 4.39 47.73 -40.14
N LEU F 39 4.85 48.59 -39.23
CA LEU F 39 4.81 48.31 -37.81
C LEU F 39 3.46 48.73 -37.25
N MET F 40 2.80 47.80 -36.55
CA MET F 40 1.52 48.06 -35.92
C MET F 40 1.28 46.99 -34.88
N VAL F 41 0.74 47.40 -33.74
CA VAL F 41 0.41 46.48 -32.66
C VAL F 41 -1.10 46.51 -32.43
N GLN F 42 -1.73 45.34 -32.47
CA GLN F 42 -3.07 45.14 -31.97
C GLN F 42 -2.97 44.59 -30.57
N LEU F 43 -3.70 45.19 -29.63
CA LEU F 43 -3.59 44.82 -28.23
C LEU F 43 -4.16 43.42 -28.00
N LEU F 44 -3.41 42.61 -27.26
CA LEU F 44 -3.79 41.23 -27.04
C LEU F 44 -4.92 41.13 -26.03
N ALA F 45 -5.98 40.43 -26.41
CA ALA F 45 -7.08 40.09 -25.51
C ALA F 45 -7.81 38.91 -26.13
N PHE F 46 -8.54 38.20 -25.27
CA PHE F 46 -9.46 37.17 -25.73
C PHE F 46 -10.84 37.81 -25.74
N TYR F 47 -11.37 38.04 -26.94
CA TYR F 47 -12.53 38.89 -27.13
C TYR F 47 -13.80 38.06 -26.97
N ARG F 48 -14.44 38.19 -25.82
CA ARG F 48 -15.64 37.43 -25.49
C ARG F 48 -16.90 38.02 -26.09
N GLY F 49 -16.80 39.09 -26.86
CA GLY F 49 -17.91 39.50 -27.71
C GLY F 49 -18.11 38.52 -28.84
N LYS F 50 -19.33 38.56 -29.41
CA LYS F 50 -19.90 37.68 -30.43
C LYS F 50 -20.21 36.30 -29.86
N SER F 51 -19.86 36.04 -28.60
CA SER F 51 -20.22 34.80 -27.94
C SER F 51 -21.68 34.79 -27.52
N LEU F 52 -22.28 35.95 -27.32
CA LEU F 52 -23.74 36.02 -27.24
C LEU F 52 -24.37 35.72 -28.60
N ASP F 53 -23.72 36.14 -29.68
CA ASP F 53 -24.25 35.86 -31.02
C ASP F 53 -24.13 34.38 -31.36
N THR F 54 -23.01 33.73 -31.00
CA THR F 54 -22.88 32.29 -31.21
C THR F 54 -23.77 31.49 -30.28
N PHE F 55 -24.16 32.05 -29.14
CA PHE F 55 -25.10 31.38 -28.26
C PHE F 55 -26.52 31.43 -28.84
N LEU F 56 -26.91 32.58 -29.38
CA LEU F 56 -28.29 32.76 -29.80
C LEU F 56 -28.62 32.03 -31.10
N ASN F 57 -27.63 31.67 -31.91
CA ASN F 57 -27.90 30.87 -33.10
C ASN F 57 -27.59 29.40 -32.88
N SER F 58 -27.58 28.95 -31.63
CA SER F 58 -27.63 27.53 -31.32
C SER F 58 -29.06 27.07 -31.07
N PHE F 59 -30.03 27.98 -31.13
CA PHE F 59 -31.45 27.76 -31.06
C PHE F 59 -32.08 28.06 -32.43
N PRO F 60 -33.02 27.25 -32.89
CA PRO F 60 -33.67 27.53 -34.17
C PRO F 60 -34.64 28.69 -34.04
N THR F 61 -35.19 29.10 -35.18
CA THR F 61 -36.14 30.18 -35.21
C THR F 61 -37.50 29.67 -35.72
N ARG F 62 -38.55 30.27 -35.19
CA ARG F 62 -39.92 29.97 -35.59
C ARG F 62 -40.59 31.27 -36.00
N GLU F 63 -41.24 31.25 -37.15
CA GLU F 63 -41.81 32.45 -37.75
C GLU F 63 -43.31 32.44 -37.54
N PHE F 64 -43.82 33.47 -36.87
CA PHE F 64 -45.23 33.61 -36.58
C PHE F 64 -45.84 34.65 -37.51
N GLU F 65 -47.15 34.54 -37.72
CA GLU F 65 -47.81 35.41 -38.69
C GLU F 65 -48.02 36.82 -38.14
N ASP F 66 -48.48 36.93 -36.90
CA ASP F 66 -48.80 38.22 -36.31
C ASP F 66 -48.31 38.26 -34.87
N ASP F 67 -48.47 39.42 -34.23
CA ASP F 67 -47.90 39.72 -32.93
C ASP F 67 -48.86 39.49 -31.77
N ASN F 68 -49.93 38.75 -31.97
CA ASN F 68 -50.86 38.43 -30.89
C ASN F 68 -50.23 37.48 -29.87
N GLU F 69 -50.81 37.47 -28.68
CA GLU F 69 -50.44 36.57 -27.60
C GLU F 69 -50.70 35.14 -28.05
N TYR F 70 -49.66 34.39 -28.38
CA TYR F 70 -49.89 33.04 -28.84
C TYR F 70 -49.90 32.08 -27.65
N TYR F 71 -50.52 30.93 -27.86
CA TYR F 71 -50.68 29.96 -26.78
C TYR F 71 -50.69 28.56 -27.35
N TRP F 72 -50.46 27.58 -26.48
CA TRP F 72 -50.41 26.18 -26.88
C TRP F 72 -50.88 25.31 -25.73
N ASP F 73 -51.11 24.04 -26.03
CA ASP F 73 -51.73 23.11 -25.10
C ASP F 73 -50.71 22.17 -24.47
N VAL F 74 -50.96 21.83 -23.20
CA VAL F 74 -50.09 20.96 -22.42
C VAL F 74 -50.88 19.72 -22.03
N ILE F 75 -50.39 18.56 -22.45
CA ILE F 75 -50.99 17.28 -22.07
C ILE F 75 -50.05 16.58 -21.10
N GLY F 76 -50.64 15.77 -20.23
CA GLY F 76 -49.88 15.20 -19.13
C GLY F 76 -49.93 13.70 -18.98
N SER F 77 -50.35 13.23 -17.80
CA SER F 77 -50.33 11.82 -17.46
C SER F 77 -51.62 11.45 -16.73
N SER F 78 -51.95 10.16 -16.74
CA SER F 78 -53.30 9.69 -16.45
C SER F 78 -53.46 8.97 -15.12
N ARG F 79 -52.49 8.15 -14.71
CA ARG F 79 -52.68 7.21 -13.61
C ARG F 79 -52.77 7.92 -12.27
N ARG F 80 -53.62 7.41 -11.38
CA ARG F 80 -53.86 8.06 -10.10
C ARG F 80 -53.99 7.02 -9.00
N ASN F 81 -53.76 7.48 -7.77
CA ASN F 81 -54.23 6.78 -6.58
C ASN F 81 -54.86 7.80 -5.64
N ILE F 82 -55.85 7.36 -4.89
CA ILE F 82 -56.73 8.24 -4.13
C ILE F 82 -56.37 8.11 -2.65
N PRO F 83 -56.14 9.22 -1.93
CA PRO F 83 -55.83 9.12 -0.50
C PRO F 83 -57.07 8.78 0.30
N LEU F 84 -56.84 8.37 1.54
CA LEU F 84 -57.92 8.03 2.45
C LEU F 84 -58.21 9.20 3.37
N VAL F 85 -59.47 9.63 3.42
CA VAL F 85 -59.88 10.65 4.38
C VAL F 85 -59.90 10.02 5.76
N GLU F 86 -60.72 8.99 5.94
CA GLU F 86 -60.84 8.26 7.19
C GLU F 86 -61.42 6.90 6.89
N ALA F 87 -61.47 6.06 7.92
CA ALA F 87 -62.10 4.76 7.84
C ALA F 87 -63.02 4.60 9.04
N ARG F 88 -64.22 4.10 8.80
CA ARG F 88 -65.18 3.89 9.86
C ARG F 88 -65.56 2.42 9.95
N ASP F 89 -65.97 1.98 11.13
CA ASP F 89 -66.27 0.57 11.38
C ASP F 89 -67.69 0.23 10.94
N GLU F 90 -68.26 -0.84 11.52
CA GLU F 90 -69.60 -1.29 11.18
C GLU F 90 -70.65 -0.21 11.42
N ASN F 91 -70.54 0.51 12.53
CA ASN F 91 -71.55 1.47 12.94
C ASN F 91 -71.05 2.91 12.96
N GLY F 92 -70.14 3.26 12.06
CA GLY F 92 -69.80 4.65 11.83
C GLY F 92 -68.83 5.29 12.79
N VAL F 93 -68.18 4.52 13.64
CA VAL F 93 -67.17 5.05 14.56
C VAL F 93 -65.85 5.12 13.82
N VAL F 94 -65.24 6.31 13.76
CA VAL F 94 -63.94 6.48 13.13
C VAL F 94 -62.89 5.70 13.92
N VAL F 95 -61.95 5.08 13.19
CA VAL F 95 -60.91 4.29 13.82
C VAL F 95 -59.70 5.18 14.12
N ALA F 96 -59.33 5.23 15.40
CA ALA F 96 -58.09 5.88 15.80
C ALA F 96 -56.91 4.95 15.47
N ALA F 97 -55.70 5.51 15.58
CA ALA F 97 -54.51 4.70 15.36
C ALA F 97 -54.28 3.68 16.48
N ASN F 98 -54.78 3.97 17.68
CA ASN F 98 -54.75 3.01 18.78
C ASN F 98 -56.13 2.35 18.94
N ALA F 99 -56.42 1.43 18.03
CA ALA F 99 -57.69 0.74 18.03
C ALA F 99 -57.46 -0.73 17.69
N ALA F 100 -58.52 -1.53 17.81
CA ALA F 100 -58.46 -2.93 17.45
C ALA F 100 -58.56 -3.08 15.93
N ASN F 101 -58.43 -4.32 15.47
CA ASN F 101 -58.53 -4.60 14.04
C ASN F 101 -59.96 -4.44 13.56
N VAL F 102 -60.11 -3.90 12.35
CA VAL F 102 -61.39 -3.39 11.89
C VAL F 102 -62.19 -4.44 11.14
N GLY F 103 -61.54 -5.24 10.30
CA GLY F 103 -62.24 -6.15 9.42
C GLY F 103 -62.14 -7.61 9.82
N VAL F 104 -62.28 -7.88 11.12
CA VAL F 104 -62.10 -9.22 11.66
C VAL F 104 -63.19 -10.15 11.13
N GLY F 105 -62.79 -11.35 10.73
CA GLY F 105 -63.70 -12.25 10.06
C GLY F 105 -63.89 -11.80 8.62
N THR F 106 -65.13 -11.56 8.22
CA THR F 106 -65.41 -10.87 6.97
C THR F 106 -66.49 -9.81 7.24
N SER F 107 -66.26 -9.01 8.27
CA SER F 107 -67.22 -8.01 8.72
C SER F 107 -67.05 -6.72 7.93
N PRO F 108 -68.15 -6.05 7.60
CA PRO F 108 -68.05 -4.82 6.80
C PRO F 108 -67.48 -3.65 7.60
N PHE F 109 -66.88 -2.72 6.87
CA PHE F 109 -66.48 -1.43 7.42
C PHE F 109 -66.43 -0.44 6.26
N TYR F 110 -66.13 0.82 6.58
CA TYR F 110 -66.22 1.89 5.61
C TYR F 110 -64.86 2.49 5.32
N LEU F 111 -64.70 3.00 4.10
CA LEU F 111 -63.50 3.71 3.68
C LEU F 111 -63.94 5.02 3.03
N VAL F 112 -63.69 6.14 3.70
CA VAL F 112 -64.11 7.45 3.20
C VAL F 112 -63.02 8.00 2.30
N PHE F 113 -63.40 8.39 1.09
CA PHE F 113 -62.50 8.91 0.08
C PHE F 113 -62.96 10.29 -0.37
N PRO F 114 -62.04 11.19 -0.73
CA PRO F 114 -62.43 12.57 -1.07
C PRO F 114 -63.03 12.74 -2.45
N GLU F 115 -63.33 11.66 -3.15
CA GLU F 115 -63.97 11.71 -4.46
C GLU F 115 -64.57 10.34 -4.74
N ASP F 116 -65.38 10.28 -5.80
CA ASP F 116 -65.99 9.02 -6.22
C ASP F 116 -65.17 8.48 -7.38
N TRP F 117 -64.13 7.73 -7.05
CA TRP F 117 -63.23 7.16 -8.04
C TRP F 117 -63.35 5.67 -8.19
N PHE F 118 -63.83 4.97 -7.16
CA PHE F 118 -63.96 3.53 -7.20
C PHE F 118 -65.40 3.13 -7.48
N ALA F 119 -65.56 1.88 -7.90
CA ALA F 119 -66.85 1.40 -8.38
C ALA F 119 -67.36 0.28 -7.49
N ASP F 120 -68.58 -0.14 -7.76
CA ASP F 120 -69.20 -1.26 -7.05
C ASP F 120 -68.50 -2.56 -7.41
N GLY F 121 -68.30 -3.41 -6.39
CA GLY F 121 -67.76 -4.73 -6.60
C GLY F 121 -66.27 -4.80 -6.86
N GLU F 122 -65.61 -3.66 -7.05
CA GLU F 122 -64.18 -3.63 -7.33
C GLU F 122 -63.37 -3.98 -6.09
N VAL F 123 -62.21 -4.58 -6.32
CA VAL F 123 -61.21 -4.77 -5.29
C VAL F 123 -60.24 -3.61 -5.35
N ILE F 124 -60.15 -2.85 -4.27
CA ILE F 124 -59.17 -1.80 -4.12
C ILE F 124 -58.21 -2.22 -3.02
N VAL F 125 -56.99 -1.68 -3.07
CA VAL F 125 -55.95 -2.07 -2.15
C VAL F 125 -55.36 -0.82 -1.54
N GLY F 126 -54.74 -0.97 -0.37
CA GLY F 126 -54.19 0.17 0.33
C GLY F 126 -52.74 0.38 -0.04
N ASN F 127 -51.92 0.88 0.90
CA ASN F 127 -50.49 1.01 0.64
C ASN F 127 -49.78 -0.33 0.59
N LEU F 128 -50.38 -1.35 1.17
CA LEU F 128 -49.73 -2.64 1.39
C LEU F 128 -50.21 -3.69 0.40
N ASN F 129 -50.31 -3.35 -0.88
CA ASN F 129 -51.39 -3.66 -1.85
C ASN F 129 -51.99 -5.05 -1.65
N GLN F 130 -51.27 -6.12 -1.95
CA GLN F 130 -51.90 -7.44 -2.03
C GLN F 130 -52.17 -8.07 -0.67
N VAL F 131 -51.60 -7.52 0.41
CA VAL F 131 -51.80 -8.09 1.74
C VAL F 131 -53.24 -7.88 2.20
N TYR F 132 -53.81 -6.72 1.89
CA TYR F 132 -55.15 -6.36 2.36
C TYR F 132 -56.03 -5.96 1.18
N PRO F 133 -56.64 -6.92 0.48
CA PRO F 133 -57.57 -6.58 -0.58
C PRO F 133 -58.91 -6.16 0.01
N PHE F 134 -59.49 -5.10 -0.54
CA PHE F 134 -60.76 -4.56 -0.06
C PHE F 134 -61.78 -4.61 -1.17
N ARG F 135 -62.79 -5.45 -1.02
CA ARG F 135 -63.89 -5.48 -1.99
C ARG F 135 -64.98 -4.51 -1.54
N ILE F 136 -65.54 -3.79 -2.50
CA ILE F 136 -66.52 -2.75 -2.20
C ILE F 136 -67.92 -3.34 -2.35
N LEU F 137 -68.72 -3.18 -1.30
CA LEU F 137 -70.08 -3.74 -1.25
C LEU F 137 -71.06 -2.60 -1.49
N GLY F 138 -71.68 -2.57 -2.66
CA GLY F 138 -72.61 -1.52 -2.99
C GLY F 138 -71.91 -0.32 -3.61
N ASP F 139 -72.72 0.68 -3.96
CA ASP F 139 -72.22 1.89 -4.58
C ASP F 139 -71.61 2.81 -3.53
N ALA F 140 -71.27 4.03 -3.92
CA ALA F 140 -70.75 5.02 -2.99
C ALA F 140 -71.89 5.79 -2.33
N ARG F 141 -71.68 6.15 -1.08
CA ARG F 141 -72.56 7.04 -0.35
C ARG F 141 -71.79 8.33 -0.16
N MET F 142 -72.04 9.31 -1.03
CA MET F 142 -71.20 10.51 -1.09
C MET F 142 -71.69 11.54 -0.08
N GLU F 143 -70.81 11.86 0.88
CA GLU F 143 -71.08 12.85 1.92
C GLU F 143 -70.51 14.18 1.44
N GLY F 144 -71.36 15.01 0.86
CA GLY F 144 -70.90 16.22 0.23
C GLY F 144 -70.08 15.90 -0.99
N THR F 145 -68.76 16.07 -0.88
CA THR F 145 -67.83 15.69 -1.93
C THR F 145 -66.99 14.48 -1.56
N ASN F 146 -67.23 13.89 -0.39
CA ASN F 146 -66.48 12.73 0.08
C ASN F 146 -67.34 11.48 -0.06
N ALA F 147 -66.79 10.45 -0.70
CA ALA F 147 -67.55 9.26 -1.06
C ALA F 147 -67.18 8.12 -0.13
N VAL F 148 -68.18 7.60 0.57
CA VAL F 148 -68.01 6.52 1.54
C VAL F 148 -68.40 5.20 0.88
N TYR F 149 -67.54 4.20 1.02
CA TYR F 149 -67.76 2.88 0.43
C TYR F 149 -67.83 1.84 1.54
N LYS F 150 -68.88 1.02 1.53
CA LYS F 150 -68.90 -0.15 2.40
C LYS F 150 -67.93 -1.18 1.85
N VAL F 151 -67.07 -1.68 2.73
CA VAL F 151 -65.87 -2.42 2.35
C VAL F 151 -65.76 -3.67 3.21
N GLU F 152 -65.42 -4.79 2.57
CA GLU F 152 -65.05 -6.00 3.28
C GLU F 152 -63.73 -6.51 2.72
N LEU F 153 -63.06 -7.35 3.50
CA LEU F 153 -61.74 -7.86 3.12
C LEU F 153 -61.85 -9.16 2.34
N MET F 154 -61.00 -9.30 1.34
CA MET F 154 -60.85 -10.52 0.57
C MET F 154 -59.46 -11.11 0.79
N GLY F 155 -59.23 -12.27 0.19
CA GLY F 155 -57.92 -12.88 0.22
C GLY F 155 -57.68 -13.90 1.31
N GLY F 156 -58.70 -14.25 2.08
CA GLY F 156 -58.50 -15.14 3.21
C GLY F 156 -58.13 -14.44 4.49
N ASN F 157 -58.47 -13.16 4.63
CA ASN F 157 -58.04 -12.35 5.77
C ASN F 157 -59.10 -12.52 6.85
N THR F 158 -58.78 -13.33 7.86
CA THR F 158 -59.67 -13.57 8.99
C THR F 158 -59.33 -12.73 10.23
N GLN F 159 -58.17 -12.08 10.26
CA GLN F 159 -57.76 -11.29 11.41
C GLN F 159 -58.12 -9.82 11.29
N GLY F 160 -58.32 -9.32 10.08
CA GLY F 160 -58.67 -7.94 9.87
C GLY F 160 -57.47 -7.08 9.51
N VAL F 161 -57.76 -5.84 9.15
CA VAL F 161 -56.75 -4.82 8.92
C VAL F 161 -56.48 -4.12 10.25
N PRO F 162 -55.24 -3.71 10.54
CA PRO F 162 -54.97 -3.02 11.80
C PRO F 162 -55.59 -1.63 11.86
N ALA F 163 -55.38 -0.99 13.01
CA ALA F 163 -55.87 0.37 13.18
C ALA F 163 -55.08 1.37 12.35
N GLU F 164 -53.76 1.19 12.30
CA GLU F 164 -52.97 1.82 11.25
C GLU F 164 -53.18 1.05 9.94
N ARG F 165 -52.64 1.62 8.86
CA ARG F 165 -52.91 1.31 7.45
C ARG F 165 -54.34 1.69 7.05
N LEU F 166 -55.05 2.42 7.89
CA LEU F 166 -56.38 2.96 7.58
C LEU F 166 -56.44 4.42 8.05
N GLN F 167 -55.40 5.18 7.73
CA GLN F 167 -55.23 6.53 8.26
C GLN F 167 -55.28 7.55 7.13
N GLN F 168 -54.92 8.80 7.47
CA GLN F 168 -55.07 9.94 6.57
C GLN F 168 -54.14 9.84 5.36
N GLY F 169 -52.98 9.23 5.49
CA GLY F 169 -52.01 9.18 4.42
C GLY F 169 -52.07 7.94 3.55
N GLU F 170 -53.04 7.06 3.74
CA GLU F 170 -53.13 5.84 2.96
C GLU F 170 -53.72 6.12 1.59
N ARG F 171 -52.99 5.75 0.55
CA ARG F 171 -53.44 5.97 -0.83
C ARG F 171 -53.86 4.64 -1.44
N PHE F 172 -54.95 4.67 -2.20
CA PHE F 172 -55.64 3.46 -2.63
C PHE F 172 -55.69 3.39 -4.15
N SER F 173 -55.52 2.18 -4.69
CA SER F 173 -55.51 1.98 -6.13
C SER F 173 -56.43 0.82 -6.51
N ILE F 174 -56.85 0.83 -7.76
CA ILE F 174 -57.77 -0.17 -8.30
C ILE F 174 -56.97 -1.37 -8.78
N GLU F 175 -57.49 -2.58 -8.53
CA GLU F 175 -56.88 -3.77 -9.10
C GLU F 175 -57.79 -4.46 -10.11
N PHE F 176 -58.95 -4.95 -9.70
CA PHE F 176 -59.85 -5.69 -10.59
C PHE F 176 -61.21 -5.77 -9.91
N ALA F 177 -62.14 -6.45 -10.57
CA ALA F 177 -63.50 -6.62 -10.06
C ALA F 177 -63.89 -8.09 -10.20
N PRO F 178 -63.68 -8.88 -9.15
CA PRO F 178 -64.06 -10.30 -9.23
C PRO F 178 -65.55 -10.47 -9.08
N VAL F 179 -66.06 -11.53 -9.69
CA VAL F 179 -67.49 -11.73 -9.83
C VAL F 179 -67.75 -13.24 -9.78
N GLU F 180 -69.02 -13.61 -9.62
CA GLU F 180 -69.37 -15.00 -9.39
C GLU F 180 -69.20 -15.83 -10.67
N LYS F 181 -69.08 -17.14 -10.47
CA LYS F 181 -69.13 -18.06 -11.61
C LYS F 181 -70.55 -18.25 -12.10
N GLU F 182 -71.52 -18.23 -11.18
CA GLU F 182 -72.92 -18.47 -11.49
C GLU F 182 -73.76 -17.26 -11.12
N LEU F 183 -74.63 -16.85 -12.06
CA LEU F 183 -75.72 -15.89 -11.84
C LEU F 183 -75.22 -14.52 -11.39
N SER F 184 -74.06 -14.11 -11.91
CA SER F 184 -73.41 -12.89 -11.44
C SER F 184 -74.07 -11.64 -12.00
N ARG F 185 -73.77 -10.50 -11.37
CA ARG F 185 -74.33 -9.20 -11.75
C ARG F 185 -73.21 -8.20 -11.99
N LYS F 186 -73.59 -6.99 -12.40
CA LYS F 186 -72.63 -6.04 -12.97
C LYS F 186 -71.80 -5.33 -11.90
N VAL F 187 -70.51 -5.12 -12.23
CA VAL F 187 -69.53 -4.46 -11.36
C VAL F 187 -68.60 -3.64 -12.26
N GLY F 188 -67.96 -2.63 -11.67
CA GLY F 188 -66.88 -1.91 -12.32
C GLY F 188 -67.33 -0.61 -12.97
N ASP F 189 -66.34 0.18 -13.39
CA ASP F 189 -66.54 1.46 -14.09
C ASP F 189 -65.22 1.92 -14.69
N VAL F 190 -65.28 3.01 -15.47
CA VAL F 190 -64.12 3.58 -16.18
C VAL F 190 -63.99 5.06 -15.83
N ARG F 191 -62.80 5.62 -16.13
CA ARG F 191 -62.39 6.95 -15.66
C ARG F 191 -61.75 7.76 -16.78
N PHE F 192 -61.78 9.08 -16.65
CA PHE F 192 -61.36 10.02 -17.70
C PHE F 192 -60.54 11.17 -17.12
N THR F 193 -59.79 11.85 -18.00
CA THR F 193 -58.88 12.94 -17.63
C THR F 193 -58.99 14.10 -18.63
N SER F 194 -58.15 15.13 -18.45
CA SER F 194 -58.22 16.37 -19.23
C SER F 194 -56.85 17.04 -19.29
N PRO F 195 -56.55 17.81 -20.37
CA PRO F 195 -55.27 18.54 -20.46
C PRO F 195 -55.28 20.00 -20.00
N VAL F 196 -54.11 20.67 -20.09
CA VAL F 196 -53.86 22.03 -19.59
C VAL F 196 -53.32 22.85 -20.77
N SER F 197 -52.92 24.12 -20.55
CA SER F 197 -52.42 24.99 -21.60
C SER F 197 -51.41 26.00 -21.05
N MET F 198 -50.74 26.74 -21.96
CA MET F 198 -49.72 27.72 -21.61
C MET F 198 -49.70 28.84 -22.66
N ARG F 199 -48.98 29.93 -22.37
CA ARG F 199 -48.98 31.14 -23.19
C ARG F 199 -47.58 31.74 -23.32
N ASN F 200 -47.48 32.82 -24.11
CA ASN F 200 -46.27 33.63 -24.30
C ASN F 200 -46.63 34.94 -25.01
N GLU F 201 -45.64 35.83 -25.13
CA GLU F 201 -45.84 37.19 -25.63
C GLU F 201 -44.63 37.64 -26.46
N TRP F 202 -44.54 38.95 -26.74
CA TRP F 202 -43.57 39.52 -27.66
C TRP F 202 -42.89 40.74 -27.05
N THR F 203 -41.93 41.31 -27.80
CA THR F 203 -41.11 42.45 -27.37
C THR F 203 -40.75 43.33 -28.57
N THR F 204 -40.78 44.66 -28.38
CA THR F 204 -40.52 45.63 -29.44
C THR F 204 -39.47 46.65 -28.98
N ILE F 205 -38.47 46.93 -29.83
CA ILE F 205 -37.37 47.83 -29.52
C ILE F 205 -37.25 48.90 -30.61
N ARG F 206 -36.28 49.82 -30.43
CA ARG F 206 -36.08 50.94 -31.34
C ARG F 206 -34.64 51.45 -31.23
N ILE F 207 -34.21 52.20 -32.24
CA ILE F 207 -32.92 52.91 -32.24
C ILE F 207 -33.06 54.13 -33.14
N GLN F 208 -32.14 55.10 -32.96
CA GLN F 208 -32.03 56.25 -33.85
C GLN F 208 -30.62 56.80 -33.74
N HIS F 209 -30.28 57.71 -34.67
CA HIS F 209 -29.03 58.46 -34.62
C HIS F 209 -29.16 59.70 -35.48
N LYS F 210 -28.77 60.85 -34.95
CA LYS F 210 -28.83 62.12 -35.67
C LYS F 210 -27.46 62.52 -36.18
N VAL F 211 -27.43 62.96 -37.44
CA VAL F 211 -26.21 63.38 -38.13
C VAL F 211 -26.44 64.80 -38.65
N ALA F 212 -25.44 65.67 -38.46
CA ALA F 212 -25.48 67.02 -39.03
C ALA F 212 -25.47 66.94 -40.56
N GLY F 213 -26.00 67.99 -41.19
CA GLY F 213 -26.18 67.96 -42.64
C GLY F 213 -24.88 68.08 -43.42
N ASN F 214 -23.87 68.70 -42.85
CA ASN F 214 -22.61 68.91 -43.57
C ASN F 214 -21.74 67.66 -43.61
N LYS F 215 -22.17 66.56 -42.99
CA LYS F 215 -21.48 65.28 -43.06
C LYS F 215 -21.85 64.47 -44.30
N LEU F 216 -22.38 65.14 -45.34
CA LEU F 216 -22.86 64.44 -46.53
C LEU F 216 -21.71 63.78 -47.29
N ASN F 217 -20.64 64.52 -47.54
CA ASN F 217 -19.39 63.93 -47.99
C ASN F 217 -18.27 64.59 -47.17
N LYS F 218 -18.00 64.01 -46.00
CA LYS F 218 -17.03 64.56 -45.06
C LYS F 218 -15.79 63.68 -45.12
N LYS F 219 -14.80 64.09 -45.91
CA LYS F 219 -13.59 63.31 -46.03
C LYS F 219 -12.70 63.50 -44.81
N LEU F 220 -12.24 62.38 -44.27
CA LEU F 220 -11.50 62.36 -43.01
C LEU F 220 -10.01 62.36 -43.31
N ALA F 221 -9.34 63.46 -42.98
CA ALA F 221 -7.88 63.53 -43.08
C ALA F 221 -7.29 62.67 -41.97
N MET F 222 -6.76 61.51 -42.34
CA MET F 222 -6.35 60.49 -41.37
C MET F 222 -5.04 60.91 -40.70
N GLY F 223 -5.17 61.80 -39.71
CA GLY F 223 -4.02 62.13 -38.88
C GLY F 223 -3.69 61.01 -37.92
N ILE F 224 -4.70 60.47 -37.25
CA ILE F 224 -4.64 59.16 -36.61
C ILE F 224 -5.53 58.29 -37.46
N PRO F 225 -5.33 56.97 -37.50
CA PRO F 225 -6.21 56.13 -38.33
C PRO F 225 -7.62 56.06 -37.78
N MET F 226 -8.59 56.11 -38.67
CA MET F 226 -9.99 56.00 -38.28
C MET F 226 -10.33 54.54 -38.11
N VAL F 227 -11.19 54.26 -37.14
CA VAL F 227 -11.26 52.93 -36.56
C VAL F 227 -12.71 52.46 -36.53
N ARG F 228 -12.90 51.15 -36.51
CA ARG F 228 -14.21 50.52 -36.46
C ARG F 228 -14.27 49.52 -35.34
N ASN F 229 -15.42 49.47 -34.65
CA ASN F 229 -15.65 48.50 -33.58
C ASN F 229 -16.30 47.26 -34.16
N LEU F 230 -15.83 46.10 -33.72
CA LEU F 230 -16.35 44.82 -34.16
C LEU F 230 -17.33 44.23 -33.17
N GLU F 231 -18.03 43.18 -33.61
CA GLU F 231 -18.93 42.46 -32.71
C GLU F 231 -18.16 41.70 -31.64
N SER F 232 -16.95 41.24 -31.96
CA SER F 232 -16.10 40.59 -30.96
C SER F 232 -15.63 41.59 -29.92
N GLY F 233 -15.55 42.86 -30.26
CA GLY F 233 -15.23 43.87 -29.28
C GLY F 233 -13.81 44.34 -29.43
N LYS F 234 -13.27 44.21 -30.63
CA LYS F 234 -11.94 44.68 -30.95
C LYS F 234 -12.02 45.74 -32.03
N GLN F 235 -11.05 46.63 -32.03
CA GLN F 235 -10.96 47.64 -33.06
C GLN F 235 -10.13 47.12 -34.23
N VAL F 236 -10.49 47.54 -35.44
CA VAL F 236 -9.69 47.30 -36.63
C VAL F 236 -9.42 48.62 -37.32
N LYS F 237 -8.22 48.76 -37.87
CA LYS F 237 -7.89 49.95 -38.64
C LYS F 237 -8.65 49.91 -39.96
N ASP F 238 -9.32 51.01 -40.28
CA ASP F 238 -10.01 51.13 -41.56
C ASP F 238 -9.42 52.28 -42.37
N THR F 239 -9.43 52.11 -43.69
CA THR F 239 -8.88 53.09 -44.60
C THR F 239 -9.95 53.88 -45.34
N ALA F 240 -11.23 53.60 -45.09
CA ALA F 240 -12.31 54.33 -45.75
C ALA F 240 -12.36 55.77 -45.23
N ASN F 241 -12.43 56.72 -46.15
CA ASN F 241 -12.29 58.13 -45.81
C ASN F 241 -13.59 58.90 -45.89
N MET F 242 -14.72 58.24 -45.65
CA MET F 242 -15.99 58.92 -45.50
C MET F 242 -16.53 58.64 -44.11
N TRP F 243 -17.00 59.67 -43.42
CA TRP F 243 -17.43 59.47 -42.04
C TRP F 243 -18.76 58.77 -41.95
N MET F 244 -19.61 58.91 -42.97
CA MET F 244 -20.88 58.20 -42.96
C MET F 244 -20.73 56.71 -43.22
N HIS F 245 -19.54 56.26 -43.62
CA HIS F 245 -19.23 54.84 -43.57
C HIS F 245 -19.14 54.34 -42.14
N TYR F 246 -18.66 55.19 -41.22
CA TYR F 246 -18.50 54.78 -39.83
C TYR F 246 -19.78 54.95 -39.02
N VAL F 247 -20.68 55.84 -39.45
CA VAL F 247 -22.00 55.90 -38.84
C VAL F 247 -22.84 54.70 -39.25
N ASP F 248 -22.84 54.37 -40.55
CA ASP F 248 -23.68 53.29 -41.07
C ASP F 248 -23.24 51.92 -40.57
N TRP F 249 -21.96 51.77 -40.24
CA TRP F 249 -21.50 50.51 -39.65
C TRP F 249 -22.05 50.33 -38.25
N GLU F 250 -22.14 51.40 -37.47
CA GLU F 250 -22.45 51.27 -36.06
C GLU F 250 -23.94 51.41 -35.76
N VAL F 251 -24.72 52.01 -36.65
CA VAL F 251 -26.17 51.97 -36.49
C VAL F 251 -26.67 50.54 -36.70
N GLU F 252 -26.07 49.82 -37.64
CA GLU F 252 -26.34 48.40 -37.80
C GLU F 252 -25.76 47.60 -36.64
N LEU F 253 -24.61 48.02 -36.12
CA LEU F 253 -23.95 47.26 -35.05
C LEU F 253 -24.66 47.45 -33.70
N GLN F 254 -25.06 48.68 -33.37
CA GLN F 254 -25.70 48.92 -32.08
C GLN F 254 -27.11 48.37 -32.03
N PHE F 255 -27.83 48.42 -33.16
CA PHE F 255 -29.18 47.85 -33.20
C PHE F 255 -29.16 46.34 -33.16
N ASP F 256 -28.06 45.72 -33.61
CA ASP F 256 -27.97 44.26 -33.55
C ASP F 256 -27.74 43.78 -32.13
N GLU F 257 -26.94 44.50 -31.35
CA GLU F 257 -26.79 44.16 -29.94
C GLU F 257 -28.00 44.52 -29.12
N TYR F 258 -28.87 45.40 -29.62
CA TYR F 258 -30.17 45.61 -28.99
C TYR F 258 -31.03 44.36 -29.11
N LYS F 259 -30.98 43.71 -30.28
CA LYS F 259 -31.80 42.52 -30.52
C LYS F 259 -31.26 41.31 -29.77
N ASN F 260 -29.93 41.23 -29.62
CA ASN F 260 -29.34 40.09 -28.93
C ASN F 260 -29.59 40.15 -27.44
N ASN F 261 -29.37 41.32 -26.83
CA ASN F 261 -29.53 41.43 -25.39
C ASN F 261 -30.99 41.45 -24.95
N ALA F 262 -31.91 41.77 -25.86
CA ALA F 262 -33.32 41.64 -25.55
C ALA F 262 -33.78 40.19 -25.62
N MET F 263 -33.18 39.40 -26.50
CA MET F 263 -33.57 38.00 -26.64
C MET F 263 -33.08 37.17 -25.48
N ALA F 264 -31.85 37.41 -25.02
CA ALA F 264 -31.26 36.60 -23.97
C ALA F 264 -31.53 37.16 -22.58
N TRP F 265 -31.42 38.48 -22.40
CA TRP F 265 -31.48 39.10 -21.09
C TRP F 265 -32.73 39.94 -20.88
N GLY F 266 -33.79 39.69 -21.65
CA GLY F 266 -35.02 40.40 -21.44
C GLY F 266 -35.79 39.89 -20.25
N THR F 267 -36.42 40.80 -19.52
CA THR F 267 -37.19 40.47 -18.34
C THR F 267 -38.60 41.03 -18.46
N SER F 268 -39.58 40.25 -18.04
CA SER F 268 -40.97 40.65 -18.12
C SER F 268 -41.27 41.72 -17.08
N ASN F 269 -42.23 42.59 -17.41
CA ASN F 269 -42.69 43.66 -16.52
C ASN F 269 -44.20 43.58 -16.41
N ARG F 270 -44.72 42.38 -16.20
CA ARG F 270 -46.15 42.11 -16.21
C ARG F 270 -46.59 41.61 -14.85
N ASN F 271 -47.60 42.25 -14.27
CA ASN F 271 -48.18 41.79 -13.02
C ASN F 271 -49.01 40.53 -13.24
N LEU F 272 -49.37 39.88 -12.13
CA LEU F 272 -50.22 38.70 -12.21
C LEU F 272 -51.68 39.04 -12.53
N ASN F 273 -52.07 40.31 -12.48
CA ASN F 273 -53.36 40.74 -12.98
C ASN F 273 -53.35 41.03 -14.47
N GLY F 274 -52.23 40.74 -15.15
CA GLY F 274 -52.07 41.05 -16.55
C GLY F 274 -51.58 42.44 -16.84
N GLU F 275 -51.56 43.31 -15.84
CA GLU F 275 -51.16 44.69 -16.03
C GLU F 275 -49.65 44.78 -16.21
N TYR F 276 -49.21 45.84 -16.89
CA TYR F 276 -47.81 46.17 -17.01
C TYR F 276 -47.50 47.33 -16.08
N MET F 277 -46.27 47.40 -15.60
CA MET F 277 -45.91 48.38 -14.59
C MET F 277 -45.02 49.50 -15.13
N ASN F 278 -44.70 49.49 -16.42
CA ASN F 278 -43.91 50.53 -17.05
C ASN F 278 -44.64 51.06 -18.28
N PHE F 279 -44.67 52.39 -18.40
CA PHE F 279 -45.42 53.05 -19.46
C PHE F 279 -44.48 53.91 -20.29
N GLY F 280 -44.68 53.89 -21.60
CA GLY F 280 -43.82 54.59 -22.52
C GLY F 280 -44.09 56.09 -22.57
N LYS F 281 -43.55 56.71 -23.61
CA LYS F 281 -43.64 58.16 -23.73
C LYS F 281 -45.04 58.60 -24.16
N SER F 282 -45.70 57.82 -25.01
CA SER F 282 -47.04 58.16 -25.46
C SER F 282 -48.11 57.84 -24.42
N GLY F 283 -47.75 57.22 -23.31
CA GLY F 283 -48.69 56.81 -22.29
C GLY F 283 -48.98 55.33 -22.29
N ASN F 284 -48.78 54.64 -23.41
CA ASN F 284 -49.08 53.23 -23.50
C ASN F 284 -48.00 52.41 -22.80
N ALA F 285 -48.40 51.23 -22.32
CA ALA F 285 -47.50 50.40 -21.55
C ALA F 285 -46.44 49.76 -22.44
N ILE F 286 -45.21 49.69 -21.93
CA ILE F 286 -44.13 49.02 -22.64
C ILE F 286 -44.25 47.53 -22.32
N LYS F 287 -44.78 46.77 -23.26
CA LYS F 287 -45.05 45.35 -23.08
C LYS F 287 -43.80 44.57 -23.48
N THR F 288 -42.98 44.23 -22.49
CA THR F 288 -41.72 43.53 -22.70
C THR F 288 -41.87 42.08 -22.25
N GLY F 289 -41.55 41.15 -23.14
CA GLY F 289 -41.57 39.74 -22.80
C GLY F 289 -40.27 39.29 -22.15
N ALA F 290 -40.24 38.04 -21.75
CA ALA F 290 -39.10 37.50 -21.04
C ALA F 290 -37.99 37.13 -22.03
N GLY F 291 -36.90 36.55 -21.52
CA GLY F 291 -35.78 36.18 -22.35
C GLY F 291 -35.51 34.69 -22.28
N ILE F 292 -34.38 34.26 -22.86
CA ILE F 292 -33.98 32.86 -22.74
C ILE F 292 -33.63 32.53 -21.30
N PHE F 293 -32.91 33.42 -20.63
CA PHE F 293 -32.38 33.07 -19.32
C PHE F 293 -33.41 33.22 -18.20
N GLU F 294 -34.40 34.09 -18.37
CA GLU F 294 -35.45 34.18 -17.35
C GLU F 294 -36.40 32.99 -17.44
N GLN F 295 -36.75 32.56 -18.66
CA GLN F 295 -37.79 31.56 -18.83
C GLN F 295 -37.31 30.16 -18.47
N THR F 296 -36.04 29.84 -18.70
CA THR F 296 -35.53 28.55 -18.29
C THR F 296 -35.32 28.46 -16.79
N GLU F 297 -35.26 29.59 -16.10
CA GLU F 297 -34.96 29.61 -14.68
C GLU F 297 -36.15 29.31 -13.78
N VAL F 298 -37.37 29.35 -14.31
CA VAL F 298 -38.55 29.30 -13.42
C VAL F 298 -38.79 27.88 -12.91
N ALA F 299 -38.17 26.88 -13.53
CA ALA F 299 -38.23 25.52 -13.00
C ALA F 299 -36.84 24.91 -13.02
N ASN F 300 -36.62 23.98 -12.06
CA ASN F 300 -35.39 23.20 -11.91
C ASN F 300 -34.16 24.09 -11.67
N THR F 301 -34.31 25.10 -10.81
CA THR F 301 -33.24 26.04 -10.52
C THR F 301 -32.84 25.91 -9.06
N MET F 302 -31.53 25.83 -8.81
CA MET F 302 -30.98 25.74 -7.47
C MET F 302 -29.91 26.81 -7.29
N TYR F 303 -30.12 27.69 -6.31
CA TYR F 303 -29.16 28.74 -5.97
C TYR F 303 -28.27 28.22 -4.85
N TYR F 304 -27.02 27.89 -5.19
CA TYR F 304 -26.12 27.26 -4.25
C TYR F 304 -25.20 28.31 -3.63
N ASN F 305 -24.94 28.16 -2.33
CA ASN F 305 -23.89 28.94 -1.69
C ASN F 305 -22.53 28.31 -1.95
N THR F 306 -22.44 26.99 -1.82
CA THR F 306 -21.22 26.24 -2.07
C THR F 306 -21.57 25.05 -2.96
N PHE F 307 -20.81 24.88 -4.04
CA PHE F 307 -21.08 23.78 -4.96
C PHE F 307 -20.59 22.47 -4.36
N SER F 308 -21.41 21.43 -4.50
CA SER F 308 -21.06 20.10 -4.05
C SER F 308 -21.46 19.09 -5.11
N LEU F 309 -20.65 18.05 -5.24
CA LEU F 309 -21.01 16.96 -6.15
C LEU F 309 -22.09 16.07 -5.56
N LYS F 310 -22.26 16.07 -4.24
CA LYS F 310 -23.27 15.23 -3.60
C LYS F 310 -24.67 15.70 -3.93
N LEU F 311 -24.88 17.01 -4.01
CA LEU F 311 -26.19 17.50 -4.43
C LEU F 311 -26.38 17.36 -5.93
N LEU F 312 -25.31 17.54 -6.71
CA LEU F 312 -25.42 17.45 -8.15
C LEU F 312 -25.68 16.02 -8.60
N GLU F 313 -25.03 15.04 -7.96
CA GLU F 313 -25.31 13.65 -8.32
C GLU F 313 -26.65 13.17 -7.79
N ASP F 314 -27.24 13.88 -6.83
CA ASP F 314 -28.56 13.52 -6.34
C ASP F 314 -29.68 14.25 -7.07
N ALA F 315 -29.47 15.51 -7.43
CA ALA F 315 -30.47 16.23 -8.21
C ALA F 315 -30.57 15.68 -9.63
N LEU F 316 -29.48 15.12 -10.15
CA LEU F 316 -29.50 14.55 -11.49
C LEU F 316 -30.00 13.12 -11.48
N TYR F 317 -29.80 12.38 -10.39
CA TYR F 317 -30.29 11.01 -10.36
C TYR F 317 -31.78 10.94 -10.07
N GLU F 318 -32.28 11.76 -9.15
CA GLU F 318 -33.70 11.77 -8.86
C GLU F 318 -34.51 12.32 -10.04
N LEU F 319 -33.89 13.18 -10.84
CA LEU F 319 -34.50 13.56 -12.11
C LEU F 319 -34.37 12.44 -13.14
N SER F 320 -33.32 11.62 -13.05
CA SER F 320 -33.12 10.56 -14.03
C SER F 320 -34.09 9.41 -13.82
N ALA F 321 -34.25 8.97 -12.58
CA ALA F 321 -35.10 7.82 -12.30
C ALA F 321 -36.59 8.16 -12.47
N SER F 322 -36.96 9.41 -12.26
CA SER F 322 -38.35 9.81 -12.35
C SER F 322 -38.77 10.29 -13.73
N LYS F 323 -37.82 10.62 -14.61
CA LYS F 323 -38.16 11.22 -15.89
C LYS F 323 -37.43 10.63 -17.09
N LEU F 324 -36.38 9.84 -16.91
CA LEU F 324 -35.55 9.42 -18.03
C LEU F 324 -35.34 7.92 -18.04
N ALA F 325 -34.99 7.40 -19.21
CA ALA F 325 -34.63 6.01 -19.36
C ALA F 325 -33.18 5.79 -18.94
N MET F 326 -32.77 4.52 -18.93
CA MET F 326 -31.41 4.20 -18.51
C MET F 326 -30.39 4.57 -19.60
N ASP F 327 -30.80 4.50 -20.86
CA ASP F 327 -29.93 4.84 -21.98
C ASP F 327 -30.00 6.31 -22.38
N ASP F 328 -30.66 7.15 -21.59
CA ASP F 328 -30.91 8.53 -21.97
C ASP F 328 -30.28 9.54 -21.03
N ARG F 329 -29.82 9.13 -19.86
CA ARG F 329 -29.43 10.05 -18.80
C ARG F 329 -27.96 10.42 -18.91
N LEU F 330 -27.66 11.19 -19.97
CA LEU F 330 -26.36 11.83 -20.16
C LEU F 330 -26.59 13.34 -20.11
N PHE F 331 -26.05 13.98 -19.09
CA PHE F 331 -26.27 15.41 -18.86
C PHE F 331 -25.00 16.17 -19.17
N VAL F 332 -25.07 17.09 -20.13
CA VAL F 332 -23.95 17.93 -20.51
C VAL F 332 -24.17 19.29 -19.87
N ILE F 333 -23.41 19.57 -18.81
CA ILE F 333 -23.51 20.85 -18.13
C ILE F 333 -22.69 21.88 -18.90
N LYS F 334 -23.30 23.04 -19.14
CA LYS F 334 -22.61 24.16 -19.76
C LYS F 334 -22.21 25.16 -18.69
N THR F 335 -20.92 25.47 -18.62
CA THR F 335 -20.41 26.37 -17.60
C THR F 335 -19.27 27.19 -18.19
N GLY F 336 -18.57 27.93 -17.33
CA GLY F 336 -17.44 28.72 -17.74
C GLY F 336 -16.12 28.00 -17.51
N GLU F 337 -15.03 28.75 -17.61
CA GLU F 337 -13.72 28.18 -17.36
C GLU F 337 -13.48 27.93 -15.88
N ARG F 338 -13.95 28.84 -15.02
CA ARG F 338 -13.72 28.68 -13.59
C ARG F 338 -14.67 27.67 -12.97
N GLY F 339 -15.84 27.48 -13.58
CA GLY F 339 -16.75 26.44 -13.12
C GLY F 339 -16.26 25.04 -13.43
N ALA F 340 -15.39 24.89 -14.42
CA ALA F 340 -14.75 23.60 -14.66
C ALA F 340 -13.62 23.34 -13.69
N ILE F 341 -12.95 24.39 -13.21
CA ILE F 341 -11.94 24.24 -12.17
C ILE F 341 -12.61 23.90 -10.84
N GLN F 342 -13.76 24.52 -10.56
CA GLN F 342 -14.52 24.21 -9.36
C GLN F 342 -15.06 22.78 -9.41
N PHE F 343 -15.54 22.36 -10.57
CA PHE F 343 -15.97 20.98 -10.75
C PHE F 343 -14.82 20.00 -10.62
N HIS F 344 -13.62 20.40 -11.05
CA HIS F 344 -12.45 19.54 -10.93
C HIS F 344 -12.04 19.34 -9.48
N LYS F 345 -12.25 20.34 -8.63
CA LYS F 345 -11.92 20.21 -7.21
C LYS F 345 -12.95 19.37 -6.48
N GLU F 346 -14.21 19.41 -6.92
CA GLU F 346 -15.26 18.67 -6.23
C GLU F 346 -15.23 17.18 -6.53
N VAL F 347 -14.82 16.80 -7.75
CA VAL F 347 -14.64 15.38 -8.03
C VAL F 347 -13.36 14.88 -7.39
N LEU F 348 -12.35 15.75 -7.26
CA LEU F 348 -11.13 15.38 -6.54
C LEU F 348 -11.40 15.24 -5.04
N LYS F 349 -12.29 16.07 -4.49
CA LYS F 349 -12.70 15.91 -3.10
C LYS F 349 -13.52 14.64 -2.92
N THR F 350 -14.23 14.21 -3.97
CA THR F 350 -15.03 13.00 -3.88
C THR F 350 -14.16 11.75 -3.89
N VAL F 351 -13.26 11.64 -4.87
CA VAL F 351 -12.42 10.45 -4.97
C VAL F 351 -11.34 10.37 -3.91
N SER F 352 -11.10 11.47 -3.19
CA SER F 352 -10.26 11.40 -1.99
C SER F 352 -11.00 10.77 -0.82
N GLY F 353 -12.33 10.75 -0.87
CA GLY F 353 -13.13 10.07 0.13
C GLY F 353 -13.34 8.60 -0.15
N TRP F 354 -12.91 8.13 -1.32
CA TRP F 354 -12.96 6.70 -1.65
C TRP F 354 -11.70 6.07 -1.10
N THR F 355 -11.69 5.89 0.23
CA THR F 355 -10.53 5.33 0.92
C THR F 355 -10.31 3.86 0.61
N THR F 356 -11.35 3.15 0.17
CA THR F 356 -11.24 1.74 -0.14
C THR F 356 -10.56 1.47 -1.48
N PHE F 357 -10.53 2.45 -2.39
CA PHE F 357 -9.84 2.32 -3.67
C PHE F 357 -8.58 3.16 -3.66
N VAL F 358 -7.47 2.56 -4.06
CA VAL F 358 -6.19 3.25 -4.15
C VAL F 358 -5.98 3.69 -5.60
N LEU F 359 -5.84 5.00 -5.80
CA LEU F 359 -5.65 5.54 -7.14
C LEU F 359 -4.16 5.71 -7.38
N ASP F 360 -3.65 5.01 -8.39
CA ASP F 360 -2.24 5.10 -8.75
C ASP F 360 -2.08 5.86 -10.06
N ASN F 361 -0.90 6.46 -10.25
CA ASN F 361 -0.65 7.13 -11.52
C ASN F 361 -0.11 6.19 -12.59
N ASN F 362 -0.08 4.89 -12.32
CA ASN F 362 0.12 3.93 -13.41
C ASN F 362 -1.09 3.91 -14.33
N SER F 363 -2.28 4.25 -13.82
CA SER F 363 -3.51 4.31 -14.58
C SER F 363 -3.91 5.73 -14.95
N THR F 364 -3.88 6.65 -13.98
CA THR F 364 -4.30 8.02 -14.24
C THR F 364 -3.26 8.81 -15.01
N ARG F 365 -1.97 8.42 -14.91
CA ARG F 365 -0.84 9.10 -15.53
C ARG F 365 -0.78 10.58 -15.12
N VAL F 366 -0.93 10.81 -13.81
CA VAL F 366 -0.86 12.16 -13.28
C VAL F 366 0.56 12.71 -13.39
N VAL F 367 1.55 11.90 -13.06
CA VAL F 367 2.96 12.26 -13.25
C VAL F 367 3.51 11.42 -14.40
N GLU F 368 3.87 12.09 -15.49
CA GLU F 368 4.24 11.41 -16.73
C GLU F 368 5.68 11.74 -17.10
N LYS F 369 6.43 10.73 -17.52
CA LYS F 369 7.81 10.92 -17.95
C LYS F 369 7.87 11.61 -19.31
N VAL F 370 8.74 12.60 -19.42
CA VAL F 370 9.00 13.28 -20.68
C VAL F 370 10.50 13.26 -20.96
N GLN F 371 10.85 13.66 -22.18
CA GLN F 371 12.24 13.75 -22.62
C GLN F 371 12.70 15.19 -22.47
N SER F 372 13.74 15.40 -21.66
CA SER F 372 14.28 16.72 -21.43
C SER F 372 15.79 16.66 -21.43
N ARG F 373 16.42 17.79 -21.74
CA ARG F 373 17.87 17.90 -21.66
C ARG F 373 18.37 18.08 -20.25
N LEU F 374 17.47 18.37 -19.30
CA LEU F 374 17.88 18.64 -17.93
C LEU F 374 18.16 17.36 -17.16
N HIS F 375 17.38 16.31 -17.42
CA HIS F 375 17.52 15.09 -16.65
C HIS F 375 17.17 13.90 -17.53
N SER F 376 17.58 12.71 -17.08
CA SER F 376 17.16 11.48 -17.72
C SER F 376 15.73 11.13 -17.33
N ASN F 377 15.47 11.02 -16.04
CA ASN F 377 14.13 10.76 -15.52
C ASN F 377 13.48 12.11 -15.28
N ALA F 378 12.92 12.68 -16.33
CA ALA F 378 12.28 14.00 -16.29
C ALA F 378 10.78 13.81 -16.31
N LEU F 379 10.09 14.41 -15.35
CA LEU F 379 8.66 14.18 -15.16
C LEU F 379 7.87 15.44 -15.44
N SER F 380 6.57 15.24 -15.69
CA SER F 380 5.61 16.31 -15.80
C SER F 380 4.53 16.09 -14.76
N ALA F 381 3.70 17.10 -14.55
CA ALA F 381 2.67 17.03 -13.53
C ALA F 381 1.39 17.68 -14.04
N GLY F 382 0.26 17.18 -13.55
CA GLY F 382 -1.02 17.81 -13.85
C GLY F 382 -2.11 16.86 -14.30
N PHE F 383 -3.36 17.23 -14.02
CA PHE F 383 -4.53 16.42 -14.32
C PHE F 383 -5.75 17.33 -14.16
N GLN F 384 -6.92 16.79 -14.52
CA GLN F 384 -8.18 17.47 -14.32
C GLN F 384 -9.31 16.46 -14.38
N PHE F 385 -10.37 16.73 -13.61
CA PHE F 385 -11.58 15.92 -13.61
C PHE F 385 -12.64 16.65 -14.40
N VAL F 386 -12.98 16.10 -15.57
CA VAL F 386 -13.96 16.72 -16.46
C VAL F 386 -15.24 15.91 -16.57
N GLU F 387 -15.28 14.71 -16.01
CA GLU F 387 -16.39 13.79 -16.13
C GLU F 387 -16.74 13.26 -14.75
N TYR F 388 -17.97 12.78 -14.60
CA TYR F 388 -18.37 12.03 -13.42
C TYR F 388 -19.45 11.03 -13.83
N LYS F 389 -19.44 9.87 -13.19
CA LYS F 389 -20.36 8.78 -13.51
C LYS F 389 -21.12 8.37 -12.25
N ALA F 390 -22.32 8.91 -12.09
CA ALA F 390 -23.17 8.49 -10.98
C ALA F 390 -23.73 7.09 -11.28
N PRO F 391 -24.19 6.38 -10.25
CA PRO F 391 -24.77 5.04 -10.49
C PRO F 391 -26.05 5.07 -11.29
N ASN F 392 -26.35 3.91 -11.88
CA ASN F 392 -27.53 3.65 -12.72
C ASN F 392 -27.54 4.52 -13.98
N GLY F 393 -26.42 4.58 -14.69
CA GLY F 393 -26.40 5.14 -16.01
C GLY F 393 -26.22 6.64 -16.10
N VAL F 394 -26.25 7.35 -14.98
CA VAL F 394 -26.10 8.80 -15.01
C VAL F 394 -24.63 9.15 -15.22
N ARG F 395 -24.37 10.03 -16.18
CA ARG F 395 -23.02 10.52 -16.40
C ARG F 395 -23.06 12.02 -16.62
N VAL F 396 -22.02 12.70 -16.14
CA VAL F 396 -21.93 14.15 -16.14
C VAL F 396 -20.77 14.56 -17.04
N ARG F 397 -21.03 15.45 -17.98
CA ARG F 397 -20.01 15.98 -18.86
C ARG F 397 -20.12 17.50 -18.84
N LEU F 398 -19.01 18.17 -19.15
CA LEU F 398 -18.91 19.63 -19.01
C LEU F 398 -18.72 20.26 -20.37
N ASP F 399 -19.46 21.34 -20.63
CA ASP F 399 -19.41 22.08 -21.89
C ASP F 399 -18.95 23.49 -21.59
N VAL F 400 -17.63 23.69 -21.52
CA VAL F 400 -17.10 25.02 -21.23
C VAL F 400 -17.33 25.93 -22.43
N ASP F 401 -18.02 27.04 -22.20
CA ASP F 401 -18.36 28.01 -23.22
C ASP F 401 -17.68 29.34 -22.94
N PRO F 402 -17.15 30.01 -23.95
CA PRO F 402 -16.57 31.35 -23.73
C PRO F 402 -17.60 32.43 -23.45
N PHE F 403 -18.89 32.15 -23.66
CA PHE F 403 -19.93 33.13 -23.39
C PHE F 403 -20.15 33.31 -21.89
N TYR F 404 -19.87 32.28 -21.10
CA TYR F 404 -20.14 32.35 -19.67
C TYR F 404 -19.13 33.24 -18.95
N ASP F 405 -17.85 33.09 -19.29
CA ASP F 405 -16.81 33.93 -18.72
C ASP F 405 -16.53 35.15 -19.61
N ASP F 406 -17.57 35.95 -19.79
CA ASP F 406 -17.48 37.19 -20.55
C ASP F 406 -17.24 38.34 -19.58
N PRO F 407 -16.13 39.08 -19.70
CA PRO F 407 -15.78 40.05 -18.65
C PRO F 407 -16.59 41.34 -18.68
N VAL F 408 -17.11 41.71 -19.85
CA VAL F 408 -17.74 43.01 -19.99
C VAL F 408 -19.15 43.00 -19.39
N ARG F 409 -19.97 42.04 -19.78
CA ARG F 409 -21.33 41.99 -19.25
C ARG F 409 -21.34 41.49 -17.81
N ASN F 410 -20.68 40.37 -17.56
CA ASN F 410 -20.70 39.75 -16.24
C ASN F 410 -19.67 40.47 -15.37
N LYS F 411 -20.16 41.26 -14.40
CA LYS F 411 -19.30 42.14 -13.63
C LYS F 411 -19.06 41.71 -12.20
N ILE F 412 -19.95 40.89 -11.62
CA ILE F 412 -19.75 40.40 -10.27
C ILE F 412 -18.62 39.38 -10.27
N LEU F 413 -17.61 39.60 -9.43
CA LEU F 413 -16.44 38.74 -9.36
C LEU F 413 -16.56 37.80 -8.17
N HIS F 414 -16.11 36.61 -8.36
CA HIS F 414 -16.12 35.55 -7.36
C HIS F 414 -14.89 35.66 -6.46
N PRO F 415 -15.03 35.24 -5.19
CA PRO F 415 -13.85 35.20 -4.31
C PRO F 415 -12.79 34.21 -4.75
N MET F 416 -13.16 33.15 -5.48
CA MET F 416 -12.20 32.16 -5.95
C MET F 416 -11.54 32.55 -7.26
N GLY F 417 -11.59 33.82 -7.63
CA GLY F 417 -10.92 34.29 -8.83
C GLY F 417 -11.78 34.20 -10.07
N GLY F 418 -11.78 35.24 -10.88
CA GLY F 418 -12.51 35.20 -12.13
C GLY F 418 -13.88 35.82 -12.07
N VAL F 419 -14.82 35.21 -12.76
CA VAL F 419 -16.17 35.73 -12.93
C VAL F 419 -17.14 34.84 -12.19
N ALA F 420 -18.16 35.45 -11.57
CA ALA F 420 -19.18 34.66 -10.88
C ALA F 420 -20.09 33.92 -11.84
N PHE F 421 -20.19 34.37 -13.08
CA PHE F 421 -21.00 33.68 -14.08
C PHE F 421 -20.32 32.42 -14.59
N SER F 422 -19.01 32.28 -14.39
CA SER F 422 -18.32 31.05 -14.81
C SER F 422 -18.74 29.86 -13.98
N TYR F 423 -19.12 30.11 -12.73
CA TYR F 423 -19.54 29.06 -11.80
C TYR F 423 -21.02 28.73 -11.95
N ARG F 424 -21.69 29.31 -12.94
CA ARG F 424 -23.06 28.95 -13.23
C ARG F 424 -23.08 27.66 -14.03
N TYR F 425 -23.88 26.70 -13.58
CA TYR F 425 -23.96 25.38 -14.18
C TYR F 425 -25.35 25.20 -14.78
N ASP F 426 -25.42 25.01 -16.09
CA ASP F 426 -26.69 24.95 -16.80
C ASP F 426 -26.77 23.69 -17.64
N ILE F 427 -27.83 22.91 -17.44
CA ILE F 427 -28.20 21.81 -18.32
C ILE F 427 -29.32 22.32 -19.22
N TRP F 428 -29.06 22.38 -20.52
CA TRP F 428 -29.99 23.05 -21.43
C TRP F 428 -31.00 22.11 -22.04
N TYR F 429 -30.68 20.83 -22.20
CA TYR F 429 -31.58 19.89 -22.85
C TYR F 429 -31.61 18.60 -22.04
N ILE F 430 -32.76 18.31 -21.45
CA ILE F 430 -32.98 17.09 -20.67
C ILE F 430 -33.85 16.18 -21.53
N GLY F 431 -33.23 15.22 -22.21
CA GLY F 431 -33.95 14.33 -23.09
C GLY F 431 -34.32 14.98 -24.41
N THR F 432 -34.78 14.14 -25.34
CA THR F 432 -35.23 14.61 -26.65
C THR F 432 -36.71 14.91 -26.58
N MET F 433 -37.08 16.16 -26.87
CA MET F 433 -38.45 16.62 -26.68
C MET F 433 -39.33 16.31 -27.89
N ASP F 434 -38.72 15.94 -29.04
CA ASP F 434 -39.28 15.75 -30.39
C ASP F 434 -39.57 17.10 -31.04
N GLN F 435 -39.34 18.19 -30.31
CA GLN F 435 -39.55 19.54 -30.77
C GLN F 435 -38.52 20.43 -30.12
N PRO F 436 -38.08 21.50 -30.79
CA PRO F 436 -37.20 22.48 -30.13
C PRO F 436 -37.85 23.13 -28.92
N ASN F 437 -37.19 22.97 -27.77
CA ASN F 437 -37.70 23.55 -26.53
C ASN F 437 -37.52 25.05 -26.51
N ILE F 438 -36.34 25.53 -26.89
CA ILE F 438 -36.02 26.95 -26.88
C ILE F 438 -35.81 27.40 -28.31
N PHE F 439 -36.61 28.37 -28.76
CA PHE F 439 -36.48 28.90 -30.10
C PHE F 439 -36.68 30.41 -30.06
N LYS F 440 -36.46 31.04 -31.22
CA LYS F 440 -36.53 32.49 -31.37
C LYS F 440 -37.74 32.83 -32.23
N CYS F 441 -38.65 33.61 -31.67
CA CYS F 441 -39.88 33.95 -32.37
C CYS F 441 -39.68 35.19 -33.24
N LYS F 442 -40.39 35.25 -34.36
CA LYS F 442 -40.28 36.38 -35.28
C LYS F 442 -41.57 36.53 -36.09
N ILE F 443 -41.88 37.78 -36.44
CA ILE F 443 -43.08 38.10 -37.18
C ILE F 443 -42.83 37.84 -38.66
N LYS F 444 -43.85 37.36 -39.37
CA LYS F 444 -43.75 37.05 -40.80
C LYS F 444 -43.65 38.33 -41.61
N GLY F 445 -42.44 38.65 -42.07
CA GLY F 445 -42.23 39.64 -43.12
C GLY F 445 -42.34 41.10 -42.73
N ASP F 446 -42.95 41.44 -41.59
CA ASP F 446 -42.97 42.81 -41.11
C ASP F 446 -42.43 42.85 -39.67
N ASN F 447 -41.11 42.93 -39.56
CA ASN F 447 -40.42 43.19 -38.31
C ASN F 447 -39.56 44.44 -38.37
N GLU F 448 -38.79 44.61 -39.43
CA GLU F 448 -37.85 45.72 -39.57
C GLU F 448 -38.53 46.91 -40.25
N TYR F 449 -38.18 48.11 -39.79
CA TYR F 449 -38.63 49.34 -40.41
C TYR F 449 -37.48 50.34 -40.39
N ARG F 450 -37.35 51.13 -41.45
CA ARG F 450 -36.34 52.16 -41.52
C ARG F 450 -36.99 53.45 -42.00
N GLY F 451 -36.94 54.48 -41.16
CA GLY F 451 -37.49 55.78 -41.51
C GLY F 451 -36.43 56.86 -41.38
N TYR F 452 -36.37 57.73 -42.38
CA TYR F 452 -35.46 58.86 -42.38
C TYR F 452 -36.22 60.15 -42.09
N GLN F 453 -35.62 61.01 -41.27
CA GLN F 453 -36.15 62.33 -40.97
C GLN F 453 -35.02 63.32 -41.21
N TRP F 454 -35.12 64.09 -42.30
CA TRP F 454 -34.00 64.93 -42.71
C TRP F 454 -34.49 66.24 -43.29
N GLY F 455 -33.60 67.23 -43.24
CA GLY F 455 -33.88 68.56 -43.75
C GLY F 455 -33.52 68.67 -45.20
N ILE F 456 -32.55 69.54 -45.53
CA ILE F 456 -32.30 69.87 -46.92
C ILE F 456 -31.39 68.87 -47.62
N ARG F 457 -30.67 68.03 -46.87
CA ARG F 457 -29.83 67.01 -47.48
C ARG F 457 -29.69 65.82 -46.52
N ASN F 458 -29.47 64.65 -47.11
CA ASN F 458 -29.40 63.39 -46.35
C ASN F 458 -28.00 62.82 -46.45
N PRO F 459 -27.18 62.91 -45.38
CA PRO F 459 -25.89 62.20 -45.40
C PRO F 459 -26.00 60.68 -45.34
N PHE F 460 -27.17 60.14 -44.99
CA PHE F 460 -27.32 58.69 -44.91
C PHE F 460 -27.39 58.06 -46.29
N THR F 461 -28.26 58.60 -47.16
CA THR F 461 -28.46 58.03 -48.48
C THR F 461 -27.80 58.82 -49.60
N GLY F 462 -27.29 60.01 -49.31
CA GLY F 462 -26.59 60.80 -50.31
C GLY F 462 -27.46 61.72 -51.12
N GLN F 463 -28.74 61.84 -50.80
CA GLN F 463 -29.65 62.68 -51.58
C GLN F 463 -29.48 64.13 -51.17
N LYS F 464 -29.11 64.99 -52.13
CA LYS F 464 -28.80 66.38 -51.85
C LYS F 464 -30.01 67.30 -51.92
N GLY F 465 -31.07 66.91 -52.61
CA GLY F 465 -32.26 67.72 -52.67
C GLY F 465 -33.47 67.04 -52.06
N ASN F 466 -34.21 67.75 -51.23
CA ASN F 466 -35.37 67.18 -50.56
C ASN F 466 -36.66 67.70 -51.18
N PRO F 467 -37.46 66.86 -51.83
CA PRO F 467 -38.77 67.32 -52.30
C PRO F 467 -39.77 67.50 -51.17
N TYR F 468 -39.65 66.71 -50.12
CA TYR F 468 -40.53 66.78 -48.95
C TYR F 468 -39.64 66.96 -47.73
N MET F 469 -39.49 68.20 -47.27
CA MET F 469 -38.59 68.47 -46.16
C MET F 469 -39.30 68.18 -44.84
N SER F 470 -38.61 67.43 -43.97
CA SER F 470 -39.17 67.14 -42.65
C SER F 470 -39.11 68.36 -41.75
N PHE F 471 -37.99 69.06 -41.73
CA PHE F 471 -37.81 70.27 -40.95
C PHE F 471 -36.82 71.18 -41.65
N ASP F 472 -36.72 72.41 -41.16
CA ASP F 472 -35.85 73.40 -41.79
C ASP F 472 -34.39 73.28 -41.35
N GLU F 473 -34.12 72.63 -40.23
CA GLU F 473 -32.76 72.50 -39.74
C GLU F 473 -31.98 71.50 -40.61
N ASP F 474 -30.76 71.86 -40.95
CA ASP F 474 -29.92 71.04 -41.84
C ASP F 474 -29.32 69.90 -41.03
N SER F 475 -30.03 68.77 -41.02
CA SER F 475 -29.61 67.57 -40.28
C SER F 475 -30.37 66.38 -40.84
N ALA F 476 -30.10 65.21 -40.28
CA ALA F 476 -30.73 63.97 -40.71
C ALA F 476 -30.77 62.98 -39.57
N VAL F 477 -31.92 62.34 -39.38
CA VAL F 477 -32.10 61.30 -38.36
C VAL F 477 -32.53 60.03 -39.07
N ILE F 478 -31.99 58.90 -38.63
CA ILE F 478 -32.46 57.58 -39.06
C ILE F 478 -33.30 57.02 -37.92
N HIS F 479 -34.34 56.25 -38.25
CA HIS F 479 -35.16 55.58 -37.24
C HIS F 479 -35.33 54.13 -37.63
N ARG F 480 -34.89 53.22 -36.77
CA ARG F 480 -35.06 51.79 -36.98
C ARG F 480 -35.70 51.17 -35.75
N MET F 481 -36.75 50.36 -35.98
CA MET F 481 -37.41 49.63 -34.91
C MET F 481 -37.68 48.20 -35.36
N ALA F 482 -37.67 47.27 -34.40
CA ALA F 482 -37.84 45.86 -34.70
C ALA F 482 -38.77 45.23 -33.68
N THR F 483 -39.19 44.00 -33.97
CA THR F 483 -40.06 43.22 -33.10
C THR F 483 -39.48 41.82 -32.97
N LEU F 484 -39.22 41.40 -31.75
CA LEU F 484 -38.56 40.12 -31.48
C LEU F 484 -39.36 39.33 -30.46
N GLY F 485 -39.03 38.05 -30.35
CA GLY F 485 -39.73 37.16 -29.44
C GLY F 485 -38.88 35.96 -29.11
N VAL F 486 -39.07 35.44 -27.90
CA VAL F 486 -38.31 34.30 -27.38
C VAL F 486 -39.26 33.40 -26.61
N CYS F 487 -39.25 32.11 -26.94
CA CYS F 487 -40.10 31.13 -26.28
C CYS F 487 -39.28 29.94 -25.78
N VAL F 488 -39.41 29.63 -24.50
CA VAL F 488 -38.94 28.37 -23.93
C VAL F 488 -40.17 27.53 -23.64
N LEU F 489 -40.26 26.37 -24.29
CA LEU F 489 -41.51 25.63 -24.32
C LEU F 489 -41.77 24.88 -23.02
N ASP F 490 -40.75 24.24 -22.47
CA ASP F 490 -40.86 23.51 -21.21
C ASP F 490 -39.72 23.95 -20.28
N PRO F 491 -40.00 24.71 -19.23
CA PRO F 491 -38.93 25.09 -18.30
C PRO F 491 -38.46 23.96 -17.41
N THR F 492 -39.22 22.87 -17.32
CA THR F 492 -38.82 21.70 -16.56
C THR F 492 -37.68 20.96 -17.24
N ARG F 493 -37.53 21.12 -18.57
CA ARG F 493 -36.51 20.45 -19.35
C ARG F 493 -35.17 21.18 -19.31
N THR F 494 -35.00 22.16 -18.44
CA THR F 494 -33.74 22.88 -18.28
C THR F 494 -33.43 22.94 -16.79
N MET F 495 -32.29 22.38 -16.38
CA MET F 495 -31.84 22.49 -15.01
C MET F 495 -30.70 23.49 -14.93
N SER F 496 -30.67 24.27 -13.85
CA SER F 496 -29.70 25.35 -13.70
C SER F 496 -29.20 25.40 -12.26
N LEU F 497 -27.88 25.46 -12.12
CA LEU F 497 -27.23 25.77 -10.85
C LEU F 497 -26.59 27.15 -10.97
N ILE F 498 -27.14 28.11 -10.24
CA ILE F 498 -26.68 29.50 -10.29
C ILE F 498 -26.04 29.81 -8.96
N PRO F 499 -24.94 30.57 -8.92
CA PRO F 499 -24.39 30.99 -7.62
C PRO F 499 -25.34 31.89 -6.85
N ALA F 500 -25.20 31.88 -5.53
CA ALA F 500 -26.07 32.69 -4.69
C ALA F 500 -25.72 34.17 -4.74
N ILE F 501 -24.53 34.51 -5.23
CA ILE F 501 -24.13 35.91 -5.37
C ILE F 501 -24.93 36.58 -6.48
N LEU F 502 -25.26 35.83 -7.52
CA LEU F 502 -25.78 36.39 -8.76
C LEU F 502 -27.27 36.69 -8.72
N GLN F 503 -27.95 36.45 -7.60
CA GLN F 503 -29.38 36.76 -7.48
C GLN F 503 -29.59 37.67 -6.28
N GLY F 504 -30.35 38.74 -6.47
CA GLY F 504 -30.79 39.58 -5.38
C GLY F 504 -29.76 40.53 -4.79
N MET G 1 -52.75 -45.44 6.92
CA MET G 1 -51.35 -45.63 6.59
C MET G 1 -51.08 -47.07 6.22
N VAL G 2 -50.13 -47.29 5.32
CA VAL G 2 -49.67 -48.63 5.03
C VAL G 2 -48.69 -49.06 6.11
N ILE G 3 -48.99 -50.15 6.79
CA ILE G 3 -48.08 -50.75 7.75
C ILE G 3 -47.69 -52.12 7.23
N SER G 4 -46.63 -52.67 7.81
CA SER G 4 -46.25 -54.02 7.47
C SER G 4 -47.11 -55.02 8.24
N ILE G 5 -47.20 -56.23 7.69
CA ILE G 5 -47.96 -57.30 8.32
C ILE G 5 -47.05 -58.51 8.46
N ASN G 6 -47.26 -59.28 9.53
CA ASN G 6 -46.72 -60.63 9.62
C ASN G 6 -47.78 -61.59 9.13
N GLN G 7 -48.03 -61.49 7.82
CA GLN G 7 -48.93 -62.21 6.93
C GLN G 7 -50.42 -61.87 7.10
N VAL G 8 -50.79 -61.22 8.20
CA VAL G 8 -52.13 -60.66 8.40
C VAL G 8 -52.05 -59.74 9.60
N ARG G 9 -53.02 -58.83 9.72
CA ARG G 9 -53.27 -58.13 10.98
C ARG G 9 -54.77 -57.85 11.06
N GLN G 10 -55.42 -58.36 12.09
CA GLN G 10 -56.84 -58.14 12.32
C GLN G 10 -57.03 -57.18 13.48
N LEU G 11 -57.98 -56.26 13.34
CA LEU G 11 -58.22 -55.25 14.37
C LEU G 11 -59.70 -55.24 14.72
N TYR G 12 -59.98 -55.25 16.02
CA TYR G 12 -61.34 -55.21 16.54
C TYR G 12 -61.42 -54.13 17.59
N VAL G 13 -62.42 -53.27 17.48
CA VAL G 13 -62.56 -52.14 18.40
C VAL G 13 -63.39 -52.57 19.59
N ALA G 14 -62.88 -52.31 20.78
CA ALA G 14 -63.57 -52.61 22.04
C ALA G 14 -64.19 -51.34 22.56
N LYS G 15 -65.53 -51.30 22.60
CA LYS G 15 -66.25 -50.18 23.20
C LYS G 15 -66.88 -50.53 24.53
N ALA G 16 -67.39 -51.76 24.67
CA ALA G 16 -67.96 -52.20 25.92
C ALA G 16 -67.71 -53.69 26.08
N LEU G 17 -67.11 -54.07 27.21
CA LEU G 17 -66.80 -55.46 27.51
C LEU G 17 -68.06 -56.14 28.03
N LYS G 18 -68.83 -56.71 27.11
CA LYS G 18 -69.95 -57.54 27.51
C LYS G 18 -69.45 -58.88 28.05
N ALA G 19 -70.25 -59.51 28.90
CA ALA G 19 -69.81 -60.71 29.60
C ALA G 19 -69.99 -61.98 28.79
N ASN G 20 -70.93 -62.01 27.86
CA ASN G 20 -71.19 -63.21 27.06
C ASN G 20 -71.89 -62.78 25.78
N THR G 21 -72.07 -63.75 24.87
CA THR G 21 -72.89 -63.51 23.70
C THR G 21 -74.36 -63.40 24.11
N ALA G 22 -75.15 -62.81 23.21
CA ALA G 22 -76.53 -62.32 23.34
C ALA G 22 -76.63 -61.10 24.27
N ALA G 23 -75.51 -60.61 24.80
CA ALA G 23 -75.43 -59.28 25.39
C ALA G 23 -74.86 -58.26 24.43
N LEU G 24 -74.22 -58.71 23.36
CA LEU G 24 -73.73 -57.83 22.31
C LEU G 24 -74.91 -57.30 21.51
N THR G 25 -75.26 -56.03 21.72
CA THR G 25 -76.36 -55.40 21.00
C THR G 25 -75.96 -54.15 20.24
N THR G 26 -75.01 -53.37 20.74
CA THR G 26 -74.55 -52.18 20.06
C THR G 26 -73.20 -52.44 19.41
N ALA G 27 -72.90 -51.66 18.37
CA ALA G 27 -71.68 -51.86 17.61
C ALA G 27 -70.47 -51.40 18.41
N GLY G 28 -69.44 -52.24 18.45
CA GLY G 28 -68.26 -51.99 19.25
C GLY G 28 -68.13 -52.88 20.46
N ASP G 29 -69.16 -53.64 20.81
CA ASP G 29 -69.09 -54.54 21.96
C ASP G 29 -68.20 -55.73 21.63
N ILE G 30 -67.64 -56.35 22.67
CA ILE G 30 -66.75 -57.49 22.47
C ILE G 30 -66.84 -58.38 23.70
N VAL G 31 -66.79 -59.69 23.48
CA VAL G 31 -66.61 -60.67 24.54
C VAL G 31 -65.43 -61.55 24.17
N PRO G 32 -64.50 -61.82 25.08
CA PRO G 32 -63.46 -62.82 24.80
C PRO G 32 -63.97 -64.21 25.14
N LYS G 33 -64.03 -65.06 24.13
CA LYS G 33 -64.65 -66.38 24.28
C LYS G 33 -63.60 -67.48 24.20
N ALA G 34 -63.73 -68.46 25.08
CA ALA G 34 -62.84 -69.61 25.09
C ALA G 34 -63.58 -70.80 25.68
N ASP G 35 -63.03 -71.99 25.50
CA ASP G 35 -63.66 -73.20 26.01
C ASP G 35 -63.23 -73.44 27.46
N THR G 36 -63.78 -74.49 28.05
CA THR G 36 -63.45 -74.82 29.43
C THR G 36 -62.02 -75.36 29.55
N ALA G 37 -61.57 -76.11 28.55
CA ALA G 37 -60.24 -76.70 28.56
C ALA G 37 -59.15 -75.71 28.15
N LYS G 38 -59.52 -74.49 27.76
CA LYS G 38 -58.61 -73.39 27.42
C LYS G 38 -57.68 -73.76 26.27
N THR G 39 -58.24 -74.39 25.23
CA THR G 39 -57.48 -74.77 24.05
C THR G 39 -57.56 -73.74 22.93
N THR G 40 -58.73 -73.15 22.72
CA THR G 40 -58.93 -72.18 21.65
C THR G 40 -59.47 -70.89 22.24
N LEU G 41 -59.08 -69.78 21.62
CA LEU G 41 -59.51 -68.44 22.05
C LEU G 41 -59.94 -67.63 20.85
N TYR G 42 -61.05 -66.93 20.98
CA TYR G 42 -61.53 -66.05 19.94
C TYR G 42 -62.34 -64.93 20.59
N PHE G 43 -62.73 -63.96 19.78
CA PHE G 43 -63.48 -62.80 20.26
C PHE G 43 -64.72 -62.66 19.41
N GLN G 44 -65.89 -62.77 20.02
CA GLN G 44 -67.14 -62.45 19.36
C GLN G 44 -67.44 -60.98 19.58
N SER G 45 -67.42 -60.21 18.50
CA SER G 45 -67.58 -58.77 18.58
C SER G 45 -68.74 -58.32 17.69
N MET G 46 -69.48 -57.33 18.15
CA MET G 46 -70.62 -56.81 17.40
C MET G 46 -70.11 -55.78 16.39
N SER G 47 -70.00 -56.20 15.14
CA SER G 47 -69.68 -55.31 14.03
C SER G 47 -70.89 -54.42 13.77
N PRO G 48 -70.73 -53.33 13.01
CA PRO G 48 -71.89 -52.50 12.64
C PRO G 48 -72.92 -53.18 11.73
N ALA G 49 -72.73 -54.43 11.32
CA ALA G 49 -73.76 -55.16 10.59
C ALA G 49 -74.08 -56.53 11.20
N GLY G 50 -73.62 -56.79 12.43
CA GLY G 50 -73.93 -58.06 13.08
C GLY G 50 -72.80 -58.66 13.89
N ILE G 51 -73.05 -59.78 14.55
CA ILE G 51 -72.04 -60.42 15.39
C ILE G 51 -71.00 -61.10 14.51
N VAL G 52 -69.72 -60.84 14.79
CA VAL G 52 -68.61 -61.39 14.01
C VAL G 52 -67.60 -61.95 14.99
N ALA G 53 -67.15 -63.19 14.75
CA ALA G 53 -66.17 -63.85 15.60
C ALA G 53 -64.81 -63.88 14.90
N SER G 54 -63.75 -63.68 15.67
CA SER G 54 -62.41 -63.59 15.12
C SER G 54 -61.88 -64.98 14.79
N ASP G 55 -60.67 -65.02 14.22
CA ASP G 55 -60.03 -66.29 13.94
C ASP G 55 -59.55 -66.93 15.24
N LYS G 56 -59.76 -68.24 15.35
CA LYS G 56 -59.58 -68.93 16.62
C LYS G 56 -58.10 -69.08 16.94
N ILE G 57 -57.71 -68.58 18.11
CA ILE G 57 -56.31 -68.60 18.54
C ILE G 57 -56.06 -69.93 19.24
N ASN G 58 -55.20 -70.76 18.65
CA ASN G 58 -54.73 -71.94 19.35
C ASN G 58 -53.80 -71.52 20.47
N LEU G 59 -54.20 -71.76 21.72
CA LEU G 59 -53.49 -71.24 22.87
C LEU G 59 -52.22 -72.00 23.19
N LYS G 60 -51.93 -73.09 22.49
CA LYS G 60 -50.62 -73.71 22.51
C LYS G 60 -49.65 -73.02 21.56
N HIS G 61 -50.13 -72.06 20.77
CA HIS G 61 -49.39 -71.46 19.67
C HIS G 61 -49.46 -69.95 19.73
N VAL G 62 -49.25 -69.37 20.91
CA VAL G 62 -49.25 -67.93 21.09
C VAL G 62 -47.82 -67.48 21.30
N LEU G 63 -47.30 -66.68 20.37
CA LEU G 63 -45.90 -66.25 20.47
C LEU G 63 -45.72 -65.12 21.47
N TYR G 64 -46.59 -64.12 21.42
CA TYR G 64 -46.60 -63.08 22.45
C TYR G 64 -47.99 -62.50 22.57
N ALA G 65 -48.29 -62.00 23.76
CA ALA G 65 -49.49 -61.22 24.01
C ALA G 65 -49.12 -60.08 24.94
N LYS G 66 -49.16 -58.85 24.43
CA LYS G 66 -48.72 -57.70 25.22
C LYS G 66 -49.55 -56.50 24.84
N ALA G 67 -49.72 -55.59 25.79
CA ALA G 67 -50.58 -54.43 25.63
C ALA G 67 -49.80 -53.14 25.82
N THR G 68 -50.31 -52.05 25.22
CA THR G 68 -49.62 -50.78 25.12
C THR G 68 -50.34 -49.72 25.93
N PRO G 69 -49.64 -48.94 26.78
CA PRO G 69 -50.35 -48.09 27.76
C PRO G 69 -50.97 -46.83 27.20
N SER G 70 -50.85 -46.56 25.89
CA SER G 70 -51.36 -45.40 25.15
C SER G 70 -50.66 -44.08 25.46
N GLU G 71 -49.77 -44.09 26.46
CA GLU G 71 -48.87 -42.96 26.65
C GLU G 71 -47.60 -43.12 25.83
N ALA G 72 -47.27 -44.35 25.43
CA ALA G 72 -46.08 -44.63 24.64
C ALA G 72 -46.30 -44.45 23.15
N LEU G 73 -47.53 -44.15 22.72
CA LEU G 73 -47.83 -43.92 21.31
C LEU G 73 -48.10 -42.46 21.02
N ALA G 74 -47.95 -41.58 22.00
CA ALA G 74 -48.13 -40.15 21.80
C ALA G 74 -46.79 -39.51 21.49
N HIS G 75 -46.76 -38.70 20.44
CA HIS G 75 -45.53 -38.04 20.03
C HIS G 75 -45.36 -36.72 20.75
N LYS G 76 -44.13 -36.45 21.18
CA LYS G 76 -43.82 -35.23 21.92
C LYS G 76 -43.31 -34.17 20.96
N LEU G 77 -43.88 -32.97 21.05
CA LEU G 77 -43.47 -31.86 20.19
C LEU G 77 -42.19 -31.24 20.76
N VAL G 78 -41.12 -31.26 19.95
CA VAL G 78 -39.80 -30.86 20.41
C VAL G 78 -39.75 -29.35 20.62
N ARG G 79 -39.17 -28.93 21.74
CA ARG G 79 -38.95 -27.53 22.07
C ARG G 79 -37.46 -27.24 22.04
N TYR G 80 -37.08 -26.10 21.47
CA TYR G 80 -35.70 -25.64 21.46
C TYR G 80 -35.63 -24.28 22.13
N SER G 81 -34.64 -24.08 23.00
CA SER G 81 -34.44 -22.81 23.67
C SER G 81 -33.29 -22.07 23.01
N VAL G 82 -33.55 -20.85 22.56
CA VAL G 82 -32.55 -20.00 21.92
C VAL G 82 -32.16 -18.91 22.90
N THR G 83 -30.87 -18.87 23.25
CA THR G 83 -30.35 -17.91 24.20
C THR G 83 -29.03 -17.35 23.69
N LEU G 84 -28.71 -16.12 24.09
CA LEU G 84 -27.37 -15.58 23.91
C LEU G 84 -26.48 -16.17 24.99
N ASP G 85 -25.42 -16.87 24.60
CA ASP G 85 -24.57 -17.50 25.58
C ASP G 85 -23.63 -16.48 26.22
N ALA G 86 -23.29 -16.72 27.49
CA ALA G 86 -22.41 -15.82 28.22
C ALA G 86 -20.98 -15.91 27.74
N ASP G 87 -20.60 -16.99 27.03
CA ASP G 87 -19.23 -17.16 26.60
C ASP G 87 -18.84 -16.18 25.50
N VAL G 88 -19.72 -15.96 24.53
CA VAL G 88 -19.46 -15.00 23.48
C VAL G 88 -19.77 -13.59 24.01
N SER G 89 -21.05 -13.35 24.30
CA SER G 89 -21.55 -12.12 24.90
C SER G 89 -22.96 -12.33 25.40
N ALA G 90 -23.24 -11.97 26.64
CA ALA G 90 -24.60 -12.07 27.18
C ALA G 90 -25.43 -10.85 26.87
N THR G 91 -24.88 -9.87 26.18
CA THR G 91 -25.55 -8.68 25.70
C THR G 91 -25.31 -8.55 24.20
N PRO G 92 -26.25 -8.00 23.44
CA PRO G 92 -26.07 -7.87 21.99
C PRO G 92 -24.98 -6.86 21.65
N VAL G 93 -24.04 -7.29 20.81
CA VAL G 93 -22.97 -6.41 20.35
C VAL G 93 -23.53 -5.37 19.39
N ALA G 94 -23.02 -4.13 19.50
CA ALA G 94 -23.71 -2.96 18.95
C ALA G 94 -23.71 -2.92 17.42
N GLY G 95 -22.74 -3.53 16.77
CA GLY G 95 -22.68 -3.41 15.33
C GLY G 95 -22.99 -4.66 14.54
N GLN G 96 -23.29 -5.76 15.24
CA GLN G 96 -23.38 -7.06 14.59
C GLN G 96 -24.81 -7.38 14.17
N ASN G 97 -24.94 -7.93 12.97
CA ASN G 97 -26.22 -8.45 12.49
C ASN G 97 -26.37 -9.89 12.96
N TYR G 98 -27.39 -10.14 13.77
CA TYR G 98 -27.63 -11.47 14.35
C TYR G 98 -28.65 -12.19 13.49
N ILE G 99 -28.24 -13.28 12.85
CA ILE G 99 -29.10 -14.06 11.97
C ILE G 99 -29.25 -15.46 12.56
N LEU G 100 -30.50 -15.90 12.70
CA LEU G 100 -30.82 -17.24 13.19
C LEU G 100 -31.49 -18.02 12.08
N ARG G 101 -30.85 -19.08 11.62
CA ARG G 101 -31.34 -19.91 10.53
C ARG G 101 -31.96 -21.18 11.07
N LEU G 102 -33.20 -21.45 10.67
CA LEU G 102 -33.90 -22.67 11.03
C LEU G 102 -33.75 -23.67 9.90
N ALA G 103 -33.12 -24.80 10.18
CA ALA G 103 -32.78 -25.78 9.14
C ALA G 103 -33.74 -26.95 9.25
N PHE G 104 -34.78 -26.95 8.42
CA PHE G 104 -35.76 -28.02 8.42
C PHE G 104 -35.29 -29.18 7.56
N ARG G 105 -35.88 -30.34 7.79
CA ARG G 105 -35.66 -31.52 6.98
C ARG G 105 -36.92 -32.36 7.05
N GLN G 106 -37.05 -33.28 6.09
CA GLN G 106 -38.31 -33.95 5.75
C GLN G 106 -39.43 -32.95 5.48
N TYR G 107 -39.06 -31.84 4.82
CA TYR G 107 -40.00 -30.92 4.20
C TYR G 107 -40.48 -31.60 2.92
N ILE G 108 -41.47 -31.03 2.24
CA ILE G 108 -42.64 -31.68 1.60
C ILE G 108 -42.46 -33.15 1.24
N GLY G 109 -41.30 -33.52 0.67
CA GLY G 109 -40.98 -34.90 0.40
C GLY G 109 -40.73 -35.73 1.65
N LEU G 110 -40.14 -36.90 1.43
CA LEU G 110 -40.09 -37.93 2.47
C LEU G 110 -38.68 -38.18 2.98
N SER G 111 -37.69 -37.43 2.51
CA SER G 111 -36.30 -37.69 2.81
C SER G 111 -35.67 -36.53 3.57
N GLU G 112 -34.53 -36.80 4.21
CA GLU G 112 -33.67 -35.78 4.77
C GLU G 112 -32.90 -34.99 3.71
N GLU G 113 -32.98 -35.38 2.45
CA GLU G 113 -32.41 -34.59 1.37
C GLU G 113 -33.32 -33.44 0.95
N ASP G 114 -34.53 -33.37 1.49
CA ASP G 114 -35.45 -32.27 1.26
C ASP G 114 -35.34 -31.32 2.44
N GLN G 115 -34.57 -30.24 2.26
CA GLN G 115 -34.25 -29.32 3.34
C GLN G 115 -34.87 -27.97 3.04
N TYR G 116 -35.34 -27.30 4.09
CA TYR G 116 -35.98 -26.00 3.97
C TYR G 116 -35.40 -25.08 5.02
N PHE G 117 -35.10 -23.85 4.64
CA PHE G 117 -34.46 -22.90 5.55
C PHE G 117 -35.28 -21.63 5.64
N LYS G 118 -35.71 -21.31 6.86
CA LYS G 118 -36.35 -20.04 7.17
C LYS G 118 -35.46 -19.27 8.14
N TYR G 119 -35.56 -17.94 8.11
CA TYR G 119 -34.58 -17.09 8.74
C TYR G 119 -35.22 -16.11 9.70
N GLY G 120 -34.38 -15.53 10.55
CA GLY G 120 -34.77 -14.41 11.38
C GLY G 120 -33.56 -13.54 11.68
N GLU G 121 -33.64 -12.26 11.36
CA GLU G 121 -32.48 -11.38 11.48
C GLU G 121 -32.80 -10.18 12.37
N VAL G 122 -31.84 -9.83 13.22
CA VAL G 122 -31.87 -8.62 14.04
C VAL G 122 -30.48 -8.01 13.99
N ILE G 123 -30.37 -6.75 13.57
CA ILE G 123 -29.16 -5.98 13.75
C ILE G 123 -29.30 -5.18 15.05
N ALA G 124 -28.33 -5.36 15.95
CA ALA G 124 -28.47 -4.79 17.27
C ALA G 124 -28.00 -3.34 17.27
N ARG G 125 -28.30 -2.64 18.35
CA ARG G 125 -27.98 -1.23 18.49
C ARG G 125 -27.09 -1.04 19.72
N SER G 126 -26.82 0.23 20.04
CA SER G 126 -25.92 0.53 21.15
C SER G 126 -26.59 0.25 22.49
N GLY G 127 -27.83 0.68 22.67
CA GLY G 127 -28.50 0.53 23.94
C GLY G 127 -29.50 -0.61 23.98
N MET G 128 -29.33 -1.61 23.11
CA MET G 128 -30.26 -2.73 23.08
C MET G 128 -29.99 -3.67 24.24
N THR G 129 -31.04 -3.97 25.01
CA THR G 129 -30.98 -4.91 26.10
C THR G 129 -31.01 -6.33 25.52
N ALA G 130 -30.48 -7.31 26.27
CA ALA G 130 -30.63 -8.71 25.88
C ALA G 130 -32.09 -9.15 25.90
N SER G 131 -32.92 -8.54 26.75
CA SER G 131 -34.35 -8.84 26.74
C SER G 131 -35.03 -8.27 25.51
N ASP G 132 -34.63 -7.07 25.07
CA ASP G 132 -35.21 -6.48 23.88
C ASP G 132 -34.73 -7.14 22.60
N PHE G 133 -33.62 -7.88 22.66
CA PHE G 133 -33.17 -8.64 21.51
C PHE G 133 -34.06 -9.87 21.28
N TYR G 134 -34.47 -10.53 22.37
CA TYR G 134 -35.31 -11.71 22.25
C TYR G 134 -36.73 -11.34 21.80
N LYS G 135 -37.17 -10.13 22.11
CA LYS G 135 -38.45 -9.66 21.60
C LYS G 135 -38.38 -9.41 20.09
N LYS G 136 -37.26 -8.88 19.62
CA LYS G 136 -37.12 -8.58 18.20
C LYS G 136 -36.77 -9.81 17.37
N MET G 137 -35.98 -10.73 17.93
CA MET G 137 -35.63 -11.94 17.20
C MET G 137 -36.85 -12.87 17.05
N ALA G 138 -37.70 -12.91 18.06
CA ALA G 138 -38.91 -13.73 17.97
C ALA G 138 -39.90 -13.15 16.98
N ILE G 139 -39.97 -11.84 16.87
CA ILE G 139 -40.88 -11.21 15.91
C ILE G 139 -40.34 -11.35 14.50
N SER G 140 -39.03 -11.19 14.33
CA SER G 140 -38.40 -11.38 13.02
C SER G 140 -38.49 -12.82 12.55
N LEU G 141 -38.56 -13.78 13.48
CA LEU G 141 -38.88 -15.15 13.10
C LEU G 141 -40.35 -15.29 12.77
N ALA G 142 -41.22 -14.57 13.49
CA ALA G 142 -42.65 -14.67 13.29
C ALA G 142 -43.14 -13.90 12.07
N LYS G 143 -42.26 -13.18 11.36
CA LYS G 143 -42.62 -12.61 10.07
C LYS G 143 -42.23 -13.54 8.93
N ASN G 144 -41.10 -14.22 9.05
CA ASN G 144 -40.68 -15.15 8.00
C ASN G 144 -41.41 -16.48 8.12
N LEU G 145 -41.53 -17.00 9.34
CA LEU G 145 -42.52 -18.01 9.65
C LEU G 145 -43.83 -17.28 9.94
N GLU G 146 -44.92 -18.04 10.17
CA GLU G 146 -46.27 -17.53 10.42
C GLU G 146 -46.79 -16.60 9.31
N ASN G 147 -46.24 -16.67 8.12
CA ASN G 147 -46.71 -15.88 6.99
C ASN G 147 -47.66 -16.64 6.10
N LYS G 148 -47.92 -17.90 6.43
CA LYS G 148 -48.72 -18.77 5.58
C LYS G 148 -50.19 -18.39 5.68
N THR G 149 -50.76 -17.94 4.55
CA THR G 149 -52.20 -17.75 4.50
C THR G 149 -52.93 -19.08 4.49
N GLU G 150 -52.28 -20.11 3.94
CA GLU G 150 -52.89 -21.44 3.83
C GLU G 150 -53.05 -22.12 5.18
N SER G 151 -51.96 -22.45 5.86
CA SER G 151 -52.02 -23.36 6.99
C SER G 151 -51.19 -22.84 8.16
N THR G 152 -51.15 -23.64 9.21
CA THR G 152 -50.35 -23.36 10.39
C THR G 152 -48.86 -23.42 10.04
N PRO G 153 -48.02 -22.61 10.71
CA PRO G 153 -46.59 -22.57 10.35
C PRO G 153 -45.87 -23.86 10.73
N LEU G 154 -44.64 -23.97 10.22
CA LEU G 154 -43.84 -25.17 10.48
C LEU G 154 -43.38 -25.26 11.92
N VAL G 155 -43.18 -24.11 12.58
CA VAL G 155 -42.85 -24.04 14.00
C VAL G 155 -43.68 -22.95 14.64
N ASN G 156 -43.81 -23.04 15.96
CA ASN G 156 -44.43 -22.00 16.77
C ASN G 156 -43.37 -21.35 17.64
N ILE G 157 -43.27 -20.02 17.56
CA ILE G 157 -42.27 -19.26 18.30
C ILE G 157 -42.93 -18.68 19.55
N TYR G 158 -42.32 -18.96 20.70
CA TYR G 158 -42.81 -18.49 21.99
C TYR G 158 -41.73 -17.69 22.70
N LEU G 159 -42.17 -16.89 23.67
CA LEU G 159 -41.28 -16.10 24.51
C LEU G 159 -41.61 -16.37 25.97
N ILE G 160 -40.59 -16.69 26.76
CA ILE G 160 -40.72 -16.79 28.21
C ILE G 160 -40.11 -15.56 28.86
N SER G 161 -40.87 -14.92 29.74
CA SER G 161 -40.35 -13.88 30.62
C SER G 161 -39.77 -14.51 31.87
N ALA G 162 -38.73 -13.89 32.41
CA ALA G 162 -38.04 -14.46 33.57
C ALA G 162 -38.89 -14.39 34.83
N ALA G 163 -39.81 -13.44 34.91
CA ALA G 163 -40.72 -13.39 36.05
C ALA G 163 -41.74 -14.51 36.00
N ALA G 164 -42.17 -14.92 34.81
CA ALA G 164 -43.13 -16.00 34.66
C ALA G 164 -42.44 -17.36 34.70
N ALA G 165 -41.50 -17.59 33.77
CA ALA G 165 -40.57 -18.73 33.68
C ALA G 165 -41.24 -20.06 33.38
N SER G 166 -42.57 -20.10 33.28
CA SER G 166 -43.27 -21.32 32.88
C SER G 166 -44.40 -21.06 31.90
N THR G 167 -44.85 -19.83 31.74
CA THR G 167 -45.92 -19.50 30.80
C THR G 167 -45.30 -18.79 29.61
N ASP G 168 -45.58 -19.28 28.41
CA ASP G 168 -44.94 -18.81 27.18
C ASP G 168 -45.83 -17.80 26.45
N VAL G 169 -45.27 -16.64 26.15
CA VAL G 169 -45.98 -15.64 25.35
C VAL G 169 -45.95 -16.07 23.89
N PRO G 170 -47.09 -16.15 23.21
CA PRO G 170 -47.08 -16.56 21.80
C PRO G 170 -46.77 -15.39 20.88
N VAL G 171 -45.88 -15.60 19.93
CA VAL G 171 -45.45 -14.57 19.00
C VAL G 171 -45.93 -14.97 17.61
N THR G 172 -46.86 -14.19 17.07
CA THR G 172 -47.50 -14.44 15.78
C THR G 172 -47.06 -13.33 14.82
N SER G 173 -47.41 -13.45 13.53
CA SER G 173 -47.19 -12.38 12.58
C SER G 173 -48.03 -11.14 12.88
N ALA G 174 -49.15 -11.31 13.59
CA ALA G 174 -49.92 -10.17 14.04
C ALA G 174 -49.24 -9.42 15.19
N THR G 175 -48.42 -10.13 15.98
CA THR G 175 -47.85 -9.56 17.19
C THR G 175 -46.79 -8.51 16.87
N LYS G 176 -46.98 -7.30 17.37
CA LYS G 176 -45.99 -6.24 17.29
C LYS G 176 -45.31 -6.06 18.64
N GLU G 177 -44.28 -5.21 18.65
CA GLU G 177 -43.47 -5.01 19.86
C GLU G 177 -44.23 -4.27 20.95
N SER G 178 -45.32 -3.58 20.61
CA SER G 178 -46.15 -2.94 21.63
C SER G 178 -46.91 -3.98 22.45
N ASP G 179 -47.21 -5.14 21.86
CA ASP G 179 -47.95 -6.16 22.59
C ASP G 179 -47.08 -6.87 23.62
N LEU G 180 -45.79 -7.04 23.34
CA LEU G 180 -44.85 -7.65 24.28
C LEU G 180 -44.32 -6.55 25.19
N THR G 181 -44.82 -6.50 26.42
CA THR G 181 -44.55 -5.40 27.33
C THR G 181 -43.55 -5.74 28.43
N ALA G 182 -43.09 -6.98 28.50
CA ALA G 182 -42.17 -7.37 29.57
C ALA G 182 -40.76 -6.86 29.27
N THR G 183 -39.97 -6.77 30.34
CA THR G 183 -38.60 -6.27 30.26
C THR G 183 -37.56 -7.32 30.63
N ASP G 184 -37.97 -8.58 30.76
CA ASP G 184 -37.06 -9.62 31.23
C ASP G 184 -37.23 -10.90 30.43
N TYR G 185 -37.42 -10.78 29.12
CA TYR G 185 -37.45 -11.95 28.26
C TYR G 185 -36.06 -12.58 28.18
N ASN G 186 -35.97 -13.86 28.49
CA ASN G 186 -34.67 -14.50 28.62
C ASN G 186 -34.41 -15.63 27.63
N GLN G 187 -35.41 -16.12 26.91
CA GLN G 187 -35.19 -17.17 25.93
C GLN G 187 -36.30 -17.15 24.89
N ILE G 188 -36.06 -17.86 23.79
CA ILE G 188 -37.02 -18.04 22.71
C ILE G 188 -37.28 -19.53 22.58
N ILE G 189 -38.56 -19.91 22.49
CA ILE G 189 -38.94 -21.30 22.32
C ILE G 189 -39.38 -21.51 20.89
N ILE G 190 -38.74 -22.45 20.20
CA ILE G 190 -39.10 -22.81 18.84
C ILE G 190 -39.62 -24.23 18.91
N GLU G 191 -40.95 -24.39 18.91
CA GLU G 191 -41.61 -25.65 19.13
C GLU G 191 -42.06 -26.28 17.81
N GLU G 192 -42.17 -27.61 17.80
CA GLU G 192 -42.71 -28.31 16.64
C GLU G 192 -44.21 -28.03 16.48
N THR G 193 -44.73 -28.38 15.31
CA THR G 193 -46.12 -28.17 14.98
C THR G 193 -46.71 -29.47 14.45
N GLU G 194 -47.94 -29.77 14.87
CA GLU G 194 -48.69 -30.89 14.30
C GLU G 194 -49.09 -30.57 12.87
N GLN G 195 -48.73 -31.46 11.94
CA GLN G 195 -49.05 -31.34 10.54
C GLN G 195 -50.50 -31.73 10.29
N PRO G 196 -51.08 -31.37 9.14
CA PRO G 196 -52.44 -31.84 8.83
C PRO G 196 -52.52 -33.35 8.66
N TRP G 197 -53.73 -33.87 8.85
CA TRP G 197 -53.97 -35.30 8.76
C TRP G 197 -55.36 -35.52 8.19
N VAL G 198 -55.47 -36.39 7.19
CA VAL G 198 -56.74 -36.85 6.69
C VAL G 198 -56.71 -38.37 6.73
N LEU G 199 -57.89 -38.97 6.91
CA LEU G 199 -57.98 -40.38 7.28
C LEU G 199 -57.61 -41.28 6.11
N GLY G 200 -56.59 -42.10 6.30
CA GLY G 200 -56.20 -43.10 5.32
C GLY G 200 -55.34 -42.61 4.19
N MET G 201 -55.30 -41.31 3.92
CA MET G 201 -54.59 -40.76 2.78
C MET G 201 -53.32 -40.01 3.16
N MET G 202 -53.39 -39.14 4.16
CA MET G 202 -52.21 -38.43 4.64
C MET G 202 -51.80 -38.99 5.99
N PRO G 203 -50.68 -39.70 6.10
CA PRO G 203 -50.25 -40.21 7.40
C PRO G 203 -49.75 -39.10 8.30
N GLN G 204 -49.65 -39.42 9.59
CA GLN G 204 -49.14 -38.46 10.55
C GLN G 204 -47.62 -38.34 10.40
N ALA G 205 -47.13 -37.13 10.16
CA ALA G 205 -45.72 -36.89 9.98
C ALA G 205 -45.34 -35.61 10.70
N PHE G 206 -44.03 -35.36 10.79
CA PHE G 206 -43.50 -34.20 11.47
C PHE G 206 -42.32 -33.67 10.67
N ILE G 207 -42.00 -32.40 10.89
CA ILE G 207 -40.86 -31.78 10.22
C ILE G 207 -39.81 -31.44 11.27
N PRO G 208 -38.77 -32.25 11.41
CA PRO G 208 -37.69 -31.91 12.35
C PRO G 208 -36.87 -30.73 11.85
N PHE G 209 -36.30 -29.99 12.80
CA PHE G 209 -35.53 -28.80 12.49
C PHE G 209 -34.37 -28.69 13.45
N THR G 210 -33.57 -27.64 13.27
CA THR G 210 -32.45 -27.30 14.14
C THR G 210 -32.20 -25.81 14.06
N PRO G 211 -32.34 -25.06 15.16
CA PRO G 211 -32.00 -23.63 15.14
C PRO G 211 -30.48 -23.46 15.03
N GLN G 212 -30.05 -22.82 13.95
CA GLN G 212 -28.64 -22.65 13.68
C GLN G 212 -28.32 -21.17 13.56
N PHE G 213 -27.14 -20.80 14.03
CA PHE G 213 -26.73 -19.41 14.15
C PHE G 213 -25.59 -19.12 13.20
N LEU G 214 -25.54 -17.87 12.74
CA LEU G 214 -24.45 -17.41 11.90
C LEU G 214 -23.45 -16.63 12.75
N THR G 215 -22.22 -16.54 12.23
CA THR G 215 -21.12 -16.03 13.01
C THR G 215 -21.18 -14.52 13.13
N ILE G 216 -21.05 -14.01 14.35
CA ILE G 216 -20.77 -12.62 14.59
C ILE G 216 -19.33 -12.52 15.11
N THR G 217 -18.75 -11.35 14.96
CA THR G 217 -17.37 -11.10 15.37
C THR G 217 -17.36 -10.15 16.57
N VAL G 218 -16.90 -10.64 17.72
CA VAL G 218 -16.95 -9.84 18.93
C VAL G 218 -15.54 -9.41 19.37
N ASP G 219 -14.73 -10.38 19.78
CA ASP G 219 -13.35 -10.11 20.17
C ASP G 219 -12.40 -10.42 19.02
N GLY G 220 -12.69 -9.86 17.85
CA GLY G 220 -11.91 -10.11 16.67
C GLY G 220 -12.11 -11.44 16.00
N GLU G 221 -12.78 -12.39 16.64
CA GLU G 221 -12.98 -13.73 16.10
C GLU G 221 -14.46 -13.93 15.82
N ASP G 222 -14.75 -14.66 14.74
CA ASP G 222 -16.12 -14.96 14.35
C ASP G 222 -16.66 -16.07 15.25
N ARG G 223 -17.60 -15.71 16.12
CA ARG G 223 -18.17 -16.62 17.09
C ARG G 223 -19.65 -16.83 16.81
N LEU G 224 -20.14 -18.04 17.05
CA LEU G 224 -21.57 -18.30 16.97
C LEU G 224 -22.28 -17.64 18.13
N TRP G 225 -23.29 -16.83 17.83
CA TRP G 225 -23.81 -15.90 18.82
C TRP G 225 -24.71 -16.54 19.86
N GLY G 226 -25.18 -17.77 19.66
CA GLY G 226 -26.17 -18.34 20.55
C GLY G 226 -25.95 -19.83 20.76
N VAL G 227 -26.86 -20.40 21.56
CA VAL G 227 -26.86 -21.83 21.89
C VAL G 227 -28.30 -22.32 21.79
N ALA G 228 -28.52 -23.38 21.00
CA ALA G 228 -29.82 -24.02 20.88
C ALA G 228 -29.83 -25.26 21.76
N THR G 229 -30.63 -25.24 22.82
CA THR G 229 -30.77 -26.37 23.74
C THR G 229 -32.19 -26.91 23.64
N VAL G 230 -32.30 -28.24 23.59
CA VAL G 230 -33.60 -28.90 23.49
C VAL G 230 -34.20 -29.02 24.89
N VAL G 231 -35.22 -28.20 25.14
CA VAL G 231 -36.00 -28.31 26.36
C VAL G 231 -36.85 -29.59 26.29
N THR G 232 -37.11 -30.19 27.46
CA THR G 232 -38.04 -31.31 27.55
C THR G 232 -39.42 -30.88 27.04
N PRO G 233 -40.10 -31.75 26.29
CA PRO G 233 -41.36 -31.34 25.65
C PRO G 233 -42.51 -31.23 26.63
N THR G 234 -43.33 -30.20 26.44
CA THR G 234 -44.51 -29.96 27.26
C THR G 234 -45.82 -30.17 26.51
N LYS G 235 -45.76 -30.48 25.22
CA LYS G 235 -46.96 -30.66 24.41
C LYS G 235 -46.89 -31.98 23.66
N THR G 236 -48.01 -32.69 23.61
CA THR G 236 -48.07 -34.02 23.03
C THR G 236 -49.09 -34.05 21.90
N VAL G 237 -48.92 -35.01 21.00
CA VAL G 237 -49.90 -35.33 19.97
C VAL G 237 -50.56 -36.64 20.37
N PRO G 238 -51.86 -36.66 20.65
CA PRO G 238 -52.49 -37.86 21.22
C PRO G 238 -52.59 -39.04 20.26
N ASP G 239 -53.06 -40.17 20.79
CA ASP G 239 -53.12 -41.45 20.10
C ASP G 239 -54.35 -41.60 19.20
N GLY G 240 -55.05 -40.51 18.89
CA GLY G 240 -56.27 -40.63 18.10
C GLY G 240 -56.01 -40.93 16.64
N HIS G 241 -55.13 -40.14 16.02
CA HIS G 241 -54.95 -40.21 14.57
C HIS G 241 -54.21 -41.46 14.12
N LEU G 242 -53.44 -42.07 15.00
CA LEU G 242 -52.70 -43.27 14.60
C LEU G 242 -53.58 -44.51 14.65
N ILE G 243 -54.49 -44.58 15.62
CA ILE G 243 -55.37 -45.74 15.73
C ILE G 243 -56.43 -45.72 14.63
N ALA G 244 -56.91 -44.52 14.28
CA ALA G 244 -57.87 -44.42 13.17
C ALA G 244 -57.22 -44.78 11.84
N ASP G 245 -55.95 -44.42 11.65
CA ASP G 245 -55.21 -44.94 10.50
C ASP G 245 -54.89 -46.42 10.65
N LEU G 246 -54.83 -46.93 11.87
CA LEU G 246 -54.56 -48.35 12.06
C LEU G 246 -55.79 -49.19 11.77
N GLU G 247 -56.97 -48.71 12.17
CA GLU G 247 -58.20 -49.42 11.86
C GLU G 247 -58.50 -49.38 10.37
N TYR G 248 -58.14 -48.27 9.71
CA TYR G 248 -58.38 -48.11 8.27
C TYR G 248 -57.63 -49.17 7.46
N PHE G 249 -56.37 -49.44 7.82
CA PHE G 249 -55.60 -50.42 7.08
C PHE G 249 -56.04 -51.84 7.42
N CYS G 250 -56.31 -52.11 8.70
CA CYS G 250 -56.57 -53.46 9.17
C CYS G 250 -58.04 -53.85 9.08
N MET G 251 -58.88 -53.01 8.49
CA MET G 251 -60.24 -53.41 8.12
C MET G 251 -60.33 -53.74 6.64
N GLY G 252 -59.18 -53.95 5.99
CA GLY G 252 -59.14 -54.42 4.63
C GLY G 252 -58.59 -55.82 4.59
N ALA G 253 -58.19 -56.31 5.76
CA ALA G 253 -57.87 -57.72 5.94
C ALA G 253 -59.10 -58.52 6.34
N ARG G 254 -60.21 -57.86 6.54
CA ARG G 254 -61.50 -58.44 6.86
C ARG G 254 -62.59 -57.98 5.91
N GLY G 255 -62.58 -56.72 5.50
CA GLY G 255 -63.62 -56.20 4.63
C GLY G 255 -63.13 -55.81 3.25
N ASP G 256 -63.57 -54.64 2.78
CA ASP G 256 -63.29 -54.20 1.43
C ASP G 256 -61.89 -53.61 1.34
N ILE G 257 -61.20 -53.91 0.23
CA ILE G 257 -59.89 -53.32 -0.03
C ILE G 257 -59.98 -52.15 -1.01
N TYR G 258 -61.11 -51.97 -1.68
CA TYR G 258 -61.32 -50.83 -2.58
C TYR G 258 -62.00 -49.73 -1.78
N ARG G 259 -61.21 -48.94 -1.07
CA ARG G 259 -61.76 -47.94 -0.15
C ARG G 259 -61.95 -46.61 -0.87
N GLY G 260 -62.90 -46.61 -1.80
CA GLY G 260 -63.19 -45.40 -2.54
C GLY G 260 -62.36 -45.23 -3.79
N MET G 261 -62.40 -46.20 -4.70
CA MET G 261 -61.65 -46.13 -5.94
C MET G 261 -62.51 -45.81 -7.15
N GLY G 262 -63.58 -46.57 -7.38
CA GLY G 262 -64.59 -46.10 -8.32
C GLY G 262 -65.70 -45.47 -7.53
N TYR G 263 -65.65 -44.14 -7.36
CA TYR G 263 -66.20 -43.44 -6.20
C TYR G 263 -67.70 -43.59 -5.95
N PRO G 264 -68.61 -43.51 -6.94
CA PRO G 264 -70.01 -43.82 -6.61
C PRO G 264 -70.25 -45.29 -6.36
N ASN G 265 -69.46 -46.17 -6.98
CA ASN G 265 -69.65 -47.61 -6.89
C ASN G 265 -68.68 -48.20 -5.88
N ILE G 266 -68.97 -47.98 -4.59
CA ILE G 266 -68.07 -48.39 -3.53
C ILE G 266 -68.85 -49.13 -2.44
N ILE G 267 -68.10 -49.84 -1.60
CA ILE G 267 -68.61 -50.42 -0.36
C ILE G 267 -68.10 -49.55 0.78
N LYS G 268 -69.01 -49.04 1.60
CA LYS G 268 -68.62 -48.17 2.70
C LYS G 268 -68.33 -49.03 3.94
N THR G 269 -67.17 -48.80 4.54
CA THR G 269 -66.76 -49.51 5.74
C THR G 269 -66.96 -48.57 6.93
N THR G 270 -67.88 -48.94 7.81
CA THR G 270 -68.12 -48.16 9.03
C THR G 270 -67.00 -48.43 10.02
N TYR G 271 -66.28 -47.38 10.40
CA TYR G 271 -65.21 -47.49 11.38
C TYR G 271 -65.72 -47.08 12.75
N LEU G 272 -65.20 -47.75 13.78
CA LEU G 272 -65.63 -47.50 15.15
C LEU G 272 -64.69 -46.59 15.92
N VAL G 273 -63.47 -46.39 15.44
CA VAL G 273 -62.52 -45.50 16.09
C VAL G 273 -62.88 -44.06 15.76
N ASP G 274 -63.08 -43.25 16.79
CA ASP G 274 -63.06 -41.84 16.42
C ASP G 274 -61.65 -41.28 16.59
N PRO G 275 -61.19 -40.41 15.70
CA PRO G 275 -59.80 -39.92 15.79
C PRO G 275 -59.57 -38.87 16.86
N GLY G 276 -60.57 -38.52 17.66
CA GLY G 276 -60.39 -37.56 18.73
C GLY G 276 -60.47 -38.18 20.11
N ALA G 277 -60.02 -39.42 20.24
CA ALA G 277 -59.96 -40.10 21.52
C ALA G 277 -58.72 -40.97 21.56
N VAL G 278 -58.17 -41.15 22.75
CA VAL G 278 -56.95 -41.92 22.95
C VAL G 278 -57.31 -43.39 23.12
N TYR G 279 -56.38 -44.28 22.75
CA TYR G 279 -56.68 -45.70 22.69
C TYR G 279 -55.53 -46.54 23.22
N ASP G 280 -55.83 -47.43 24.17
CA ASP G 280 -54.91 -48.50 24.53
C ASP G 280 -55.00 -49.63 23.52
N VAL G 281 -53.87 -50.27 23.25
CA VAL G 281 -53.76 -51.30 22.23
C VAL G 281 -53.35 -52.60 22.92
N LEU G 282 -53.80 -53.73 22.36
CA LEU G 282 -53.46 -55.05 22.87
C LEU G 282 -53.22 -55.97 21.69
N ASP G 283 -51.98 -56.40 21.51
CA ASP G 283 -51.58 -57.26 20.40
C ASP G 283 -51.42 -58.70 20.87
N ILE G 284 -52.02 -59.63 20.15
CA ILE G 284 -51.89 -61.06 20.40
C ILE G 284 -51.39 -61.71 19.12
N HIS G 285 -50.21 -62.33 19.18
CA HIS G 285 -49.54 -62.86 18.00
C HIS G 285 -49.48 -64.37 18.08
N TYR G 286 -50.20 -65.03 17.19
CA TYR G 286 -50.34 -66.48 17.18
C TYR G 286 -50.03 -67.03 15.80
N PHE G 287 -50.07 -68.36 15.68
CA PHE G 287 -49.78 -68.99 14.40
C PHE G 287 -50.63 -70.26 14.26
N TYR G 288 -50.47 -70.90 13.11
CA TYR G 288 -51.20 -72.12 12.76
C TYR G 288 -50.21 -73.13 12.18
N THR G 289 -50.28 -74.37 12.65
CA THR G 289 -49.47 -75.46 12.12
C THR G 289 -50.35 -76.65 11.77
N GLY G 290 -50.11 -77.25 10.61
CA GLY G 290 -50.86 -78.40 10.15
C GLY G 290 -50.11 -79.70 10.37
N SER G 291 -50.76 -80.79 9.98
CA SER G 291 -50.27 -82.11 10.34
C SER G 291 -49.53 -82.80 9.18
N ASN G 292 -48.48 -83.54 9.57
CA ASN G 292 -47.82 -84.64 8.87
C ASN G 292 -46.97 -84.26 7.66
N GLU G 293 -47.23 -83.13 7.03
CA GLU G 293 -46.25 -82.55 6.12
C GLU G 293 -46.23 -81.03 6.21
N SER G 294 -47.39 -80.43 6.53
CA SER G 294 -47.54 -78.98 6.56
C SER G 294 -47.16 -78.47 7.94
N VAL G 295 -45.87 -78.53 8.23
CA VAL G 295 -45.35 -78.07 9.51
C VAL G 295 -44.97 -76.60 9.48
N GLN G 296 -45.25 -75.91 8.37
CA GLN G 296 -44.98 -74.50 8.26
C GLN G 296 -46.00 -73.69 9.06
N LYS G 297 -45.55 -72.57 9.62
CA LYS G 297 -46.38 -71.75 10.48
C LYS G 297 -47.01 -70.63 9.67
N SER G 298 -48.26 -70.32 9.97
CA SER G 298 -48.96 -69.20 9.36
C SER G 298 -49.19 -68.20 10.49
N GLU G 299 -48.21 -67.33 10.71
CA GLU G 299 -48.28 -66.40 11.83
C GLU G 299 -49.34 -65.34 11.57
N LYS G 300 -50.04 -64.96 12.63
CA LYS G 300 -51.16 -64.04 12.57
C LYS G 300 -51.04 -63.08 13.75
N THR G 301 -51.83 -62.02 13.71
CA THR G 301 -51.95 -61.16 14.88
C THR G 301 -53.35 -60.56 14.95
N ILE G 302 -53.83 -60.37 16.17
CA ILE G 302 -55.15 -59.81 16.44
C ILE G 302 -54.94 -58.61 17.34
N THR G 303 -55.43 -57.45 16.89
CA THR G 303 -55.26 -56.19 17.58
C THR G 303 -56.59 -55.78 18.20
N LEU G 304 -56.54 -55.34 19.46
CA LEU G 304 -57.72 -54.87 20.17
C LEU G 304 -57.45 -53.46 20.69
N VAL G 305 -58.34 -52.53 20.38
CA VAL G 305 -58.19 -51.15 20.79
C VAL G 305 -59.33 -50.78 21.74
N ALA G 306 -59.00 -50.09 22.81
CA ALA G 306 -59.96 -49.70 23.83
C ALA G 306 -59.69 -48.27 24.24
N VAL G 307 -60.75 -47.51 24.47
CA VAL G 307 -60.62 -46.09 24.76
C VAL G 307 -60.03 -45.89 26.16
N ASP G 308 -59.26 -44.82 26.32
CA ASP G 308 -58.52 -44.54 27.54
C ASP G 308 -59.22 -43.44 28.32
N ASP G 309 -59.42 -43.67 29.62
CA ASP G 309 -59.89 -42.65 30.53
C ASP G 309 -58.77 -42.07 31.37
N GLY G 310 -57.52 -42.38 31.06
CA GLY G 310 -56.36 -41.97 31.84
C GLY G 310 -55.90 -43.00 32.85
N SER G 311 -56.85 -43.65 33.53
CA SER G 311 -56.55 -44.68 34.53
C SER G 311 -56.58 -46.09 33.95
N HIS G 312 -56.74 -46.20 32.61
CA HIS G 312 -56.65 -47.46 31.87
C HIS G 312 -57.69 -48.49 32.30
N THR G 313 -58.92 -48.05 32.56
CA THR G 313 -59.89 -48.99 33.13
C THR G 313 -60.54 -49.87 32.07
N ALA G 314 -60.57 -49.42 30.81
CA ALA G 314 -61.23 -50.21 29.77
C ALA G 314 -60.34 -51.34 29.28
N MET G 315 -59.04 -51.08 29.14
CA MET G 315 -58.12 -52.12 28.69
C MET G 315 -57.84 -53.13 29.80
N ASN G 316 -57.75 -52.66 31.05
CA ASN G 316 -57.48 -53.57 32.16
C ASN G 316 -58.66 -54.47 32.46
N ALA G 317 -59.89 -54.02 32.15
CA ALA G 317 -61.03 -54.91 32.22
C ALA G 317 -61.02 -55.91 31.08
N LEU G 318 -60.53 -55.49 29.91
CA LEU G 318 -60.47 -56.38 28.76
C LEU G 318 -59.35 -57.41 28.90
N ILE G 319 -58.23 -57.01 29.51
CA ILE G 319 -57.14 -57.95 29.76
C ILE G 319 -57.55 -58.96 30.81
N GLY G 320 -58.18 -58.50 31.90
CA GLY G 320 -58.61 -59.40 32.96
C GLY G 320 -59.72 -60.35 32.57
N ALA G 321 -60.52 -60.00 31.56
CA ALA G 321 -61.51 -60.94 31.05
C ALA G 321 -60.87 -61.98 30.15
N ILE G 322 -59.78 -61.62 29.46
CA ILE G 322 -59.05 -62.57 28.64
C ILE G 322 -58.31 -63.57 29.51
N ASN G 323 -57.63 -63.08 30.56
CA ASN G 323 -56.81 -63.93 31.42
C ASN G 323 -57.66 -64.94 32.19
N THR G 324 -58.92 -64.60 32.46
CA THR G 324 -59.83 -65.56 33.07
C THR G 324 -60.23 -66.64 32.07
N ALA G 325 -60.61 -66.25 30.85
CA ALA G 325 -61.11 -67.20 29.88
C ALA G 325 -59.98 -67.95 29.18
N SER G 326 -58.90 -67.28 28.82
CA SER G 326 -57.85 -67.89 28.03
C SER G 326 -56.79 -68.59 28.88
N GLY G 327 -56.53 -68.10 30.08
CA GLY G 327 -55.49 -68.67 30.91
C GLY G 327 -54.11 -68.07 30.70
N LEU G 328 -53.94 -67.23 29.69
CA LEU G 328 -52.71 -66.47 29.55
C LEU G 328 -52.62 -65.42 30.65
N THR G 329 -51.40 -64.94 30.89
CA THR G 329 -51.16 -63.88 31.87
C THR G 329 -50.59 -62.68 31.13
N ILE G 330 -51.48 -61.85 30.59
CA ILE G 330 -51.07 -60.59 30.00
C ILE G 330 -50.90 -59.57 31.11
N ALA G 331 -49.83 -58.79 31.05
CA ALA G 331 -49.51 -57.85 32.11
C ALA G 331 -50.43 -56.64 32.03
N THR G 332 -51.16 -56.38 33.10
CA THR G 332 -52.05 -55.23 33.15
C THR G 332 -51.23 -53.95 33.29
N LEU G 333 -51.54 -52.98 32.43
CA LEU G 333 -50.85 -51.69 32.45
C LEU G 333 -51.59 -50.66 33.28
N MET H 1 11.36 -63.66 21.00
CA MET H 1 12.43 -62.82 20.48
C MET H 1 13.69 -63.64 20.23
N VAL H 2 14.67 -62.99 19.61
CA VAL H 2 15.95 -63.60 19.29
C VAL H 2 17.02 -62.78 19.99
N ILE H 3 17.82 -63.44 20.83
CA ILE H 3 18.86 -62.77 21.59
C ILE H 3 20.21 -63.14 21.01
N SER H 4 21.23 -62.36 21.38
CA SER H 4 22.59 -62.71 21.03
C SER H 4 23.16 -63.67 22.07
N ILE H 5 24.15 -64.46 21.65
CA ILE H 5 24.75 -65.48 22.48
C ILE H 5 26.26 -65.34 22.42
N ASN H 6 26.93 -65.64 23.53
CA ASN H 6 28.37 -65.86 23.51
C ASN H 6 28.63 -67.35 23.28
N GLN H 7 28.31 -67.76 22.05
CA GLN H 7 28.52 -69.05 21.38
C GLN H 7 27.55 -70.14 21.83
N VAL H 8 26.89 -69.96 22.98
CA VAL H 8 25.72 -70.75 23.37
C VAL H 8 25.06 -70.03 24.53
N ARG H 9 23.77 -70.30 24.76
CA ARG H 9 23.11 -69.95 26.00
C ARG H 9 21.98 -70.94 26.23
N GLN H 10 22.03 -71.66 27.34
CA GLN H 10 21.01 -72.65 27.68
C GLN H 10 20.35 -72.28 29.00
N LEU H 11 19.05 -72.50 29.09
CA LEU H 11 18.25 -72.04 30.22
C LEU H 11 17.55 -73.22 30.88
N TYR H 12 17.55 -73.21 32.20
CA TYR H 12 16.84 -74.19 33.01
C TYR H 12 15.96 -73.45 34.00
N VAL H 13 14.73 -73.94 34.19
CA VAL H 13 13.76 -73.32 35.07
C VAL H 13 13.84 -73.99 36.43
N ALA H 14 13.98 -73.17 37.47
CA ALA H 14 14.08 -73.67 38.85
C ALA H 14 12.74 -73.44 39.55
N LYS H 15 11.81 -74.37 39.32
CA LYS H 15 10.52 -74.27 40.00
C LYS H 15 10.61 -74.73 41.45
N ALA H 16 11.54 -75.62 41.78
CA ALA H 16 11.72 -76.10 43.14
C ALA H 16 13.14 -76.63 43.29
N LEU H 17 13.53 -76.86 44.55
CA LEU H 17 14.85 -77.35 44.91
C LEU H 17 14.69 -78.65 45.67
N LYS H 18 15.36 -79.71 45.21
CA LYS H 18 15.15 -81.05 45.76
C LYS H 18 16.38 -81.68 46.39
N ALA H 19 17.58 -81.17 46.13
CA ALA H 19 18.85 -81.45 46.80
C ALA H 19 19.43 -82.84 46.55
N ASN H 20 18.70 -83.71 45.85
CA ASN H 20 19.24 -84.99 45.41
C ASN H 20 18.45 -85.48 44.20
N THR H 21 19.02 -86.46 43.50
CA THR H 21 18.47 -86.91 42.23
C THR H 21 17.16 -87.68 42.42
N ALA H 22 17.02 -88.39 43.53
CA ALA H 22 15.88 -89.28 43.72
C ALA H 22 14.60 -88.54 44.09
N ALA H 23 14.65 -87.25 44.38
CA ALA H 23 13.46 -86.50 44.71
C ALA H 23 12.87 -85.75 43.52
N LEU H 24 13.43 -85.93 42.33
CA LEU H 24 12.92 -85.29 41.12
C LEU H 24 11.63 -85.97 40.69
N THR H 25 10.49 -85.41 41.08
CA THR H 25 9.20 -85.99 40.78
C THR H 25 8.36 -85.14 39.84
N THR H 26 8.10 -83.88 40.18
CA THR H 26 7.38 -82.98 39.29
C THR H 26 8.35 -82.26 38.38
N ALA H 27 7.82 -81.71 37.29
CA ALA H 27 8.64 -81.00 36.33
C ALA H 27 9.07 -79.65 36.87
N GLY H 28 10.12 -79.10 36.28
CA GLY H 28 10.64 -77.83 36.70
C GLY H 28 11.57 -77.87 37.89
N ASP H 29 11.77 -79.05 38.49
CA ASP H 29 12.69 -79.18 39.61
C ASP H 29 14.13 -78.99 39.16
N ILE H 30 15.00 -78.68 40.11
CA ILE H 30 16.42 -78.48 39.83
C ILE H 30 17.21 -79.05 41.01
N VAL H 31 18.37 -79.62 40.70
CA VAL H 31 19.32 -80.06 41.71
C VAL H 31 20.71 -79.61 41.29
N PRO H 32 21.32 -78.67 41.99
CA PRO H 32 22.74 -78.37 41.73
C PRO H 32 23.62 -79.51 42.19
N LYS H 33 24.19 -80.26 41.25
CA LYS H 33 24.99 -81.44 41.55
C LYS H 33 26.46 -81.11 41.38
N ALA H 34 27.28 -81.60 42.31
CA ALA H 34 28.72 -81.49 42.23
C ALA H 34 29.34 -82.62 43.02
N ASP H 35 30.63 -82.84 42.81
CA ASP H 35 31.38 -83.84 43.56
C ASP H 35 32.10 -83.17 44.74
N THR H 36 32.71 -84.01 45.57
CA THR H 36 33.37 -83.52 46.78
C THR H 36 34.61 -82.71 46.46
N ALA H 37 35.47 -83.24 45.59
CA ALA H 37 36.55 -82.47 45.01
C ALA H 37 35.93 -81.57 43.96
N LYS H 38 35.79 -80.28 44.29
CA LYS H 38 34.92 -79.36 43.53
C LYS H 38 35.56 -79.03 42.19
N THR H 39 35.39 -79.93 41.24
CA THR H 39 35.90 -79.77 39.88
C THR H 39 34.82 -79.76 38.83
N THR H 40 33.59 -80.15 39.17
CA THR H 40 32.53 -80.32 38.18
C THR H 40 31.20 -79.92 38.80
N LEU H 41 30.49 -79.00 38.16
CA LEU H 41 29.17 -78.59 38.58
C LEU H 41 28.20 -78.77 37.41
N TYR H 42 27.01 -79.29 37.72
CA TYR H 42 25.96 -79.46 36.72
C TYR H 42 24.63 -79.48 37.45
N PHE H 43 23.56 -79.31 36.68
CA PHE H 43 22.22 -79.17 37.23
C PHE H 43 21.33 -80.28 36.66
N GLN H 44 20.95 -81.22 37.50
CA GLN H 44 19.97 -82.21 37.10
C GLN H 44 18.57 -81.63 37.26
N SER H 45 17.86 -81.51 36.14
CA SER H 45 16.53 -80.91 36.11
C SER H 45 15.52 -81.93 35.62
N MET H 46 14.30 -81.84 36.15
CA MET H 46 13.22 -82.69 35.69
C MET H 46 12.48 -81.96 34.57
N SER H 47 12.66 -82.42 33.34
CA SER H 47 11.94 -81.90 32.20
C SER H 47 10.52 -82.44 32.24
N PRO H 48 9.61 -81.93 31.38
CA PRO H 48 8.28 -82.55 31.28
C PRO H 48 8.26 -84.00 30.78
N ALA H 49 9.38 -84.55 30.30
CA ALA H 49 9.41 -85.93 29.85
C ALA H 49 10.68 -86.64 30.31
N GLY H 50 11.09 -86.41 31.54
CA GLY H 50 12.18 -87.17 32.13
C GLY H 50 13.26 -86.28 32.72
N ILE H 51 14.15 -86.93 33.47
CA ILE H 51 15.28 -86.23 34.09
C ILE H 51 16.29 -85.84 33.03
N VAL H 52 16.73 -84.58 33.07
CA VAL H 52 17.73 -84.08 32.14
C VAL H 52 18.81 -83.38 32.95
N ALA H 53 19.99 -83.25 32.38
CA ALA H 53 21.12 -82.61 33.02
C ALA H 53 21.65 -81.50 32.13
N SER H 54 22.62 -80.74 32.65
CA SER H 54 23.24 -79.67 31.90
C SER H 54 24.66 -80.07 31.50
N ASP H 55 25.35 -79.16 30.82
CA ASP H 55 26.75 -79.36 30.53
C ASP H 55 27.56 -79.23 31.82
N LYS H 56 28.59 -80.04 31.92
CA LYS H 56 29.33 -80.19 33.18
C LYS H 56 30.34 -79.04 33.28
N ILE H 57 30.01 -78.07 34.13
CA ILE H 57 30.84 -76.87 34.27
C ILE H 57 32.14 -77.22 34.97
N ASN H 58 33.26 -76.88 34.36
CA ASN H 58 34.55 -76.94 35.03
C ASN H 58 34.66 -75.73 35.93
N LEU H 59 34.84 -75.96 37.23
CA LEU H 59 34.76 -74.86 38.19
C LEU H 59 36.02 -74.02 38.24
N LYS H 60 37.12 -74.48 37.64
CA LYS H 60 38.25 -73.60 37.38
C LYS H 60 38.01 -72.69 36.19
N HIS H 61 37.02 -73.02 35.35
CA HIS H 61 36.82 -72.34 34.07
C HIS H 61 35.59 -71.45 34.06
N VAL H 62 35.11 -71.00 35.21
CA VAL H 62 34.03 -70.03 35.21
C VAL H 62 34.61 -68.63 35.03
N LEU H 63 33.85 -67.75 34.40
CA LEU H 63 34.26 -66.38 34.18
C LEU H 63 33.51 -65.38 35.04
N TYR H 64 32.20 -65.52 35.17
CA TYR H 64 31.45 -64.82 36.20
C TYR H 64 30.21 -65.63 36.53
N ALA H 65 29.63 -65.36 37.69
CA ALA H 65 28.37 -65.96 38.10
C ALA H 65 27.66 -64.92 38.97
N LYS H 66 26.82 -64.11 38.35
CA LYS H 66 26.12 -63.05 39.07
C LYS H 66 24.64 -63.13 38.75
N ALA H 67 23.82 -63.08 39.79
CA ALA H 67 22.38 -63.23 39.64
C ALA H 67 21.70 -61.88 39.80
N THR H 68 20.75 -61.61 38.91
CA THR H 68 20.07 -60.33 38.88
C THR H 68 18.62 -60.46 39.38
N PRO H 69 18.10 -59.46 40.08
CA PRO H 69 16.71 -59.53 40.57
C PRO H 69 15.67 -59.32 39.48
N SER H 70 14.40 -59.28 39.88
CA SER H 70 13.31 -58.97 38.97
C SER H 70 12.99 -57.48 38.93
N GLU H 71 13.56 -56.69 39.84
CA GLU H 71 13.37 -55.25 39.82
C GLU H 71 14.36 -54.55 38.91
N ALA H 72 15.39 -55.25 38.44
CA ALA H 72 16.39 -54.70 37.55
C ALA H 72 16.11 -55.03 36.09
N LEU H 73 15.07 -55.82 35.81
CA LEU H 73 14.70 -56.18 34.45
C LEU H 73 13.32 -55.67 34.08
N ALA H 74 12.81 -54.68 34.82
CA ALA H 74 11.50 -54.09 34.56
C ALA H 74 11.68 -52.75 33.87
N HIS H 75 11.05 -52.59 32.70
CA HIS H 75 11.14 -51.35 31.95
C HIS H 75 10.24 -50.30 32.59
N LYS H 76 10.81 -49.16 32.93
CA LYS H 76 10.05 -48.08 33.56
C LYS H 76 9.39 -47.22 32.50
N LEU H 77 8.08 -47.03 32.62
CA LEU H 77 7.33 -46.26 31.64
C LEU H 77 7.58 -44.77 31.84
N VAL H 78 8.06 -44.11 30.79
CA VAL H 78 8.55 -42.73 30.88
C VAL H 78 7.37 -41.77 30.93
N ARG H 79 7.43 -40.81 31.85
CA ARG H 79 6.40 -39.80 32.03
C ARG H 79 6.89 -38.45 31.50
N TYR H 80 5.95 -37.60 31.11
CA TYR H 80 6.24 -36.24 30.70
C TYR H 80 5.17 -35.32 31.27
N SER H 81 5.58 -34.36 32.10
CA SER H 81 4.64 -33.40 32.68
C SER H 81 4.55 -32.20 31.75
N VAL H 82 3.39 -32.00 31.14
CA VAL H 82 3.15 -30.92 30.19
C VAL H 82 2.41 -29.82 30.93
N THR H 83 3.03 -28.64 31.03
CA THR H 83 2.46 -27.49 31.73
C THR H 83 2.49 -26.26 30.82
N LEU H 84 1.96 -25.16 31.36
CA LEU H 84 1.98 -23.85 30.71
C LEU H 84 3.25 -23.11 31.10
N ASP H 85 3.92 -22.53 30.11
CA ASP H 85 5.08 -21.69 30.38
C ASP H 85 4.63 -20.37 30.99
N ALA H 86 5.01 -20.13 32.24
CA ALA H 86 4.62 -18.89 32.90
C ALA H 86 5.39 -17.69 32.40
N ASP H 87 6.54 -17.91 31.76
CA ASP H 87 7.27 -16.81 31.14
C ASP H 87 6.55 -16.33 29.89
N VAL H 88 5.93 -17.25 29.15
CA VAL H 88 5.16 -16.89 27.97
C VAL H 88 3.86 -16.20 28.39
N SER H 89 3.02 -16.91 29.15
CA SER H 89 1.80 -16.38 29.76
C SER H 89 1.32 -17.37 30.81
N ALA H 90 0.97 -16.88 32.00
CA ALA H 90 0.53 -17.78 33.08
C ALA H 90 -0.85 -18.34 32.78
N THR H 91 -1.74 -17.54 32.23
CA THR H 91 -3.05 -17.93 31.75
C THR H 91 -3.03 -18.03 30.23
N PRO H 92 -3.94 -18.80 29.64
CA PRO H 92 -3.98 -18.88 28.16
C PRO H 92 -4.44 -17.58 27.51
N VAL H 93 -3.75 -17.22 26.42
CA VAL H 93 -4.11 -16.05 25.64
C VAL H 93 -5.42 -16.31 24.92
N ALA H 94 -6.34 -15.33 24.99
CA ALA H 94 -7.75 -15.54 24.68
C ALA H 94 -8.06 -15.74 23.20
N GLY H 95 -7.07 -15.71 22.32
CA GLY H 95 -7.37 -15.91 20.91
C GLY H 95 -6.73 -17.12 20.24
N GLN H 96 -5.60 -17.57 20.75
CA GLN H 96 -4.71 -18.42 19.98
C GLN H 96 -5.16 -19.87 19.96
N ASN H 97 -4.62 -20.61 19.00
CA ASN H 97 -4.79 -22.05 18.88
C ASN H 97 -3.61 -22.73 19.56
N TYR H 98 -3.88 -23.52 20.59
CA TYR H 98 -2.86 -24.15 21.41
C TYR H 98 -2.76 -25.60 20.98
N ILE H 99 -1.66 -25.95 20.30
CA ILE H 99 -1.49 -27.26 19.69
C ILE H 99 -0.28 -27.94 20.30
N LEU H 100 -0.42 -29.23 20.63
CA LEU H 100 0.65 -30.04 21.20
C LEU H 100 0.87 -31.25 20.31
N ARG H 101 2.11 -31.46 19.89
CA ARG H 101 2.50 -32.57 19.04
C ARG H 101 3.20 -33.64 19.87
N LEU H 102 2.87 -34.90 19.62
CA LEU H 102 3.60 -36.02 20.21
C LEU H 102 4.37 -36.72 19.11
N ALA H 103 5.70 -36.68 19.20
CA ALA H 103 6.58 -37.19 18.15
C ALA H 103 7.04 -38.59 18.52
N PHE H 104 6.30 -39.59 18.04
CA PHE H 104 6.66 -40.98 18.26
C PHE H 104 7.78 -41.39 17.31
N ARG H 105 8.60 -42.33 17.73
CA ARG H 105 9.83 -42.64 17.01
C ARG H 105 10.04 -44.09 16.64
N GLN H 106 9.40 -45.03 17.30
CA GLN H 106 9.50 -46.44 16.96
C GLN H 106 8.09 -46.96 16.72
N TYR H 107 7.34 -46.22 15.93
CA TYR H 107 6.08 -46.68 15.34
C TYR H 107 6.48 -47.72 14.30
N ILE H 108 5.52 -48.47 13.77
CA ILE H 108 5.49 -49.93 13.61
C ILE H 108 6.83 -50.67 13.40
N GLY H 109 7.88 -50.01 12.95
CA GLY H 109 9.12 -50.72 12.69
C GLY H 109 10.23 -50.23 13.59
N LEU H 110 11.39 -50.87 13.45
CA LEU H 110 12.46 -50.76 14.45
C LEU H 110 13.16 -49.42 14.49
N SER H 111 13.22 -48.71 13.36
CA SER H 111 14.14 -47.60 13.22
C SER H 111 13.62 -46.36 13.93
N GLU H 112 14.46 -45.34 13.96
CA GLU H 112 14.09 -44.01 14.42
C GLU H 112 13.58 -43.15 13.28
N GLU H 113 13.41 -43.75 12.10
CA GLU H 113 12.88 -43.10 10.92
C GLU H 113 11.44 -43.51 10.65
N ASP H 114 10.91 -44.47 11.42
CA ASP H 114 9.50 -44.86 11.34
C ASP H 114 8.78 -44.07 12.43
N GLN H 115 8.33 -42.88 12.08
CA GLN H 115 7.78 -41.94 13.04
C GLN H 115 6.28 -41.82 12.88
N TYR H 116 5.66 -41.19 13.88
CA TYR H 116 4.22 -41.03 13.94
C TYR H 116 3.93 -39.81 14.79
N PHE H 117 2.96 -39.01 14.37
CA PHE H 117 2.70 -37.72 15.01
C PHE H 117 1.23 -37.62 15.33
N LYS H 118 0.91 -37.46 16.61
CA LYS H 118 -0.45 -37.28 17.09
C LYS H 118 -0.56 -35.94 17.80
N TYR H 119 -1.77 -35.39 17.82
CA TYR H 119 -1.96 -34.01 18.20
C TYR H 119 -3.14 -33.86 19.15
N GLY H 120 -3.07 -32.83 19.98
CA GLY H 120 -4.23 -32.33 20.68
C GLY H 120 -4.27 -30.83 20.55
N GLU H 121 -5.48 -30.28 20.58
CA GLU H 121 -5.63 -28.84 20.34
C GLU H 121 -6.72 -28.27 21.23
N VAL H 122 -6.49 -27.03 21.68
CA VAL H 122 -7.47 -26.26 22.44
C VAL H 122 -7.48 -24.84 21.90
N ILE H 123 -8.66 -24.37 21.50
CA ILE H 123 -8.85 -22.96 21.19
C ILE H 123 -9.13 -22.22 22.50
N ALA H 124 -8.17 -21.41 22.93
CA ALA H 124 -8.31 -20.72 24.20
C ALA H 124 -9.23 -19.52 24.06
N ARG H 125 -10.02 -19.28 25.10
CA ARG H 125 -11.02 -18.23 25.10
C ARG H 125 -10.81 -17.33 26.31
N SER H 126 -11.57 -16.23 26.34
CA SER H 126 -11.44 -15.28 27.43
C SER H 126 -12.06 -15.84 28.71
N GLY H 127 -11.40 -15.59 29.83
CA GLY H 127 -11.85 -16.09 31.11
C GLY H 127 -11.49 -17.53 31.39
N MET H 128 -10.84 -18.23 30.45
CA MET H 128 -10.44 -19.61 30.66
C MET H 128 -9.22 -19.62 31.57
N THR H 129 -9.34 -20.27 32.72
CA THR H 129 -8.24 -20.39 33.65
C THR H 129 -7.22 -21.43 33.17
N ALA H 130 -6.14 -21.57 33.91
CA ALA H 130 -5.14 -22.58 33.58
C ALA H 130 -5.62 -23.98 33.90
N SER H 131 -6.54 -24.13 34.86
CA SER H 131 -7.09 -25.44 35.17
C SER H 131 -8.10 -25.89 34.13
N ASP H 132 -8.92 -24.97 33.63
CA ASP H 132 -9.87 -25.30 32.58
C ASP H 132 -9.20 -25.57 31.24
N PHE H 133 -7.96 -25.10 31.07
CA PHE H 133 -7.19 -25.47 29.90
C PHE H 133 -6.79 -26.93 29.94
N TYR H 134 -6.24 -27.38 31.08
CA TYR H 134 -5.78 -28.76 31.21
C TYR H 134 -6.94 -29.73 31.24
N LYS H 135 -8.12 -29.29 31.68
CA LYS H 135 -9.32 -30.09 31.54
C LYS H 135 -9.72 -30.25 30.09
N LYS H 136 -9.43 -29.25 29.26
CA LYS H 136 -9.81 -29.28 27.86
C LYS H 136 -8.75 -29.88 26.95
N MET H 137 -7.49 -29.90 27.36
CA MET H 137 -6.46 -30.49 26.52
C MET H 137 -6.13 -31.93 26.88
N ALA H 138 -6.47 -32.36 28.09
CA ALA H 138 -6.41 -33.79 28.36
C ALA H 138 -7.59 -34.52 27.73
N ILE H 139 -8.70 -33.81 27.48
CA ILE H 139 -9.79 -34.39 26.72
C ILE H 139 -9.43 -34.48 25.24
N SER H 140 -8.71 -33.48 24.73
CA SER H 140 -8.35 -33.48 23.31
C SER H 140 -7.26 -34.50 23.00
N LEU H 141 -6.32 -34.70 23.93
CA LEU H 141 -5.29 -35.70 23.71
C LEU H 141 -5.84 -37.11 23.83
N ALA H 142 -6.84 -37.31 24.70
CA ALA H 142 -7.37 -38.65 24.92
C ALA H 142 -8.21 -39.14 23.75
N LYS H 143 -8.91 -38.21 23.08
CA LYS H 143 -9.68 -38.59 21.90
C LYS H 143 -8.79 -38.95 20.72
N ASN H 144 -7.54 -38.49 20.73
CA ASN H 144 -6.58 -38.86 19.70
C ASN H 144 -5.71 -40.04 20.10
N LEU H 145 -5.28 -40.11 21.36
CA LEU H 145 -4.28 -41.09 21.77
C LEU H 145 -4.85 -42.28 22.54
N GLU H 146 -5.96 -42.12 23.23
CA GLU H 146 -6.61 -43.24 23.92
C GLU H 146 -7.97 -43.53 23.30
N ASN H 147 -8.05 -43.44 21.98
CA ASN H 147 -9.28 -43.77 21.29
C ASN H 147 -9.42 -45.29 21.19
N LYS H 148 -10.61 -45.72 20.80
CA LYS H 148 -10.90 -47.14 20.74
C LYS H 148 -10.55 -47.73 19.37
N THR H 149 -10.24 -46.88 18.39
CA THR H 149 -10.03 -47.32 17.02
C THR H 149 -8.56 -47.55 16.67
N GLU H 150 -7.63 -47.00 17.45
CA GLU H 150 -6.21 -47.06 17.13
C GLU H 150 -5.68 -48.49 17.20
N SER H 151 -4.76 -48.83 16.30
CA SER H 151 -4.26 -50.20 16.22
C SER H 151 -3.41 -50.59 17.42
N THR H 152 -2.74 -49.62 18.03
CA THR H 152 -1.83 -49.91 19.13
C THR H 152 -2.07 -48.90 20.25
N PRO H 153 -1.82 -49.28 21.50
CA PRO H 153 -1.82 -48.29 22.57
C PRO H 153 -0.59 -47.40 22.46
N LEU H 154 -0.82 -46.09 22.50
CA LEU H 154 0.27 -45.15 22.25
C LEU H 154 0.80 -44.53 23.53
N VAL H 155 -0.04 -43.84 24.28
CA VAL H 155 0.32 -43.28 25.59
C VAL H 155 -0.89 -43.39 26.50
N ASN H 156 -0.62 -43.39 27.79
CA ASN H 156 -1.64 -43.17 28.81
C ASN H 156 -1.46 -41.76 29.34
N ILE H 157 -2.54 -40.97 29.32
CA ILE H 157 -2.48 -39.60 29.77
C ILE H 157 -3.30 -39.44 31.04
N TYR H 158 -2.83 -38.58 31.93
CA TYR H 158 -3.46 -38.38 33.22
C TYR H 158 -3.47 -36.89 33.54
N LEU H 159 -4.34 -36.51 34.46
CA LEU H 159 -4.40 -35.18 35.01
C LEU H 159 -4.01 -35.26 36.48
N ILE H 160 -3.21 -34.30 36.94
CA ILE H 160 -2.88 -34.19 38.35
C ILE H 160 -3.39 -32.85 38.88
N SER H 161 -4.16 -32.90 39.97
CA SER H 161 -4.69 -31.73 40.63
C SER H 161 -3.63 -31.10 41.54
N ALA H 162 -3.93 -29.91 42.05
CA ALA H 162 -3.00 -29.26 42.97
C ALA H 162 -3.25 -29.64 44.42
N ALA H 163 -4.44 -30.17 44.74
CA ALA H 163 -4.68 -30.66 46.09
C ALA H 163 -4.05 -32.02 46.30
N ALA H 164 -4.26 -32.94 45.36
CA ALA H 164 -3.73 -34.30 45.51
C ALA H 164 -2.24 -34.36 45.20
N ALA H 165 -1.84 -33.82 44.05
CA ALA H 165 -0.47 -33.58 43.57
C ALA H 165 0.32 -34.86 43.27
N SER H 166 -0.20 -36.04 43.59
CA SER H 166 0.50 -37.28 43.25
C SER H 166 -0.43 -38.25 42.52
N THR H 167 -1.70 -38.27 42.91
CA THR H 167 -2.64 -39.24 42.37
C THR H 167 -3.08 -38.84 40.97
N ASP H 168 -3.06 -39.81 40.06
CA ASP H 168 -3.48 -39.62 38.68
C ASP H 168 -4.97 -39.88 38.57
N VAL H 169 -5.69 -38.97 37.90
CA VAL H 169 -7.05 -39.26 37.44
C VAL H 169 -6.97 -39.58 35.95
N PRO H 170 -7.30 -40.80 35.53
CA PRO H 170 -7.16 -41.15 34.10
C PRO H 170 -8.26 -40.51 33.27
N VAL H 171 -7.86 -39.93 32.15
CA VAL H 171 -8.79 -39.35 31.18
C VAL H 171 -8.71 -40.17 29.90
N THR H 172 -9.86 -40.65 29.45
CA THR H 172 -9.99 -41.55 28.31
C THR H 172 -10.79 -40.81 27.23
N SER H 173 -10.93 -41.42 26.05
CA SER H 173 -11.72 -40.82 24.98
C SER H 173 -13.22 -40.83 25.26
N ALA H 174 -13.66 -41.58 26.26
CA ALA H 174 -15.05 -41.57 26.71
C ALA H 174 -15.27 -40.64 27.91
N THR H 175 -14.21 -40.05 28.45
CA THR H 175 -14.33 -39.15 29.58
C THR H 175 -14.90 -37.81 29.12
N LYS H 176 -15.89 -37.31 29.85
CA LYS H 176 -16.54 -36.05 29.53
C LYS H 176 -16.00 -34.92 30.39
N GLU H 177 -16.45 -33.70 30.07
CA GLU H 177 -16.12 -32.53 30.87
C GLU H 177 -16.71 -32.61 32.28
N SER H 178 -17.87 -33.26 32.41
CA SER H 178 -18.53 -33.35 33.70
C SER H 178 -17.91 -34.40 34.61
N ASP H 179 -17.06 -35.28 34.09
CA ASP H 179 -16.37 -36.21 34.97
C ASP H 179 -15.18 -35.55 35.66
N LEU H 180 -14.42 -34.74 34.93
CA LEU H 180 -13.26 -34.05 35.48
C LEU H 180 -13.74 -32.74 36.09
N THR H 181 -14.01 -32.76 37.39
CA THR H 181 -14.50 -31.59 38.12
C THR H 181 -13.47 -31.23 39.20
N ALA H 182 -12.50 -30.41 38.80
CA ALA H 182 -11.55 -29.83 39.73
C ALA H 182 -11.05 -28.52 39.15
N THR H 183 -10.87 -27.52 40.00
CA THR H 183 -10.48 -26.20 39.57
C THR H 183 -8.99 -25.96 39.83
N ASP H 184 -8.24 -27.01 40.16
CA ASP H 184 -6.85 -26.88 40.54
C ASP H 184 -5.98 -27.86 39.78
N TYR H 185 -6.24 -28.04 38.49
CA TYR H 185 -5.35 -28.83 37.65
C TYR H 185 -4.13 -28.00 37.29
N ASN H 186 -2.93 -28.57 37.46
CA ASN H 186 -1.72 -27.82 37.23
C ASN H 186 -0.75 -28.46 36.25
N GLN H 187 -1.04 -29.65 35.73
CA GLN H 187 -0.16 -30.29 34.76
C GLN H 187 -0.94 -31.33 33.98
N ILE H 188 -0.30 -31.84 32.92
CA ILE H 188 -0.79 -32.97 32.14
C ILE H 188 0.37 -33.96 32.00
N ILE H 189 0.13 -35.20 32.40
CA ILE H 189 1.16 -36.23 32.42
C ILE H 189 0.88 -37.20 31.28
N ILE H 190 1.87 -37.38 30.40
CA ILE H 190 1.79 -38.28 29.27
C ILE H 190 2.78 -39.40 29.52
N GLU H 191 2.27 -40.61 29.75
CA GLU H 191 3.09 -41.75 30.14
C GLU H 191 3.08 -42.79 29.04
N GLU H 192 4.24 -43.43 28.82
CA GLU H 192 4.33 -44.58 27.93
C GLU H 192 3.44 -45.73 28.41
N THR H 193 3.15 -46.63 27.48
CA THR H 193 2.32 -47.78 27.78
C THR H 193 2.97 -49.04 27.22
N GLU H 194 2.47 -50.19 27.67
CA GLU H 194 3.03 -51.47 27.27
C GLU H 194 2.36 -51.94 25.99
N GLN H 195 3.18 -52.31 25.01
CA GLN H 195 2.72 -52.82 23.74
C GLN H 195 2.32 -54.28 23.88
N PRO H 196 1.53 -54.82 22.95
CA PRO H 196 1.16 -56.25 23.01
C PRO H 196 2.35 -57.17 22.82
N TRP H 197 2.20 -58.40 23.29
CA TRP H 197 3.29 -59.37 23.32
C TRP H 197 2.73 -60.74 22.99
N VAL H 198 3.27 -61.37 21.95
CA VAL H 198 2.96 -62.75 21.58
C VAL H 198 4.21 -63.58 21.82
N LEU H 199 4.05 -64.75 22.43
CA LEU H 199 5.17 -65.54 22.92
C LEU H 199 6.03 -66.04 21.76
N GLY H 200 7.26 -65.53 21.68
CA GLY H 200 8.22 -65.95 20.69
C GLY H 200 8.07 -65.36 19.32
N MET H 201 6.96 -64.71 19.02
CA MET H 201 6.72 -64.12 17.72
C MET H 201 6.73 -62.59 17.75
N MET H 202 6.11 -61.98 18.74
CA MET H 202 6.16 -60.53 18.92
C MET H 202 6.85 -60.20 20.23
N PRO H 203 8.06 -59.64 20.21
CA PRO H 203 8.79 -59.39 21.47
C PRO H 203 8.23 -58.23 22.26
N GLN H 204 8.85 -57.96 23.41
CA GLN H 204 8.50 -56.80 24.23
C GLN H 204 9.29 -55.61 23.73
N ALA H 205 8.61 -54.66 23.09
CA ALA H 205 9.24 -53.49 22.51
C ALA H 205 8.33 -52.29 22.73
N PHE H 206 8.93 -51.12 22.83
CA PHE H 206 8.22 -49.92 23.27
C PHE H 206 8.33 -48.81 22.23
N ILE H 207 7.31 -47.95 22.21
CA ILE H 207 7.26 -46.79 21.33
C ILE H 207 7.62 -45.56 22.15
N PRO H 208 8.79 -44.97 21.98
CA PRO H 208 9.13 -43.74 22.69
C PRO H 208 8.55 -42.52 21.98
N PHE H 209 8.44 -41.42 22.74
CA PHE H 209 7.82 -40.22 22.21
C PHE H 209 8.47 -38.99 22.81
N THR H 210 8.01 -37.82 22.36
CA THR H 210 8.44 -36.51 22.83
C THR H 210 7.31 -35.52 22.62
N PRO H 211 6.70 -35.01 23.69
CA PRO H 211 5.69 -33.96 23.52
C PRO H 211 6.33 -32.66 23.05
N GLN H 212 5.87 -32.19 21.90
CA GLN H 212 6.39 -30.98 21.31
C GLN H 212 5.27 -29.96 21.14
N PHE H 213 5.64 -28.69 21.21
CA PHE H 213 4.69 -27.59 21.29
C PHE H 213 4.79 -26.76 20.02
N LEU H 214 3.67 -26.15 19.65
CA LEU H 214 3.66 -25.20 18.55
C LEU H 214 3.65 -23.78 19.09
N THR H 215 3.83 -22.82 18.20
CA THR H 215 4.08 -21.44 18.58
C THR H 215 2.80 -20.62 18.57
N ILE H 216 2.55 -19.90 19.65
CA ILE H 216 1.42 -19.00 19.77
C ILE H 216 1.90 -17.56 19.71
N THR H 217 1.08 -16.69 19.15
CA THR H 217 1.37 -15.27 19.06
C THR H 217 0.90 -14.58 20.33
N VAL H 218 1.85 -14.12 21.14
CA VAL H 218 1.50 -13.55 22.44
C VAL H 218 1.41 -12.03 22.33
N ASP H 219 2.52 -11.38 22.00
CA ASP H 219 2.53 -9.93 21.84
C ASP H 219 2.74 -9.52 20.40
N GLY H 220 3.86 -9.91 19.81
CA GLY H 220 4.01 -9.81 18.37
C GLY H 220 4.84 -10.95 17.83
N GLU H 221 5.35 -11.78 18.72
CA GLU H 221 6.29 -12.84 18.36
C GLU H 221 5.64 -14.20 18.59
N ASP H 222 6.05 -15.16 17.78
CA ASP H 222 5.56 -16.54 17.93
C ASP H 222 6.43 -17.24 18.95
N ARG H 223 5.99 -17.22 20.21
CA ARG H 223 6.66 -17.94 21.28
C ARG H 223 6.12 -19.36 21.35
N LEU H 224 7.03 -20.32 21.57
CA LEU H 224 6.61 -21.67 21.88
C LEU H 224 5.79 -21.68 23.16
N TRP H 225 4.75 -22.50 23.17
CA TRP H 225 3.74 -22.37 24.19
C TRP H 225 4.18 -22.96 25.54
N GLY H 226 4.71 -24.18 25.56
CA GLY H 226 4.83 -24.90 26.81
C GLY H 226 6.21 -25.48 27.05
N VAL H 227 6.31 -26.20 28.16
CA VAL H 227 7.53 -26.90 28.57
C VAL H 227 7.16 -28.29 29.06
N ALA H 228 7.94 -29.28 28.66
CA ALA H 228 7.71 -30.67 29.05
C ALA H 228 8.97 -31.22 29.70
N THR H 229 8.83 -31.71 30.93
CA THR H 229 9.94 -32.25 31.70
C THR H 229 9.69 -33.72 31.99
N VAL H 230 10.74 -34.53 31.92
CA VAL H 230 10.65 -35.95 32.25
C VAL H 230 10.46 -36.09 33.76
N VAL H 231 9.31 -36.61 34.15
CA VAL H 231 9.02 -36.95 35.54
C VAL H 231 9.55 -38.35 35.81
N THR H 232 9.99 -38.59 37.05
CA THR H 232 10.43 -39.93 37.46
C THR H 232 9.29 -40.93 37.31
N PRO H 233 9.59 -42.14 36.83
CA PRO H 233 8.51 -43.08 36.49
C PRO H 233 7.89 -43.71 37.73
N THR H 234 6.60 -44.02 37.61
CA THR H 234 5.85 -44.69 38.66
C THR H 234 5.32 -46.05 38.27
N LYS H 235 5.33 -46.41 37.00
CA LYS H 235 4.80 -47.68 36.52
C LYS H 235 5.87 -48.43 35.76
N THR H 236 6.00 -49.73 36.04
CA THR H 236 6.99 -50.57 35.39
C THR H 236 6.30 -51.75 34.72
N VAL H 237 6.85 -52.17 33.59
CA VAL H 237 6.41 -53.39 32.91
C VAL H 237 7.12 -54.56 33.57
N PRO H 238 6.38 -55.55 34.10
CA PRO H 238 7.04 -56.64 34.84
C PRO H 238 7.90 -57.56 33.99
N ASP H 239 8.53 -58.53 34.66
CA ASP H 239 9.61 -59.30 34.07
C ASP H 239 9.14 -60.52 33.27
N GLY H 240 7.85 -60.85 33.32
CA GLY H 240 7.41 -62.16 32.83
C GLY H 240 7.54 -62.34 31.33
N HIS H 241 7.28 -61.30 30.55
CA HIS H 241 7.32 -61.42 29.11
C HIS H 241 8.74 -61.46 28.57
N LEU H 242 9.72 -60.95 29.32
CA LEU H 242 11.10 -61.04 28.88
C LEU H 242 11.67 -62.42 29.11
N ILE H 243 11.28 -63.07 30.21
CA ILE H 243 11.86 -64.37 30.55
C ILE H 243 11.15 -65.49 29.80
N ALA H 244 9.85 -65.35 29.57
CA ALA H 244 9.12 -66.34 28.78
C ALA H 244 9.60 -66.35 27.34
N ASP H 245 10.02 -65.21 26.81
CA ASP H 245 10.69 -65.14 25.52
C ASP H 245 12.17 -65.48 25.60
N LEU H 246 12.71 -65.64 26.81
CA LEU H 246 14.09 -66.05 27.01
C LEU H 246 14.21 -67.54 27.24
N GLU H 247 13.22 -68.17 27.87
CA GLU H 247 13.16 -69.63 27.86
C GLU H 247 12.94 -70.15 26.45
N TYR H 248 12.00 -69.54 25.73
CA TYR H 248 11.56 -70.01 24.42
C TYR H 248 12.69 -70.01 23.41
N PHE H 249 13.60 -69.04 23.52
CA PHE H 249 14.75 -69.03 22.63
C PHE H 249 15.80 -70.04 23.07
N CYS H 250 16.16 -70.04 24.34
CA CYS H 250 17.21 -70.91 24.86
C CYS H 250 16.76 -72.36 25.03
N MET H 251 15.50 -72.65 24.78
CA MET H 251 15.05 -74.04 24.74
C MET H 251 15.39 -74.68 23.40
N GLY H 252 15.54 -73.86 22.36
CA GLY H 252 15.90 -74.36 21.04
C GLY H 252 17.32 -74.87 20.97
N ALA H 253 18.19 -74.38 21.86
CA ALA H 253 19.55 -74.89 22.00
C ALA H 253 19.55 -76.39 22.28
N ARG H 254 18.82 -76.82 23.31
CA ARG H 254 18.66 -78.23 23.62
C ARG H 254 17.29 -78.72 23.14
N GLY H 255 17.18 -78.87 21.82
CA GLY H 255 15.88 -79.27 21.30
C GLY H 255 15.77 -78.98 19.82
N ASP H 256 14.55 -78.69 19.39
CA ASP H 256 14.24 -78.50 17.99
C ASP H 256 14.35 -77.02 17.64
N ILE H 257 15.07 -76.72 16.57
CA ILE H 257 15.34 -75.33 16.21
C ILE H 257 14.13 -74.69 15.55
N TYR H 258 13.32 -75.46 14.84
CA TYR H 258 12.08 -74.98 14.25
C TYR H 258 10.99 -75.22 15.29
N ARG H 259 10.30 -74.16 15.67
CA ARG H 259 9.37 -74.28 16.79
C ARG H 259 8.02 -74.74 16.32
N GLY H 260 7.56 -74.22 15.18
CA GLY H 260 6.28 -74.63 14.64
C GLY H 260 6.27 -74.68 13.12
N MET H 261 7.46 -74.70 12.50
CA MET H 261 7.58 -74.49 11.07
C MET H 261 7.10 -75.73 10.31
N GLY H 262 5.95 -75.61 9.68
CA GLY H 262 5.31 -76.73 9.01
C GLY H 262 4.45 -77.41 10.04
N TYR H 263 3.13 -77.22 10.00
CA TYR H 263 2.28 -77.65 11.10
C TYR H 263 1.22 -78.64 10.62
N PRO H 264 1.62 -79.80 10.19
CA PRO H 264 1.10 -81.00 10.85
C PRO H 264 2.19 -81.63 11.70
N ASN H 265 3.44 -81.21 11.49
CA ASN H 265 4.61 -81.98 11.89
C ASN H 265 5.54 -81.12 12.74
N ILE H 266 5.24 -81.03 14.04
CA ILE H 266 6.07 -80.29 14.98
C ILE H 266 6.28 -81.13 16.23
N ILE H 267 7.30 -80.78 17.00
CA ILE H 267 7.57 -81.44 18.28
C ILE H 267 7.27 -80.43 19.36
N LYS H 268 6.13 -80.59 20.04
CA LYS H 268 5.63 -79.60 20.98
C LYS H 268 6.45 -79.61 22.26
N THR H 269 7.43 -78.72 22.33
CA THR H 269 8.16 -78.51 23.57
C THR H 269 7.28 -77.76 24.57
N THR H 270 7.15 -78.33 25.76
CA THR H 270 6.34 -77.74 26.82
C THR H 270 7.22 -76.83 27.68
N TYR H 271 6.79 -75.59 27.85
CA TYR H 271 7.57 -74.58 28.56
C TYR H 271 7.07 -74.42 30.00
N LEU H 272 8.00 -74.09 30.90
CA LEU H 272 7.72 -74.07 32.32
C LEU H 272 7.63 -72.68 32.92
N VAL H 273 7.94 -71.63 32.17
CA VAL H 273 7.90 -70.26 32.68
C VAL H 273 6.49 -69.71 32.50
N ASP H 274 5.92 -69.22 33.58
CA ASP H 274 4.65 -68.49 33.52
C ASP H 274 4.92 -67.07 33.05
N PRO H 275 4.26 -66.61 31.97
CA PRO H 275 4.46 -65.22 31.53
C PRO H 275 3.83 -64.19 32.47
N GLY H 276 3.03 -64.59 33.44
CA GLY H 276 2.41 -63.64 34.34
C GLY H 276 3.03 -63.63 35.73
N ALA H 277 4.29 -64.00 35.84
CA ALA H 277 5.01 -63.97 37.10
C ALA H 277 6.37 -63.32 36.90
N VAL H 278 6.92 -62.76 37.98
CA VAL H 278 8.23 -62.13 37.95
C VAL H 278 9.27 -63.15 38.37
N TYR H 279 10.46 -63.07 37.76
CA TYR H 279 11.47 -64.10 37.91
C TYR H 279 12.84 -63.48 38.17
N ASP H 280 13.66 -64.22 38.92
CA ASP H 280 15.07 -63.88 39.11
C ASP H 280 15.92 -64.71 38.14
N VAL H 281 17.04 -64.14 37.71
CA VAL H 281 17.87 -64.75 36.67
C VAL H 281 19.29 -64.86 37.18
N LEU H 282 19.84 -66.07 37.16
CA LEU H 282 21.22 -66.34 37.54
C LEU H 282 21.97 -66.87 36.31
N ASP H 283 23.10 -66.24 35.99
CA ASP H 283 23.89 -66.57 34.80
C ASP H 283 25.27 -67.03 35.22
N ILE H 284 25.56 -68.31 35.02
CA ILE H 284 26.92 -68.84 35.18
C ILE H 284 27.56 -68.88 33.80
N HIS H 285 28.60 -68.07 33.61
CA HIS H 285 29.27 -67.95 32.31
C HIS H 285 30.64 -68.57 32.41
N TYR H 286 30.86 -69.65 31.66
CA TYR H 286 32.07 -70.47 31.76
C TYR H 286 32.63 -70.75 30.38
N PHE H 287 33.63 -71.64 30.28
CA PHE H 287 34.19 -72.00 28.98
C PHE H 287 34.79 -73.39 29.05
N TYR H 288 35.45 -73.79 27.98
CA TYR H 288 36.12 -75.08 27.85
C TYR H 288 37.50 -74.88 27.24
N THR H 289 38.51 -75.43 27.90
CA THR H 289 39.87 -75.44 27.38
C THR H 289 40.50 -76.78 27.71
N GLY H 290 41.19 -77.37 26.74
CA GLY H 290 41.83 -78.66 26.92
C GLY H 290 43.31 -78.53 27.25
N SER H 291 43.87 -79.61 27.79
CA SER H 291 45.30 -79.65 28.11
C SER H 291 46.06 -80.15 26.89
N ASN H 292 46.32 -79.22 25.97
CA ASN H 292 46.96 -79.47 24.68
C ASN H 292 47.38 -78.13 24.10
N GLU H 293 47.85 -78.14 22.85
CA GLU H 293 48.14 -76.89 22.16
C GLU H 293 46.87 -76.13 21.77
N SER H 294 45.71 -76.78 21.80
CA SER H 294 44.43 -76.12 21.57
C SER H 294 43.97 -75.43 22.85
N VAL H 295 44.57 -74.26 23.10
CA VAL H 295 44.36 -73.54 24.36
C VAL H 295 43.31 -72.44 24.18
N GLN H 296 42.64 -72.38 23.03
CA GLN H 296 41.60 -71.38 22.91
C GLN H 296 40.35 -71.83 23.65
N LYS H 297 39.50 -70.86 23.99
CA LYS H 297 38.36 -71.10 24.84
C LYS H 297 37.08 -71.04 24.03
N SER H 298 36.09 -71.79 24.49
CA SER H 298 34.76 -71.86 23.88
C SER H 298 33.79 -71.40 24.95
N GLU H 299 33.40 -70.13 24.90
CA GLU H 299 32.59 -69.55 25.97
C GLU H 299 31.18 -70.10 25.95
N LYS H 300 30.64 -70.32 27.15
CA LYS H 300 29.33 -70.93 27.35
C LYS H 300 28.65 -70.22 28.51
N THR H 301 27.32 -70.26 28.53
CA THR H 301 26.59 -69.76 29.68
C THR H 301 25.37 -70.62 29.94
N ILE H 302 25.04 -70.76 31.23
CA ILE H 302 23.88 -71.49 31.69
C ILE H 302 23.04 -70.55 32.54
N THR H 303 21.78 -70.38 32.17
CA THR H 303 20.85 -69.50 32.87
C THR H 303 19.92 -70.34 33.74
N LEU H 304 19.76 -69.94 34.99
CA LEU H 304 18.78 -70.55 35.89
C LEU H 304 17.79 -69.49 36.32
N VAL H 305 16.51 -69.81 36.20
CA VAL H 305 15.43 -68.86 36.39
C VAL H 305 14.51 -69.37 37.49
N ALA H 306 14.32 -68.57 38.53
CA ALA H 306 13.46 -68.92 39.65
C ALA H 306 12.48 -67.79 39.90
N VAL H 307 11.33 -68.14 40.49
CA VAL H 307 10.28 -67.16 40.73
C VAL H 307 10.71 -66.20 41.84
N ASP H 308 10.32 -64.94 41.71
CA ASP H 308 10.57 -63.90 42.70
C ASP H 308 9.27 -63.57 43.40
N ASP H 309 9.25 -63.73 44.73
CA ASP H 309 8.08 -63.38 45.52
C ASP H 309 8.19 -62.02 46.17
N GLY H 310 9.24 -61.25 45.86
CA GLY H 310 9.46 -59.93 46.43
C GLY H 310 10.62 -59.90 47.40
N SER H 311 10.88 -60.99 48.10
CA SER H 311 12.03 -61.08 49.00
C SER H 311 13.08 -62.04 48.47
N HIS H 312 12.91 -62.53 47.24
CA HIS H 312 13.83 -63.44 46.54
C HIS H 312 14.07 -64.72 47.34
N THR H 313 12.97 -65.41 47.67
CA THR H 313 13.09 -66.61 48.51
C THR H 313 13.61 -67.80 47.71
N ALA H 314 13.10 -67.98 46.48
CA ALA H 314 13.41 -69.18 45.71
C ALA H 314 14.81 -69.11 45.11
N MET H 315 15.26 -67.90 44.74
CA MET H 315 16.55 -67.77 44.09
C MET H 315 17.70 -67.80 45.09
N ASN H 316 17.51 -67.21 46.28
CA ASN H 316 18.56 -67.21 47.28
C ASN H 316 18.78 -68.61 47.86
N ALA H 317 17.72 -69.43 47.93
CA ALA H 317 17.90 -70.82 48.30
C ALA H 317 18.56 -71.60 47.17
N LEU H 318 18.33 -71.20 45.92
CA LEU H 318 19.01 -71.83 44.79
C LEU H 318 20.47 -71.41 44.75
N ILE H 319 20.76 -70.14 45.04
CA ILE H 319 22.14 -69.65 45.08
C ILE H 319 22.92 -70.31 46.21
N GLY H 320 22.30 -70.45 47.37
CA GLY H 320 22.98 -71.05 48.51
C GLY H 320 23.28 -72.51 48.34
N ALA H 321 22.46 -73.23 47.57
CA ALA H 321 22.74 -74.63 47.30
C ALA H 321 23.91 -74.79 46.33
N ILE H 322 24.08 -73.85 45.41
CA ILE H 322 25.23 -73.88 44.52
C ILE H 322 26.51 -73.53 45.25
N ASN H 323 26.42 -72.64 46.25
CA ASN H 323 27.61 -72.18 46.96
C ASN H 323 28.23 -73.27 47.83
N THR H 324 27.39 -74.09 48.47
CA THR H 324 27.93 -75.19 49.27
C THR H 324 28.40 -76.33 48.39
N ALA H 325 27.67 -76.61 47.31
CA ALA H 325 27.99 -77.77 46.48
C ALA H 325 29.23 -77.54 45.62
N SER H 326 29.37 -76.34 45.07
CA SER H 326 30.41 -76.07 44.09
C SER H 326 31.55 -75.22 44.62
N GLY H 327 31.38 -74.56 45.77
CA GLY H 327 32.42 -73.67 46.27
C GLY H 327 32.61 -72.43 45.44
N LEU H 328 31.52 -71.88 44.91
CA LEU H 328 31.52 -70.60 44.20
C LEU H 328 30.79 -69.58 45.06
N THR H 329 31.29 -68.36 45.11
CA THR H 329 30.67 -67.30 45.89
C THR H 329 29.77 -66.42 45.02
N ILE H 330 28.65 -67.03 44.58
CA ILE H 330 27.58 -66.26 43.98
C ILE H 330 26.96 -65.37 45.05
N ALA H 331 26.76 -64.09 44.71
CA ALA H 331 26.31 -63.10 45.67
C ALA H 331 24.80 -63.25 45.89
N THR H 332 24.40 -63.28 47.15
CA THR H 332 22.99 -63.32 47.50
C THR H 332 22.33 -61.99 47.15
N LEU H 333 21.24 -62.05 46.40
CA LEU H 333 20.67 -60.83 45.84
C LEU H 333 19.51 -60.35 46.70
N MET I 1 53.93 43.26 -13.87
CA MET I 1 52.66 44.01 -13.85
C MET I 1 52.64 45.09 -14.92
N VAL I 2 52.03 44.77 -16.05
CA VAL I 2 51.89 45.74 -17.13
C VAL I 2 50.77 46.72 -16.78
N ILE I 3 51.03 48.01 -16.98
CA ILE I 3 50.06 49.06 -16.73
C ILE I 3 49.71 49.74 -18.04
N SER I 4 48.69 50.58 -17.98
CA SER I 4 48.31 51.42 -19.11
C SER I 4 49.11 52.70 -19.10
N ILE I 5 49.24 53.31 -20.27
CA ILE I 5 49.94 54.59 -20.42
C ILE I 5 49.11 55.49 -21.31
N ASN I 6 49.13 56.79 -20.98
CA ASN I 6 48.54 57.79 -21.86
C ASN I 6 49.49 58.10 -23.00
N GLN I 7 50.76 58.31 -22.65
CA GLN I 7 51.94 58.02 -23.44
C GLN I 7 53.01 57.68 -22.41
N VAL I 8 54.28 57.73 -22.80
CA VAL I 8 55.36 57.11 -22.04
C VAL I 8 55.48 57.68 -20.62
N ARG I 9 55.82 56.82 -19.68
CA ARG I 9 55.85 57.13 -18.25
C ARG I 9 57.18 56.71 -17.67
N GLN I 10 57.86 57.62 -16.98
CA GLN I 10 59.17 57.38 -16.43
C GLN I 10 59.13 57.52 -14.91
N LEU I 11 59.85 56.65 -14.21
CA LEU I 11 59.89 56.63 -12.76
C LEU I 11 61.30 56.91 -12.28
N TYR I 12 61.40 57.65 -11.17
CA TYR I 12 62.69 57.95 -10.55
C TYR I 12 62.56 57.76 -9.04
N VAL I 13 63.35 56.83 -8.50
CA VAL I 13 63.31 56.54 -7.07
C VAL I 13 64.09 57.62 -6.33
N ALA I 14 63.45 58.28 -5.38
CA ALA I 14 64.08 59.32 -4.57
C ALA I 14 64.49 58.70 -3.23
N LYS I 15 65.72 58.19 -3.18
CA LYS I 15 66.23 57.61 -1.94
C LYS I 15 66.95 58.63 -1.07
N ALA I 16 67.42 59.72 -1.66
CA ALA I 16 68.03 60.82 -0.91
C ALA I 16 67.90 62.09 -1.74
N LEU I 17 67.62 63.20 -1.07
CA LEU I 17 67.38 64.48 -1.74
C LEU I 17 68.57 65.39 -1.47
N LYS I 18 69.23 65.83 -2.53
CA LYS I 18 70.38 66.71 -2.43
C LYS I 18 69.99 68.11 -2.88
N ALA I 19 70.97 69.01 -2.93
CA ALA I 19 70.75 70.38 -3.33
C ALA I 19 71.61 70.82 -4.50
N ASN I 20 72.56 70.00 -4.94
CA ASN I 20 73.42 70.32 -6.07
C ASN I 20 73.56 69.10 -6.96
N THR I 21 74.05 69.34 -8.18
CA THR I 21 74.48 68.24 -9.04
C THR I 21 75.70 67.54 -8.46
N ALA I 22 76.60 68.30 -7.82
CA ALA I 22 77.85 67.76 -7.31
C ALA I 22 77.65 66.85 -6.11
N ALA I 23 76.54 66.97 -5.39
CA ALA I 23 76.31 66.14 -4.21
C ALA I 23 75.77 64.76 -4.54
N LEU I 24 75.46 64.48 -5.81
CA LEU I 24 74.90 63.18 -6.20
C LEU I 24 76.02 62.15 -6.21
N THR I 25 76.08 61.30 -5.19
CA THR I 25 77.16 60.33 -5.04
C THR I 25 76.71 58.88 -4.92
N THR I 26 75.52 58.60 -4.41
CA THR I 26 75.06 57.24 -4.19
C THR I 26 73.85 56.94 -5.05
N ALA I 27 73.66 55.67 -5.38
CA ALA I 27 72.56 55.25 -6.25
C ALA I 27 71.24 55.44 -5.53
N GLY I 28 70.40 56.32 -6.07
CA GLY I 28 69.16 56.71 -5.43
C GLY I 28 69.08 58.18 -5.07
N ASP I 29 70.15 58.95 -5.27
CA ASP I 29 70.10 60.38 -5.03
C ASP I 29 69.25 61.07 -6.09
N ILE I 30 68.73 62.24 -5.74
CA ILE I 30 67.93 63.03 -6.66
C ILE I 30 68.09 64.50 -6.31
N VAL I 31 67.89 65.35 -7.31
CA VAL I 31 67.83 66.79 -7.12
C VAL I 31 66.90 67.39 -8.19
N PRO I 32 65.89 68.15 -7.81
CA PRO I 32 65.08 68.86 -8.81
C PRO I 32 65.80 70.12 -9.28
N LYS I 33 66.09 70.18 -10.56
CA LYS I 33 66.76 71.33 -11.15
C LYS I 33 65.76 72.15 -11.96
N ALA I 34 65.98 73.46 -12.00
CA ALA I 34 65.12 74.37 -12.72
C ALA I 34 65.92 75.61 -13.06
N ASP I 35 65.26 76.57 -13.70
CA ASP I 35 65.87 77.84 -14.04
C ASP I 35 65.66 78.84 -12.90
N THR I 36 66.15 80.06 -13.09
CA THR I 36 65.70 81.19 -12.30
C THR I 36 64.53 81.91 -12.95
N ALA I 37 64.16 81.49 -14.16
CA ALA I 37 62.96 81.99 -14.83
C ALA I 37 61.79 81.03 -14.73
N LYS I 38 62.04 79.80 -14.25
CA LYS I 38 61.02 78.76 -14.03
C LYS I 38 60.26 78.43 -15.31
N THR I 39 61.00 78.14 -16.36
CA THR I 39 60.43 77.75 -17.64
C THR I 39 60.79 76.32 -18.03
N THR I 40 61.59 75.62 -17.23
CA THR I 40 62.01 74.27 -17.54
C THR I 40 62.35 73.56 -16.24
N LEU I 41 61.75 72.38 -16.03
CA LEU I 41 62.03 71.57 -14.86
C LEU I 41 62.53 70.20 -15.30
N TYR I 42 63.61 69.74 -14.70
CA TYR I 42 64.09 68.39 -14.92
C TYR I 42 64.63 67.85 -13.60
N PHE I 43 64.79 66.53 -13.54
CA PHE I 43 65.27 65.85 -12.34
C PHE I 43 66.59 65.18 -12.67
N GLN I 44 67.68 65.74 -12.15
CA GLN I 44 68.95 65.04 -12.18
C GLN I 44 68.99 64.02 -11.05
N SER I 45 69.41 62.80 -11.37
CA SER I 45 69.42 61.74 -10.38
C SER I 45 70.68 60.91 -10.59
N MET I 46 71.00 60.11 -9.59
CA MET I 46 72.16 59.23 -9.66
C MET I 46 71.66 57.82 -9.98
N SER I 47 71.95 57.37 -11.19
CA SER I 47 71.70 56.00 -11.60
C SER I 47 72.70 55.10 -10.91
N PRO I 48 72.49 53.78 -10.92
CA PRO I 48 73.54 52.86 -10.48
C PRO I 48 74.79 52.82 -11.36
N ALA I 49 74.88 53.62 -12.44
CA ALA I 49 76.09 53.68 -13.25
C ALA I 49 76.48 55.12 -13.61
N GLY I 50 76.05 56.11 -12.84
CA GLY I 50 76.46 57.48 -13.07
C GLY I 50 75.30 58.42 -12.89
N ILE I 51 75.52 59.68 -13.23
CA ILE I 51 74.49 60.70 -13.16
C ILE I 51 73.65 60.65 -14.43
N VAL I 52 72.32 60.72 -14.28
CA VAL I 52 71.40 60.76 -15.41
C VAL I 52 70.36 61.82 -15.13
N ALA I 53 70.05 62.63 -16.13
CA ALA I 53 68.99 63.61 -16.00
C ALA I 53 67.68 63.06 -16.56
N SER I 54 66.58 63.66 -16.12
CA SER I 54 65.27 63.27 -16.61
C SER I 54 64.93 64.08 -17.87
N ASP I 55 63.70 63.97 -18.32
CA ASP I 55 63.23 64.82 -19.40
C ASP I 55 63.02 66.25 -18.88
N LYS I 56 62.96 67.20 -19.80
CA LYS I 56 62.79 68.60 -19.47
C LYS I 56 61.31 68.94 -19.53
N ILE I 57 60.73 69.24 -18.38
CA ILE I 57 59.31 69.53 -18.27
C ILE I 57 59.11 71.02 -18.52
N ASN I 58 58.34 71.35 -19.54
CA ASN I 58 57.95 72.74 -19.74
C ASN I 58 56.92 73.10 -18.68
N LEU I 59 57.25 74.09 -17.85
CA LEU I 59 56.40 74.43 -16.71
C LEU I 59 55.14 75.17 -17.09
N LYS I 60 54.99 75.55 -18.36
CA LYS I 60 53.73 76.05 -18.87
C LYS I 60 52.83 74.92 -19.37
N HIS I 61 53.41 73.76 -19.65
CA HIS I 61 52.71 72.64 -20.27
C HIS I 61 52.51 71.49 -19.30
N VAL I 62 52.19 71.79 -18.04
CA VAL I 62 51.84 70.76 -17.06
C VAL I 62 50.32 70.66 -17.01
N LEU I 63 49.82 69.43 -16.87
CA LEU I 63 48.38 69.18 -16.78
C LEU I 63 47.93 69.00 -15.34
N TYR I 64 48.50 68.04 -14.63
CA TYR I 64 48.27 67.93 -13.20
C TYR I 64 49.55 67.46 -12.53
N ALA I 65 49.64 67.72 -11.23
CA ALA I 65 50.68 67.17 -10.39
C ALA I 65 50.07 66.89 -9.02
N LYS I 66 50.08 65.62 -8.62
CA LYS I 66 49.46 65.21 -7.36
C LYS I 66 50.33 64.16 -6.71
N ALA I 67 50.33 64.15 -5.38
CA ALA I 67 51.15 63.26 -4.59
C ALA I 67 50.25 62.34 -3.77
N THR I 68 50.50 61.03 -3.88
CA THR I 68 49.66 59.99 -3.30
C THR I 68 50.34 59.37 -2.09
N PRO I 69 49.68 59.33 -0.93
CA PRO I 69 50.31 58.70 0.24
C PRO I 69 50.36 57.19 0.12
N SER I 70 51.02 56.57 1.11
CA SER I 70 51.18 55.13 1.08
C SER I 70 49.88 54.42 1.46
N GLU I 71 49.13 55.00 2.42
CA GLU I 71 47.91 54.36 2.87
C GLU I 71 46.78 54.44 1.86
N ALA I 72 46.89 55.32 0.86
CA ALA I 72 45.94 55.32 -0.24
C ALA I 72 46.16 54.12 -1.17
N LEU I 73 47.39 53.62 -1.23
CA LEU I 73 47.77 52.53 -2.11
C LEU I 73 47.91 51.20 -1.37
N ALA I 74 47.34 51.09 -0.17
CA ALA I 74 47.38 49.87 0.61
C ALA I 74 46.04 49.17 0.49
N HIS I 75 46.06 47.93 0.01
CA HIS I 75 44.83 47.19 -0.21
C HIS I 75 44.24 46.72 1.11
N LYS I 76 43.00 47.07 1.37
CA LYS I 76 42.29 46.64 2.57
C LYS I 76 41.70 45.26 2.33
N LEU I 77 42.12 44.30 3.14
CA LEU I 77 41.64 42.92 2.97
C LEU I 77 40.19 42.82 3.44
N VAL I 78 39.41 42.05 2.69
CA VAL I 78 37.96 41.98 2.88
C VAL I 78 37.65 40.97 3.98
N ARG I 79 36.86 41.38 4.96
CA ARG I 79 36.47 40.54 6.07
C ARG I 79 34.99 40.21 5.96
N TYR I 80 34.62 38.98 6.35
CA TYR I 80 33.23 38.55 6.37
C TYR I 80 32.94 37.91 7.70
N SER I 81 31.89 38.37 8.38
CA SER I 81 31.54 37.89 9.70
C SER I 81 30.36 36.92 9.58
N VAL I 82 30.63 35.63 9.81
CA VAL I 82 29.63 34.59 9.67
C VAL I 82 29.02 34.31 11.04
N THR I 83 27.71 34.51 11.15
CA THR I 83 26.97 34.24 12.38
C THR I 83 25.78 33.35 12.06
N LEU I 84 25.16 32.83 13.12
CA LEU I 84 23.89 32.13 12.99
C LEU I 84 22.76 33.14 12.83
N ASP I 85 21.85 32.84 11.90
CA ASP I 85 20.70 33.72 11.66
C ASP I 85 19.75 33.62 12.85
N ALA I 86 19.52 34.76 13.51
CA ALA I 86 18.69 34.77 14.70
C ALA I 86 17.21 34.56 14.39
N ASP I 87 16.79 34.89 13.17
CA ASP I 87 15.40 34.62 12.78
C ASP I 87 15.15 33.13 12.63
N VAL I 88 16.12 32.41 12.08
CA VAL I 88 16.00 30.97 11.87
C VAL I 88 16.03 30.26 13.22
N SER I 89 17.16 30.39 13.92
CA SER I 89 17.36 29.90 15.28
C SER I 89 18.68 30.45 15.79
N ALA I 90 18.69 30.97 17.01
CA ALA I 90 19.93 31.47 17.60
C ALA I 90 20.80 30.36 18.16
N THR I 91 20.23 29.18 18.39
CA THR I 91 20.94 27.98 18.82
C THR I 91 20.85 26.93 17.72
N PRO I 92 21.85 26.05 17.58
CA PRO I 92 21.78 25.01 16.55
C PRO I 92 20.70 23.98 16.88
N VAL I 93 19.82 23.76 15.91
CA VAL I 93 18.78 22.74 16.05
C VAL I 93 19.42 21.37 15.87
N ALA I 94 19.00 20.42 16.70
CA ALA I 94 19.73 19.17 16.83
C ALA I 94 19.50 18.25 15.64
N GLY I 95 20.57 17.60 15.19
CA GLY I 95 20.48 16.62 14.13
C GLY I 95 20.51 17.16 12.73
N GLN I 96 20.63 18.47 12.55
CA GLN I 96 20.71 19.09 11.24
C GLN I 96 22.15 19.29 10.82
N ASN I 97 22.39 19.24 9.52
CA ASN I 97 23.73 19.38 8.96
C ASN I 97 23.92 20.82 8.47
N TYR I 98 24.92 21.49 9.02
CA TYR I 98 25.17 22.90 8.77
C TYR I 98 26.35 23.02 7.81
N ILE I 99 26.05 23.19 6.53
CA ILE I 99 27.07 23.26 5.49
C ILE I 99 27.19 24.70 5.01
N LEU I 100 28.42 25.16 4.80
CA LEU I 100 28.73 26.52 4.38
C LEU I 100 29.57 26.45 3.12
N ARG I 101 29.13 27.15 2.07
CA ARG I 101 29.81 27.15 0.78
C ARG I 101 30.48 28.52 0.61
N LEU I 102 31.80 28.54 0.65
CA LEU I 102 32.55 29.75 0.34
C LEU I 102 32.78 29.80 -1.16
N ALA I 103 32.26 30.83 -1.81
CA ALA I 103 32.30 30.94 -3.26
C ALA I 103 33.42 31.88 -3.66
N PHE I 104 34.52 31.33 -4.15
CA PHE I 104 35.60 32.11 -4.69
C PHE I 104 35.31 32.39 -6.16
N ARG I 105 35.69 33.59 -6.60
CA ARG I 105 35.25 34.08 -7.89
C ARG I 105 36.35 34.36 -8.90
N GLN I 106 37.57 34.65 -8.47
CA GLN I 106 38.67 34.89 -9.39
C GLN I 106 39.82 33.97 -9.07
N TYR I 107 39.46 32.72 -8.80
CA TYR I 107 40.42 31.63 -8.63
C TYR I 107 41.13 31.42 -9.97
N ILE I 108 42.25 30.71 -9.94
CA ILE I 108 43.52 30.93 -10.65
C ILE I 108 43.44 31.73 -11.94
N GLY I 109 42.44 31.46 -12.78
CA GLY I 109 42.22 32.25 -13.97
C GLY I 109 41.81 33.69 -13.66
N LEU I 110 41.69 34.46 -14.73
CA LEU I 110 41.63 35.91 -14.63
C LEU I 110 40.20 36.43 -14.67
N SER I 111 39.21 35.55 -14.83
CA SER I 111 37.83 35.96 -15.02
C SER I 111 36.98 35.54 -13.85
N GLU I 112 35.72 35.98 -13.88
CA GLU I 112 34.70 35.56 -12.94
C GLU I 112 34.10 34.22 -13.30
N GLU I 113 34.46 33.66 -14.45
CA GLU I 113 34.01 32.36 -14.91
C GLU I 113 34.91 31.24 -14.43
N ASP I 114 36.08 31.57 -13.89
CA ASP I 114 36.94 30.62 -13.23
C ASP I 114 36.67 30.71 -11.73
N GLN I 115 35.92 29.75 -11.21
CA GLN I 115 35.40 29.80 -9.85
C GLN I 115 35.84 28.58 -9.07
N TYR I 116 35.71 28.68 -7.74
CA TYR I 116 36.16 27.64 -6.83
C TYR I 116 35.33 27.69 -5.57
N PHE I 117 35.12 26.53 -4.95
CA PHE I 117 34.25 26.42 -3.78
C PHE I 117 34.90 25.54 -2.73
N LYS I 118 34.93 26.03 -1.49
CA LYS I 118 35.39 25.27 -0.34
C LYS I 118 34.27 25.17 0.68
N TYR I 119 34.11 23.98 1.25
CA TYR I 119 32.99 23.67 2.12
C TYR I 119 33.45 23.47 3.56
N GLY I 120 32.52 23.67 4.47
CA GLY I 120 32.70 23.34 5.87
C GLY I 120 31.39 22.77 6.39
N GLU I 121 31.42 21.75 7.22
CA GLU I 121 30.20 21.08 7.62
C GLU I 121 30.22 20.78 9.11
N VAL I 122 29.07 20.96 9.75
CA VAL I 122 28.86 20.64 11.16
C VAL I 122 27.48 20.01 11.27
N ILE I 123 27.42 18.80 11.81
CA ILE I 123 26.13 18.22 12.19
C ILE I 123 25.91 18.53 13.66
N ALA I 124 24.81 19.22 13.95
CA ALA I 124 24.60 19.73 15.29
C ALA I 124 24.18 18.62 16.24
N ARG I 125 24.41 18.86 17.53
CA ARG I 125 24.15 17.87 18.57
C ARG I 125 23.02 18.36 19.47
N SER I 126 22.72 17.56 20.48
CA SER I 126 21.58 17.85 21.35
C SER I 126 21.87 19.03 22.27
N GLY I 127 23.07 19.09 22.84
CA GLY I 127 23.39 20.16 23.76
C GLY I 127 24.34 21.19 23.19
N MET I 128 24.47 21.23 21.88
CA MET I 128 25.39 22.15 21.22
C MET I 128 24.86 23.58 21.32
N THR I 129 25.67 24.47 21.88
CA THR I 129 25.29 25.87 22.01
C THR I 129 25.76 26.64 20.77
N ALA I 130 25.67 27.97 20.82
CA ALA I 130 26.11 28.77 19.68
C ALA I 130 27.63 28.81 19.60
N SER I 131 28.31 28.91 20.74
CA SER I 131 29.78 28.98 20.73
C SER I 131 30.40 27.66 20.35
N ASP I 132 29.81 26.55 20.77
CA ASP I 132 30.32 25.24 20.35
C ASP I 132 30.05 24.98 18.87
N PHE I 133 29.05 25.64 18.31
CA PHE I 133 28.85 25.58 16.87
C PHE I 133 29.96 26.31 16.13
N TYR I 134 30.24 27.55 16.54
CA TYR I 134 31.26 28.36 15.86
C TYR I 134 32.64 27.78 16.03
N LYS I 135 32.89 27.07 17.13
CA LYS I 135 34.16 26.37 17.30
C LYS I 135 34.30 25.24 16.28
N LYS I 136 33.29 24.36 16.18
CA LYS I 136 33.38 23.23 15.27
C LYS I 136 33.24 23.67 13.81
N MET I 137 32.57 24.81 13.56
CA MET I 137 32.47 25.32 12.20
C MET I 137 33.82 25.84 11.72
N ALA I 138 34.55 26.55 12.58
CA ALA I 138 35.84 27.11 12.19
C ALA I 138 36.93 26.04 12.18
N ILE I 139 36.81 25.00 12.99
CA ILE I 139 37.73 23.88 12.90
C ILE I 139 37.53 23.15 11.57
N SER I 140 36.29 23.01 11.13
CA SER I 140 35.99 22.35 9.87
C SER I 140 36.34 23.20 8.66
N LEU I 141 36.23 24.52 8.79
CA LEU I 141 36.60 25.41 7.69
C LEU I 141 38.10 25.43 7.50
N ALA I 142 38.85 25.59 8.59
CA ALA I 142 40.30 25.66 8.49
C ALA I 142 40.92 24.31 8.11
N LYS I 143 40.22 23.20 8.41
CA LYS I 143 40.71 21.90 7.98
C LYS I 143 40.62 21.73 6.47
N ASN I 144 39.59 22.32 5.86
CA ASN I 144 39.43 22.25 4.41
C ASN I 144 40.27 23.31 3.71
N LEU I 145 40.18 24.56 4.18
CA LEU I 145 40.86 25.66 3.53
C LEU I 145 42.36 25.65 3.75
N GLU I 146 42.79 25.78 5.00
CA GLU I 146 44.21 25.97 5.29
C GLU I 146 44.95 24.67 5.56
N ASN I 147 44.83 23.68 4.68
CA ASN I 147 45.78 22.58 4.69
C ASN I 147 47.13 23.07 4.21
N LYS I 148 48.19 22.41 4.67
CA LYS I 148 49.54 22.88 4.37
C LYS I 148 49.88 22.67 2.89
N THR I 149 49.42 21.57 2.31
CA THR I 149 49.77 21.20 0.94
C THR I 149 48.78 21.72 -0.09
N GLU I 150 48.13 22.85 0.16
CA GLU I 150 47.35 23.48 -0.89
C GLU I 150 48.28 24.22 -1.86
N SER I 151 47.71 24.69 -2.97
CA SER I 151 48.52 25.43 -3.93
C SER I 151 48.76 26.87 -3.48
N THR I 152 47.71 27.56 -3.03
CA THR I 152 47.77 28.90 -2.47
C THR I 152 46.80 29.02 -1.32
N PRO I 153 47.12 29.83 -0.30
CA PRO I 153 46.13 30.13 0.73
C PRO I 153 45.00 30.97 0.14
N LEU I 154 43.80 30.76 0.67
CA LEU I 154 42.60 31.39 0.13
C LEU I 154 42.04 32.43 1.09
N VAL I 155 41.68 32.03 2.31
CA VAL I 155 41.13 32.95 3.31
C VAL I 155 41.66 32.55 4.68
N ASN I 156 41.62 33.50 5.61
CA ASN I 156 41.97 33.26 7.00
C ASN I 156 40.70 33.18 7.84
N ILE I 157 40.69 32.27 8.80
CA ILE I 157 39.55 32.06 9.69
C ILE I 157 39.91 32.57 11.08
N TYR I 158 39.00 33.34 11.68
CA TYR I 158 39.21 33.91 13.01
C TYR I 158 37.91 33.84 13.79
N LEU I 159 37.94 33.13 14.91
CA LEU I 159 36.88 33.26 15.89
C LEU I 159 37.01 34.56 16.66
N ILE I 160 35.89 35.04 17.20
CA ILE I 160 35.90 36.16 18.13
C ILE I 160 35.20 35.74 19.41
N SER I 161 35.86 35.92 20.54
CA SER I 161 35.22 35.74 21.83
C SER I 161 34.39 36.97 22.15
N ALA I 162 33.18 36.74 22.68
CA ALA I 162 32.28 37.84 22.97
C ALA I 162 32.76 38.70 24.14
N ALA I 163 33.62 38.16 25.01
CA ALA I 163 34.21 38.97 26.06
C ALA I 163 35.29 39.89 25.50
N ALA I 164 36.08 39.41 24.55
CA ALA I 164 37.12 40.22 23.94
C ALA I 164 36.55 41.18 22.91
N ALA I 165 35.88 40.64 21.88
CA ALA I 165 35.10 41.31 20.84
C ALA I 165 35.94 42.13 19.86
N SER I 166 37.24 42.26 20.06
CA SER I 166 38.08 42.99 19.12
C SER I 166 39.40 42.30 18.83
N THR I 167 39.68 41.15 19.44
CA THR I 167 40.91 40.41 19.21
C THR I 167 40.57 39.13 18.46
N ASP I 168 41.24 38.92 17.33
CA ASP I 168 40.96 37.77 16.48
C ASP I 168 41.63 36.53 17.05
N VAL I 169 40.86 35.44 17.18
CA VAL I 169 41.38 34.16 17.64
C VAL I 169 41.71 33.34 16.41
N PRO I 170 42.99 33.15 16.06
CA PRO I 170 43.32 32.48 14.80
C PRO I 170 43.08 30.98 14.87
N VAL I 171 42.39 30.46 13.85
CA VAL I 171 42.07 29.04 13.74
C VAL I 171 42.75 28.51 12.49
N THR I 172 43.62 27.53 12.66
CA THR I 172 44.33 26.88 11.56
C THR I 172 43.95 25.41 11.54
N SER I 173 44.55 24.67 10.59
CA SER I 173 44.28 23.24 10.50
C SER I 173 44.96 22.47 11.62
N ALA I 174 46.08 22.98 12.12
CA ALA I 174 46.76 22.36 13.26
C ALA I 174 46.08 22.66 14.58
N THR I 175 45.17 23.64 14.60
CA THR I 175 44.48 24.01 15.83
C THR I 175 43.49 22.93 16.23
N LYS I 176 43.58 22.50 17.49
CA LYS I 176 42.58 21.62 18.09
C LYS I 176 41.60 22.47 18.91
N GLU I 177 40.46 21.88 19.22
CA GLU I 177 39.51 22.58 20.09
C GLU I 177 39.89 22.49 21.56
N SER I 178 40.94 21.74 21.89
CA SER I 178 41.54 21.85 23.22
C SER I 178 42.23 23.20 23.39
N ASP I 179 42.70 23.80 22.30
CA ASP I 179 43.29 25.13 22.36
C ASP I 179 42.23 26.22 22.46
N LEU I 180 41.05 26.00 21.89
CA LEU I 180 39.97 26.97 21.90
C LEU I 180 39.08 26.67 23.10
N THR I 181 39.30 27.40 24.19
CA THR I 181 38.64 27.12 25.46
C THR I 181 37.56 28.11 25.83
N ALA I 182 37.45 29.25 25.13
CA ALA I 182 36.46 30.25 25.49
C ALA I 182 35.05 29.77 25.18
N THR I 183 34.11 30.13 26.04
CA THR I 183 32.75 29.62 25.96
C THR I 183 31.77 30.62 25.38
N ASP I 184 32.21 31.81 25.01
CA ASP I 184 31.33 32.84 24.45
C ASP I 184 31.88 33.28 23.09
N TYR I 185 31.54 32.51 22.06
CA TYR I 185 31.88 32.85 20.68
C TYR I 185 30.62 33.32 19.98
N ASN I 186 30.72 34.43 19.26
CA ASN I 186 29.56 35.04 18.64
C ASN I 186 29.63 35.17 17.13
N GLN I 187 30.80 34.96 16.52
CA GLN I 187 30.92 35.05 15.06
C GLN I 187 32.14 34.28 14.60
N ILE I 188 32.18 34.03 13.30
CA ILE I 188 33.33 33.47 12.61
C ILE I 188 33.75 34.49 11.56
N ILE I 189 34.95 35.02 11.68
CA ILE I 189 35.46 35.95 10.68
C ILE I 189 36.25 35.19 9.63
N ILE I 190 35.85 35.38 8.37
CA ILE I 190 36.57 34.86 7.22
C ILE I 190 37.13 36.05 6.47
N GLU I 191 38.44 36.04 6.24
CA GLU I 191 39.16 37.20 5.73
C GLU I 191 40.14 36.75 4.66
N GLU I 192 40.16 37.46 3.54
CA GLU I 192 41.00 37.06 2.42
C GLU I 192 42.46 37.34 2.73
N THR I 193 43.34 36.62 2.04
CA THR I 193 44.76 36.64 2.30
C THR I 193 45.53 37.15 1.08
N GLU I 194 46.79 37.49 1.30
CA GLU I 194 47.63 38.06 0.27
C GLU I 194 48.29 36.96 -0.54
N GLN I 195 48.10 37.01 -1.85
CA GLN I 195 48.63 36.01 -2.77
C GLN I 195 50.13 36.22 -2.95
N PRO I 196 50.86 35.24 -3.51
CA PRO I 196 52.28 35.44 -3.77
C PRO I 196 52.54 36.49 -4.85
N TRP I 197 53.82 36.81 -5.02
CA TRP I 197 54.23 37.93 -5.85
C TRP I 197 55.67 37.73 -6.30
N VAL I 198 55.88 37.79 -7.61
CA VAL I 198 57.20 37.84 -8.22
C VAL I 198 57.24 39.12 -9.06
N LEU I 199 58.33 39.88 -8.97
CA LEU I 199 58.36 41.19 -9.59
C LEU I 199 58.40 41.08 -11.11
N GLY I 200 57.45 41.72 -11.76
CA GLY I 200 57.33 41.63 -13.20
C GLY I 200 56.56 40.45 -13.71
N MET I 201 56.84 39.27 -13.15
CA MET I 201 56.24 38.04 -13.67
C MET I 201 54.87 37.77 -13.06
N MET I 202 54.71 37.95 -11.76
CA MET I 202 53.41 37.73 -11.11
C MET I 202 52.91 39.00 -10.43
N PRO I 203 51.85 39.62 -10.91
CA PRO I 203 51.37 40.87 -10.28
C PRO I 203 50.70 40.63 -8.94
N GLN I 204 50.32 41.72 -8.26
CA GLN I 204 49.61 41.63 -6.99
C GLN I 204 48.13 41.45 -7.29
N ALA I 205 47.59 40.29 -6.92
CA ALA I 205 46.22 39.94 -7.24
C ALA I 205 45.57 39.30 -6.03
N PHE I 206 44.24 39.33 -6.00
CA PHE I 206 43.49 38.81 -4.88
C PHE I 206 42.32 37.98 -5.37
N ILE I 207 41.96 36.95 -4.59
CA ILE I 207 40.83 36.08 -4.90
C ILE I 207 39.68 36.47 -3.98
N PRO I 208 38.66 37.16 -4.46
CA PRO I 208 37.54 37.54 -3.59
C PRO I 208 36.62 36.36 -3.32
N PHE I 209 35.74 36.54 -2.34
CA PHE I 209 34.94 35.44 -1.82
C PHE I 209 33.66 35.98 -1.21
N THR I 210 32.68 35.08 -1.03
CA THR I 210 31.39 35.29 -0.38
C THR I 210 31.03 33.97 0.30
N PRO I 211 30.58 34.00 1.56
CA PRO I 211 30.09 32.77 2.20
C PRO I 211 28.62 32.55 1.89
N GLN I 212 28.28 31.32 1.50
CA GLN I 212 26.90 30.96 1.19
C GLN I 212 26.51 29.73 1.99
N PHE I 213 25.22 29.66 2.33
CA PHE I 213 24.71 28.71 3.31
C PHE I 213 23.68 27.79 2.68
N LEU I 214 23.79 26.50 2.94
CA LEU I 214 22.77 25.56 2.53
C LEU I 214 21.64 25.52 3.56
N THR I 215 20.47 25.08 3.11
CA THR I 215 19.27 25.15 3.94
C THR I 215 19.22 23.99 4.93
N ILE I 216 18.61 24.27 6.09
CA ILE I 216 18.35 23.25 7.10
C ILE I 216 16.85 23.17 7.33
N THR I 217 16.39 21.99 7.75
CA THR I 217 14.97 21.74 8.03
C THR I 217 14.70 22.09 9.49
N VAL I 218 14.18 23.29 9.73
CA VAL I 218 14.06 23.83 11.08
C VAL I 218 12.79 23.33 11.76
N ASP I 219 11.65 23.71 11.21
CA ASP I 219 10.33 23.36 11.74
C ASP I 219 9.46 22.82 10.62
N GLY I 220 10.04 21.91 9.82
CA GLY I 220 9.44 21.54 8.56
C GLY I 220 9.74 22.48 7.43
N GLU I 221 10.54 23.52 7.67
CA GLU I 221 10.84 24.55 6.68
C GLU I 221 12.33 24.50 6.33
N ASP I 222 12.63 24.46 5.05
CA ASP I 222 14.01 24.54 4.58
C ASP I 222 14.46 26.00 4.63
N ARG I 223 15.16 26.36 5.69
CA ARG I 223 15.69 27.71 5.88
C ARG I 223 17.21 27.67 5.82
N LEU I 224 17.80 28.66 5.16
CA LEU I 224 19.25 28.79 5.20
C LEU I 224 19.67 29.33 6.56
N TRP I 225 20.70 28.71 7.15
CA TRP I 225 20.87 28.77 8.59
C TRP I 225 21.56 30.04 9.08
N GLY I 226 22.26 30.78 8.23
CA GLY I 226 23.07 31.87 8.71
C GLY I 226 23.04 33.08 7.80
N VAL I 227 23.67 34.15 8.28
CA VAL I 227 23.89 35.37 7.53
C VAL I 227 25.38 35.68 7.54
N ALA I 228 25.83 36.34 6.48
CA ALA I 228 27.24 36.72 6.35
C ALA I 228 27.31 38.18 5.96
N THR I 229 27.80 39.01 6.86
CA THR I 229 27.95 40.44 6.62
C THR I 229 29.42 40.79 6.54
N VAL I 230 29.70 41.90 5.87
CA VAL I 230 31.05 42.37 5.66
C VAL I 230 31.35 43.46 6.69
N VAL I 231 32.24 43.13 7.63
CA VAL I 231 32.64 44.06 8.68
C VAL I 231 33.76 44.94 8.12
N THR I 232 34.12 46.00 8.86
CA THR I 232 35.13 46.93 8.39
C THR I 232 36.51 46.26 8.39
N PRO I 233 37.36 46.56 7.41
CA PRO I 233 38.66 45.90 7.33
C PRO I 233 39.63 46.40 8.38
N THR I 234 40.42 45.46 8.93
CA THR I 234 41.40 45.78 9.96
C THR I 234 42.84 45.50 9.53
N LYS I 235 43.07 44.98 8.33
CA LYS I 235 44.42 44.72 7.85
C LYS I 235 44.60 45.36 6.48
N THR I 236 45.86 45.65 6.16
CA THR I 236 46.22 46.29 4.90
C THR I 236 47.43 45.59 4.30
N VAL I 237 47.38 45.37 3.00
CA VAL I 237 48.54 44.89 2.24
C VAL I 237 49.40 46.10 1.90
N PRO I 238 50.67 46.14 2.30
CA PRO I 238 51.47 47.36 2.14
C PRO I 238 51.83 47.63 0.68
N ASP I 239 52.39 48.82 0.47
CA ASP I 239 52.58 49.38 -0.86
C ASP I 239 53.78 48.81 -1.60
N GLY I 240 54.63 48.03 -0.93
CA GLY I 240 55.94 47.71 -1.48
C GLY I 240 55.93 46.78 -2.68
N HIS I 241 54.97 45.87 -2.74
CA HIS I 241 54.89 44.95 -3.88
C HIS I 241 54.25 45.58 -5.10
N LEU I 242 53.71 46.79 -4.96
CA LEU I 242 53.09 47.54 -6.04
C LEU I 242 54.03 48.52 -6.71
N ILE I 243 54.97 49.09 -5.94
CA ILE I 243 55.89 50.07 -6.49
C ILE I 243 57.08 49.39 -7.17
N ALA I 244 57.50 48.23 -6.67
CA ALA I 244 58.56 47.48 -7.33
C ALA I 244 58.10 46.94 -8.68
N ASP I 245 56.82 46.66 -8.82
CA ASP I 245 56.27 46.36 -10.14
C ASP I 245 56.11 47.62 -10.97
N LEU I 246 55.86 48.76 -10.33
CA LEU I 246 55.80 50.02 -11.06
C LEU I 246 57.17 50.49 -11.51
N GLU I 247 58.24 50.06 -10.84
CA GLU I 247 59.58 50.36 -11.29
C GLU I 247 60.07 49.38 -12.33
N TYR I 248 59.67 48.10 -12.23
CA TYR I 248 60.11 47.09 -13.19
C TYR I 248 59.56 47.37 -14.57
N PHE I 249 58.38 47.96 -14.66
CA PHE I 249 57.84 48.34 -15.96
C PHE I 249 58.50 49.62 -16.47
N CYS I 250 58.58 50.64 -15.62
CA CYS I 250 59.08 51.95 -16.03
C CYS I 250 60.61 52.00 -16.16
N MET I 251 61.30 50.89 -15.98
CA MET I 251 62.72 50.77 -16.31
C MET I 251 62.93 50.04 -17.61
N GLY I 252 62.00 50.21 -18.54
CA GLY I 252 62.16 49.71 -19.90
C GLY I 252 61.82 50.83 -20.85
N ALA I 253 61.27 51.91 -20.30
CA ALA I 253 61.09 53.14 -21.05
C ALA I 253 62.37 53.95 -21.09
N ARG I 254 63.15 53.91 -20.02
CA ARG I 254 64.52 54.40 -20.02
C ARG I 254 65.49 53.33 -20.51
N GLY I 255 65.42 52.14 -19.93
CA GLY I 255 66.47 51.15 -20.11
C GLY I 255 66.23 50.13 -21.19
N ASP I 256 66.34 48.86 -20.83
CA ASP I 256 66.17 47.77 -21.77
C ASP I 256 64.74 47.22 -21.75
N ILE I 257 64.18 47.02 -22.93
CA ILE I 257 62.90 46.35 -23.04
C ILE I 257 63.09 44.83 -22.96
N TYR I 258 64.19 44.33 -23.49
CA TYR I 258 64.51 42.90 -23.40
C TYR I 258 65.04 42.66 -21.99
N ARG I 259 64.18 42.19 -21.11
CA ARG I 259 64.56 41.89 -19.73
C ARG I 259 64.66 40.38 -19.64
N GLY I 260 65.88 39.86 -19.74
CA GLY I 260 66.11 38.47 -19.40
C GLY I 260 66.01 37.47 -20.53
N MET I 261 65.68 37.90 -21.75
CA MET I 261 65.05 37.02 -22.73
C MET I 261 66.01 35.98 -23.28
N GLY I 262 67.11 36.41 -23.89
CA GLY I 262 68.19 35.48 -24.15
C GLY I 262 69.17 35.57 -23.01
N TYR I 263 69.07 34.66 -22.03
CA TYR I 263 69.36 34.99 -20.63
C TYR I 263 70.79 35.48 -20.35
N PRO I 264 71.87 34.78 -20.74
CA PRO I 264 73.19 35.37 -20.43
C PRO I 264 73.53 36.55 -21.32
N ASN I 265 72.83 36.69 -22.44
CA ASN I 265 73.06 37.77 -23.40
C ASN I 265 72.07 38.91 -23.17
N ILE I 266 72.06 39.45 -21.94
CA ILE I 266 71.15 40.52 -21.57
C ILE I 266 71.93 41.64 -20.90
N ILE I 267 71.35 42.83 -20.91
CA ILE I 267 71.71 43.89 -19.98
C ILE I 267 70.86 43.69 -18.74
N LYS I 268 71.48 43.77 -17.56
CA LYS I 268 70.74 43.63 -16.31
C LYS I 268 70.63 44.98 -15.63
N THR I 269 69.40 45.38 -15.33
CA THR I 269 69.10 46.66 -14.72
C THR I 269 69.05 46.54 -13.21
N THR I 270 69.62 47.52 -12.53
CA THR I 270 69.59 47.58 -11.07
C THR I 270 68.38 48.39 -10.63
N TYR I 271 67.54 47.78 -9.78
CA TYR I 271 66.30 48.42 -9.34
C TYR I 271 66.47 48.93 -7.91
N LEU I 272 66.10 50.18 -7.68
CA LEU I 272 66.34 50.85 -6.41
C LEU I 272 65.14 50.84 -5.47
N VAL I 273 64.13 50.04 -5.74
CA VAL I 273 62.99 49.91 -4.85
C VAL I 273 63.17 48.65 -4.02
N ASP I 274 63.20 48.81 -2.70
CA ASP I 274 63.11 47.70 -1.79
C ASP I 274 61.66 47.26 -1.71
N PRO I 275 61.30 46.02 -2.08
CA PRO I 275 59.89 45.62 -2.07
C PRO I 275 59.29 45.44 -0.69
N GLY I 276 60.07 45.51 0.38
CA GLY I 276 59.52 45.38 1.71
C GLY I 276 59.39 46.71 2.43
N ALA I 277 59.32 47.80 1.66
CA ALA I 277 59.24 49.14 2.21
C ALA I 277 58.13 49.90 1.49
N VAL I 278 57.41 50.75 2.22
CA VAL I 278 56.31 51.49 1.64
C VAL I 278 56.85 52.75 0.97
N TYR I 279 56.09 53.28 0.02
CA TYR I 279 56.51 54.42 -0.77
C TYR I 279 55.34 55.38 -0.96
N ASP I 280 55.66 56.63 -1.26
CA ASP I 280 54.69 57.63 -1.69
C ASP I 280 54.99 58.04 -3.11
N VAL I 281 53.95 58.25 -3.90
CA VAL I 281 54.07 58.43 -5.34
C VAL I 281 53.69 59.85 -5.70
N LEU I 282 54.47 60.45 -6.61
CA LEU I 282 54.19 61.78 -7.15
C LEU I 282 54.16 61.69 -8.66
N ASP I 283 53.05 62.09 -9.27
CA ASP I 283 52.84 61.97 -10.71
C ASP I 283 52.76 63.38 -11.31
N ILE I 284 53.81 63.80 -11.99
CA ILE I 284 53.84 65.07 -12.70
C ILE I 284 53.52 64.79 -14.15
N HIS I 285 52.29 65.11 -14.56
CA HIS I 285 51.80 64.81 -15.90
C HIS I 285 51.85 66.07 -16.75
N TYR I 286 52.51 65.99 -17.90
CA TYR I 286 52.83 67.15 -18.70
C TYR I 286 52.81 66.76 -20.17
N PHE I 287 53.06 67.72 -21.06
CA PHE I 287 53.00 67.43 -22.48
C PHE I 287 53.97 68.33 -23.25
N TYR I 288 54.09 68.05 -24.54
CA TYR I 288 54.92 68.80 -25.46
C TYR I 288 54.11 69.16 -26.70
N THR I 289 54.24 70.41 -27.14
CA THR I 289 53.67 70.86 -28.41
C THR I 289 54.76 71.44 -29.29
N GLY I 290 54.69 71.14 -30.58
CA GLY I 290 55.67 71.62 -31.53
C GLY I 290 55.46 73.07 -31.92
N SER I 291 56.22 73.49 -32.93
CA SER I 291 56.37 74.91 -33.23
C SER I 291 55.16 75.53 -33.93
N ASN I 292 54.88 75.13 -35.16
CA ASN I 292 53.85 75.79 -35.94
C ASN I 292 52.64 74.90 -36.18
N GLU I 293 52.83 73.76 -36.83
CA GLU I 293 51.75 72.86 -37.16
C GLU I 293 51.78 71.58 -36.34
N SER I 294 52.81 71.40 -35.51
CA SER I 294 52.95 70.21 -34.68
C SER I 294 52.28 70.40 -33.33
N VAL I 295 51.01 70.81 -33.35
CA VAL I 295 50.32 71.25 -32.15
C VAL I 295 49.71 70.10 -31.37
N GLN I 296 49.87 68.87 -31.83
CA GLN I 296 49.39 67.73 -31.06
C GLN I 296 50.26 67.54 -29.84
N LYS I 297 49.63 67.23 -28.72
CA LYS I 297 50.32 67.10 -27.46
C LYS I 297 50.90 65.70 -27.31
N SER I 298 52.07 65.63 -26.71
CA SER I 298 52.70 64.35 -26.35
C SER I 298 52.60 64.23 -24.84
N GLU I 299 51.44 63.76 -24.36
CA GLU I 299 51.11 63.82 -22.95
C GLU I 299 51.78 62.66 -22.22
N LYS I 300 52.75 63.01 -21.36
CA LYS I 300 53.60 62.03 -20.70
C LYS I 300 53.69 62.39 -19.23
N THR I 301 54.28 61.50 -18.44
CA THR I 301 54.37 61.74 -17.01
C THR I 301 55.69 61.24 -16.46
N ILE I 302 56.15 61.89 -15.38
CA ILE I 302 57.37 61.52 -14.67
C ILE I 302 56.98 61.18 -13.23
N THR I 303 57.20 59.92 -12.86
CA THR I 303 56.85 59.42 -11.55
C THR I 303 58.05 59.54 -10.61
N LEU I 304 57.78 59.89 -9.36
CA LEU I 304 58.81 59.94 -8.33
C LEU I 304 58.30 59.21 -7.09
N VAL I 305 59.09 58.28 -6.58
CA VAL I 305 58.71 57.51 -5.40
C VAL I 305 59.73 57.74 -4.29
N ALA I 306 59.24 58.03 -3.09
CA ALA I 306 60.06 58.27 -1.92
C ALA I 306 59.58 57.39 -0.78
N VAL I 307 60.51 56.71 -0.12
CA VAL I 307 60.16 55.87 1.03
C VAL I 307 59.77 56.76 2.20
N ASP I 308 58.69 56.40 2.89
CA ASP I 308 58.17 57.24 3.96
C ASP I 308 57.93 56.42 5.21
N ASP I 309 58.27 57.00 6.36
CA ASP I 309 58.23 56.35 7.67
C ASP I 309 57.14 57.00 8.52
N GLY I 310 55.94 56.42 8.50
CA GLY I 310 54.83 56.97 9.23
C GLY I 310 54.40 58.31 8.68
N SER I 311 54.79 59.38 9.36
CA SER I 311 54.65 60.71 8.80
C SER I 311 55.56 60.86 7.59
N HIS I 312 55.02 61.43 6.51
CA HIS I 312 55.65 61.41 5.20
C HIS I 312 56.78 62.44 5.18
N THR I 313 57.95 62.01 5.64
CA THR I 313 59.08 62.93 5.74
C THR I 313 59.76 63.15 4.39
N ALA I 314 60.10 62.07 3.69
CA ALA I 314 60.93 62.19 2.49
C ALA I 314 60.14 62.72 1.30
N MET I 315 58.83 62.53 1.27
CA MET I 315 58.05 63.05 0.16
C MET I 315 57.74 64.52 0.33
N ASN I 316 57.43 64.96 1.56
CA ASN I 316 57.12 66.37 1.77
C ASN I 316 58.36 67.25 1.63
N ALA I 317 59.55 66.69 1.84
CA ALA I 317 60.77 67.42 1.52
C ALA I 317 61.08 67.39 0.04
N LEU I 318 60.68 66.32 -0.65
CA LEU I 318 60.81 66.26 -2.10
C LEU I 318 59.89 67.28 -2.78
N ILE I 319 58.64 67.36 -2.31
CA ILE I 319 57.68 68.32 -2.87
C ILE I 319 58.12 69.75 -2.55
N GLY I 320 58.65 69.97 -1.34
CA GLY I 320 59.13 71.29 -0.97
C GLY I 320 60.34 71.73 -1.77
N ALA I 321 61.14 70.78 -2.26
CA ALA I 321 62.24 71.12 -3.16
C ALA I 321 61.77 71.36 -4.58
N ILE I 322 60.70 70.68 -4.99
CA ILE I 322 60.13 70.90 -6.33
C ILE I 322 59.38 72.21 -6.36
N ASN I 323 58.64 72.53 -5.30
CA ASN I 323 57.79 73.73 -5.29
C ASN I 323 58.60 75.02 -5.26
N THR I 324 59.77 75.01 -4.64
CA THR I 324 60.58 76.22 -4.63
C THR I 324 61.41 76.36 -5.90
N ALA I 325 61.70 75.25 -6.59
CA ALA I 325 62.44 75.30 -7.84
C ALA I 325 61.52 75.60 -9.01
N SER I 326 60.41 74.86 -9.12
CA SER I 326 59.54 74.96 -10.27
C SER I 326 58.62 76.18 -10.22
N GLY I 327 58.28 76.63 -9.02
CA GLY I 327 57.20 77.58 -8.89
C GLY I 327 55.82 76.95 -8.90
N LEU I 328 55.74 75.62 -8.78
CA LEU I 328 54.47 74.93 -8.78
C LEU I 328 53.82 75.03 -7.40
N THR I 329 52.63 74.44 -7.29
CA THR I 329 51.87 74.43 -6.04
C THR I 329 51.36 73.01 -5.78
N ILE I 330 52.29 72.05 -5.83
CA ILE I 330 51.96 70.67 -5.47
C ILE I 330 51.64 70.61 -3.99
N ALA I 331 50.48 70.03 -3.66
CA ALA I 331 50.04 69.98 -2.27
C ALA I 331 50.80 68.89 -1.52
N THR I 332 51.10 69.19 -0.25
CA THR I 332 51.92 68.30 0.57
C THR I 332 51.03 67.37 1.37
N LEU I 333 51.19 66.08 1.14
CA LEU I 333 50.51 65.04 1.90
C LEU I 333 51.02 64.86 3.33
N MET J 1 -11.03 66.52 -24.16
CA MET J 1 -11.42 65.28 -24.82
C MET J 1 -12.75 65.47 -25.50
N VAL J 2 -13.10 64.51 -26.36
CA VAL J 2 -14.38 64.56 -27.05
C VAL J 2 -15.50 64.25 -26.07
N ILE J 3 -16.49 65.13 -26.00
CA ILE J 3 -17.64 64.95 -25.13
C ILE J 3 -18.87 64.78 -26.00
N SER J 4 -19.93 64.24 -25.40
CA SER J 4 -21.22 64.18 -26.08
C SER J 4 -21.91 65.53 -25.93
N ILE J 5 -22.41 66.06 -27.04
CA ILE J 5 -22.98 67.40 -27.08
C ILE J 5 -24.47 67.31 -27.34
N ASN J 6 -25.22 68.25 -26.78
CA ASN J 6 -26.60 68.48 -27.18
C ASN J 6 -26.60 69.59 -28.24
N GLN J 7 -26.00 69.23 -29.38
CA GLN J 7 -25.83 69.95 -30.65
C GLN J 7 -24.81 71.09 -30.59
N VAL J 8 -24.42 71.53 -29.38
CA VAL J 8 -23.34 72.50 -29.16
C VAL J 8 -22.99 72.50 -27.68
N ARG J 9 -21.75 72.88 -27.36
CA ARG J 9 -21.38 73.32 -26.03
C ARG J 9 -20.22 74.29 -26.16
N GLN J 10 -20.36 75.47 -25.57
CA GLN J 10 -19.37 76.53 -25.67
C GLN J 10 -18.93 76.95 -24.28
N LEU J 11 -17.62 76.93 -24.03
CA LEU J 11 -17.07 77.22 -22.72
C LEU J 11 -16.44 78.61 -22.73
N TYR J 12 -16.79 79.40 -21.72
CA TYR J 12 -16.22 80.72 -21.49
C TYR J 12 -15.61 80.75 -20.10
N VAL J 13 -14.41 81.30 -19.99
CA VAL J 13 -13.68 81.32 -18.74
C VAL J 13 -13.97 82.61 -18.01
N ALA J 14 -14.43 82.50 -16.76
CA ALA J 14 -14.63 83.67 -15.91
C ALA J 14 -13.44 83.81 -14.96
N LYS J 15 -12.32 84.25 -15.54
CA LYS J 15 -11.11 84.45 -14.74
C LYS J 15 -11.24 85.67 -13.84
N ALA J 16 -11.91 86.71 -14.33
CA ALA J 16 -12.22 87.89 -13.52
C ALA J 16 -13.58 88.41 -13.97
N LEU J 17 -14.33 88.96 -13.02
CA LEU J 17 -15.68 89.40 -13.30
C LEU J 17 -15.72 90.88 -13.61
N LEU J 63 -34.08 76.18 -20.26
CA LEU J 63 -34.43 74.82 -19.85
C LEU J 63 -33.96 74.55 -18.43
N TYR J 64 -32.65 74.64 -18.20
CA TYR J 64 -32.12 74.61 -16.84
C TYR J 64 -30.81 75.39 -16.79
N ALA J 65 -30.56 76.03 -15.63
CA ALA J 65 -29.28 76.63 -15.31
C ALA J 65 -28.89 76.21 -13.90
N LYS J 66 -27.68 75.66 -13.75
CA LYS J 66 -27.27 75.12 -12.47
C LYS J 66 -25.75 75.14 -12.37
N ALA J 67 -25.24 75.57 -11.21
CA ALA J 67 -23.82 75.62 -10.95
C ALA J 67 -23.35 74.33 -10.29
N THR J 68 -22.18 73.85 -10.71
CA THR J 68 -21.59 72.63 -10.18
C THR J 68 -20.36 72.97 -9.35
N PRO J 69 -20.30 72.56 -8.08
CA PRO J 69 -19.10 72.80 -7.27
C PRO J 69 -17.93 71.95 -7.74
N SER J 70 -16.75 72.28 -7.21
CA SER J 70 -15.54 71.55 -7.59
C SER J 70 -15.42 70.22 -6.86
N GLU J 71 -16.08 70.07 -5.70
CA GLU J 71 -16.09 68.80 -5.01
C GLU J 71 -16.91 67.77 -5.77
N ALA J 72 -17.89 68.21 -6.55
CA ALA J 72 -18.72 67.28 -7.31
C ALA J 72 -17.96 66.71 -8.51
N LEU J 73 -17.03 67.46 -9.06
CA LEU J 73 -16.27 67.05 -10.23
C LEU J 73 -14.91 66.44 -9.86
N ALA J 74 -14.69 66.14 -8.59
CA ALA J 74 -13.46 65.52 -8.15
C ALA J 74 -13.68 64.02 -8.02
N HIS J 75 -12.87 63.23 -8.75
CA HIS J 75 -13.00 61.78 -8.71
C HIS J 75 -12.38 61.28 -7.41
N LYS J 76 -13.22 60.78 -6.52
CA LYS J 76 -12.76 60.24 -5.24
C LYS J 76 -12.10 58.90 -5.50
N LEU J 77 -10.80 58.83 -5.24
CA LEU J 77 -10.02 57.63 -5.54
C LEU J 77 -10.43 56.49 -4.61
N VAL J 78 -10.71 55.33 -5.21
CA VAL J 78 -11.29 54.20 -4.49
C VAL J 78 -10.24 53.58 -3.57
N ARG J 79 -10.60 53.38 -2.31
CA ARG J 79 -9.76 52.73 -1.32
C ARG J 79 -10.28 51.33 -1.03
N TYR J 80 -9.36 50.36 -0.99
CA TYR J 80 -9.64 49.02 -0.51
C TYR J 80 -8.80 48.78 0.73
N SER J 81 -9.40 48.20 1.76
CA SER J 81 -8.70 47.87 2.99
C SER J 81 -8.51 46.36 3.07
N VAL J 82 -7.25 45.92 3.11
CA VAL J 82 -6.89 44.51 3.07
C VAL J 82 -6.47 44.10 4.47
N THR J 83 -7.13 43.07 5.01
CA THR J 83 -6.84 42.53 6.33
C THR J 83 -6.72 41.01 6.25
N LEU J 84 -6.35 40.40 7.36
CA LEU J 84 -6.49 38.97 7.56
C LEU J 84 -7.82 38.71 8.23
N ASP J 85 -8.63 37.81 7.66
CA ASP J 85 -9.92 37.51 8.25
C ASP J 85 -9.75 36.60 9.46
N ALA J 86 -10.50 36.90 10.52
CA ALA J 86 -10.40 36.14 11.75
C ALA J 86 -11.09 34.80 11.69
N ASP J 87 -11.82 34.51 10.62
CA ASP J 87 -12.43 33.19 10.43
C ASP J 87 -11.34 32.14 10.19
N VAL J 88 -10.38 32.47 9.33
CA VAL J 88 -9.29 31.55 9.05
C VAL J 88 -8.27 31.56 10.19
N SER J 89 -7.67 32.73 10.44
CA SER J 89 -6.65 32.90 11.46
C SER J 89 -6.36 34.39 11.66
N ALA J 90 -6.06 34.79 12.89
CA ALA J 90 -5.59 36.15 13.13
C ALA J 90 -4.07 36.23 13.10
N THR J 91 -3.39 35.10 13.05
CA THR J 91 -1.95 34.95 12.97
C THR J 91 -1.60 34.33 11.63
N PRO J 92 -0.55 34.80 10.96
CA PRO J 92 -0.13 34.16 9.71
C PRO J 92 0.33 32.73 9.92
N VAL J 93 -0.27 31.81 9.15
CA VAL J 93 0.05 30.39 9.26
C VAL J 93 1.46 30.17 8.73
N ALA J 94 2.30 29.52 9.55
CA ALA J 94 3.75 29.63 9.44
C ALA J 94 4.33 28.93 8.21
N GLY J 95 3.58 28.05 7.56
CA GLY J 95 4.14 27.35 6.42
C GLY J 95 3.66 27.86 5.08
N GLN J 96 2.64 28.72 5.08
CA GLN J 96 1.92 29.03 3.86
C GLN J 96 2.55 30.18 3.09
N ASN J 97 2.31 30.19 1.79
CA ASN J 97 2.58 31.33 0.94
C ASN J 97 1.33 32.19 0.85
N TYR J 98 1.46 33.46 1.19
CA TYR J 98 0.35 34.40 1.16
C TYR J 98 0.50 35.26 -0.08
N ILE J 99 -0.40 35.10 -1.05
CA ILE J 99 -0.34 35.80 -2.32
C ILE J 99 -1.60 36.64 -2.49
N LEU J 100 -1.42 37.90 -2.87
CA LEU J 100 -2.51 38.82 -3.16
C LEU J 100 -2.48 39.15 -4.65
N ARG J 101 -3.62 39.00 -5.32
CA ARG J 101 -3.74 39.33 -6.73
C ARG J 101 -4.60 40.57 -6.89
N LEU J 102 -4.06 41.59 -7.57
CA LEU J 102 -4.85 42.74 -7.98
C LEU J 102 -5.26 42.52 -9.44
N ALA J 103 -6.55 42.65 -9.71
CA ALA J 103 -7.09 42.39 -11.04
C ALA J 103 -7.53 43.73 -11.61
N PHE J 104 -6.64 44.35 -12.39
CA PHE J 104 -6.95 45.63 -12.97
C PHE J 104 -7.87 45.46 -14.18
N ARG J 105 -8.46 46.56 -14.61
CA ARG J 105 -9.35 46.60 -15.75
C ARG J 105 -9.10 47.93 -16.45
N GLN J 106 -9.29 47.95 -17.77
CA GLN J 106 -9.12 49.13 -18.63
C GLN J 106 -7.67 49.58 -18.61
N TYR J 107 -6.75 48.61 -18.60
CA TYR J 107 -5.32 48.87 -18.38
C TYR J 107 -4.75 49.80 -19.43
N ILE J 108 -4.75 49.38 -20.69
CA ILE J 108 -4.25 50.23 -21.76
C ILE J 108 -5.33 50.60 -22.77
N GLY J 109 -6.23 49.69 -23.11
CA GLY J 109 -7.35 49.98 -23.98
C GLY J 109 -8.50 50.59 -23.21
N LEU J 110 -9.71 50.35 -23.72
CA LEU J 110 -10.91 50.93 -23.15
C LEU J 110 -11.83 49.90 -22.50
N SER J 111 -11.59 48.63 -22.71
CA SER J 111 -12.53 47.59 -22.31
C SER J 111 -12.15 47.00 -20.95
N GLU J 112 -13.12 46.32 -20.36
CA GLU J 112 -12.87 45.49 -19.19
C GLU J 112 -12.29 44.12 -19.55
N GLU J 113 -11.96 43.89 -20.82
CA GLU J 113 -11.18 42.74 -21.26
C GLU J 113 -9.70 43.05 -21.32
N ASP J 114 -9.31 44.30 -21.08
CA ASP J 114 -7.91 44.69 -20.99
C ASP J 114 -7.55 44.58 -19.52
N GLN J 115 -7.11 43.40 -19.12
CA GLN J 115 -6.97 43.04 -17.72
C GLN J 115 -5.51 42.86 -17.38
N TYR J 116 -5.07 43.54 -16.33
CA TYR J 116 -3.69 43.54 -15.89
C TYR J 116 -3.63 42.97 -14.49
N PHE J 117 -2.70 42.06 -14.24
CA PHE J 117 -2.63 41.35 -12.97
C PHE J 117 -1.26 41.57 -12.35
N LYS J 118 -1.24 42.24 -11.21
CA LYS J 118 -0.03 42.47 -10.44
C LYS J 118 -0.15 41.79 -9.10
N TYR J 119 0.95 41.20 -8.64
CA TYR J 119 0.93 40.28 -7.51
C TYR J 119 1.85 40.75 -6.40
N GLY J 120 1.42 40.51 -5.17
CA GLY J 120 2.29 40.64 -4.01
C GLY J 120 2.28 39.34 -3.25
N GLU J 121 3.43 38.99 -2.68
CA GLU J 121 3.55 37.71 -1.99
C GLU J 121 4.46 37.84 -0.80
N VAL J 122 4.13 37.13 0.27
CA VAL J 122 4.99 37.01 1.43
C VAL J 122 4.78 35.65 2.10
N ILE J 123 5.85 34.87 2.21
CA ILE J 123 5.77 33.58 2.90
C ILE J 123 5.89 33.84 4.40
N ALA J 124 4.92 33.33 5.16
CA ALA J 124 4.92 33.55 6.59
C ALA J 124 5.98 32.68 7.27
N ARG J 125 6.38 33.10 8.46
CA ARG J 125 7.39 32.42 9.24
C ARG J 125 6.79 32.04 10.60
N SER J 126 7.63 31.46 11.46
CA SER J 126 7.16 30.96 12.74
C SER J 126 6.89 32.11 13.70
N GLY J 127 7.77 33.10 13.76
CA GLY J 127 7.65 34.22 14.64
C GLY J 127 6.98 35.44 14.05
N MET J 128 6.31 35.29 12.91
CA MET J 128 5.65 36.41 12.25
C MET J 128 4.38 36.79 12.99
N THR J 129 4.21 38.07 13.24
CA THR J 129 3.01 38.61 13.85
C THR J 129 2.08 39.13 12.76
N ALA J 130 0.93 39.65 13.19
CA ALA J 130 0.01 40.26 12.24
C ALA J 130 0.57 41.56 11.67
N SER J 131 1.34 42.30 12.47
CA SER J 131 1.95 43.53 11.98
C SER J 131 3.19 43.27 11.15
N ASP J 132 3.87 42.15 11.35
CA ASP J 132 4.97 41.79 10.46
C ASP J 132 4.44 41.32 9.11
N PHE J 133 3.23 40.79 9.08
CA PHE J 133 2.63 40.37 7.81
C PHE J 133 2.26 41.58 6.97
N TYR J 134 1.55 42.55 7.57
CA TYR J 134 1.11 43.72 6.82
C TYR J 134 2.27 44.61 6.42
N LYS J 135 3.36 44.58 7.19
CA LYS J 135 4.56 45.32 6.80
C LYS J 135 5.23 44.66 5.60
N LYS J 136 5.37 43.34 5.62
CA LYS J 136 6.14 42.64 4.59
C LYS J 136 5.35 42.48 3.29
N MET J 137 4.02 42.51 3.34
CA MET J 137 3.27 42.48 2.08
C MET J 137 3.19 43.86 1.45
N ALA J 138 3.07 44.91 2.27
CA ALA J 138 3.07 46.27 1.72
C ALA J 138 4.42 46.63 1.13
N ILE J 139 5.49 46.02 1.62
CA ILE J 139 6.77 46.11 0.94
C ILE J 139 6.72 45.35 -0.39
N SER J 140 6.09 44.17 -0.38
CA SER J 140 6.04 43.34 -1.58
C SER J 140 5.09 43.90 -2.64
N LEU J 141 3.99 44.52 -2.22
CA LEU J 141 3.11 45.18 -3.17
C LEU J 141 3.76 46.41 -3.77
N ALA J 142 4.56 47.13 -2.99
CA ALA J 142 5.13 48.38 -3.48
C ALA J 142 6.27 48.14 -4.46
N LYS J 143 6.96 47.01 -4.35
CA LYS J 143 8.03 46.71 -5.31
C LYS J 143 7.47 46.36 -6.67
N ASN J 144 6.27 45.78 -6.72
CA ASN J 144 5.65 45.39 -7.97
C ASN J 144 4.85 46.52 -8.60
N LEU J 145 4.19 47.34 -7.79
CA LEU J 145 3.26 48.32 -8.29
C LEU J 145 3.85 49.72 -8.43
N GLU J 146 4.63 50.18 -7.46
CA GLU J 146 5.14 51.55 -7.43
C GLU J 146 6.65 51.60 -7.57
N ASN J 147 7.18 50.86 -8.53
CA ASN J 147 8.61 50.84 -8.79
C ASN J 147 8.99 51.88 -9.84
N LYS J 148 10.25 51.84 -10.26
CA LYS J 148 10.78 52.81 -11.22
C LYS J 148 10.46 52.44 -12.66
N THR J 149 10.23 51.16 -12.93
CA THR J 149 10.19 50.66 -14.29
C THR J 149 8.81 50.69 -14.92
N GLU J 150 7.74 50.68 -14.11
CA GLU J 150 6.39 50.53 -14.63
C GLU J 150 5.98 51.75 -15.46
N SER J 151 5.37 51.48 -16.61
CA SER J 151 5.11 52.52 -17.60
C SER J 151 4.00 53.47 -17.18
N THR J 152 3.14 53.07 -16.26
CA THR J 152 2.01 53.89 -15.83
C THR J 152 1.78 53.68 -14.33
N PRO J 153 1.31 54.70 -13.64
CA PRO J 153 0.91 54.52 -12.24
C PRO J 153 -0.32 53.62 -12.13
N LEU J 154 -0.31 52.73 -11.15
CA LEU J 154 -1.41 51.78 -10.97
C LEU J 154 -2.20 52.04 -9.69
N VAL J 155 -1.57 51.94 -8.52
CA VAL J 155 -2.25 52.07 -7.24
C VAL J 155 -1.30 52.66 -6.21
N ASN J 156 -1.87 53.26 -5.17
CA ASN J 156 -1.09 53.70 -4.01
C ASN J 156 -1.24 52.69 -2.88
N ILE J 157 -0.14 52.41 -2.20
CA ILE J 157 -0.11 51.44 -1.11
C ILE J 157 0.20 52.18 0.18
N TYR J 158 -0.64 52.01 1.19
CA TYR J 158 -0.46 52.62 2.49
C TYR J 158 -0.53 51.56 3.58
N LEU J 159 0.05 51.89 4.72
CA LEU J 159 0.00 51.06 5.92
C LEU J 159 -0.63 51.90 7.04
N ILE J 160 -1.77 51.47 7.51
CA ILE J 160 -2.42 52.11 8.66
C ILE J 160 -1.84 51.50 9.92
N SER J 161 -1.48 52.35 10.87
CA SER J 161 -1.03 51.90 12.18
C SER J 161 -2.23 51.87 13.12
N ALA J 162 -2.14 51.01 14.13
CA ALA J 162 -3.25 50.90 15.09
C ALA J 162 -3.30 52.12 16.01
N ALA J 163 -2.16 52.72 16.32
CA ALA J 163 -2.15 53.93 17.15
C ALA J 163 -2.63 55.14 16.37
N ALA J 164 -2.28 55.22 15.08
CA ALA J 164 -2.68 56.32 14.21
C ALA J 164 -3.60 55.75 13.14
N ALA J 165 -4.90 55.69 13.45
CA ALA J 165 -5.86 55.07 12.55
C ALA J 165 -6.22 55.98 11.37
N SER J 166 -6.16 57.29 11.56
CA SER J 166 -6.51 58.23 10.51
C SER J 166 -5.29 58.68 9.70
N THR J 167 -4.11 58.20 10.03
CA THR J 167 -2.88 58.59 9.34
C THR J 167 -2.33 57.38 8.61
N ASP J 168 -2.17 57.51 7.30
CA ASP J 168 -1.67 56.43 6.46
C ASP J 168 -0.24 56.74 6.03
N VAL J 169 0.68 55.81 6.29
CA VAL J 169 2.07 56.03 5.93
C VAL J 169 2.28 55.49 4.51
N PRO J 170 2.92 56.27 3.64
CA PRO J 170 3.09 55.81 2.26
C PRO J 170 4.23 54.83 2.12
N VAL J 171 4.00 53.78 1.35
CA VAL J 171 5.00 52.77 1.05
C VAL J 171 5.26 52.77 -0.45
N THR J 172 6.53 52.91 -0.83
CA THR J 172 6.97 52.85 -2.22
C THR J 172 8.01 51.75 -2.36
N SER J 173 8.59 51.61 -3.55
CA SER J 173 9.59 50.58 -3.77
C SER J 173 10.91 50.93 -3.09
N ALA J 174 11.18 52.22 -2.91
CA ALA J 174 12.37 52.65 -2.18
C ALA J 174 12.24 52.44 -0.68
N THR J 175 11.02 52.27 -0.17
CA THR J 175 10.80 52.07 1.25
C THR J 175 11.33 50.71 1.69
N LYS J 176 12.18 50.71 2.69
CA LYS J 176 12.75 49.50 3.27
C LYS J 176 12.05 49.19 4.59
N GLU J 177 12.34 47.99 5.12
CA GLU J 177 11.70 47.54 6.34
C GLU J 177 12.18 48.30 7.58
N SER J 178 13.31 48.99 7.49
CA SER J 178 13.77 49.81 8.60
C SER J 178 12.92 51.06 8.76
N ASP J 179 12.34 51.57 7.67
CA ASP J 179 11.53 52.77 7.75
C ASP J 179 10.18 52.51 8.41
N LEU J 180 9.67 51.28 8.31
CA LEU J 180 8.38 50.92 8.89
C LEU J 180 8.62 50.37 10.28
N THR J 181 8.86 51.29 11.22
CA THR J 181 9.39 50.92 12.52
C THR J 181 8.31 50.42 13.47
N ALA J 182 7.06 50.79 13.25
CA ALA J 182 6.00 50.49 14.19
C ALA J 182 5.67 49.00 14.20
N THR J 183 5.19 48.52 15.34
CA THR J 183 4.84 47.12 15.53
C THR J 183 3.35 46.90 15.67
N ASP J 184 2.54 47.91 15.40
CA ASP J 184 1.08 47.79 15.45
C ASP J 184 0.51 48.25 14.11
N TYR J 185 0.47 47.34 13.15
CA TYR J 185 -0.13 47.57 11.85
C TYR J 185 -1.33 46.65 11.71
N ASN J 186 -2.51 47.23 11.48
CA ASN J 186 -3.74 46.44 11.48
C ASN J 186 -4.32 46.20 10.10
N GLN J 187 -3.92 46.96 9.08
CA GLN J 187 -4.47 46.77 7.74
C GLN J 187 -3.52 47.36 6.71
N ILE J 188 -3.80 47.04 5.45
CA ILE J 188 -3.13 47.61 4.28
C ILE J 188 -4.20 48.28 3.43
N ILE J 189 -3.92 49.50 2.98
CA ILE J 189 -4.84 50.24 2.10
C ILE J 189 -4.23 50.30 0.71
N ILE J 190 -4.97 49.81 -0.27
CA ILE J 190 -4.60 49.94 -1.67
C ILE J 190 -5.57 50.93 -2.31
N GLU J 191 -5.04 52.02 -2.85
CA GLU J 191 -5.86 53.12 -3.35
C GLU J 191 -5.48 53.43 -4.80
N GLU J 192 -6.48 53.78 -5.60
CA GLU J 192 -6.29 54.16 -7.00
C GLU J 192 -5.42 55.40 -7.15
N THR J 193 -4.91 55.61 -8.36
CA THR J 193 -4.06 56.73 -8.68
C THR J 193 -4.65 57.58 -9.80
N GLU J 194 -4.08 58.76 -9.97
CA GLU J 194 -4.35 59.62 -11.11
C GLU J 194 -3.38 59.28 -12.23
N GLN J 195 -3.92 58.92 -13.39
CA GLN J 195 -3.13 58.49 -14.53
C GLN J 195 -2.52 59.71 -15.22
N PRO J 196 -1.53 59.51 -16.11
CA PRO J 196 -0.98 60.63 -16.88
C PRO J 196 -2.01 61.29 -17.79
N TRP J 197 -1.82 62.60 -18.00
CA TRP J 197 -2.79 63.44 -18.68
C TRP J 197 -2.07 64.37 -19.65
N VAL J 198 -2.47 64.32 -20.92
CA VAL J 198 -2.02 65.26 -21.93
C VAL J 198 -3.24 66.09 -22.34
N LEU J 199 -3.03 67.38 -22.57
CA LEU J 199 -4.12 68.31 -22.86
C LEU J 199 -4.71 68.00 -24.24
N GLY J 200 -5.93 67.48 -24.25
CA GLY J 200 -6.66 67.24 -25.47
C GLY J 200 -6.24 66.02 -26.27
N MET J 201 -5.16 65.35 -25.89
CA MET J 201 -4.70 64.15 -26.58
C MET J 201 -4.81 62.89 -25.72
N MET J 202 -4.77 63.03 -24.40
CA MET J 202 -4.91 61.90 -23.49
C MET J 202 -5.86 62.32 -22.38
N PRO J 203 -7.10 61.84 -22.36
CA PRO J 203 -8.09 62.33 -21.40
C PRO J 203 -7.82 61.79 -20.00
N GLN J 204 -8.61 62.30 -19.05
CA GLN J 204 -8.54 61.82 -17.68
C GLN J 204 -9.34 60.54 -17.56
N ALA J 205 -8.65 59.41 -17.36
CA ALA J 205 -9.27 58.12 -17.22
C ALA J 205 -8.50 57.36 -16.15
N PHE J 206 -9.12 56.31 -15.63
CA PHE J 206 -8.60 55.61 -14.47
C PHE J 206 -8.63 54.11 -14.69
N ILE J 207 -7.79 53.41 -13.96
CA ILE J 207 -7.64 51.96 -14.06
C ILE J 207 -8.22 51.33 -12.80
N PRO J 208 -9.46 50.84 -12.83
CA PRO J 208 -10.03 50.21 -11.63
C PRO J 208 -9.41 48.86 -11.36
N PHE J 209 -9.39 48.48 -10.09
CA PHE J 209 -8.72 47.27 -9.64
C PHE J 209 -9.60 46.55 -8.63
N THR J 210 -9.25 45.29 -8.37
CA THR J 210 -9.95 44.47 -7.38
C THR J 210 -8.95 43.57 -6.66
N PRO J 211 -8.63 43.84 -5.40
CA PRO J 211 -7.71 42.97 -4.65
C PRO J 211 -8.36 41.62 -4.37
N GLN J 212 -7.72 40.55 -4.84
CA GLN J 212 -8.22 39.20 -4.68
C GLN J 212 -7.15 38.33 -4.06
N PHE J 213 -7.58 37.29 -3.35
CA PHE J 213 -6.72 36.50 -2.49
C PHE J 213 -6.68 35.06 -2.96
N LEU J 214 -5.51 34.44 -2.84
CA LEU J 214 -5.37 33.02 -3.09
C LEU J 214 -5.65 32.22 -1.83
N THR J 215 -5.65 30.90 -1.97
CA THR J 215 -6.03 30.02 -0.88
C THR J 215 -4.80 29.55 -0.12
N ILE J 216 -4.88 29.64 1.20
CA ILE J 216 -3.86 29.07 2.09
C ILE J 216 -4.44 27.83 2.74
N THR J 217 -3.56 26.90 3.10
CA THR J 217 -3.97 25.68 3.77
C THR J 217 -4.04 25.95 5.27
N VAL J 218 -5.20 25.69 5.86
CA VAL J 218 -5.47 26.12 7.24
C VAL J 218 -5.26 24.96 8.20
N ASP J 219 -6.10 23.94 8.07
CA ASP J 219 -6.04 22.71 8.85
C ASP J 219 -6.23 21.52 7.94
N GLY J 220 -5.56 21.54 6.80
CA GLY J 220 -5.78 20.57 5.76
C GLY J 220 -6.84 20.93 4.76
N GLU J 221 -7.51 22.07 4.91
CA GLU J 221 -8.42 22.59 3.92
C GLU J 221 -7.91 23.95 3.43
N ASP J 222 -8.16 24.24 2.16
CA ASP J 222 -7.66 25.47 1.53
C ASP J 222 -8.73 26.55 1.64
N ARG J 223 -8.37 27.67 2.26
CA ARG J 223 -9.29 28.79 2.44
C ARG J 223 -8.59 30.08 2.08
N LEU J 224 -9.39 31.08 1.68
CA LEU J 224 -8.87 32.39 1.36
C LEU J 224 -8.34 33.08 2.61
N TRP J 225 -7.25 33.83 2.46
CA TRP J 225 -6.55 34.34 3.63
C TRP J 225 -6.97 35.74 4.04
N GLY J 226 -7.85 36.39 3.30
CA GLY J 226 -8.09 37.79 3.62
C GLY J 226 -9.44 38.31 3.17
N VAL J 227 -9.69 39.56 3.54
CA VAL J 227 -10.93 40.26 3.24
C VAL J 227 -10.56 41.66 2.73
N ALA J 228 -11.10 42.03 1.57
CA ALA J 228 -10.94 43.36 1.02
C ALA J 228 -12.26 44.12 1.15
N THR J 229 -12.17 45.37 1.62
CA THR J 229 -13.35 46.15 1.94
C THR J 229 -13.19 47.56 1.38
N VAL J 230 -14.20 48.03 0.64
CA VAL J 230 -14.17 49.38 0.10
C VAL J 230 -14.54 50.35 1.21
N VAL J 231 -13.55 50.94 1.85
CA VAL J 231 -13.79 51.97 2.85
C VAL J 231 -14.06 53.29 2.14
N THR J 232 -14.49 54.30 2.90
CA THR J 232 -14.80 55.59 2.31
C THR J 232 -13.52 56.27 1.80
N PRO J 233 -13.57 56.95 0.65
CA PRO J 233 -12.36 57.54 0.09
C PRO J 233 -11.92 58.78 0.86
N THR J 234 -10.63 59.08 0.76
CA THR J 234 -10.03 60.21 1.45
C THR J 234 -9.55 61.31 0.51
N LYS J 235 -8.71 60.98 -0.46
CA LYS J 235 -8.13 61.96 -1.36
C LYS J 235 -8.72 61.82 -2.75
N THR J 236 -8.87 62.95 -3.44
CA THR J 236 -9.57 63.06 -4.70
C THR J 236 -8.60 63.43 -5.82
N VAL J 237 -9.14 63.66 -7.00
CA VAL J 237 -8.41 64.16 -8.15
C VAL J 237 -9.01 65.50 -8.54
N PRO J 238 -8.22 66.57 -8.65
CA PRO J 238 -8.80 67.91 -8.85
C PRO J 238 -9.38 68.12 -10.24
N ASP J 239 -10.05 69.27 -10.39
CA ASP J 239 -10.81 69.62 -11.58
C ASP J 239 -9.97 70.19 -12.70
N GLY J 240 -8.69 70.48 -12.47
CA GLY J 240 -7.91 71.22 -13.45
C GLY J 240 -7.66 70.46 -14.74
N HIS J 241 -7.62 69.14 -14.67
CA HIS J 241 -7.37 68.34 -15.86
C HIS J 241 -8.66 68.02 -16.62
N LEU J 242 -9.81 68.07 -15.95
CA LEU J 242 -11.08 67.84 -16.63
C LEU J 242 -11.64 69.10 -17.27
N ILE J 243 -11.33 70.27 -16.70
CA ILE J 243 -11.84 71.52 -17.25
C ILE J 243 -10.97 71.99 -18.42
N ALA J 244 -9.66 71.80 -18.31
CA ALA J 244 -8.76 72.22 -19.38
C ALA J 244 -8.94 71.37 -20.65
N ASP J 245 -9.33 70.11 -20.51
CA ASP J 245 -9.72 69.34 -21.68
C ASP J 245 -11.10 69.73 -22.19
N LEU J 246 -12.00 70.13 -21.28
CA LEU J 246 -13.32 70.59 -21.70
C LEU J 246 -13.22 71.93 -22.41
N GLU J 247 -12.35 72.81 -21.91
CA GLU J 247 -12.12 74.09 -22.57
C GLU J 247 -11.36 73.93 -23.87
N TYR J 248 -10.54 72.88 -23.97
CA TYR J 248 -9.88 72.55 -25.23
C TYR J 248 -10.87 72.11 -26.28
N PHE J 249 -11.92 71.39 -25.88
CA PHE J 249 -12.92 70.89 -26.81
C PHE J 249 -13.91 71.98 -27.18
N CYS J 250 -14.50 72.64 -26.19
CA CYS J 250 -15.62 73.55 -26.42
C CYS J 250 -15.22 74.87 -27.03
N MET J 251 -13.93 75.18 -27.14
CA MET J 251 -13.50 76.38 -27.84
C MET J 251 -13.30 76.13 -29.32
N GLY J 252 -13.24 74.86 -29.74
CA GLY J 252 -13.36 74.54 -31.15
C GLY J 252 -14.74 74.76 -31.73
N ALA J 253 -15.75 74.93 -30.86
CA ALA J 253 -17.07 75.32 -31.32
C ALA J 253 -17.08 76.74 -31.88
N ARG J 254 -16.24 77.62 -31.35
CA ARG J 254 -16.06 78.98 -31.86
C ARG J 254 -14.58 79.18 -32.14
N GLY J 255 -14.14 78.75 -33.31
CA GLY J 255 -12.75 78.92 -33.64
C GLY J 255 -12.23 77.75 -34.44
N ASP J 256 -10.98 77.41 -34.15
CA ASP J 256 -10.22 76.44 -34.94
C ASP J 256 -10.61 75.02 -34.58
N ILE J 257 -11.09 74.26 -35.56
CA ILE J 257 -11.36 72.84 -35.37
C ILE J 257 -10.15 71.99 -35.71
N TYR J 258 -9.37 72.38 -36.72
CA TYR J 258 -8.09 71.77 -37.03
C TYR J 258 -7.06 72.37 -36.08
N ARG J 259 -6.83 71.70 -34.94
CA ARG J 259 -6.05 72.29 -33.86
C ARG J 259 -4.58 72.42 -34.25
N GLY J 260 -3.92 71.31 -34.50
CA GLY J 260 -2.51 71.36 -34.85
C GLY J 260 -2.19 70.48 -36.04
N MET J 261 -3.18 70.26 -36.89
CA MET J 261 -2.98 69.46 -38.10
C MET J 261 -2.28 70.30 -39.16
N GLY J 262 -1.15 69.81 -39.65
CA GLY J 262 -0.30 70.62 -40.50
C GLY J 262 0.36 71.72 -39.69
N TYR J 263 1.31 71.33 -38.83
CA TYR J 263 1.83 72.20 -37.77
C TYR J 263 2.41 73.55 -38.20
N PRO J 264 3.19 73.71 -39.28
CA PRO J 264 3.66 75.07 -39.62
C PRO J 264 2.55 75.99 -40.11
N ASN J 265 1.43 75.44 -40.59
CA ASN J 265 0.31 76.26 -41.06
C ASN J 265 -0.89 75.97 -40.17
N ILE J 266 -0.95 76.68 -39.03
CA ILE J 266 -2.02 76.53 -38.05
C ILE J 266 -2.47 77.91 -37.59
N ILE J 267 -3.49 77.91 -36.73
CA ILE J 267 -3.95 79.10 -36.03
C ILE J 267 -3.92 78.74 -34.56
N LYS J 268 -2.89 79.21 -33.85
CA LYS J 268 -2.75 78.87 -32.44
C LYS J 268 -3.73 79.67 -31.61
N THR J 269 -4.46 78.97 -30.74
CA THR J 269 -5.51 79.56 -29.92
C THR J 269 -5.05 79.58 -28.47
N THR J 270 -5.11 80.75 -27.85
CA THR J 270 -4.75 80.90 -26.44
C THR J 270 -5.85 80.32 -25.56
N TYR J 271 -5.50 79.34 -24.74
CA TYR J 271 -6.43 78.75 -23.78
C TYR J 271 -6.28 79.43 -22.43
N LEU J 272 -7.41 79.70 -21.78
CA LEU J 272 -7.44 80.50 -20.57
C LEU J 272 -7.77 79.69 -19.32
N VAL J 273 -7.47 78.39 -19.32
CA VAL J 273 -7.67 77.54 -18.15
C VAL J 273 -6.33 77.00 -17.71
N ASP J 274 -5.99 77.22 -16.44
CA ASP J 274 -4.79 76.63 -15.86
C ASP J 274 -5.13 75.25 -15.33
N PRO J 275 -4.44 74.18 -15.75
CA PRO J 275 -4.75 72.85 -15.24
C PRO J 275 -4.32 72.61 -13.79
N GLY J 276 -3.66 73.56 -13.14
CA GLY J 276 -3.24 73.40 -11.77
C GLY J 276 -4.18 73.97 -10.73
N ALA J 277 -5.37 74.38 -11.12
CA ALA J 277 -6.37 74.93 -10.21
C ALA J 277 -7.56 73.98 -10.09
N VAL J 278 -8.56 74.40 -9.34
CA VAL J 278 -9.84 73.71 -9.25
C VAL J 278 -10.94 74.69 -9.62
N TYR J 279 -11.91 74.23 -10.41
CA TYR J 279 -12.89 75.12 -11.02
C TYR J 279 -14.31 74.73 -10.64
N ASP J 280 -15.11 75.75 -10.31
CA ASP J 280 -16.54 75.58 -10.19
C ASP J 280 -17.17 75.89 -11.55
N VAL J 281 -18.21 75.13 -11.90
CA VAL J 281 -18.74 75.12 -13.26
C VAL J 281 -20.20 75.53 -13.24
N LEU J 282 -20.52 76.56 -14.01
CA LEU J 282 -21.90 76.91 -14.31
C LEU J 282 -22.27 76.32 -15.66
N ASP J 283 -23.55 76.03 -15.85
CA ASP J 283 -23.98 75.24 -17.01
C ASP J 283 -25.41 75.63 -17.35
N ILE J 284 -25.56 76.50 -18.35
CA ILE J 284 -26.86 77.02 -18.77
C ILE J 284 -27.26 76.33 -20.06
N HIS J 285 -28.37 75.60 -20.03
CA HIS J 285 -28.86 74.84 -21.17
C HIS J 285 -30.12 75.53 -21.70
N TYR J 286 -30.05 76.00 -22.94
CA TYR J 286 -31.13 76.78 -23.55
C TYR J 286 -31.37 76.28 -24.97
N PHE J 287 -32.21 76.96 -25.74
CA PHE J 287 -32.57 76.48 -27.07
C PHE J 287 -33.08 77.63 -27.92
N TYR J 288 -33.51 77.27 -29.13
CA TYR J 288 -34.00 78.18 -30.16
C TYR J 288 -35.33 77.63 -30.68
N VAL J 295 -39.89 75.47 -36.02
CA VAL J 295 -40.74 74.80 -35.05
C VAL J 295 -39.89 73.95 -34.12
N GLN J 296 -38.90 73.29 -34.71
CA GLN J 296 -38.05 72.37 -33.97
C GLN J 296 -37.02 73.13 -33.17
N LYS J 297 -36.91 72.81 -31.88
CA LYS J 297 -35.89 73.40 -31.04
C LYS J 297 -34.50 72.94 -31.45
N SER J 298 -33.53 73.81 -31.26
CA SER J 298 -32.12 73.47 -31.41
C SER J 298 -31.46 73.80 -30.08
N GLU J 299 -31.28 72.80 -29.24
CA GLU J 299 -30.83 73.02 -27.87
C GLU J 299 -29.36 73.42 -27.84
N LYS J 300 -29.01 74.26 -26.88
CA LYS J 300 -27.71 74.91 -26.83
C LYS J 300 -27.23 74.98 -25.38
N THR J 301 -25.92 75.04 -25.20
CA THR J 301 -25.31 74.97 -23.88
C THR J 301 -24.19 76.00 -23.76
N ILE J 302 -24.11 76.65 -22.60
CA ILE J 302 -23.02 77.54 -22.24
C ILE J 302 -22.42 77.04 -20.92
N THR J 303 -21.09 76.96 -20.88
CA THR J 303 -20.39 76.50 -19.69
C THR J 303 -19.47 77.61 -19.20
N LEU J 304 -19.63 78.00 -17.95
CA LEU J 304 -18.82 79.07 -17.36
C LEU J 304 -18.01 78.50 -16.19
N VAL J 305 -16.70 78.64 -16.26
CA VAL J 305 -15.81 78.13 -15.24
C VAL J 305 -15.15 79.29 -14.50
N ALA J 306 -14.92 79.11 -13.21
CA ALA J 306 -14.24 80.10 -12.39
C ALA J 306 -13.45 79.37 -11.31
N VAL J 307 -12.39 80.03 -10.83
CA VAL J 307 -11.45 79.39 -9.93
C VAL J 307 -12.07 79.26 -8.55
N ASP J 308 -11.79 78.13 -7.90
CA ASP J 308 -12.31 77.79 -6.57
C ASP J 308 -11.18 77.94 -5.57
N ASP J 309 -11.31 78.88 -4.65
CA ASP J 309 -10.31 79.08 -3.59
C ASP J 309 -10.66 78.36 -2.29
N GLY J 310 -11.64 77.45 -2.31
CA GLY J 310 -11.98 76.65 -1.16
C GLY J 310 -13.38 76.95 -0.68
N SER J 311 -13.73 78.23 -0.63
CA SER J 311 -15.12 78.66 -0.60
C SER J 311 -15.53 78.96 -2.03
N HIS J 312 -16.84 79.04 -2.27
CA HIS J 312 -17.30 79.03 -3.65
C HIS J 312 -17.46 80.42 -4.24
N THR J 313 -16.60 81.34 -3.80
CA THR J 313 -16.50 82.68 -4.37
C THR J 313 -16.08 82.59 -5.84
N ALA J 314 -16.51 83.60 -6.62
CA ALA J 314 -16.38 83.80 -8.07
C ALA J 314 -17.29 82.90 -8.88
N MET J 315 -18.03 82.00 -8.25
CA MET J 315 -19.12 81.29 -8.92
C MET J 315 -20.41 81.52 -8.14
N ASN J 316 -20.27 81.73 -6.83
CA ASN J 316 -21.32 82.40 -6.07
C ASN J 316 -21.34 83.89 -6.33
N ALA J 317 -20.27 84.42 -6.92
CA ALA J 317 -20.25 85.77 -7.47
C ALA J 317 -20.55 85.79 -8.95
N LEU J 318 -21.37 84.86 -9.42
CA LEU J 318 -21.75 84.77 -10.82
C LEU J 318 -23.06 84.00 -10.96
N ALA K 67 -75.28 15.67 5.32
CA ALA K 67 -75.08 15.04 6.62
C ALA K 67 -73.67 15.29 7.12
N THR K 68 -72.97 16.19 6.45
CA THR K 68 -71.54 16.38 6.69
C THR K 68 -71.33 17.64 7.52
N PRO K 69 -70.60 17.56 8.63
CA PRO K 69 -70.48 18.71 9.55
C PRO K 69 -69.50 19.79 9.12
N SER K 70 -69.07 19.82 7.85
CA SER K 70 -68.33 20.88 7.17
C SER K 70 -66.88 21.00 7.63
N GLU K 71 -66.48 20.24 8.64
CA GLU K 71 -65.07 20.08 8.96
C GLU K 71 -64.48 18.85 8.30
N ALA K 72 -65.32 17.92 7.84
CA ALA K 72 -64.83 16.75 7.13
C ALA K 72 -64.40 17.09 5.71
N LEU K 73 -65.00 18.12 5.13
CA LEU K 73 -64.66 18.56 3.78
C LEU K 73 -63.55 19.59 3.76
N ALA K 74 -62.80 19.71 4.85
CA ALA K 74 -61.67 20.62 4.95
C ALA K 74 -60.39 19.80 4.94
N HIS K 75 -59.57 19.99 3.91
CA HIS K 75 -58.35 19.20 3.76
C HIS K 75 -57.30 19.66 4.76
N LYS K 76 -56.59 18.70 5.34
CA LYS K 76 -55.59 18.97 6.37
C LYS K 76 -54.21 19.08 5.72
N LEU K 77 -53.55 20.22 5.91
CA LEU K 77 -52.21 20.41 5.40
C LEU K 77 -51.22 19.57 6.19
N VAL K 78 -50.42 18.77 5.48
CA VAL K 78 -49.52 17.83 6.12
C VAL K 78 -48.27 18.56 6.59
N ARG K 79 -47.80 18.20 7.79
CA ARG K 79 -46.62 18.81 8.39
C ARG K 79 -45.58 17.74 8.68
N TYR K 80 -44.33 18.02 8.33
CA TYR K 80 -43.20 17.16 8.68
C TYR K 80 -42.25 17.95 9.56
N SER K 81 -41.94 17.42 10.73
CA SER K 81 -40.99 18.03 11.65
C SER K 81 -39.66 17.33 11.49
N VAL K 82 -38.69 17.99 10.85
CA VAL K 82 -37.38 17.41 10.60
C VAL K 82 -36.40 17.91 11.64
N THR K 83 -35.71 16.98 12.31
CA THR K 83 -34.74 17.28 13.34
C THR K 83 -33.46 16.55 13.03
N LEU K 84 -32.41 16.88 13.77
CA LEU K 84 -31.19 16.08 13.72
C LEU K 84 -31.42 14.74 14.39
N ASP K 85 -30.87 13.68 13.80
CA ASP K 85 -31.04 12.35 14.34
C ASP K 85 -30.20 12.21 15.60
N ALA K 86 -30.87 11.94 16.73
CA ALA K 86 -30.17 11.85 18.00
C ALA K 86 -29.29 10.61 18.09
N ASP K 87 -29.59 9.58 17.30
CA ASP K 87 -28.72 8.41 17.27
C ASP K 87 -27.43 8.70 16.52
N VAL K 88 -27.50 9.52 15.46
CA VAL K 88 -26.32 9.89 14.71
C VAL K 88 -25.52 10.91 15.50
N SER K 89 -26.10 12.10 15.68
CA SER K 89 -25.52 13.20 16.46
C SER K 89 -26.58 14.26 16.71
N ALA K 90 -26.71 14.72 17.95
CA ALA K 90 -27.62 15.81 18.25
C ALA K 90 -27.01 17.17 17.97
N THR K 91 -25.73 17.22 17.63
CA THR K 91 -25.02 18.41 17.22
C THR K 91 -24.49 18.21 15.81
N PRO K 92 -24.43 19.27 15.00
CA PRO K 92 -24.02 19.12 13.59
C PRO K 92 -22.55 18.75 13.46
N VAL K 93 -22.28 17.71 12.68
CA VAL K 93 -20.91 17.38 12.29
C VAL K 93 -20.36 18.51 11.43
N ALA K 94 -19.07 18.82 11.60
CA ALA K 94 -18.54 20.09 11.10
C ALA K 94 -18.33 20.08 9.59
N GLY K 95 -17.47 19.20 9.09
CA GLY K 95 -17.07 19.31 7.70
C GLY K 95 -18.02 18.76 6.67
N GLN K 96 -19.20 18.32 7.06
CA GLN K 96 -20.08 17.58 6.16
C GLN K 96 -21.12 18.50 5.51
N ASN K 97 -21.73 17.97 4.45
CA ASN K 97 -22.83 18.62 3.75
C ASN K 97 -24.15 18.04 4.25
N TYR K 98 -25.00 18.90 4.80
CA TYR K 98 -26.32 18.49 5.28
C TYR K 98 -27.32 18.89 4.20
N ILE K 99 -27.79 17.90 3.44
CA ILE K 99 -28.67 18.12 2.30
C ILE K 99 -30.02 17.48 2.59
N LEU K 100 -31.09 18.26 2.46
CA LEU K 100 -32.46 17.77 2.62
C LEU K 100 -33.12 17.78 1.26
N ARG K 101 -33.63 16.63 0.84
CA ARG K 101 -34.26 16.46 -0.46
C ARG K 101 -35.78 16.39 -0.28
N LEU K 102 -36.50 17.28 -0.94
CA LEU K 102 -37.96 17.30 -0.87
C LEU K 102 -38.50 16.64 -2.14
N ALA K 103 -39.18 15.51 -1.98
CA ALA K 103 -39.66 14.72 -3.10
C ALA K 103 -41.13 15.01 -3.33
N PHE K 104 -41.42 15.94 -4.23
CA PHE K 104 -42.80 16.25 -4.58
C PHE K 104 -43.32 15.23 -5.59
N ARG K 105 -44.62 14.97 -5.54
CA ARG K 105 -45.17 13.81 -6.23
C ARG K 105 -46.19 14.12 -7.31
N GLN K 106 -46.91 15.23 -7.23
CA GLN K 106 -47.85 15.63 -8.30
C GLN K 106 -47.53 17.08 -8.63
N TYR K 107 -46.53 17.31 -9.49
CA TYR K 107 -46.03 18.67 -9.64
C TYR K 107 -46.93 19.51 -10.56
N ILE K 108 -47.01 19.14 -11.83
CA ILE K 108 -47.87 19.82 -12.78
C ILE K 108 -49.00 18.91 -13.25
N GLY K 109 -48.71 17.64 -13.49
CA GLY K 109 -49.72 16.68 -13.82
C GLY K 109 -50.47 16.20 -12.60
N LEU K 110 -51.25 15.15 -12.79
CA LEU K 110 -52.07 14.58 -11.74
C LEU K 110 -51.70 13.14 -11.41
N SER K 111 -50.52 12.70 -11.83
CA SER K 111 -50.01 11.37 -11.48
C SER K 111 -48.95 11.46 -10.40
N GLU K 112 -48.57 10.28 -9.89
CA GLU K 112 -47.45 10.15 -8.98
C GLU K 112 -46.13 9.95 -9.70
N GLU K 113 -46.16 9.86 -11.03
CA GLU K 113 -44.96 9.74 -11.84
C GLU K 113 -44.45 11.09 -12.32
N ASP K 114 -45.15 12.17 -12.00
CA ASP K 114 -44.72 13.53 -12.31
C ASP K 114 -44.11 14.11 -11.03
N GLN K 115 -42.80 13.95 -10.89
CA GLN K 115 -42.12 14.23 -9.64
C GLN K 115 -41.17 15.40 -9.79
N TYR K 116 -41.06 16.20 -8.74
CA TYR K 116 -40.21 17.37 -8.70
C TYR K 116 -39.41 17.34 -7.41
N PHE K 117 -38.16 17.77 -7.50
CA PHE K 117 -37.23 17.66 -6.38
C PHE K 117 -36.59 19.01 -6.11
N LYS K 118 -36.82 19.53 -4.90
CA LYS K 118 -36.17 20.74 -4.41
C LYS K 118 -35.22 20.37 -3.27
N TYR K 119 -34.19 21.18 -3.10
CA TYR K 119 -33.11 20.86 -2.18
C TYR K 119 -32.82 22.04 -1.25
N GLY K 120 -32.29 21.71 -0.08
CA GLY K 120 -31.67 22.69 0.80
C GLY K 120 -30.36 22.19 1.35
N GLU K 121 -29.27 22.88 1.05
CA GLU K 121 -27.93 22.44 1.42
C GLU K 121 -27.30 23.43 2.38
N VAL K 122 -26.89 22.94 3.55
CA VAL K 122 -26.13 23.73 4.52
C VAL K 122 -24.89 22.95 4.92
N ILE K 123 -23.73 23.45 4.52
CA ILE K 123 -22.48 22.92 5.03
C ILE K 123 -22.21 23.56 6.39
N ALA K 124 -21.81 22.75 7.36
CA ALA K 124 -21.60 23.26 8.70
C ALA K 124 -20.16 23.76 8.86
N ARG K 125 -19.95 24.49 9.95
CA ARG K 125 -18.62 24.92 10.37
C ARG K 125 -18.47 24.64 11.85
N SER K 126 -17.30 25.00 12.39
CA SER K 126 -16.99 24.72 13.78
C SER K 126 -17.82 25.58 14.72
N GLY K 127 -18.25 25.00 15.83
CA GLY K 127 -19.05 25.71 16.81
C GLY K 127 -20.46 26.02 16.35
N MET K 128 -20.98 25.27 15.38
CA MET K 128 -22.34 25.46 14.91
C MET K 128 -23.26 24.58 15.75
N THR K 129 -24.08 25.21 16.57
CA THR K 129 -25.02 24.47 17.41
C THR K 129 -26.20 23.97 16.57
N ALA K 130 -27.09 23.23 17.24
CA ALA K 130 -28.25 22.66 16.55
C ALA K 130 -29.23 23.75 16.14
N SER K 131 -29.37 24.80 16.97
CA SER K 131 -30.31 25.86 16.65
C SER K 131 -29.82 26.73 15.53
N ASP K 132 -28.51 26.90 15.39
CA ASP K 132 -27.98 27.68 14.27
C ASP K 132 -28.07 26.89 12.97
N PHE K 133 -28.00 25.55 13.07
CA PHE K 133 -28.16 24.72 11.89
C PHE K 133 -29.61 24.70 11.41
N TYR K 134 -30.56 24.63 12.35
CA TYR K 134 -31.97 24.71 11.98
C TYR K 134 -32.32 26.10 11.46
N LYS K 135 -31.62 27.12 11.94
CA LYS K 135 -31.82 28.49 11.44
C LYS K 135 -31.36 28.61 10.00
N LYS K 136 -30.20 28.04 9.69
CA LYS K 136 -29.61 28.22 8.36
C LYS K 136 -30.21 27.25 7.34
N MET K 137 -30.73 26.11 7.78
CA MET K 137 -31.38 25.20 6.85
C MET K 137 -32.72 25.75 6.39
N ALA K 138 -33.46 26.40 7.29
CA ALA K 138 -34.75 26.96 6.94
C ALA K 138 -34.62 28.11 5.95
N ILE K 139 -33.58 28.94 6.09
CA ILE K 139 -33.39 30.00 5.10
C ILE K 139 -32.78 29.43 3.82
N SER K 140 -32.08 28.29 3.90
CA SER K 140 -31.62 27.61 2.70
C SER K 140 -32.77 26.96 1.97
N LEU K 141 -33.75 26.42 2.70
CA LEU K 141 -34.94 25.88 2.08
C LEU K 141 -35.79 26.98 1.46
N ALA K 142 -35.99 28.07 2.20
CA ALA K 142 -36.91 29.12 1.76
C ALA K 142 -36.36 29.93 0.60
N LYS K 143 -35.03 30.01 0.47
CA LYS K 143 -34.44 30.67 -0.68
C LYS K 143 -34.56 29.83 -1.94
N ASN K 144 -34.68 28.51 -1.80
CA ASN K 144 -34.88 27.64 -2.94
C ASN K 144 -36.35 27.46 -3.28
N LEU K 145 -37.20 27.37 -2.26
CA LEU K 145 -38.59 26.97 -2.44
C LEU K 145 -39.53 28.12 -2.71
N GLU K 146 -39.15 29.35 -2.36
CA GLU K 146 -40.05 30.50 -2.51
C GLU K 146 -39.31 31.69 -3.12
N ASN K 147 -38.46 31.41 -4.11
CA ASN K 147 -37.70 32.48 -4.76
C ASN K 147 -38.57 33.17 -5.81
N LYS K 148 -37.95 34.07 -6.59
CA LYS K 148 -38.68 34.75 -7.66
C LYS K 148 -38.97 33.80 -8.83
N THR K 149 -38.19 32.73 -8.96
CA THR K 149 -38.36 31.76 -10.04
C THR K 149 -39.19 30.56 -9.60
N GLU K 150 -40.38 30.81 -9.05
CA GLU K 150 -41.28 29.74 -8.66
C GLU K 150 -42.66 30.05 -9.22
N SER K 151 -43.14 29.19 -10.12
CA SER K 151 -44.41 29.42 -10.79
C SER K 151 -45.61 29.02 -9.96
N THR K 152 -45.41 28.35 -8.83
CA THR K 152 -46.51 27.94 -7.96
C THR K 152 -46.03 27.98 -6.51
N PRO K 153 -46.93 28.26 -5.57
CA PRO K 153 -46.58 28.10 -4.15
C PRO K 153 -46.39 26.63 -3.81
N LEU K 154 -45.19 26.27 -3.38
CA LEU K 154 -44.77 24.88 -3.34
C LEU K 154 -44.88 24.28 -1.94
N VAL K 155 -44.18 24.84 -0.95
CA VAL K 155 -44.23 24.32 0.41
C VAL K 155 -43.87 25.46 1.36
N ASN K 156 -44.31 25.34 2.62
CA ASN K 156 -44.16 26.39 3.63
C ASN K 156 -43.14 25.95 4.68
N ILE K 157 -42.11 26.76 4.87
CA ILE K 157 -41.06 26.47 5.84
C ILE K 157 -41.40 27.14 7.16
N TYR K 158 -41.17 26.44 8.27
CA TYR K 158 -41.46 26.95 9.60
C TYR K 158 -40.34 26.57 10.56
N LEU K 159 -40.18 27.36 11.61
CA LEU K 159 -39.23 27.09 12.69
C LEU K 159 -39.94 27.22 14.03
N ILE K 160 -39.75 26.23 14.90
CA ILE K 160 -40.29 26.25 16.25
C ILE K 160 -39.13 26.33 17.23
N SER K 161 -39.13 27.37 18.05
CA SER K 161 -38.21 27.48 19.17
C SER K 161 -38.76 26.71 20.37
N ALA K 162 -37.85 26.28 21.25
CA ALA K 162 -38.24 25.45 22.37
C ALA K 162 -38.91 26.22 23.50
N ALA K 163 -38.84 27.55 23.50
CA ALA K 163 -39.52 28.33 24.54
C ALA K 163 -41.02 28.35 24.32
N ALA K 164 -41.45 28.45 23.06
CA ALA K 164 -42.88 28.48 22.74
C ALA K 164 -43.44 27.07 22.56
N ALA K 165 -42.82 26.28 21.68
CA ALA K 165 -43.11 24.88 21.34
C ALA K 165 -44.48 24.69 20.67
N SER K 166 -45.22 25.76 20.43
CA SER K 166 -46.45 25.70 19.64
C SER K 166 -46.57 26.82 18.61
N THR K 167 -45.87 27.94 18.78
CA THR K 167 -45.87 29.01 17.80
C THR K 167 -44.70 28.82 16.85
N ASP K 168 -45.00 28.70 15.56
CA ASP K 168 -43.99 28.42 14.55
C ASP K 168 -43.61 29.73 13.85
N VAL K 169 -42.31 30.02 13.85
CA VAL K 169 -41.78 31.25 13.26
C VAL K 169 -41.72 31.07 11.74
N PRO K 170 -42.41 31.91 10.97
CA PRO K 170 -42.40 31.74 9.51
C PRO K 170 -41.07 32.18 8.91
N VAL K 171 -40.53 31.34 8.02
CA VAL K 171 -39.32 31.67 7.27
C VAL K 171 -39.70 31.76 5.79
N THR K 172 -39.35 32.87 5.16
CA THR K 172 -39.60 33.11 3.75
C THR K 172 -38.29 33.43 3.05
N SER K 173 -38.38 33.75 1.77
CA SER K 173 -37.18 34.12 1.01
C SER K 173 -36.69 35.51 1.38
N ALA K 174 -37.59 36.38 1.84
CA ALA K 174 -37.19 37.71 2.28
C ALA K 174 -36.54 37.67 3.66
N THR K 175 -36.86 36.66 4.47
CA THR K 175 -36.28 36.54 5.79
C THR K 175 -34.83 36.09 5.69
N LYS K 176 -33.95 36.83 6.34
CA LYS K 176 -32.53 36.48 6.42
C LYS K 176 -32.16 36.20 7.88
N GLU K 177 -30.89 35.84 8.09
CA GLU K 177 -30.43 35.28 9.36
C GLU K 177 -30.44 36.31 10.49
N SER K 178 -30.39 37.61 10.17
CA SER K 178 -30.47 38.62 11.23
C SER K 178 -31.88 38.72 11.80
N ASP K 179 -32.90 38.30 11.03
CA ASP K 179 -34.28 38.36 11.52
C ASP K 179 -34.53 37.28 12.58
N LEU K 180 -33.91 36.13 12.42
CA LEU K 180 -34.07 35.01 13.34
C LEU K 180 -32.97 35.06 14.39
N THR K 181 -33.34 35.23 15.65
CA THR K 181 -32.34 35.44 16.70
C THR K 181 -32.49 34.52 17.91
N ALA K 182 -33.63 33.86 18.09
CA ALA K 182 -33.79 32.94 19.22
C ALA K 182 -32.96 31.68 18.97
N THR K 183 -32.14 31.31 19.95
CA THR K 183 -31.17 30.23 19.78
C THR K 183 -31.60 28.93 20.46
N ASP K 184 -32.91 28.70 20.56
CA ASP K 184 -33.45 27.44 21.06
C ASP K 184 -34.35 26.75 20.04
N TYR K 185 -34.02 26.87 18.75
CA TYR K 185 -34.82 26.26 17.70
C TYR K 185 -34.71 24.74 17.78
N ASN K 186 -35.86 24.08 17.90
CA ASN K 186 -35.90 22.65 18.13
C ASN K 186 -36.16 21.86 16.87
N GLN K 187 -36.87 22.41 15.90
CA GLN K 187 -37.27 21.66 14.73
C GLN K 187 -37.57 22.59 13.58
N ILE K 188 -37.52 22.05 12.36
CA ILE K 188 -37.98 22.72 11.16
C ILE K 188 -39.25 22.01 10.73
N ILE K 189 -40.34 22.76 10.59
CA ILE K 189 -41.59 22.21 10.11
C ILE K 189 -41.79 22.64 8.66
N ILE K 190 -42.06 21.68 7.80
CA ILE K 190 -42.26 21.89 6.37
C ILE K 190 -43.72 21.53 6.10
N GLU K 191 -44.56 22.54 5.90
CA GLU K 191 -45.99 22.35 5.66
C GLU K 191 -46.35 22.60 4.20
N GLU K 192 -47.26 21.78 3.68
CA GLU K 192 -47.66 21.91 2.29
C GLU K 192 -48.61 23.08 2.10
N THR K 193 -48.54 23.69 0.92
CA THR K 193 -49.24 24.94 0.65
C THR K 193 -50.60 24.70 0.02
N GLU K 194 -51.32 25.82 -0.14
CA GLU K 194 -52.51 25.89 -0.98
C GLU K 194 -52.09 26.27 -2.39
N GLN K 195 -52.68 25.62 -3.37
CA GLN K 195 -52.39 25.88 -4.77
C GLN K 195 -53.36 26.92 -5.31
N PRO K 196 -53.08 27.51 -6.48
CA PRO K 196 -54.05 28.45 -7.07
C PRO K 196 -55.37 27.77 -7.45
N TRP K 197 -56.43 28.57 -7.50
CA TRP K 197 -57.78 28.05 -7.71
C TRP K 197 -58.57 29.05 -8.55
N VAL K 198 -59.03 28.58 -9.71
CA VAL K 198 -60.03 29.28 -10.50
C VAL K 198 -61.35 28.55 -10.22
N LEU K 199 -62.47 29.24 -10.47
CA LEU K 199 -63.78 28.76 -10.00
C LEU K 199 -64.18 27.46 -10.69
N GLY K 200 -63.89 27.34 -11.99
CA GLY K 200 -64.26 26.13 -12.68
C GLY K 200 -63.16 25.47 -13.49
N MET K 201 -62.01 26.13 -13.61
CA MET K 201 -60.91 25.63 -14.42
C MET K 201 -59.82 24.96 -13.61
N MET K 202 -59.48 25.50 -12.45
CA MET K 202 -58.48 24.92 -11.57
C MET K 202 -59.17 24.28 -10.38
N PRO K 203 -59.17 22.95 -10.26
CA PRO K 203 -59.71 22.33 -9.05
C PRO K 203 -58.74 22.49 -7.89
N GLN K 204 -59.24 22.16 -6.70
CA GLN K 204 -58.41 22.25 -5.49
C GLN K 204 -57.59 20.98 -5.37
N ALA K 205 -56.35 21.03 -5.85
CA ALA K 205 -55.43 19.91 -5.75
C ALA K 205 -54.21 20.36 -4.96
N PHE K 206 -53.54 19.39 -4.34
CA PHE K 206 -52.35 19.66 -3.55
C PHE K 206 -51.20 18.80 -4.02
N ILE K 207 -49.99 19.32 -3.87
CA ILE K 207 -48.77 18.60 -4.22
C ILE K 207 -48.26 17.92 -2.96
N PRO K 208 -48.32 16.59 -2.86
CA PRO K 208 -47.80 15.90 -1.69
C PRO K 208 -46.29 15.75 -1.78
N PHE K 209 -45.65 15.60 -0.63
CA PHE K 209 -44.21 15.57 -0.59
C PHE K 209 -43.73 14.72 0.57
N THR K 210 -42.42 14.44 0.56
CA THR K 210 -41.73 13.68 1.59
C THR K 210 -40.33 14.22 1.75
N PRO K 211 -39.99 14.83 2.89
CA PRO K 211 -38.61 15.27 3.12
C PRO K 211 -37.70 14.08 3.31
N GLN K 212 -36.63 14.02 2.53
CA GLN K 212 -35.69 12.91 2.57
C GLN K 212 -34.30 13.44 2.89
N PHE K 213 -33.46 12.54 3.38
CA PHE K 213 -32.16 12.91 3.92
C PHE K 213 -31.06 12.16 3.18
N LEU K 214 -29.90 12.81 3.06
CA LEU K 214 -28.72 12.18 2.51
C LEU K 214 -27.77 11.77 3.62
N THR K 215 -26.76 10.99 3.25
CA THR K 215 -25.86 10.39 4.22
C THR K 215 -24.75 11.36 4.58
N ILE K 216 -24.51 11.53 5.88
CA ILE K 216 -23.38 12.28 6.39
C ILE K 216 -22.39 11.30 7.00
N THR K 217 -21.11 11.65 6.94
CA THR K 217 -20.06 10.78 7.46
C THR K 217 -19.80 11.20 8.91
N VAL K 218 -20.51 10.57 9.84
CA VAL K 218 -20.37 10.92 11.24
C VAL K 218 -19.00 10.49 11.79
N ASP K 219 -18.71 9.19 11.85
CA ASP K 219 -17.40 8.77 12.32
C ASP K 219 -16.51 8.40 11.15
N GLY K 220 -16.90 7.35 10.45
CA GLY K 220 -16.33 7.01 9.17
C GLY K 220 -17.44 6.46 8.31
N GLU K 221 -18.58 6.21 8.92
CA GLU K 221 -19.71 5.58 8.28
C GLU K 221 -20.76 6.61 7.89
N ASP K 222 -21.58 6.23 6.91
CA ASP K 222 -22.52 7.14 6.28
C ASP K 222 -23.93 6.80 6.75
N ARG K 223 -24.53 7.72 7.50
CA ARG K 223 -25.85 7.55 8.07
C ARG K 223 -26.69 8.76 7.71
N LEU K 224 -28.00 8.56 7.62
CA LEU K 224 -28.92 9.66 7.33
C LEU K 224 -28.96 10.62 8.52
N TRP K 225 -28.86 11.92 8.22
CA TRP K 225 -28.66 12.91 9.27
C TRP K 225 -29.95 13.34 9.96
N GLY K 226 -31.12 12.93 9.48
CA GLY K 226 -32.35 13.51 9.94
C GLY K 226 -33.40 12.47 10.26
N VAL K 227 -34.51 12.96 10.82
CA VAL K 227 -35.70 12.15 11.10
C VAL K 227 -36.90 12.98 10.68
N ALA K 228 -37.68 12.46 9.74
CA ALA K 228 -38.88 13.14 9.23
C ALA K 228 -40.08 12.57 9.96
N THR K 229 -40.58 13.30 10.95
CA THR K 229 -41.71 12.86 11.77
C THR K 229 -42.97 13.61 11.34
N VAL K 230 -43.98 12.86 10.94
CA VAL K 230 -45.28 13.45 10.63
C VAL K 230 -46.01 13.75 11.94
N VAL K 231 -46.50 14.97 12.06
CA VAL K 231 -47.19 15.40 13.28
C VAL K 231 -48.66 15.64 12.95
N THR K 232 -49.42 16.03 13.97
CA THR K 232 -50.84 16.30 13.79
C THR K 232 -51.03 17.55 12.94
N PRO K 233 -51.86 17.50 11.89
CA PRO K 233 -52.03 18.66 11.02
C PRO K 233 -52.83 19.75 11.72
N THR K 234 -52.21 20.92 11.86
CA THR K 234 -52.84 22.05 12.53
C THR K 234 -53.66 22.92 11.59
N LYS K 235 -53.12 23.22 10.41
CA LYS K 235 -53.79 24.10 9.46
C LYS K 235 -54.68 23.27 8.53
N THR K 236 -55.91 23.73 8.34
CA THR K 236 -56.85 23.10 7.42
C THR K 236 -57.38 24.15 6.46
N VAL K 237 -57.33 23.84 5.17
CA VAL K 237 -57.94 24.72 4.15
C VAL K 237 -59.45 24.52 4.18
N PRO K 238 -60.25 25.60 4.28
CA PRO K 238 -61.68 25.43 4.58
C PRO K 238 -62.53 24.89 3.44
N ASP K 239 -63.85 24.86 3.71
CA ASP K 239 -64.86 24.23 2.87
C ASP K 239 -65.25 25.07 1.65
N GLY K 240 -64.76 26.31 1.56
CA GLY K 240 -65.36 27.26 0.62
C GLY K 240 -65.01 26.99 -0.84
N HIS K 241 -63.79 26.56 -1.12
CA HIS K 241 -63.37 26.40 -2.50
C HIS K 241 -63.89 25.13 -3.15
N LEU K 242 -64.48 24.21 -2.40
CA LEU K 242 -65.05 23.00 -2.99
C LEU K 242 -66.55 23.11 -3.21
N ILE K 243 -67.27 23.72 -2.25
CA ILE K 243 -68.70 23.95 -2.42
C ILE K 243 -68.95 24.95 -3.53
N ALA K 244 -68.05 25.94 -3.68
CA ALA K 244 -68.14 26.84 -4.82
C ALA K 244 -67.81 26.11 -6.13
N ASP K 245 -66.90 25.15 -6.08
CA ASP K 245 -66.58 24.38 -7.27
C ASP K 245 -67.64 23.31 -7.55
N LEU K 246 -68.35 22.87 -6.52
CA LEU K 246 -69.42 21.89 -6.71
C LEU K 246 -70.67 22.53 -7.30
N GLU K 247 -71.02 23.74 -6.86
CA GLU K 247 -72.17 24.43 -7.42
C GLU K 247 -71.92 24.92 -8.84
N TYR K 248 -70.65 25.05 -9.23
CA TYR K 248 -70.33 25.27 -10.64
C TYR K 248 -70.62 24.01 -11.45
N PHE K 249 -70.30 22.84 -10.92
CA PHE K 249 -70.48 21.62 -11.69
C PHE K 249 -71.93 21.14 -11.67
N CYS K 250 -72.61 21.27 -10.53
CA CYS K 250 -73.97 20.74 -10.38
C CYS K 250 -75.04 21.64 -10.98
N MET K 251 -74.69 22.60 -11.83
CA MET K 251 -75.68 23.38 -12.55
C MET K 251 -75.84 22.87 -13.98
N VAL L 21 48.93 -25.04 29.62
CA VAL L 21 47.59 -24.87 29.07
C VAL L 21 46.66 -25.95 29.60
N ASP L 22 47.21 -26.90 30.34
CA ASP L 22 46.43 -27.98 30.94
C ASP L 22 46.17 -27.60 32.40
N VAL L 23 45.21 -26.69 32.59
CA VAL L 23 44.89 -26.20 33.92
C VAL L 23 43.88 -27.10 34.62
N GLY L 24 43.35 -28.10 33.93
CA GLY L 24 42.37 -28.97 34.51
C GLY L 24 40.92 -28.57 34.29
N CYS L 25 40.66 -27.71 33.32
CA CYS L 25 39.28 -27.39 32.97
C CYS L 25 38.67 -28.56 32.21
N ALA L 26 37.33 -28.54 32.13
CA ALA L 26 36.59 -29.68 31.58
C ALA L 26 36.83 -30.00 30.10
N PRO L 27 36.77 -29.03 29.13
CA PRO L 27 36.84 -29.48 27.72
C PRO L 27 38.24 -29.90 27.28
N ASP L 28 38.56 -31.16 27.55
CA ASP L 28 39.78 -31.87 27.17
C ASP L 28 41.02 -31.37 27.89
N GLY L 29 40.86 -30.51 28.90
CA GLY L 29 41.97 -30.04 29.71
C GLY L 29 42.30 -28.57 29.59
N ALA L 30 41.72 -27.86 28.62
CA ALA L 30 42.13 -26.49 28.34
C ALA L 30 41.04 -25.50 28.74
N MET L 31 41.48 -24.26 28.95
CA MET L 31 40.58 -23.14 29.24
C MET L 31 40.09 -22.54 27.93
N GLN L 32 38.79 -22.22 27.88
CA GLN L 32 38.16 -21.74 26.66
C GLN L 32 37.43 -20.44 26.93
N LEU L 33 37.70 -19.42 26.11
CA LEU L 33 37.14 -18.09 26.27
C LEU L 33 36.14 -17.80 25.15
N TRP L 34 35.01 -17.17 25.49
CA TRP L 34 33.92 -16.98 24.55
C TRP L 34 33.51 -15.51 24.52
N VAL L 35 32.91 -15.11 23.38
CA VAL L 35 32.26 -13.82 23.23
C VAL L 35 30.80 -14.08 22.91
N MET L 36 29.90 -13.39 23.60
CA MET L 36 28.48 -13.56 23.38
C MET L 36 27.83 -12.26 22.96
N GLU L 37 26.98 -12.35 21.94
CA GLU L 37 26.01 -11.32 21.62
C GLU L 37 24.63 -11.84 21.97
N TYR L 38 23.76 -10.94 22.39
CA TYR L 38 22.37 -11.30 22.65
C TYR L 38 21.51 -10.05 22.46
N GLU L 39 20.20 -10.26 22.51
CA GLU L 39 19.25 -9.15 22.48
C GLU L 39 18.17 -9.43 23.52
N VAL L 40 18.18 -8.64 24.59
CA VAL L 40 17.20 -8.75 25.65
C VAL L 40 15.88 -8.19 25.12
N THR L 41 14.86 -9.03 25.02
CA THR L 41 13.61 -8.64 24.36
C THR L 41 12.84 -7.65 25.21
N GLY L 42 12.57 -6.48 24.64
CA GLY L 42 11.91 -5.40 25.34
C GLY L 42 12.84 -4.45 26.05
N ILE L 43 14.14 -4.76 26.08
CA ILE L 43 15.13 -3.97 26.81
C ILE L 43 16.23 -3.45 25.89
N GLY L 44 16.89 -4.34 25.16
CA GLY L 44 17.95 -3.88 24.27
C GLY L 44 18.84 -5.02 23.85
N LYS L 45 20.11 -4.69 23.59
CA LYS L 45 21.13 -5.65 23.20
C LYS L 45 22.36 -5.46 24.09
N GLY L 46 23.27 -6.44 24.04
CA GLY L 46 24.47 -6.32 24.84
C GLY L 46 25.54 -7.30 24.41
N CYS L 47 26.74 -7.09 24.94
CA CYS L 47 27.88 -7.97 24.73
C CYS L 47 28.19 -8.74 26.00
N ALA L 48 29.04 -9.76 25.87
CA ALA L 48 29.51 -10.52 27.01
C ALA L 48 30.85 -11.14 26.68
N MET L 49 31.69 -11.27 27.71
CA MET L 49 32.91 -12.05 27.67
C MET L 49 32.79 -13.11 28.76
N CYS L 50 33.12 -14.35 28.42
CA CYS L 50 32.87 -15.43 29.36
C CYS L 50 33.79 -16.60 29.08
N LYS L 51 34.44 -17.12 30.11
CA LYS L 51 35.10 -18.42 30.04
C LYS L 51 34.09 -19.49 30.42
N ALA L 52 34.01 -20.53 29.59
CA ALA L 52 33.01 -21.57 29.80
C ALA L 52 33.46 -22.83 29.09
N ILE L 53 33.07 -23.98 29.64
CA ILE L 53 33.59 -25.25 29.16
C ILE L 53 32.90 -25.66 27.85
N ASN L 54 31.66 -25.23 27.64
CA ASN L 54 30.90 -25.46 26.44
C ASN L 54 30.30 -24.14 26.01
N PRO L 55 29.91 -23.99 24.74
CA PRO L 55 29.06 -22.85 24.37
C PRO L 55 27.65 -22.98 24.90
N GLN L 56 27.21 -24.18 25.28
CA GLN L 56 25.96 -24.31 26.00
C GLN L 56 26.08 -23.78 27.42
N GLN L 57 27.24 -23.98 28.05
CA GLN L 57 27.44 -23.46 29.40
C GLN L 57 27.62 -21.95 29.41
N ALA L 58 28.11 -21.37 28.30
CA ALA L 58 28.26 -19.93 28.24
C ALA L 58 26.90 -19.24 28.21
N GLU L 59 25.93 -19.82 27.52
CA GLU L 59 24.59 -19.24 27.51
C GLU L 59 23.81 -19.59 28.75
N MET L 60 24.23 -20.59 29.53
CA MET L 60 23.58 -20.84 30.81
C MET L 60 24.16 -19.97 31.92
N LEU L 61 25.34 -19.39 31.72
CA LEU L 61 25.88 -18.42 32.66
C LEU L 61 25.30 -17.04 32.46
N LEU L 62 24.72 -16.77 31.29
CA LEU L 62 23.94 -15.55 31.12
C LEU L 62 22.60 -15.66 31.84
N LYS L 63 21.97 -16.82 31.77
CA LYS L 63 20.65 -16.98 32.37
C LYS L 63 20.72 -17.20 33.88
N SER L 64 21.89 -17.56 34.40
CA SER L 64 22.06 -17.80 35.83
C SER L 64 22.74 -16.65 36.55
N ASN L 65 23.77 -16.06 35.96
CA ASN L 65 24.55 -15.02 36.60
C ASN L 65 24.51 -13.69 35.86
N GLY L 66 23.55 -13.51 34.95
CA GLY L 66 23.47 -12.29 34.17
C GLY L 66 22.83 -11.15 34.92
N ILE L 67 22.74 -10.00 34.23
CA ILE L 67 22.05 -8.85 34.78
C ILE L 67 20.55 -9.11 34.86
N TYR L 68 20.02 -9.89 33.92
CA TYR L 68 18.61 -10.25 33.88
C TYR L 68 18.41 -11.74 34.10
N ASN L 69 19.12 -12.30 35.08
CA ASN L 69 18.99 -13.72 35.38
C ASN L 69 17.67 -14.05 36.06
N GLY L 70 16.98 -13.07 36.63
CA GLY L 70 15.67 -13.27 37.19
C GLY L 70 14.66 -13.60 36.11
N SER L 71 14.50 -12.70 35.14
CA SER L 71 13.73 -12.97 33.94
C SER L 71 14.72 -13.42 32.86
N SER L 72 15.17 -14.67 32.99
CA SER L 72 16.23 -15.21 32.15
C SER L 72 15.72 -15.71 30.80
N TYR L 73 14.42 -15.67 30.56
CA TYR L 73 13.85 -16.00 29.27
C TYR L 73 14.01 -14.89 28.25
N LEU L 74 14.42 -13.70 28.68
CA LEU L 74 14.57 -12.56 27.78
C LEU L 74 15.82 -12.67 26.92
N TYR L 75 16.80 -13.46 27.35
CA TYR L 75 18.07 -13.57 26.62
C TYR L 75 17.87 -14.36 25.34
N LYS L 76 18.09 -13.70 24.20
CA LYS L 76 18.10 -14.34 22.89
C LYS L 76 19.54 -14.27 22.37
N VAL L 77 20.32 -15.29 22.69
CA VAL L 77 21.74 -15.31 22.33
C VAL L 77 21.88 -15.58 20.85
N THR L 78 22.61 -14.71 20.14
CA THR L 78 22.75 -14.79 18.71
C THR L 78 24.15 -15.18 18.25
N ARG L 79 25.16 -15.03 19.09
CA ARG L 79 26.51 -15.51 18.76
C ARG L 79 27.19 -15.99 20.04
N ILE L 80 27.87 -17.12 19.93
CA ILE L 80 28.84 -17.58 20.94
C ILE L 80 30.06 -18.02 20.15
N GLU L 81 31.13 -17.24 20.21
CA GLU L 81 32.34 -17.50 19.43
C GLU L 81 33.56 -17.59 20.32
N GLN L 82 34.43 -18.54 20.02
CA GLN L 82 35.59 -18.80 20.86
C GLN L 82 36.75 -17.88 20.50
N VAL L 83 37.45 -17.40 21.53
CA VAL L 83 38.65 -16.61 21.37
C VAL L 83 39.87 -17.47 21.65
N ILE L 84 40.80 -17.50 20.70
CA ILE L 84 42.03 -18.27 20.84
C ILE L 84 43.12 -17.33 21.30
N VAL L 85 43.83 -17.73 22.34
CA VAL L 85 44.91 -16.93 22.94
C VAL L 85 46.06 -16.81 21.95
N PRO L 86 46.55 -15.61 21.66
CA PRO L 86 47.59 -15.45 20.65
C PRO L 86 48.95 -15.78 21.23
N PRO L 87 49.99 -15.93 20.40
CA PRO L 87 51.33 -16.17 20.94
C PRO L 87 51.90 -14.99 21.73
N CYS L 88 51.51 -13.76 21.44
CA CYS L 88 52.10 -12.60 22.10
C CYS L 88 51.02 -11.52 22.23
N ASN L 89 51.47 -10.30 22.50
CA ASN L 89 50.60 -9.18 22.84
C ASN L 89 49.68 -8.79 21.69
N GLY L 90 48.59 -8.14 22.03
CA GLY L 90 47.68 -7.60 21.03
C GLY L 90 46.24 -7.68 21.50
N LEU L 91 45.40 -6.88 20.85
CA LEU L 91 43.97 -6.90 21.13
C LEU L 91 43.35 -8.17 20.56
N MET L 92 42.79 -9.00 21.44
CA MET L 92 42.26 -10.29 21.02
C MET L 92 40.90 -10.16 20.35
N ALA L 93 39.92 -9.68 21.09
CA ALA L 93 38.55 -9.59 20.60
C ALA L 93 37.94 -8.30 21.11
N GLU L 94 36.92 -7.83 20.40
CA GLU L 94 36.24 -6.59 20.73
C GLU L 94 34.80 -6.70 20.28
N GLN L 95 33.91 -6.04 21.02
CA GLN L 95 32.48 -6.08 20.69
C GLN L 95 31.81 -4.84 21.23
N VAL L 96 31.45 -3.92 20.33
CA VAL L 96 30.77 -2.68 20.69
C VAL L 96 29.29 -2.83 20.37
N VAL L 97 28.43 -2.44 21.31
CA VAL L 97 27.00 -2.36 21.08
C VAL L 97 26.67 -0.87 21.00
N THR L 98 26.49 -0.38 19.78
CA THR L 98 26.32 1.05 19.59
C THR L 98 24.87 1.45 19.83
N TYR L 99 24.66 2.75 20.02
CA TYR L 99 23.32 3.26 20.28
C TYR L 99 22.43 3.22 19.05
N LYS L 100 23.00 3.17 17.85
CA LYS L 100 22.20 3.09 16.64
C LYS L 100 21.85 1.68 16.25
N ASP L 101 22.51 0.67 16.82
CA ASP L 101 22.03 -0.70 16.70
C ASP L 101 20.75 -0.89 17.48
N VAL L 102 20.58 -0.14 18.57
CA VAL L 102 19.46 -0.29 19.48
C VAL L 102 18.41 0.77 19.20
N ALA M 30 53.05 -9.99 26.99
CA ALA M 30 52.74 -11.31 26.49
C ALA M 30 52.50 -12.26 27.64
N MET M 31 52.12 -11.71 28.79
CA MET M 31 52.03 -12.49 30.01
C MET M 31 50.61 -12.90 30.36
N GLN M 32 49.72 -11.93 30.55
CA GLN M 32 48.40 -12.19 31.11
C GLN M 32 47.31 -11.75 30.15
N LEU M 33 46.08 -12.14 30.47
CA LEU M 33 44.91 -11.77 29.69
C LEU M 33 44.04 -10.81 30.50
N TRP M 34 43.50 -9.80 29.84
CA TRP M 34 42.74 -8.75 30.52
C TRP M 34 41.45 -8.50 29.77
N VAL M 35 40.32 -8.71 30.44
CA VAL M 35 39.00 -8.44 29.87
C VAL M 35 38.56 -7.07 30.34
N MET M 36 38.25 -6.20 29.40
CA MET M 36 37.88 -4.82 29.68
C MET M 36 36.42 -4.57 29.33
N GLU M 37 35.73 -3.88 30.23
CA GLU M 37 34.46 -3.23 29.91
C GLU M 37 34.72 -1.75 29.74
N TYR M 38 34.24 -1.18 28.64
CA TYR M 38 34.45 0.25 28.45
C TYR M 38 33.18 0.94 27.98
N GLU M 39 33.31 2.19 27.55
CA GLU M 39 32.16 2.99 27.14
C GLU M 39 32.66 4.03 26.14
N VAL M 40 32.37 3.83 24.86
CA VAL M 40 32.66 4.85 23.86
C VAL M 40 31.68 5.99 24.05
N THR M 41 32.21 7.18 24.31
CA THR M 41 31.40 8.30 24.79
C THR M 41 30.52 8.85 23.66
N GLY M 42 29.21 8.67 23.81
CA GLY M 42 28.25 9.11 22.84
C GLY M 42 27.81 8.04 21.87
N ILE M 43 28.64 7.02 21.67
CA ILE M 43 28.38 6.00 20.67
C ILE M 43 27.78 4.73 21.27
N GLY M 44 28.30 4.27 22.41
CA GLY M 44 27.71 3.12 23.07
C GLY M 44 28.68 2.49 24.04
N LYS M 45 28.33 1.28 24.47
CA LYS M 45 29.14 0.51 25.40
C LYS M 45 29.86 -0.60 24.64
N GLY M 46 30.86 -1.19 25.27
CA GLY M 46 31.66 -2.17 24.59
C GLY M 46 32.25 -3.21 25.52
N CYS M 47 32.87 -4.21 24.90
CA CYS M 47 33.55 -5.31 25.57
C CYS M 47 34.83 -5.57 24.80
N ALA M 48 35.92 -5.91 25.50
CA ALA M 48 37.18 -6.17 24.82
C ALA M 48 38.04 -7.10 25.65
N MET M 49 39.05 -7.66 25.01
CA MET M 49 39.98 -8.58 25.64
C MET M 49 41.35 -8.38 25.04
N CYS M 50 42.37 -8.24 25.88
CA CYS M 50 43.73 -8.02 25.44
C CYS M 50 44.66 -9.02 26.08
N LYS M 51 45.89 -9.05 25.57
CA LYS M 51 46.99 -9.78 26.18
C LYS M 51 48.12 -8.78 26.43
N ALA M 52 48.42 -8.53 27.69
CA ALA M 52 49.40 -7.52 28.03
C ALA M 52 50.05 -7.88 29.36
N ILE M 53 51.16 -7.21 29.67
CA ILE M 53 51.87 -7.50 30.91
C ILE M 53 51.23 -6.78 32.09
N ASN M 54 50.67 -5.60 31.86
CA ASN M 54 50.04 -4.80 32.89
C ASN M 54 48.78 -4.19 32.29
N PRO M 55 47.81 -3.81 33.12
CA PRO M 55 46.58 -3.19 32.58
C PRO M 55 46.79 -1.81 31.98
N GLN M 56 47.95 -1.19 32.15
CA GLN M 56 48.26 0.05 31.44
C GLN M 56 48.52 -0.20 29.96
N GLN M 57 49.00 -1.39 29.61
CA GLN M 57 49.22 -1.75 28.21
C GLN M 57 47.97 -2.32 27.56
N ALA M 58 47.07 -2.92 28.34
CA ALA M 58 45.82 -3.43 27.78
C ALA M 58 44.92 -2.31 27.31
N GLU M 59 44.95 -1.16 27.99
CA GLU M 59 44.28 0.03 27.47
C GLU M 59 45.02 0.62 26.30
N MET M 60 46.34 0.42 26.24
CA MET M 60 47.10 0.90 25.09
C MET M 60 46.81 0.07 23.84
N LEU M 61 46.60 -1.23 24.01
CA LEU M 61 46.31 -2.09 22.88
C LEU M 61 44.86 -2.00 22.42
N LEU M 62 44.00 -1.35 23.21
CA LEU M 62 42.61 -1.14 22.79
C LEU M 62 42.46 0.18 22.05
N LYS M 63 43.04 1.26 22.59
CA LYS M 63 42.89 2.57 21.99
C LYS M 63 43.66 2.68 20.67
N SER M 64 44.70 1.88 20.49
CA SER M 64 45.53 1.96 19.31
C SER M 64 45.18 0.93 18.24
N ASN M 65 44.60 -0.20 18.63
CA ASN M 65 44.26 -1.25 17.68
C ASN M 65 42.76 -1.48 17.56
N GLY M 66 41.94 -0.79 18.34
CA GLY M 66 40.51 -0.98 18.30
C GLY M 66 39.87 -0.37 17.07
N ILE M 67 38.54 -0.39 17.07
CA ILE M 67 37.82 0.11 15.89
C ILE M 67 37.76 1.62 15.91
N TYR M 68 37.81 2.23 17.10
CA TYR M 68 37.82 3.68 17.22
C TYR M 68 39.26 4.19 17.29
N ASN M 69 39.99 3.84 16.23
CA ASN M 69 41.41 4.11 16.16
C ASN M 69 41.71 5.57 15.88
N GLY M 70 40.85 6.23 15.10
CA GLY M 70 41.05 7.64 14.78
C GLY M 70 40.46 8.61 15.77
N SER M 71 39.64 8.11 16.69
CA SER M 71 39.02 8.89 17.74
C SER M 71 39.18 8.19 19.07
N SER M 72 40.43 7.81 19.39
CA SER M 72 40.74 7.01 20.56
C SER M 72 40.50 7.72 21.88
N TYR M 73 40.23 9.04 21.87
CA TYR M 73 39.83 9.75 23.08
C TYR M 73 38.43 9.36 23.54
N LEU M 74 37.64 8.69 22.70
CA LEU M 74 36.29 8.32 23.05
C LEU M 74 36.22 7.10 23.96
N TYR M 75 37.28 6.29 24.01
CA TYR M 75 37.29 5.12 24.88
C TYR M 75 37.38 5.53 26.34
N LYS M 76 36.42 5.10 27.14
CA LYS M 76 36.40 5.32 28.59
C LYS M 76 36.35 3.95 29.26
N VAL M 77 37.51 3.42 29.62
CA VAL M 77 37.57 2.08 30.19
C VAL M 77 37.10 2.12 31.65
N THR M 78 36.11 1.29 31.98
CA THR M 78 35.49 1.32 33.28
C THR M 78 35.89 0.17 34.20
N ARG M 79 36.34 -0.96 33.66
CA ARG M 79 36.69 -2.10 34.50
C ARG M 79 37.69 -2.99 33.77
N ILE M 80 38.79 -3.31 34.43
CA ILE M 80 39.77 -4.28 33.94
C ILE M 80 39.97 -5.31 35.04
N GLU M 81 39.87 -6.60 34.68
CA GLU M 81 40.17 -7.66 35.62
C GLU M 81 40.88 -8.79 34.89
N GLN M 82 41.86 -9.39 35.58
CA GLN M 82 42.69 -10.41 34.98
C GLN M 82 41.94 -11.73 34.85
N VAL M 83 42.25 -12.47 33.80
CA VAL M 83 41.63 -13.77 33.55
C VAL M 83 42.45 -14.80 34.30
N ILE M 84 42.04 -15.08 35.52
CA ILE M 84 42.59 -16.20 36.28
C ILE M 84 41.70 -17.41 36.09
N VAL M 85 42.32 -18.57 35.91
CA VAL M 85 41.65 -19.78 35.44
C VAL M 85 40.77 -20.55 36.43
N PRO M 86 41.20 -20.92 37.65
CA PRO M 86 40.74 -22.21 38.28
C PRO M 86 39.24 -22.35 38.57
N PRO M 87 38.44 -21.26 38.58
CA PRO M 87 37.00 -21.47 38.33
C PRO M 87 36.68 -22.25 37.06
N CYS M 88 37.35 -21.93 35.94
CA CYS M 88 37.24 -22.58 34.61
C CYS M 88 35.87 -22.40 33.94
N ASN M 89 34.94 -21.73 34.61
CA ASN M 89 33.59 -21.56 34.10
C ASN M 89 32.99 -20.36 34.82
N GLY M 90 33.01 -19.20 34.16
CA GLY M 90 32.55 -17.98 34.80
C GLY M 90 32.43 -16.79 33.87
N LEU M 91 31.49 -15.91 34.18
CA LEU M 91 31.36 -14.67 33.41
C LEU M 91 32.50 -13.74 33.73
N MET M 92 32.96 -13.01 32.72
CA MET M 92 34.02 -12.03 32.87
C MET M 92 33.58 -10.61 32.56
N ALA M 93 32.62 -10.43 31.65
CA ALA M 93 32.10 -9.12 31.31
C ALA M 93 30.69 -9.29 30.80
N GLU M 94 29.86 -8.26 31.03
CA GLU M 94 28.48 -8.25 30.57
C GLU M 94 27.98 -6.83 30.65
N GLN M 95 27.40 -6.33 29.56
CA GLN M 95 27.07 -4.91 29.50
C GLN M 95 25.98 -4.70 28.45
N VAL M 96 24.78 -4.35 28.90
CA VAL M 96 23.59 -4.23 28.05
C VAL M 96 23.34 -2.77 27.74
N VAL M 97 23.12 -2.46 26.46
CA VAL M 97 22.65 -1.15 26.04
C VAL M 97 21.13 -1.22 25.97
N THR M 98 20.45 -0.46 26.83
CA THR M 98 19.01 -0.56 26.94
C THR M 98 18.31 0.55 26.18
N TYR M 99 16.97 0.45 26.10
CA TYR M 99 16.18 1.42 25.33
C TYR M 99 16.06 2.76 26.03
N LYS M 100 16.29 2.83 27.33
CA LYS M 100 16.26 4.08 28.06
C LYS M 100 17.64 4.66 28.32
N ASP M 101 18.69 3.97 27.88
CA ASP M 101 20.02 4.58 27.79
C ASP M 101 20.23 5.32 26.49
N VAL M 102 19.34 5.15 25.53
CA VAL M 102 19.48 5.77 24.22
C VAL M 102 18.41 6.86 24.09
N MET N 1 5.53 16.05 6.16
CA MET N 1 6.98 15.92 6.05
C MET N 1 7.38 14.47 5.92
N LYS N 2 7.43 13.76 7.05
CA LYS N 2 7.80 12.36 7.08
C LYS N 2 6.53 11.52 7.24
N THR N 3 6.25 10.67 6.24
CA THR N 3 5.07 9.85 6.25
C THR N 3 5.43 8.43 6.68
N LEU N 4 4.63 7.87 7.57
CA LEU N 4 4.79 6.50 8.04
C LEU N 4 3.58 5.69 7.57
N ARG N 5 3.85 4.53 6.96
CA ARG N 5 2.79 3.71 6.40
C ARG N 5 2.60 2.39 7.12
N THR N 6 3.35 2.15 8.19
CA THR N 6 3.25 0.89 8.93
C THR N 6 3.14 1.17 10.42
N LEU N 7 2.55 0.20 11.13
CA LEU N 7 2.53 0.16 12.58
C LEU N 7 2.95 -1.23 13.00
N LYS N 8 3.94 -1.33 13.87
CA LYS N 8 4.56 -2.62 14.18
C LYS N 8 4.38 -2.97 15.65
N ILE N 9 3.89 -4.18 15.91
CA ILE N 9 3.67 -4.68 17.27
C ILE N 9 4.86 -5.55 17.62
N SER N 10 5.76 -5.04 18.47
CA SER N 10 6.96 -5.77 18.85
C SER N 10 7.43 -5.29 20.20
N PRO N 11 7.94 -6.20 21.04
CA PRO N 11 8.67 -5.75 22.25
C PRO N 11 9.95 -5.03 21.91
N ASN N 12 10.67 -5.48 20.89
CA ASN N 12 11.84 -4.80 20.40
C ASN N 12 11.45 -3.55 19.61
N ALA N 13 12.45 -2.75 19.30
CA ALA N 13 12.19 -1.56 18.50
C ALA N 13 12.19 -1.91 17.02
N PRO N 14 11.22 -1.39 16.26
CA PRO N 14 11.20 -1.64 14.81
C PRO N 14 12.19 -0.78 14.05
N ASP N 15 12.12 -0.82 12.74
CA ASP N 15 12.85 0.15 11.94
C ASP N 15 12.24 1.54 12.16
N ILE N 16 13.04 2.57 11.88
CA ILE N 16 12.70 3.92 12.31
C ILE N 16 11.58 4.53 11.49
N ASN N 17 11.24 3.96 10.34
CA ASN N 17 10.10 4.40 9.54
C ASN N 17 8.82 3.66 9.90
N SER N 18 8.71 3.15 11.12
CA SER N 18 7.55 2.38 11.56
C SER N 18 7.13 2.86 12.95
N VAL N 19 5.89 2.57 13.29
CA VAL N 19 5.33 2.91 14.60
C VAL N 19 5.57 1.75 15.56
N TRP N 20 6.13 2.05 16.73
CA TRP N 20 6.37 1.06 17.76
C TRP N 20 5.14 0.93 18.64
N LEU N 21 4.53 -0.26 18.63
CA LEU N 21 3.37 -0.56 19.45
C LEU N 21 3.73 -1.68 20.42
N TYR N 22 3.52 -1.44 21.72
CA TYR N 22 3.87 -2.44 22.73
C TYR N 22 2.93 -2.25 23.92
N LYS N 23 1.88 -3.08 23.97
CA LYS N 23 0.98 -3.31 25.10
C LYS N 23 0.10 -2.12 25.47
N GLY N 24 0.22 -0.98 24.82
CA GLY N 24 -0.58 0.16 25.20
C GLY N 24 0.16 1.48 25.14
N THR N 25 1.45 1.46 24.83
CA THR N 25 2.21 2.68 24.58
C THR N 25 2.61 2.70 23.11
N MET N 26 2.34 3.83 22.46
CA MET N 26 2.70 4.04 21.07
C MET N 26 3.90 4.96 20.99
N LYS N 27 4.86 4.60 20.14
CA LYS N 27 6.07 5.39 19.97
C LYS N 27 6.31 5.61 18.48
N TYR N 28 7.14 6.61 18.19
CA TYR N 28 7.56 6.88 16.82
C TYR N 28 8.92 7.55 16.87
N PHE N 29 9.68 7.39 15.79
CA PHE N 29 11.06 7.84 15.73
C PHE N 29 11.11 9.24 15.16
N ASN N 30 11.38 10.22 16.02
CA ASN N 30 11.52 11.61 15.60
C ASN N 30 12.76 12.21 16.23
N ASN N 31 13.56 12.90 15.41
CA ASN N 31 14.77 13.64 15.82
C ASN N 31 15.78 12.73 16.51
N GLY N 32 15.93 11.52 16.00
CA GLY N 32 16.91 10.59 16.53
C GLY N 32 16.50 9.85 17.78
N GLU N 33 15.27 10.01 18.25
CA GLU N 33 14.79 9.34 19.45
C GLU N 33 13.44 8.70 19.20
N TRP N 34 13.16 7.63 19.93
CA TRP N 34 11.84 7.02 19.95
C TRP N 34 10.97 7.82 20.92
N GLU N 35 9.97 8.51 20.38
CA GLU N 35 9.23 9.51 21.13
C GLU N 35 7.88 8.94 21.54
N THR N 36 7.64 8.93 22.85
CA THR N 36 6.42 8.32 23.40
C THR N 36 5.21 9.20 23.11
N ILE N 37 4.15 8.59 22.61
CA ILE N 37 2.89 9.26 22.36
C ILE N 37 1.99 9.02 23.56
N GLY N 38 1.66 10.08 24.28
CA GLY N 38 0.82 9.98 25.47
C GLY N 38 0.90 11.22 26.33
N MET O 1 -15.30 2.93 8.61
CA MET O 1 -15.38 2.60 7.20
C MET O 1 -14.35 3.43 6.44
N LYS O 2 -13.80 4.46 7.11
CA LYS O 2 -12.82 5.35 6.51
C LYS O 2 -11.43 4.78 6.80
N THR O 3 -10.74 4.33 5.75
CA THR O 3 -9.45 3.66 5.88
C THR O 3 -8.33 4.68 5.75
N LEU O 4 -7.74 5.06 6.87
CA LEU O 4 -6.51 5.86 6.85
C LEU O 4 -5.32 4.94 6.69
N ARG O 5 -4.41 5.30 5.78
CA ARG O 5 -3.29 4.42 5.46
C ARG O 5 -1.92 4.97 5.86
N THR O 6 -1.74 6.29 5.90
CA THR O 6 -0.45 6.89 6.20
C THR O 6 -0.56 7.77 7.44
N LEU O 7 0.51 7.79 8.22
CA LEU O 7 0.66 8.67 9.36
C LEU O 7 1.71 9.70 9.02
N LYS O 8 1.44 10.98 9.30
CA LYS O 8 2.34 12.05 8.91
C LYS O 8 2.79 12.84 10.13
N ILE O 9 4.10 13.10 10.19
CA ILE O 9 4.70 13.91 11.24
C ILE O 9 4.91 15.31 10.68
N SER O 10 4.11 16.27 11.16
CA SER O 10 4.19 17.62 10.65
C SER O 10 3.83 18.58 11.78
N PRO O 11 4.46 19.75 11.85
CA PRO O 11 4.13 20.71 12.92
C PRO O 11 2.78 21.38 12.72
N ASN O 12 2.24 21.38 11.51
CA ASN O 12 0.90 21.87 11.23
C ASN O 12 0.11 20.76 10.54
N ALA O 13 -1.19 20.99 10.41
CA ALA O 13 -2.12 19.90 10.11
C ALA O 13 -1.99 19.43 8.66
N PRO O 14 -1.88 18.11 8.42
CA PRO O 14 -1.90 17.59 7.05
C PRO O 14 -3.30 17.41 6.52
N ASP O 15 -3.43 16.71 5.39
CA ASP O 15 -4.72 16.39 4.80
C ASP O 15 -5.59 15.58 5.75
N ILE O 16 -6.90 15.59 5.49
CA ILE O 16 -7.86 14.95 6.38
C ILE O 16 -7.89 13.43 6.25
N ASN O 17 -7.17 12.87 5.28
CA ASN O 17 -7.07 11.43 5.12
C ASN O 17 -5.80 10.85 5.72
N SER O 18 -5.11 11.61 6.56
CA SER O 18 -3.86 11.16 7.17
C SER O 18 -3.87 11.47 8.66
N VAL O 19 -3.09 10.70 9.39
CA VAL O 19 -2.95 10.88 10.83
C VAL O 19 -1.89 11.96 11.10
N TRP O 20 -2.16 12.81 12.09
CA TRP O 20 -1.28 13.92 12.44
C TRP O 20 -0.55 13.57 13.73
N LEU O 21 0.77 13.47 13.66
CA LEU O 21 1.62 13.18 14.81
C LEU O 21 2.53 14.37 15.05
N TYR O 22 2.49 14.95 16.25
CA TYR O 22 3.43 16.01 16.60
C TYR O 22 3.73 15.95 18.08
N LYS O 23 4.95 15.53 18.42
CA LYS O 23 5.64 15.66 19.71
C LYS O 23 5.07 14.72 20.78
N GLY O 24 4.01 13.97 20.49
CA GLY O 24 3.44 13.07 21.47
C GLY O 24 1.93 13.10 21.46
N THR O 25 1.36 13.86 20.53
CA THR O 25 -0.09 13.98 20.41
C THR O 25 -0.50 13.44 19.03
N MET O 26 -1.21 12.32 19.04
CA MET O 26 -1.77 11.72 17.83
C MET O 26 -3.13 12.34 17.57
N LYS O 27 -3.28 12.98 16.41
CA LYS O 27 -4.53 13.61 16.04
C LYS O 27 -4.99 13.07 14.69
N TYR O 28 -6.29 12.81 14.58
CA TYR O 28 -6.89 12.34 13.34
C TYR O 28 -8.22 13.06 13.13
N PHE O 29 -8.73 12.97 11.90
CA PHE O 29 -9.85 13.79 11.47
C PHE O 29 -11.15 13.01 11.72
N ASN O 30 -11.85 13.37 12.79
CA ASN O 30 -13.13 12.75 13.15
C ASN O 30 -14.11 13.84 13.51
N ASN O 31 -15.35 13.73 12.98
CA ASN O 31 -16.44 14.68 13.22
C ASN O 31 -16.07 16.09 12.76
N GLY O 32 -15.31 16.19 11.67
CA GLY O 32 -14.99 17.46 11.07
C GLY O 32 -13.82 18.22 11.70
N GLU O 33 -13.29 17.75 12.82
CA GLU O 33 -12.17 18.40 13.48
C GLU O 33 -11.10 17.37 13.83
N TRP O 34 -9.91 17.87 14.17
CA TRP O 34 -8.82 17.00 14.54
C TRP O 34 -9.00 16.52 15.98
N GLU O 35 -9.15 15.21 16.15
CA GLU O 35 -9.44 14.60 17.45
C GLU O 35 -8.15 14.01 18.00
N THR O 36 -7.74 14.48 19.17
CA THR O 36 -6.50 14.01 19.79
C THR O 36 -6.76 12.70 20.54
N ILE O 37 -5.91 11.71 20.28
CA ILE O 37 -6.02 10.43 20.95
C ILE O 37 -5.20 10.46 22.24
N GLY O 38 -5.85 10.14 23.35
CA GLY O 38 -5.18 10.12 24.64
C GLY O 38 -6.14 10.03 25.81
N MET P 1 7.26 -6.88 14.13
CA MET P 1 6.90 -8.29 14.17
C MET P 1 5.50 -8.54 13.63
N LYS P 2 4.59 -7.60 13.90
CA LYS P 2 3.24 -7.64 13.33
C LYS P 2 2.95 -6.27 12.73
N THR P 3 2.85 -6.23 11.41
CA THR P 3 2.64 -4.98 10.70
C THR P 3 1.15 -4.70 10.60
N LEU P 4 0.74 -3.51 11.01
CA LEU P 4 -0.64 -3.05 10.85
C LEU P 4 -0.60 -1.90 9.84
N ARG P 5 -0.83 -2.24 8.58
CA ARG P 5 -0.61 -1.31 7.48
C ARG P 5 -1.79 -0.36 7.27
N THR P 6 -2.91 -0.57 7.96
CA THR P 6 -4.09 0.26 7.77
C THR P 6 -4.65 0.70 9.11
N LEU P 7 -5.40 1.80 9.07
CA LEU P 7 -6.13 2.33 10.22
C LEU P 7 -7.54 2.65 9.75
N LYS P 8 -8.55 2.23 10.51
CA LYS P 8 -9.94 2.35 10.06
C LYS P 8 -10.77 3.04 11.14
N ILE P 9 -11.44 4.13 10.76
CA ILE P 9 -12.32 4.86 11.67
C ILE P 9 -13.71 4.24 11.54
N SER P 10 -14.17 3.57 12.60
CA SER P 10 -15.46 2.90 12.56
C SER P 10 -15.94 2.68 13.98
N PRO P 11 -17.26 2.73 14.22
CA PRO P 11 -17.78 2.31 15.53
C PRO P 11 -17.77 0.81 15.76
N ASN P 12 -17.44 0.01 14.75
CA ASN P 12 -17.35 -1.44 14.87
C ASN P 12 -15.90 -1.87 14.74
N ALA P 13 -15.58 -3.01 15.33
CA ALA P 13 -14.21 -3.54 15.29
C ALA P 13 -13.86 -4.00 13.90
N PRO P 14 -12.91 -3.35 13.21
CA PRO P 14 -12.67 -3.64 11.78
C PRO P 14 -12.11 -5.02 11.47
N ASP P 15 -10.93 -5.33 12.00
CA ASP P 15 -10.17 -6.51 11.62
C ASP P 15 -8.99 -6.64 12.56
N ILE P 16 -8.40 -7.85 12.58
CA ILE P 16 -7.20 -8.11 13.37
C ILE P 16 -6.02 -7.29 12.85
N ASN P 17 -5.94 -7.11 11.54
CA ASN P 17 -4.78 -6.50 10.90
C ASN P 17 -5.00 -5.04 10.54
N SER P 18 -5.81 -4.33 11.31
CA SER P 18 -5.98 -2.90 11.15
C SER P 18 -6.17 -2.28 12.52
N VAL P 19 -6.05 -0.96 12.60
CA VAL P 19 -6.13 -0.23 13.85
C VAL P 19 -7.50 0.42 13.95
N TRP P 20 -8.11 0.34 15.12
CA TRP P 20 -9.50 0.71 15.34
C TRP P 20 -9.53 2.09 15.99
N LEU P 21 -9.87 3.11 15.20
CA LEU P 21 -9.92 4.47 15.70
C LEU P 21 -11.36 4.88 15.97
N TYR P 22 -11.70 5.00 17.25
CA TYR P 22 -12.99 5.50 17.70
C TYR P 22 -12.67 6.67 18.62
N LYS P 23 -13.68 7.50 18.92
CA LYS P 23 -13.61 8.96 19.10
C LYS P 23 -12.31 9.53 19.65
N GLY P 24 -11.95 9.18 20.87
CA GLY P 24 -10.63 9.52 21.39
C GLY P 24 -9.82 8.31 21.80
N THR P 25 -9.81 7.26 20.99
CA THR P 25 -9.14 6.02 21.35
C THR P 25 -8.43 5.46 20.13
N MET P 26 -7.37 4.69 20.38
CA MET P 26 -6.63 4.00 19.32
C MET P 26 -6.43 2.57 19.79
N LYS P 27 -7.37 1.70 19.45
CA LYS P 27 -7.29 0.31 19.85
C LYS P 27 -6.69 -0.54 18.74
N TYR P 28 -6.01 -1.60 19.15
CA TYR P 28 -5.47 -2.58 18.21
C TYR P 28 -5.57 -3.96 18.85
N PHE P 29 -5.43 -4.99 18.02
CA PHE P 29 -5.61 -6.36 18.49
C PHE P 29 -4.32 -6.86 19.10
N ASN P 30 -4.34 -7.15 20.40
CA ASN P 30 -3.21 -7.71 21.11
C ASN P 30 -3.71 -8.69 22.15
N ASN P 31 -3.10 -9.88 22.20
CA ASN P 31 -3.38 -10.95 23.18
C ASN P 31 -4.85 -11.39 23.15
N GLY P 32 -5.44 -11.39 21.96
CA GLY P 32 -6.80 -11.86 21.81
C GLY P 32 -7.88 -10.86 22.16
N GLU P 33 -7.53 -9.61 22.45
CA GLU P 33 -8.52 -8.59 22.76
C GLU P 33 -8.03 -7.25 22.22
N TRP P 34 -8.85 -6.22 22.40
CA TRP P 34 -8.53 -4.88 21.92
C TRP P 34 -7.90 -4.07 23.04
N GLU P 35 -6.66 -3.63 22.83
CA GLU P 35 -5.93 -2.86 23.83
C GLU P 35 -5.90 -1.39 23.40
N THR P 36 -6.40 -0.52 24.26
CA THR P 36 -6.43 0.90 24.00
C THR P 36 -5.16 1.57 24.50
N ILE P 37 -4.61 2.46 23.68
CA ILE P 37 -3.40 3.20 24.08
C ILE P 37 -3.80 4.45 24.85
N GLY P 38 -2.82 5.05 25.52
CA GLY P 38 -3.03 6.26 26.27
C GLY P 38 -3.41 6.04 27.72
N ASN Q 288 50.63 -62.96 13.10
CA ASN Q 288 51.47 -61.96 12.47
C ASN Q 288 51.07 -61.71 11.02
N GLN Q 289 49.76 -61.77 10.76
CA GLN Q 289 49.24 -61.51 9.43
C GLN Q 289 49.23 -60.02 9.13
N ASN Q 290 50.41 -59.42 8.95
CA ASN Q 290 50.51 -57.97 8.88
C ASN Q 290 50.09 -57.47 7.48
N MET Q 291 48.90 -56.87 7.46
CA MET Q 291 48.45 -55.97 6.41
C MET Q 291 49.55 -54.94 6.16
N ILE Q 292 50.08 -54.86 4.94
CA ILE Q 292 51.28 -54.07 4.70
C ILE Q 292 51.03 -52.57 4.94
N GLY Q 293 50.28 -51.91 4.05
CA GLY Q 293 50.10 -50.47 4.13
C GLY Q 293 51.42 -49.71 4.18
N ASP Q 294 51.75 -49.21 5.37
CA ASP Q 294 53.14 -48.97 5.74
C ASP Q 294 53.65 -50.02 6.73
N GLU Q 295 53.14 -50.02 7.96
CA GLU Q 295 53.30 -51.16 8.87
C GLU Q 295 52.15 -51.24 9.88
N ILE Q 296 51.15 -52.07 9.61
CA ILE Q 296 50.07 -52.34 10.56
C ILE Q 296 49.98 -53.85 10.78
N THR Q 297 50.16 -54.29 12.03
CA THR Q 297 50.27 -55.72 12.30
C THR Q 297 49.00 -56.22 12.95
N VAL Q 298 48.38 -57.21 12.31
CA VAL Q 298 47.15 -57.85 12.77
C VAL Q 298 47.54 -59.03 13.66
N ARG Q 299 46.81 -59.24 14.75
CA ARG Q 299 47.10 -60.37 15.64
C ARG Q 299 45.77 -60.93 16.17
N ASP Q 300 45.18 -61.87 15.43
CA ASP Q 300 44.19 -62.78 16.00
C ASP Q 300 44.41 -64.19 15.45
N GLY Q 301 45.34 -64.93 16.04
CA GLY Q 301 45.53 -66.32 15.68
C GLY Q 301 46.19 -66.51 14.33
N THR Q 302 46.40 -67.79 13.99
CA THR Q 302 46.86 -68.13 12.65
C THR Q 302 45.71 -68.09 11.65
N TYR Q 303 46.01 -67.68 10.43
CA TYR Q 303 44.96 -67.51 9.41
C TYR Q 303 45.07 -68.58 8.34
N ALA R 273 51.57 -13.45 -9.59
CA ALA R 273 50.26 -13.17 -10.17
C ALA R 273 49.39 -12.42 -9.17
N VAL R 274 49.04 -11.18 -9.53
CA VAL R 274 48.18 -10.36 -8.69
C VAL R 274 46.74 -10.79 -8.88
N ASP R 275 46.02 -10.97 -7.78
CA ASP R 275 44.61 -11.33 -7.80
C ASP R 275 43.76 -10.18 -8.36
N GLN R 276 42.50 -10.48 -8.70
CA GLN R 276 41.60 -9.49 -9.27
C GLN R 276 41.27 -8.38 -8.27
N MET R 277 41.31 -8.68 -6.98
CA MET R 277 41.15 -7.69 -5.93
C MET R 277 42.47 -7.06 -5.50
N ASP R 278 43.43 -6.95 -6.44
CA ASP R 278 44.74 -6.31 -6.31
C ASP R 278 45.67 -7.02 -5.32
N ASN R 279 45.32 -8.20 -4.85
CA ASN R 279 46.11 -8.89 -3.83
C ASN R 279 47.26 -9.64 -4.46
N ILE R 280 48.47 -9.44 -3.93
CA ILE R 280 49.63 -10.11 -4.49
C ILE R 280 49.70 -11.55 -3.95
N ASP R 281 50.44 -12.38 -4.68
CA ASP R 281 50.67 -13.77 -4.30
C ASP R 281 52.04 -13.90 -3.68
N GLU R 282 52.10 -14.52 -2.51
CA GLU R 282 53.37 -14.70 -1.80
C GLU R 282 54.04 -16.01 -2.13
N ARG R 283 53.38 -16.92 -2.83
CA ARG R 283 53.93 -18.21 -3.16
C ARG R 283 54.83 -18.18 -4.38
N TYR R 284 54.83 -17.08 -5.14
CA TYR R 284 55.72 -16.97 -6.29
C TYR R 284 57.16 -16.69 -5.85
N GLY R 285 57.34 -16.08 -4.68
CA GLY R 285 58.65 -15.70 -4.22
C GLY R 285 59.48 -16.83 -3.65
N PHE R 286 58.95 -18.05 -3.63
CA PHE R 286 59.64 -19.18 -3.04
C PHE R 286 60.14 -20.15 -4.11
N VAL R 287 61.12 -20.96 -3.72
CA VAL R 287 61.69 -22.02 -4.55
C VAL R 287 61.60 -23.31 -3.76
N ASN R 288 61.11 -24.38 -4.41
CA ASN R 288 60.72 -25.59 -3.70
C ASN R 288 61.91 -26.35 -3.14
N GLN R 289 63.02 -26.38 -3.90
CA GLN R 289 64.24 -27.16 -3.59
C GLN R 289 63.97 -28.64 -3.37
MG MG S . -41.26 -18.71 -3.44
MG MG T . -5.39 -43.71 8.36
MG MG U . 36.33 -23.69 9.25
MG MG V . 41.96 18.41 -6.93
MG MG W . 7.24 42.48 -20.01
MG MG X . -35.30 25.28 -15.90
#